data_5SXV
#
_entry.id   5SXV
#
_cell.length_a   105.747
_cell.length_b   266.935
_cell.length_c   111.416
_cell.angle_alpha   90.00
_cell.angle_beta   107.04
_cell.angle_gamma   90.00
#
_symmetry.space_group_name_H-M   'P 1 21 1'
#
loop_
_entity.id
_entity.type
_entity.pdbx_description
1 polymer 'Cys-loop ligand-gated ion channel'
2 non-polymer 2-BROMOETHANOL
3 non-polymer '2-(N-MORPHOLINO)-ETHANESULFONIC ACID'
4 water water
#
_entity_poly.entity_id   1
_entity_poly.type   'polypeptide(L)'
_entity_poly.pdbx_seq_one_letter_code
;APADNAADARPVDVSVSIFINKIYGVNTLEQTYKVDGYIVAQWTGKPRKTPGDKPLIVENTQIERWINNGLWVPALEFIN
VVGSPDTGNKRLMLFPDGRVIYNARFLGSFSNDMDFRLFPFDRQQFVLELEPFSYNNQQLRFSDIQVYTENIDNEEIDEW
WIRGKASTHISDIRYDHLSSVQPNQNEFSRITVRIDAVRNPSYYLWSFILPLGLIIAASWSVFWLESFSERLQTSFTLML
TVVAYAFYTSNILPRLPYTTVIDQMIIAGYGSIFAAILLIIFAHHRQANGVEDDLLIQRCRLAFPLGFLAIGCVLVIRGI
TL
;
_entity_poly.pdbx_strand_id   A,B,C,D,E,F,G,H,I,J
#
# COMPACT_ATOMS: atom_id res chain seq x y z
N ARG A 10 40.37 -0.45 -46.57
CA ARG A 10 39.47 0.53 -47.16
C ARG A 10 38.02 0.39 -46.70
N PRO A 11 37.45 -0.83 -46.79
CA PRO A 11 36.05 -0.97 -46.35
C PRO A 11 35.86 -0.63 -44.87
N VAL A 12 34.71 -0.07 -44.53
CA VAL A 12 34.43 0.35 -43.16
C VAL A 12 33.99 -0.81 -42.29
N ASP A 13 34.62 -0.94 -41.12
CA ASP A 13 34.27 -1.97 -40.15
C ASP A 13 33.20 -1.48 -39.19
N VAL A 14 32.08 -2.18 -39.14
CA VAL A 14 30.98 -1.82 -38.25
C VAL A 14 30.73 -2.94 -37.25
N SER A 15 30.94 -2.64 -35.97
CA SER A 15 30.70 -3.60 -34.90
C SER A 15 29.28 -3.47 -34.35
N VAL A 16 28.52 -4.54 -34.47
CA VAL A 16 27.11 -4.52 -34.08
C VAL A 16 26.88 -5.27 -32.76
N SER A 17 25.96 -4.75 -31.96
CA SER A 17 25.52 -5.39 -30.73
C SER A 17 24.01 -5.19 -30.59
N ILE A 18 23.28 -6.30 -30.51
CA ILE A 18 21.83 -6.27 -30.46
C ILE A 18 21.30 -6.82 -29.14
N PHE A 19 20.74 -5.93 -28.32
CA PHE A 19 20.10 -6.30 -27.07
C PHE A 19 18.64 -6.64 -27.33
N ILE A 20 18.20 -7.81 -26.89
CA ILE A 20 16.82 -8.25 -27.08
C ILE A 20 16.08 -8.25 -25.75
N ASN A 21 14.99 -7.47 -25.68
CA ASN A 21 14.21 -7.32 -24.46
C ASN A 21 13.03 -8.27 -24.36
N LYS A 22 12.35 -8.49 -25.47
CA LYS A 22 11.06 -9.15 -25.45
C LYS A 22 10.66 -9.66 -26.83
N ILE A 23 10.32 -10.95 -26.91
CA ILE A 23 9.72 -11.51 -28.12
C ILE A 23 8.29 -11.94 -27.80
N TYR A 24 7.35 -11.48 -28.62
CA TYR A 24 5.94 -11.72 -28.34
C TYR A 24 5.08 -11.50 -29.58
N GLY A 25 3.78 -11.68 -29.42
CA GLY A 25 2.82 -11.38 -30.48
C GLY A 25 3.02 -12.20 -31.74
N VAL A 26 3.15 -13.51 -31.59
CA VAL A 26 3.32 -14.39 -32.74
C VAL A 26 2.04 -14.42 -33.57
N ASN A 27 2.16 -14.09 -34.85
CA ASN A 27 1.06 -14.23 -35.80
C ASN A 27 1.26 -15.48 -36.63
N THR A 28 0.38 -16.46 -36.43
CA THR A 28 0.55 -17.77 -37.04
C THR A 28 0.28 -17.76 -38.55
N LEU A 29 -0.72 -17.01 -38.97
CA LEU A 29 -1.08 -16.96 -40.39
C LEU A 29 -0.05 -16.19 -41.20
N GLU A 30 0.36 -15.03 -40.69
CA GLU A 30 1.32 -14.18 -41.36
C GLU A 30 2.76 -14.69 -41.20
N GLN A 31 2.95 -15.63 -40.27
CA GLN A 31 4.27 -16.14 -39.93
C GLN A 31 5.20 -15.00 -39.53
N THR A 32 4.83 -14.29 -38.47
CA THR A 32 5.60 -13.17 -37.97
C THR A 32 5.67 -13.16 -36.45
N TYR A 33 6.44 -12.23 -35.90
CA TYR A 33 6.60 -12.11 -34.46
C TYR A 33 7.22 -10.76 -34.13
N LYS A 34 6.88 -10.21 -32.97
CA LYS A 34 7.36 -8.90 -32.57
C LYS A 34 8.61 -9.01 -31.69
N VAL A 35 9.53 -8.07 -31.87
CA VAL A 35 10.79 -8.06 -31.13
C VAL A 35 11.11 -6.65 -30.66
N ASP A 36 11.16 -6.48 -29.33
CA ASP A 36 11.55 -5.22 -28.71
C ASP A 36 12.99 -5.33 -28.23
N GLY A 37 13.78 -4.30 -28.47
CA GLY A 37 15.17 -4.31 -28.05
C GLY A 37 15.95 -3.09 -28.53
N TYR A 38 17.23 -3.07 -28.22
CA TYR A 38 18.13 -2.01 -28.65
C TYR A 38 19.07 -2.54 -29.74
N ILE A 39 19.61 -1.62 -30.55
CA ILE A 39 20.64 -1.97 -31.52
C ILE A 39 21.80 -0.98 -31.39
N VAL A 40 23.02 -1.52 -31.44
CA VAL A 40 24.22 -0.69 -31.31
C VAL A 40 25.18 -0.96 -32.47
N ALA A 41 25.62 0.12 -33.11
CA ALA A 41 26.56 0.02 -34.21
C ALA A 41 27.74 0.94 -33.95
N GLN A 42 28.95 0.38 -34.03
CA GLN A 42 30.17 1.13 -33.77
C GLN A 42 31.16 1.00 -34.92
N TRP A 43 31.66 2.14 -35.39
CA TRP A 43 32.69 2.16 -36.42
C TRP A 43 33.64 3.32 -36.17
N THR A 44 34.77 3.32 -36.88
CA THR A 44 35.78 4.34 -36.71
C THR A 44 36.16 5.03 -38.02
N GLY A 45 36.37 6.34 -37.96
CA GLY A 45 36.80 7.10 -39.12
C GLY A 45 37.79 8.16 -38.71
N LYS A 46 37.87 9.23 -39.48
CA LYS A 46 38.82 10.30 -39.18
C LYS A 46 38.47 11.01 -37.87
N PRO A 47 39.47 11.22 -36.98
CA PRO A 47 39.28 11.93 -35.70
C PRO A 47 38.56 13.26 -35.81
N ARG A 48 38.04 13.75 -34.68
CA ARG A 48 37.11 14.87 -34.66
C ARG A 48 37.24 15.73 -33.42
N LYS A 49 36.99 17.03 -33.60
CA LYS A 49 37.01 18.00 -32.51
C LYS A 49 35.67 18.08 -31.79
N THR A 50 35.69 17.76 -30.50
CA THR A 50 34.49 17.78 -29.66
C THR A 50 34.66 18.86 -28.59
N PRO A 51 33.55 19.50 -28.19
CA PRO A 51 33.69 20.43 -27.05
C PRO A 51 34.29 19.67 -25.87
N GLY A 52 35.46 20.09 -25.39
CA GLY A 52 36.17 19.35 -24.38
C GLY A 52 36.71 18.06 -25.00
N ASP A 53 37.84 17.57 -24.50
CA ASP A 53 38.42 16.33 -25.03
C ASP A 53 37.58 15.10 -24.68
N LYS A 54 36.48 15.31 -23.96
CA LYS A 54 35.55 14.23 -23.65
C LYS A 54 34.62 13.90 -24.83
N PRO A 55 34.11 12.65 -24.88
CA PRO A 55 33.22 12.21 -25.96
C PRO A 55 31.93 13.03 -26.04
N LEU A 56 31.47 13.31 -27.26
CA LEU A 56 30.26 14.10 -27.47
C LEU A 56 29.04 13.22 -27.68
N ILE A 57 27.94 13.56 -27.01
CA ILE A 57 26.68 12.83 -27.13
C ILE A 57 25.66 13.65 -27.92
N VAL A 58 25.01 12.99 -28.88
CA VAL A 58 23.98 13.62 -29.71
C VAL A 58 22.72 12.78 -29.70
N GLU A 59 21.61 13.37 -29.25
CA GLU A 59 20.37 12.62 -29.05
C GLU A 59 19.26 13.01 -30.02
N ASN A 60 18.69 11.99 -30.65
CA ASN A 60 17.46 12.12 -31.45
C ASN A 60 17.52 13.16 -32.57
N THR A 61 16.76 14.25 -32.42
CA THR A 61 16.55 15.20 -33.50
C THR A 61 17.84 15.88 -33.97
N GLN A 62 18.84 15.90 -33.11
CA GLN A 62 20.10 16.57 -33.42
C GLN A 62 20.93 15.74 -34.39
N ILE A 63 20.68 14.44 -34.43
CA ILE A 63 21.41 13.55 -35.34
C ILE A 63 21.16 13.99 -36.79
N GLU A 64 19.95 14.44 -37.06
CA GLU A 64 19.58 14.90 -38.40
C GLU A 64 20.45 16.08 -38.80
N ARG A 65 20.69 16.98 -37.85
CA ARG A 65 21.47 18.18 -38.11
C ARG A 65 22.92 17.82 -38.45
N TRP A 66 23.49 16.88 -37.72
CA TRP A 66 24.86 16.43 -37.96
C TRP A 66 25.01 15.77 -39.33
N ILE A 67 23.97 15.06 -39.75
CA ILE A 67 23.97 14.40 -41.05
C ILE A 67 23.93 15.43 -42.18
N ASN A 68 23.20 16.52 -41.95
CA ASN A 68 23.10 17.58 -42.95
C ASN A 68 24.44 18.29 -43.13
N ASN A 69 25.20 18.37 -42.03
CA ASN A 69 26.53 18.97 -42.08
C ASN A 69 27.56 17.99 -42.65
N GLY A 70 27.10 16.80 -43.02
CA GLY A 70 27.91 15.84 -43.74
C GLY A 70 28.44 14.67 -42.92
N LEU A 71 27.80 14.37 -41.80
CA LEU A 71 28.19 13.20 -41.01
C LEU A 71 27.69 11.91 -41.66
N TRP A 72 28.58 10.92 -41.74
CA TRP A 72 28.26 9.63 -42.34
C TRP A 72 27.61 8.68 -41.34
N VAL A 73 26.33 8.37 -41.57
CA VAL A 73 25.61 7.40 -40.74
C VAL A 73 24.90 6.37 -41.63
N PRO A 74 25.45 5.14 -41.69
CA PRO A 74 24.88 4.16 -42.62
C PRO A 74 23.51 3.62 -42.20
N ALA A 75 22.69 3.34 -43.22
CA ALA A 75 21.29 2.94 -43.05
C ALA A 75 21.07 1.44 -42.83
N LEU A 76 21.65 0.87 -41.78
CA LEU A 76 21.47 -0.57 -41.52
C LEU A 76 19.99 -0.95 -41.47
N GLU A 77 19.62 -1.92 -42.31
CA GLU A 77 18.23 -2.35 -42.45
C GLU A 77 18.00 -3.77 -41.95
N PHE A 78 16.88 -3.97 -41.28
CA PHE A 78 16.43 -5.32 -40.94
C PHE A 78 15.79 -5.98 -42.18
N ILE A 79 16.48 -6.96 -42.76
CA ILE A 79 16.00 -7.61 -43.98
C ILE A 79 14.64 -8.26 -43.80
N ASN A 80 14.45 -8.96 -42.68
CA ASN A 80 13.26 -9.78 -42.48
C ASN A 80 12.19 -9.11 -41.64
N VAL A 81 12.25 -7.78 -41.54
CA VAL A 81 11.21 -7.03 -40.85
C VAL A 81 10.04 -6.78 -41.79
N VAL A 82 8.84 -6.68 -41.22
CA VAL A 82 7.64 -6.39 -42.00
C VAL A 82 7.15 -4.99 -41.68
N GLY A 83 7.49 -4.05 -42.56
CA GLY A 83 7.18 -2.64 -42.35
C GLY A 83 8.24 -1.95 -41.51
N SER A 84 8.35 -0.64 -41.67
CA SER A 84 9.35 0.14 -40.95
C SER A 84 9.14 0.03 -39.44
N PRO A 85 10.21 -0.33 -38.70
CA PRO A 85 10.05 -0.54 -37.25
C PRO A 85 9.85 0.76 -36.48
N ASP A 86 9.22 0.67 -35.32
CA ASP A 86 9.02 1.82 -34.46
C ASP A 86 10.31 2.11 -33.71
N THR A 87 11.04 3.12 -34.16
CA THR A 87 12.30 3.50 -33.53
C THR A 87 12.07 4.51 -32.42
N GLY A 88 12.49 4.14 -31.21
CA GLY A 88 12.35 5.02 -30.05
C GLY A 88 13.42 6.09 -30.04
N ASN A 89 14.20 6.13 -28.96
CA ASN A 89 15.25 7.12 -28.82
C ASN A 89 16.47 6.75 -29.65
N LYS A 90 17.07 7.77 -30.28
CA LYS A 90 18.29 7.62 -31.06
C LYS A 90 19.45 8.27 -30.32
N ARG A 91 20.67 7.80 -30.56
CA ARG A 91 21.84 8.36 -29.90
C ARG A 91 23.11 8.16 -30.71
N LEU A 92 23.88 9.23 -30.86
CA LEU A 92 25.23 9.17 -31.41
C LEU A 92 26.24 9.53 -30.33
N MET A 93 27.19 8.64 -30.09
CA MET A 93 28.29 8.92 -29.17
C MET A 93 29.56 9.13 -29.98
N LEU A 94 29.90 10.39 -30.21
CA LEU A 94 31.05 10.76 -31.04
C LEU A 94 32.31 10.92 -30.20
N PHE A 95 33.25 9.99 -30.36
CA PHE A 95 34.52 10.07 -29.64
C PHE A 95 35.49 10.96 -30.43
N PRO A 96 36.45 11.59 -29.73
CA PRO A 96 37.42 12.46 -30.40
C PRO A 96 38.46 11.69 -31.21
N ASP A 97 38.75 10.46 -30.81
CA ASP A 97 39.76 9.64 -31.48
C ASP A 97 39.24 9.00 -32.76
N GLY A 98 38.07 9.46 -33.22
CA GLY A 98 37.55 9.07 -34.51
C GLY A 98 36.37 8.10 -34.47
N ARG A 99 36.30 7.27 -33.44
CA ARG A 99 35.27 6.24 -33.40
C ARG A 99 33.89 6.85 -33.13
N VAL A 100 32.87 6.13 -33.58
CA VAL A 100 31.49 6.60 -33.51
C VAL A 100 30.59 5.45 -33.08
N ILE A 101 29.64 5.73 -32.19
CA ILE A 101 28.73 4.73 -31.69
C ILE A 101 27.29 5.17 -31.84
N TYR A 102 26.53 4.46 -32.67
CA TYR A 102 25.11 4.71 -32.84
C TYR A 102 24.30 3.77 -31.96
N ASN A 103 23.43 4.34 -31.13
CA ASN A 103 22.60 3.57 -30.22
C ASN A 103 21.13 3.97 -30.35
N ALA A 104 20.25 3.01 -30.63
CA ALA A 104 18.83 3.29 -30.79
C ALA A 104 17.97 2.11 -30.35
N ARG A 105 16.81 2.43 -29.78
CA ARG A 105 15.83 1.40 -29.41
C ARG A 105 14.85 1.19 -30.55
N PHE A 106 14.38 -0.05 -30.70
CA PHE A 106 13.50 -0.41 -31.81
C PHE A 106 12.47 -1.46 -31.42
N LEU A 107 11.31 -1.38 -32.07
CA LEU A 107 10.28 -2.40 -31.95
C LEU A 107 9.67 -2.66 -33.32
N GLY A 108 9.83 -3.89 -33.81
CA GLY A 108 9.37 -4.23 -35.14
C GLY A 108 8.86 -5.65 -35.25
N SER A 109 8.00 -5.87 -36.24
CA SER A 109 7.45 -7.19 -36.52
C SER A 109 8.29 -7.88 -37.59
N PHE A 110 8.92 -8.99 -37.23
CA PHE A 110 9.82 -9.70 -38.11
C PHE A 110 9.17 -10.95 -38.69
N SER A 111 9.64 -11.36 -39.86
CA SER A 111 9.07 -12.51 -40.57
C SER A 111 10.08 -13.65 -40.63
N ASN A 112 9.57 -14.87 -40.60
CA ASN A 112 10.40 -16.06 -40.74
C ASN A 112 9.53 -17.26 -41.06
N ASP A 113 10.14 -18.33 -41.57
CA ASP A 113 9.41 -19.57 -41.82
C ASP A 113 9.05 -20.23 -40.50
N MET A 114 7.77 -20.56 -40.33
CA MET A 114 7.29 -21.16 -39.08
C MET A 114 6.36 -22.33 -39.37
N ASP A 115 6.74 -23.51 -38.87
CA ASP A 115 5.97 -24.74 -39.07
C ASP A 115 5.20 -25.08 -37.78
N PHE A 116 3.88 -24.93 -37.83
CA PHE A 116 3.04 -25.18 -36.65
C PHE A 116 2.29 -26.50 -36.74
N ARG A 117 2.82 -27.43 -37.54
CA ARG A 117 2.15 -28.72 -37.75
C ARG A 117 2.25 -29.60 -36.51
N LEU A 118 3.30 -29.41 -35.72
CA LEU A 118 3.52 -30.20 -34.51
C LEU A 118 2.86 -29.58 -33.29
N PHE A 119 2.02 -28.56 -33.53
CA PHE A 119 1.28 -27.88 -32.48
C PHE A 119 0.51 -28.86 -31.60
N PRO A 120 0.45 -28.62 -30.28
CA PRO A 120 1.06 -27.53 -29.50
C PRO A 120 2.50 -27.83 -29.06
N PHE A 121 3.12 -28.84 -29.64
CA PHE A 121 4.47 -29.24 -29.26
C PHE A 121 5.49 -28.85 -30.32
N ASP A 122 5.29 -27.67 -30.91
CA ASP A 122 6.14 -27.21 -32.00
C ASP A 122 7.32 -26.39 -31.49
N ARG A 123 8.40 -26.42 -32.27
CA ARG A 123 9.61 -25.64 -31.96
C ARG A 123 9.82 -24.62 -33.07
N GLN A 124 10.17 -23.39 -32.69
CA GLN A 124 10.42 -22.32 -33.63
C GLN A 124 11.73 -21.61 -33.31
N GLN A 125 12.27 -20.90 -34.30
CA GLN A 125 13.43 -20.06 -34.08
C GLN A 125 13.18 -18.63 -34.58
N PHE A 126 13.25 -17.68 -33.66
CA PHE A 126 13.05 -16.27 -33.99
C PHE A 126 14.32 -15.68 -34.59
N VAL A 127 14.21 -15.20 -35.81
CA VAL A 127 15.38 -14.76 -36.58
C VAL A 127 15.38 -13.26 -36.83
N LEU A 128 16.55 -12.65 -36.65
CA LEU A 128 16.81 -11.28 -37.06
C LEU A 128 17.84 -11.28 -38.18
N GLU A 129 17.63 -10.46 -39.19
CA GLU A 129 18.57 -10.33 -40.30
C GLU A 129 18.89 -8.86 -40.58
N LEU A 130 20.13 -8.48 -40.31
CA LEU A 130 20.57 -7.08 -40.44
C LEU A 130 21.56 -6.96 -41.59
N GLU A 131 21.41 -5.89 -42.38
CA GLU A 131 22.25 -5.67 -43.56
C GLU A 131 22.24 -4.21 -43.98
N PRO A 132 23.38 -3.70 -44.47
CA PRO A 132 23.39 -2.31 -44.96
C PRO A 132 22.49 -2.14 -46.17
N PHE A 133 21.85 -0.97 -46.28
CA PHE A 133 20.84 -0.76 -47.30
C PHE A 133 21.44 -0.34 -48.63
N SER A 134 22.57 0.38 -48.57
CA SER A 134 23.15 0.99 -49.77
C SER A 134 24.58 0.53 -50.03
N TYR A 135 25.33 0.28 -48.96
CA TYR A 135 26.76 0.04 -49.06
C TYR A 135 27.07 -1.46 -49.13
N ASN A 136 27.81 -1.87 -50.17
CA ASN A 136 28.16 -3.27 -50.35
C ASN A 136 29.26 -3.70 -49.36
N ASN A 137 29.74 -4.93 -49.50
CA ASN A 137 30.71 -5.47 -48.55
C ASN A 137 32.11 -4.87 -48.72
N GLN A 138 32.37 -4.31 -49.89
CA GLN A 138 33.65 -3.65 -50.14
C GLN A 138 33.65 -2.20 -49.66
N GLN A 139 32.48 -1.71 -49.27
CA GLN A 139 32.34 -0.36 -48.73
C GLN A 139 32.07 -0.40 -47.23
N LEU A 140 31.14 -1.26 -46.83
CA LEU A 140 30.78 -1.42 -45.41
C LEU A 140 30.66 -2.90 -45.08
N ARG A 141 31.42 -3.33 -44.08
CA ARG A 141 31.46 -4.73 -43.70
C ARG A 141 31.23 -4.90 -42.20
N PHE A 142 30.43 -5.91 -41.82
CA PHE A 142 30.18 -6.21 -40.42
C PHE A 142 31.33 -7.00 -39.82
N SER A 143 32.00 -6.38 -38.85
CA SER A 143 33.15 -6.99 -38.20
C SER A 143 32.74 -8.15 -37.28
N ASP A 144 31.80 -7.90 -36.39
CA ASP A 144 31.33 -8.92 -35.45
C ASP A 144 29.90 -8.63 -35.00
N ILE A 145 29.28 -9.63 -34.36
CA ILE A 145 27.91 -9.49 -33.89
C ILE A 145 27.76 -10.08 -32.49
N GLN A 146 27.24 -9.25 -31.59
CA GLN A 146 26.90 -9.66 -30.23
C GLN A 146 25.39 -9.62 -30.00
N VAL A 147 24.87 -10.67 -29.37
CA VAL A 147 23.46 -10.74 -29.05
C VAL A 147 23.28 -11.08 -27.57
N TYR A 148 22.62 -10.17 -26.85
CA TYR A 148 22.43 -10.30 -25.41
C TYR A 148 20.96 -10.47 -25.05
N THR A 149 20.66 -11.48 -24.25
CA THR A 149 19.29 -11.75 -23.81
C THR A 149 19.20 -11.76 -22.28
N GLU A 150 18.00 -11.49 -21.77
CA GLU A 150 17.74 -11.47 -20.34
C GLU A 150 17.55 -12.87 -19.76
N ASN A 151 17.90 -13.04 -18.50
CA ASN A 151 17.78 -14.33 -17.81
C ASN A 151 16.34 -14.70 -17.47
N ILE A 152 15.69 -15.50 -18.32
CA ILE A 152 14.33 -15.94 -18.03
C ILE A 152 14.36 -17.00 -16.94
N ASP A 153 13.92 -16.61 -15.75
CA ASP A 153 13.91 -17.49 -14.57
C ASP A 153 12.51 -18.08 -14.40
N ASN A 154 11.52 -17.21 -14.34
CA ASN A 154 10.14 -17.65 -14.20
C ASN A 154 9.51 -17.81 -15.58
N GLU A 155 9.83 -18.91 -16.26
CA GLU A 155 9.34 -19.15 -17.61
C GLU A 155 8.04 -19.94 -17.62
N GLU A 156 7.60 -20.34 -16.43
CA GLU A 156 6.41 -21.15 -16.29
C GLU A 156 5.19 -20.36 -16.77
N ILE A 157 5.23 -19.05 -16.54
CA ILE A 157 4.10 -18.19 -16.89
C ILE A 157 4.21 -17.55 -18.28
N ASP A 158 5.33 -17.77 -18.97
CA ASP A 158 5.50 -17.27 -20.34
C ASP A 158 4.90 -18.23 -21.37
N GLU A 159 4.52 -17.69 -22.52
CA GLU A 159 3.96 -18.49 -23.60
C GLU A 159 5.03 -19.33 -24.29
N TRP A 160 6.21 -18.74 -24.44
CA TRP A 160 7.34 -19.38 -25.12
C TRP A 160 8.55 -19.52 -24.20
N TRP A 161 9.14 -20.72 -24.18
CA TRP A 161 10.36 -20.96 -23.44
C TRP A 161 11.57 -20.89 -24.36
N ILE A 162 12.43 -19.90 -24.16
CA ILE A 162 13.64 -19.78 -24.97
C ILE A 162 14.67 -20.80 -24.51
N ARG A 163 15.04 -21.70 -25.42
CA ARG A 163 15.97 -22.77 -25.08
C ARG A 163 17.36 -22.49 -25.65
N GLY A 164 18.28 -22.13 -24.76
CA GLY A 164 19.65 -21.87 -25.13
C GLY A 164 19.86 -20.42 -25.55
N LYS A 165 21.11 -19.98 -25.54
CA LYS A 165 21.45 -18.62 -25.95
C LYS A 165 21.33 -18.44 -27.47
N ALA A 166 21.27 -17.18 -27.88
CA ALA A 166 21.11 -16.84 -29.30
C ALA A 166 22.37 -17.21 -30.07
N SER A 167 22.19 -17.81 -31.24
CA SER A 167 23.31 -18.12 -32.14
C SER A 167 23.38 -17.07 -33.24
N THR A 168 24.59 -16.55 -33.48
CA THR A 168 24.80 -15.51 -34.48
C THR A 168 25.56 -16.05 -35.69
N HIS A 169 25.46 -15.33 -36.80
CA HIS A 169 26.12 -15.74 -38.03
C HIS A 169 26.19 -14.60 -39.05
N ILE A 170 27.40 -14.07 -39.23
CA ILE A 170 27.65 -13.08 -40.28
C ILE A 170 27.94 -13.81 -41.58
N SER A 171 27.42 -13.27 -42.69
CA SER A 171 27.59 -13.92 -43.99
C SER A 171 27.56 -12.92 -45.15
N ASP A 172 27.68 -13.45 -46.37
CA ASP A 172 27.65 -12.64 -47.59
C ASP A 172 26.57 -13.11 -48.55
N ILE A 173 25.86 -12.16 -49.13
CA ILE A 173 24.75 -12.43 -50.04
C ILE A 173 25.03 -11.89 -51.43
N ARG A 174 25.05 -12.80 -52.40
CA ARG A 174 25.27 -12.41 -53.79
C ARG A 174 23.95 -11.97 -54.42
N TYR A 175 23.86 -10.69 -54.75
CA TYR A 175 22.72 -10.15 -55.48
C TYR A 175 23.02 -10.17 -56.98
N ASP A 176 22.37 -11.10 -57.68
CA ASP A 176 22.64 -11.30 -59.09
C ASP A 176 22.33 -10.06 -59.93
N HIS A 177 21.11 -9.53 -59.79
CA HIS A 177 20.68 -8.44 -60.64
C HIS A 177 21.08 -7.06 -60.10
N LEU A 178 21.90 -6.37 -60.87
CA LEU A 178 22.44 -5.05 -60.50
C LEU A 178 22.97 -4.35 -61.75
N SER A 179 23.28 -3.06 -61.64
CA SER A 179 23.70 -2.26 -62.80
C SER A 179 25.21 -1.98 -62.86
N SER A 180 25.80 -1.62 -61.71
CA SER A 180 27.22 -1.25 -61.64
C SER A 180 28.15 -2.22 -62.39
N VAL A 181 29.25 -1.66 -62.90
CA VAL A 181 30.28 -2.45 -63.57
C VAL A 181 31.10 -3.19 -62.49
N GLN A 182 32.42 -3.32 -62.68
CA GLN A 182 33.29 -4.19 -61.89
C GLN A 182 32.56 -5.26 -61.07
N PRO A 183 32.40 -6.46 -61.64
CA PRO A 183 31.56 -7.44 -60.93
C PRO A 183 32.19 -7.92 -59.62
N ASN A 184 32.13 -7.02 -58.63
CA ASN A 184 32.57 -7.28 -57.26
C ASN A 184 31.93 -6.26 -56.32
N GLN A 185 30.81 -5.69 -56.78
CA GLN A 185 30.05 -4.71 -56.03
C GLN A 185 28.64 -5.25 -55.73
N ASN A 186 28.50 -6.57 -55.82
CA ASN A 186 27.19 -7.21 -55.70
C ASN A 186 27.05 -8.10 -54.47
N GLU A 187 27.93 -7.92 -53.48
CA GLU A 187 27.87 -8.70 -52.24
C GLU A 187 27.69 -7.77 -51.05
N PHE A 188 26.86 -8.19 -50.11
CA PHE A 188 26.54 -7.39 -48.93
C PHE A 188 26.73 -8.18 -47.63
N SER A 189 27.32 -7.51 -46.64
CA SER A 189 27.55 -8.12 -45.34
C SER A 189 26.25 -8.18 -44.55
N ARG A 190 25.88 -9.38 -44.11
CA ARG A 190 24.63 -9.59 -43.39
C ARG A 190 24.81 -10.30 -42.05
N ILE A 191 24.38 -9.66 -40.98
CA ILE A 191 24.26 -10.32 -39.70
C ILE A 191 22.98 -11.15 -39.70
N THR A 192 23.04 -12.33 -39.10
CA THR A 192 21.89 -13.21 -38.99
C THR A 192 21.87 -13.83 -37.60
N VAL A 193 20.86 -13.47 -36.82
CA VAL A 193 20.71 -13.94 -35.45
C VAL A 193 19.59 -14.97 -35.38
N ARG A 194 19.77 -15.99 -34.55
CA ARG A 194 18.76 -17.03 -34.39
C ARG A 194 18.48 -17.25 -32.90
N ILE A 195 17.22 -17.53 -32.58
CA ILE A 195 16.83 -17.82 -31.20
C ILE A 195 15.79 -18.93 -31.12
N ASP A 196 16.24 -20.13 -30.76
CA ASP A 196 15.34 -21.28 -30.66
C ASP A 196 14.42 -21.16 -29.46
N ALA A 197 13.19 -21.64 -29.60
CA ALA A 197 12.20 -21.56 -28.53
C ALA A 197 11.13 -22.63 -28.71
N VAL A 198 10.48 -23.00 -27.61
CA VAL A 198 9.43 -24.01 -27.61
C VAL A 198 8.15 -23.48 -27.00
N ARG A 199 7.01 -23.99 -27.47
CA ARG A 199 5.71 -23.54 -26.98
C ARG A 199 5.38 -24.24 -25.67
N ASN A 200 4.78 -23.51 -24.73
CA ASN A 200 4.33 -24.07 -23.46
C ASN A 200 3.11 -24.96 -23.68
N PRO A 201 3.30 -26.29 -23.67
CA PRO A 201 2.18 -27.16 -24.05
C PRO A 201 1.22 -27.44 -22.90
N SER A 202 1.43 -26.77 -21.77
CA SER A 202 0.64 -27.01 -20.57
C SER A 202 -0.85 -26.81 -20.79
N TYR A 203 -1.25 -25.57 -21.10
CA TYR A 203 -2.67 -25.23 -21.23
C TYR A 203 -3.39 -26.11 -22.23
N TYR A 204 -2.71 -26.41 -23.34
CA TYR A 204 -3.33 -27.14 -24.44
C TYR A 204 -3.48 -28.63 -24.12
N LEU A 205 -2.63 -29.13 -23.24
CA LEU A 205 -2.71 -30.54 -22.84
C LEU A 205 -3.90 -30.79 -21.93
N TRP A 206 -4.06 -29.92 -20.94
CA TRP A 206 -5.05 -30.14 -19.89
C TRP A 206 -6.45 -29.65 -20.27
N SER A 207 -6.53 -28.63 -21.13
CA SER A 207 -7.82 -28.01 -21.45
C SER A 207 -8.36 -28.39 -22.84
N PHE A 208 -7.54 -29.08 -23.63
CA PHE A 208 -7.96 -29.51 -24.98
C PHE A 208 -7.70 -30.98 -25.24
N ILE A 209 -6.45 -31.40 -25.12
CA ILE A 209 -6.07 -32.79 -25.42
C ILE A 209 -6.80 -33.78 -24.51
N LEU A 210 -6.78 -33.51 -23.21
CA LEU A 210 -7.31 -34.46 -22.24
C LEU A 210 -8.83 -34.60 -22.38
N PRO A 211 -9.58 -33.49 -22.34
CA PRO A 211 -11.03 -33.61 -22.53
C PRO A 211 -11.38 -34.29 -23.84
N LEU A 212 -10.59 -34.04 -24.88
CA LEU A 212 -10.83 -34.64 -26.18
C LEU A 212 -10.68 -36.15 -26.11
N GLY A 213 -9.75 -36.61 -25.30
CA GLY A 213 -9.58 -38.04 -25.07
C GLY A 213 -10.79 -38.62 -24.37
N LEU A 214 -11.19 -37.98 -23.28
CA LEU A 214 -12.36 -38.39 -22.51
C LEU A 214 -13.63 -38.40 -23.35
N ILE A 215 -13.80 -37.38 -24.19
CA ILE A 215 -14.97 -37.27 -25.04
C ILE A 215 -14.96 -38.34 -26.12
N ILE A 216 -13.79 -38.55 -26.74
CA ILE A 216 -13.64 -39.60 -27.74
C ILE A 216 -13.79 -40.96 -27.08
N ALA A 217 -13.28 -41.09 -25.86
CA ALA A 217 -13.38 -42.34 -25.11
C ALA A 217 -14.83 -42.68 -24.81
N ALA A 218 -15.54 -41.71 -24.24
CA ALA A 218 -16.94 -41.90 -23.86
C ALA A 218 -17.83 -42.18 -25.08
N SER A 219 -17.34 -41.86 -26.27
CA SER A 219 -18.09 -42.14 -27.49
C SER A 219 -18.19 -43.65 -27.69
N TRP A 220 -17.20 -44.37 -27.18
CA TRP A 220 -17.14 -45.82 -27.30
C TRP A 220 -18.12 -46.53 -26.39
N SER A 221 -18.56 -45.84 -25.33
CA SER A 221 -19.47 -46.42 -24.37
C SER A 221 -20.89 -46.55 -24.92
N VAL A 222 -21.06 -46.22 -26.20
CA VAL A 222 -22.34 -46.38 -26.86
C VAL A 222 -22.67 -47.86 -27.04
N PHE A 223 -21.63 -48.67 -27.25
CA PHE A 223 -21.80 -50.09 -27.52
C PHE A 223 -22.40 -50.86 -26.33
N TRP A 224 -22.28 -50.29 -25.14
CA TRP A 224 -22.77 -50.95 -23.94
C TRP A 224 -24.25 -50.69 -23.67
N LEU A 225 -24.90 -49.99 -24.59
CA LEU A 225 -26.35 -49.80 -24.52
C LEU A 225 -27.04 -51.07 -25.03
N GLU A 226 -28.16 -51.41 -24.41
CA GLU A 226 -28.83 -52.68 -24.69
C GLU A 226 -29.59 -52.64 -26.00
N SER A 227 -30.50 -51.68 -26.13
CA SER A 227 -31.34 -51.59 -27.32
C SER A 227 -30.57 -51.10 -28.54
N PHE A 228 -31.17 -51.27 -29.71
CA PHE A 228 -30.59 -50.77 -30.96
C PHE A 228 -30.94 -49.29 -31.14
N SER A 229 -32.18 -48.96 -30.79
CA SER A 229 -32.65 -47.58 -30.84
C SER A 229 -31.79 -46.69 -29.95
N GLU A 230 -31.42 -47.22 -28.79
CA GLU A 230 -30.58 -46.50 -27.85
C GLU A 230 -29.21 -46.18 -28.45
N ARG A 231 -28.64 -47.16 -29.13
CA ARG A 231 -27.28 -47.03 -29.66
C ARG A 231 -27.19 -46.06 -30.83
N LEU A 232 -28.18 -46.11 -31.72
CA LEU A 232 -28.13 -45.27 -32.91
C LEU A 232 -28.50 -43.83 -32.57
N GLN A 233 -29.53 -43.64 -31.76
CA GLN A 233 -29.96 -42.30 -31.36
C GLN A 233 -28.89 -41.60 -30.53
N THR A 234 -28.12 -42.36 -29.75
CA THR A 234 -27.07 -41.80 -28.91
C THR A 234 -25.89 -41.31 -29.75
N SER A 235 -25.61 -42.01 -30.83
CA SER A 235 -24.48 -41.65 -31.69
C SER A 235 -24.68 -40.27 -32.33
N PHE A 236 -25.94 -39.87 -32.51
CA PHE A 236 -26.24 -38.56 -33.09
C PHE A 236 -25.96 -37.45 -32.08
N THR A 237 -26.08 -37.78 -30.80
CA THR A 237 -25.74 -36.84 -29.74
C THR A 237 -24.21 -36.76 -29.61
N LEU A 238 -23.55 -37.89 -29.82
CA LEU A 238 -22.08 -37.93 -29.82
C LEU A 238 -21.53 -37.11 -30.98
N MET A 239 -22.16 -37.25 -32.14
CA MET A 239 -21.77 -36.49 -33.33
C MET A 239 -21.85 -35.00 -33.07
N LEU A 240 -22.94 -34.58 -32.44
CA LEU A 240 -23.14 -33.18 -32.09
C LEU A 240 -22.04 -32.67 -31.16
N THR A 241 -21.59 -33.52 -30.25
CA THR A 241 -20.58 -33.13 -29.28
C THR A 241 -19.24 -32.86 -29.94
N VAL A 242 -18.87 -33.69 -30.92
CA VAL A 242 -17.60 -33.51 -31.62
C VAL A 242 -17.64 -32.22 -32.44
N VAL A 243 -18.77 -31.93 -33.07
CA VAL A 243 -18.94 -30.70 -33.81
C VAL A 243 -18.81 -29.51 -32.87
N ALA A 244 -19.44 -29.62 -31.71
CA ALA A 244 -19.38 -28.57 -30.71
C ALA A 244 -17.94 -28.41 -30.21
N TYR A 245 -17.23 -29.52 -30.12
CA TYR A 245 -15.85 -29.50 -29.63
C TYR A 245 -14.91 -29.03 -30.73
N ALA A 246 -15.29 -29.31 -31.98
CA ALA A 246 -14.53 -28.83 -33.12
C ALA A 246 -14.62 -27.32 -33.21
N PHE A 247 -15.78 -26.78 -32.86
CA PHE A 247 -16.01 -25.34 -32.85
C PHE A 247 -15.24 -24.70 -31.69
N TYR A 248 -15.23 -25.40 -30.56
CA TYR A 248 -14.51 -24.96 -29.37
C TYR A 248 -13.02 -24.76 -29.66
N THR A 249 -12.41 -25.74 -30.32
CA THR A 249 -10.98 -25.69 -30.61
C THR A 249 -10.64 -24.60 -31.63
N SER A 250 -11.28 -24.67 -32.80
CA SER A 250 -10.96 -23.79 -33.91
C SER A 250 -11.10 -22.31 -33.56
N ASN A 251 -12.01 -22.00 -32.63
CA ASN A 251 -12.25 -20.62 -32.23
C ASN A 251 -11.18 -20.08 -31.30
N ILE A 252 -10.61 -20.95 -30.47
CA ILE A 252 -9.62 -20.54 -29.49
C ILE A 252 -8.20 -20.82 -29.98
N LEU A 253 -8.00 -21.93 -30.67
CA LEU A 253 -6.69 -22.28 -31.20
C LEU A 253 -6.31 -21.33 -32.33
N PRO A 254 -5.00 -21.15 -32.56
CA PRO A 254 -4.56 -20.23 -33.62
C PRO A 254 -4.95 -20.73 -35.00
N ARG A 255 -5.48 -19.85 -35.84
CA ARG A 255 -5.92 -20.22 -37.18
C ARG A 255 -4.72 -20.51 -38.08
N LEU A 256 -4.84 -21.57 -38.88
CA LEU A 256 -3.77 -22.01 -39.76
C LEU A 256 -4.34 -22.50 -41.10
N PRO A 257 -3.48 -22.63 -42.11
CA PRO A 257 -3.89 -23.15 -43.42
C PRO A 257 -3.67 -24.66 -43.56
N TYR A 258 -3.43 -25.34 -42.44
CA TYR A 258 -3.20 -26.79 -42.46
C TYR A 258 -3.58 -27.41 -41.12
N THR A 259 -3.61 -28.74 -41.09
CA THR A 259 -4.07 -29.49 -39.91
C THR A 259 -2.97 -29.72 -38.88
N THR A 260 -3.31 -29.48 -37.62
CA THR A 260 -2.41 -29.78 -36.50
C THR A 260 -2.68 -31.18 -35.99
N VAL A 261 -2.05 -31.53 -34.88
CA VAL A 261 -2.28 -32.83 -34.24
C VAL A 261 -3.70 -32.90 -33.69
N ILE A 262 -4.12 -31.84 -33.00
CA ILE A 262 -5.45 -31.80 -32.40
C ILE A 262 -6.53 -31.89 -33.47
N ASP A 263 -6.32 -31.20 -34.59
CA ASP A 263 -7.28 -31.22 -35.67
C ASP A 263 -7.52 -32.64 -36.19
N GLN A 264 -6.47 -33.45 -36.21
CA GLN A 264 -6.59 -34.82 -36.72
C GLN A 264 -7.35 -35.70 -35.74
N MET A 265 -7.10 -35.51 -34.44
CA MET A 265 -7.84 -36.25 -33.41
C MET A 265 -9.33 -36.01 -33.60
N ILE A 266 -9.70 -34.80 -33.98
CA ILE A 266 -11.10 -34.44 -34.18
C ILE A 266 -11.65 -35.12 -35.43
N ILE A 267 -10.84 -35.23 -36.48
CA ILE A 267 -11.25 -35.93 -37.68
C ILE A 267 -11.44 -37.39 -37.34
N ALA A 268 -10.55 -37.90 -36.50
CA ALA A 268 -10.63 -39.27 -36.03
C ALA A 268 -11.89 -39.41 -35.17
N GLY A 269 -12.22 -38.37 -34.43
CA GLY A 269 -13.42 -38.34 -33.61
C GLY A 269 -14.66 -38.43 -34.47
N TYR A 270 -14.68 -37.68 -35.57
CA TYR A 270 -15.78 -37.74 -36.53
C TYR A 270 -15.90 -39.15 -37.09
N GLY A 271 -14.76 -39.78 -37.33
CA GLY A 271 -14.72 -41.11 -37.91
C GLY A 271 -15.14 -42.20 -36.95
N SER A 272 -14.61 -42.15 -35.73
CA SER A 272 -14.93 -43.14 -34.71
C SER A 272 -16.43 -43.20 -34.44
N ILE A 273 -17.12 -42.08 -34.64
CA ILE A 273 -18.56 -42.02 -34.43
C ILE A 273 -19.29 -42.46 -35.68
N PHE A 274 -18.81 -42.05 -36.85
CA PHE A 274 -19.42 -42.48 -38.10
C PHE A 274 -19.19 -43.96 -38.29
N ALA A 275 -18.04 -44.44 -37.83
CA ALA A 275 -17.72 -45.86 -37.87
C ALA A 275 -18.68 -46.64 -36.98
N ALA A 276 -18.85 -46.15 -35.75
CA ALA A 276 -19.75 -46.77 -34.78
C ALA A 276 -21.16 -46.88 -35.35
N ILE A 277 -21.61 -45.83 -36.03
CA ILE A 277 -22.94 -45.83 -36.64
C ILE A 277 -23.04 -46.89 -37.74
N LEU A 278 -21.92 -47.18 -38.40
CA LEU A 278 -21.90 -48.18 -39.46
C LEU A 278 -21.87 -49.60 -38.93
N LEU A 279 -21.48 -49.76 -37.67
CA LEU A 279 -21.45 -51.07 -37.03
C LEU A 279 -22.76 -51.33 -36.29
N ILE A 280 -23.21 -50.32 -35.53
CA ILE A 280 -24.48 -50.40 -34.82
C ILE A 280 -25.60 -50.76 -35.80
N ILE A 281 -25.45 -50.30 -37.03
CA ILE A 281 -26.46 -50.49 -38.06
C ILE A 281 -26.24 -51.82 -38.79
N PHE A 282 -25.01 -52.31 -38.76
CA PHE A 282 -24.66 -53.55 -39.44
C PHE A 282 -25.09 -54.77 -38.65
N ALA A 283 -24.90 -54.72 -37.33
CA ALA A 283 -25.27 -55.81 -36.45
C ALA A 283 -26.77 -56.10 -36.51
N HIS A 284 -27.56 -55.06 -36.78
CA HIS A 284 -29.01 -55.18 -36.75
C HIS A 284 -29.60 -55.85 -38.00
N HIS A 285 -28.77 -56.11 -39.00
CA HIS A 285 -29.24 -56.68 -40.27
C HIS A 285 -28.25 -57.68 -40.87
N ARG A 286 -27.22 -58.04 -40.12
CA ARG A 286 -26.23 -58.98 -40.63
C ARG A 286 -26.82 -60.38 -40.65
N GLN A 287 -27.05 -60.94 -39.47
CA GLN A 287 -27.58 -62.29 -39.33
C GLN A 287 -29.03 -62.36 -39.81
N ALA A 288 -29.47 -63.56 -40.19
CA ALA A 288 -30.83 -63.76 -40.67
C ALA A 288 -31.87 -63.56 -39.58
N ASN A 289 -33.15 -63.60 -39.96
CA ASN A 289 -34.25 -63.41 -39.02
C ASN A 289 -34.09 -62.13 -38.18
N GLY A 290 -33.26 -61.22 -38.68
CA GLY A 290 -33.04 -59.93 -38.04
C GLY A 290 -32.57 -60.05 -36.60
N VAL A 291 -31.94 -61.16 -36.27
CA VAL A 291 -31.44 -61.35 -34.90
C VAL A 291 -30.32 -60.35 -34.65
N GLU A 292 -30.32 -59.77 -33.47
CA GLU A 292 -29.28 -58.83 -33.05
C GLU A 292 -27.90 -59.47 -32.86
N ASP A 293 -26.98 -59.21 -33.77
CA ASP A 293 -25.64 -59.76 -33.69
C ASP A 293 -24.91 -59.16 -32.49
N ASP A 294 -25.25 -59.64 -31.30
CA ASP A 294 -24.62 -59.18 -30.08
C ASP A 294 -23.21 -59.75 -29.92
N LEU A 295 -22.76 -60.54 -30.88
CA LEU A 295 -21.37 -61.01 -30.91
C LEU A 295 -20.47 -59.96 -31.55
N LEU A 296 -21.03 -59.18 -32.48
CA LEU A 296 -20.26 -58.14 -33.15
C LEU A 296 -20.12 -56.99 -32.16
N ILE A 297 -21.24 -56.56 -31.61
CA ILE A 297 -21.22 -55.70 -30.44
C ILE A 297 -20.65 -56.62 -29.38
N GLN A 298 -20.16 -56.07 -28.26
CA GLN A 298 -19.49 -56.84 -27.21
C GLN A 298 -18.03 -57.08 -27.59
N ARG A 299 -17.78 -57.49 -28.83
CA ARG A 299 -16.42 -57.45 -29.36
C ARG A 299 -16.03 -56.00 -29.58
N CYS A 300 -17.03 -55.15 -29.82
CA CYS A 300 -16.81 -53.74 -30.09
C CYS A 300 -16.61 -52.94 -28.81
N ARG A 301 -16.96 -53.53 -27.67
CA ARG A 301 -16.85 -52.84 -26.40
C ARG A 301 -15.38 -52.54 -26.07
N LEU A 302 -14.47 -53.17 -26.80
CA LEU A 302 -13.04 -52.89 -26.66
C LEU A 302 -12.29 -53.03 -27.99
N ALA A 303 -13.03 -53.10 -29.10
CA ALA A 303 -12.41 -53.09 -30.42
C ALA A 303 -12.13 -51.66 -30.88
N PHE A 304 -13.05 -50.75 -30.54
CA PHE A 304 -12.86 -49.34 -30.86
C PHE A 304 -11.84 -48.71 -29.91
N PRO A 305 -11.98 -48.96 -28.59
CA PRO A 305 -10.96 -48.48 -27.66
C PRO A 305 -9.55 -48.97 -28.00
N LEU A 306 -9.45 -49.98 -28.86
CA LEU A 306 -8.16 -50.49 -29.31
C LEU A 306 -7.92 -50.11 -30.77
N GLY A 307 -8.96 -50.24 -31.60
CA GLY A 307 -8.86 -49.90 -33.00
C GLY A 307 -8.56 -48.43 -33.23
N PHE A 308 -9.22 -47.58 -32.47
CA PHE A 308 -9.00 -46.13 -32.54
C PHE A 308 -7.66 -45.75 -31.90
N LEU A 309 -7.33 -46.44 -30.81
CA LEU A 309 -6.09 -46.21 -30.07
C LEU A 309 -4.92 -46.83 -30.83
N ALA A 310 -5.20 -47.36 -32.02
CA ALA A 310 -4.20 -47.94 -32.91
C ALA A 310 -4.00 -47.04 -34.13
N ILE A 311 -5.03 -46.93 -34.97
CA ILE A 311 -4.94 -46.17 -36.21
C ILE A 311 -4.49 -44.73 -35.97
N GLY A 312 -4.81 -44.19 -34.80
CA GLY A 312 -4.40 -42.84 -34.44
C GLY A 312 -3.01 -42.84 -33.82
N CYS A 313 -2.57 -44.01 -33.39
CA CYS A 313 -1.27 -44.14 -32.75
C CYS A 313 -0.15 -44.07 -33.79
N VAL A 314 -0.51 -44.20 -35.06
CA VAL A 314 0.46 -44.11 -36.14
C VAL A 314 0.24 -42.80 -36.88
N LEU A 315 0.56 -41.71 -36.19
CA LEU A 315 0.62 -40.37 -36.75
C LEU A 315 2.03 -39.87 -36.51
N VAL A 316 2.99 -40.60 -37.07
CA VAL A 316 4.40 -40.38 -36.81
C VAL A 316 5.02 -39.51 -37.91
N ILE A 317 4.19 -38.70 -38.56
CA ILE A 317 4.67 -37.78 -39.60
C ILE A 317 5.57 -36.72 -38.93
N ARG B 10 29.48 16.93 -9.49
CA ARG B 10 29.58 17.02 -10.93
C ARG B 10 28.29 16.58 -11.64
N PRO B 11 27.76 15.38 -11.30
CA PRO B 11 26.51 14.94 -11.94
C PRO B 11 25.31 15.84 -11.64
N VAL B 12 24.42 15.98 -12.61
CA VAL B 12 23.25 16.83 -12.52
C VAL B 12 22.12 16.18 -11.73
N ASP B 13 21.52 16.94 -10.81
CA ASP B 13 20.41 16.44 -10.02
C ASP B 13 19.10 16.67 -10.76
N VAL B 14 18.38 15.58 -11.02
CA VAL B 14 17.09 15.65 -11.71
C VAL B 14 15.99 15.15 -10.79
N SER B 15 15.08 16.05 -10.42
CA SER B 15 13.95 15.70 -9.57
C SER B 15 12.75 15.33 -10.45
N VAL B 16 12.28 14.11 -10.30
CA VAL B 16 11.20 13.59 -11.14
C VAL B 16 9.88 13.54 -10.40
N SER B 17 8.80 13.81 -11.12
CA SER B 17 7.45 13.68 -10.59
C SER B 17 6.52 13.13 -11.66
N ILE B 18 5.90 11.98 -11.36
CA ILE B 18 5.02 11.30 -12.30
C ILE B 18 3.59 11.27 -11.80
N PHE B 19 2.73 12.03 -12.48
CA PHE B 19 1.30 12.02 -12.19
C PHE B 19 0.64 10.94 -13.03
N ILE B 20 -0.12 10.05 -12.40
CA ILE B 20 -0.80 8.98 -13.11
C ILE B 20 -2.31 9.21 -13.12
N ASN B 21 -2.86 9.31 -14.33
CA ASN B 21 -4.28 9.59 -14.53
C ASN B 21 -5.11 8.32 -14.65
N LYS B 22 -4.56 7.33 -15.33
CA LYS B 22 -5.35 6.17 -15.73
C LYS B 22 -4.47 5.00 -16.13
N ILE B 23 -4.69 3.84 -15.49
CA ILE B 23 -4.09 2.59 -15.92
C ILE B 23 -5.21 1.66 -16.39
N TYR B 24 -5.04 1.12 -17.59
CA TYR B 24 -6.10 0.34 -18.21
C TYR B 24 -5.53 -0.53 -19.34
N GLY B 25 -6.43 -1.27 -19.99
CA GLY B 25 -6.07 -2.05 -21.16
C GLY B 25 -5.03 -3.13 -20.86
N VAL B 26 -5.28 -3.92 -19.83
CA VAL B 26 -4.39 -5.00 -19.49
C VAL B 26 -4.44 -6.07 -20.57
N ASN B 27 -3.28 -6.39 -21.13
CA ASN B 27 -3.16 -7.48 -22.08
C ASN B 27 -2.58 -8.70 -21.38
N THR B 28 -3.39 -9.74 -21.24
CA THR B 28 -3.01 -10.91 -20.45
C THR B 28 -1.96 -11.77 -21.12
N LEU B 29 -2.10 -11.95 -22.43
CA LEU B 29 -1.15 -12.78 -23.16
C LEU B 29 0.19 -12.07 -23.31
N GLU B 30 0.15 -10.79 -23.70
CA GLU B 30 1.37 -10.01 -23.90
C GLU B 30 1.98 -9.55 -22.59
N GLN B 31 1.21 -9.64 -21.51
CA GLN B 31 1.62 -9.13 -20.21
C GLN B 31 2.01 -7.66 -20.31
N THR B 32 1.04 -6.83 -20.70
CA THR B 32 1.25 -5.39 -20.81
C THR B 32 0.04 -4.63 -20.28
N TYR B 33 0.15 -3.31 -20.22
CA TYR B 33 -0.92 -2.46 -19.73
C TYR B 33 -0.65 -1.00 -20.11
N LYS B 34 -1.72 -0.24 -20.31
CA LYS B 34 -1.62 1.15 -20.75
C LYS B 34 -1.63 2.08 -19.55
N VAL B 35 -0.85 3.15 -19.63
CA VAL B 35 -0.76 4.12 -18.54
C VAL B 35 -0.79 5.54 -19.09
N ASP B 36 -1.82 6.30 -18.72
CA ASP B 36 -1.92 7.70 -19.08
C ASP B 36 -1.52 8.55 -17.87
N GLY B 37 -0.73 9.58 -18.12
CA GLY B 37 -0.30 10.46 -17.04
C GLY B 37 0.69 11.50 -17.52
N TYR B 38 1.18 12.31 -16.58
CA TYR B 38 2.18 13.33 -16.86
C TYR B 38 3.52 12.92 -16.26
N ILE B 39 4.60 13.48 -16.81
CA ILE B 39 5.94 13.32 -16.24
C ILE B 39 6.59 14.68 -16.10
N VAL B 40 7.23 14.92 -14.96
CA VAL B 40 7.88 16.19 -14.69
C VAL B 40 9.33 15.97 -14.26
N ALA B 41 10.26 16.66 -14.91
CA ALA B 41 11.67 16.57 -14.58
C ALA B 41 12.24 17.97 -14.35
N GLN B 42 12.90 18.15 -13.21
CA GLN B 42 13.46 19.45 -12.86
C GLN B 42 14.95 19.32 -12.54
N TRP B 43 15.75 20.18 -13.17
CA TRP B 43 17.19 20.22 -12.94
C TRP B 43 17.69 21.67 -13.06
N THR B 44 18.95 21.89 -12.69
CA THR B 44 19.55 23.23 -12.73
C THR B 44 20.82 23.29 -13.57
N GLY B 45 20.97 24.37 -14.33
CA GLY B 45 22.14 24.55 -15.16
C GLY B 45 22.59 25.99 -15.18
N LYS B 46 23.27 26.40 -16.25
CA LYS B 46 23.79 27.77 -16.35
C LYS B 46 22.65 28.79 -16.41
N PRO B 47 22.71 29.84 -15.58
CA PRO B 47 21.72 30.92 -15.63
C PRO B 47 21.53 31.52 -17.02
N ARG B 48 20.40 32.19 -17.24
CA ARG B 48 20.00 32.61 -18.57
C ARG B 48 19.19 33.90 -18.55
N LYS B 49 19.32 34.68 -19.61
CA LYS B 49 18.58 35.93 -19.77
C LYS B 49 17.20 35.63 -20.35
N THR B 50 16.15 35.97 -19.62
CA THR B 50 14.78 35.68 -20.01
C THR B 50 13.98 36.95 -20.33
N PRO B 51 13.01 36.84 -21.26
CA PRO B 51 12.12 37.99 -21.51
C PRO B 51 11.47 38.45 -20.21
N GLY B 52 11.66 39.71 -19.86
CA GLY B 52 11.21 40.21 -18.58
C GLY B 52 12.11 39.60 -17.52
N ASP B 53 11.53 39.10 -16.44
CA ASP B 53 12.31 38.43 -15.41
C ASP B 53 11.53 37.28 -14.76
N LYS B 54 10.28 37.11 -15.19
CA LYS B 54 9.47 35.98 -14.78
C LYS B 54 9.88 34.77 -15.62
N PRO B 55 9.60 33.55 -15.13
CA PRO B 55 9.99 32.35 -15.88
C PRO B 55 9.41 32.31 -17.30
N LEU B 56 10.22 31.83 -18.24
CA LEU B 56 9.82 31.77 -19.64
C LEU B 56 9.23 30.40 -19.96
N ILE B 57 8.12 30.40 -20.69
CA ILE B 57 7.45 29.16 -21.07
C ILE B 57 7.69 28.86 -22.54
N VAL B 58 8.04 27.60 -22.80
CA VAL B 58 8.30 27.11 -24.15
C VAL B 58 7.48 25.83 -24.38
N GLU B 59 6.56 25.89 -25.35
CA GLU B 59 5.61 24.80 -25.57
C GLU B 59 5.83 24.04 -26.88
N ASN B 60 5.86 22.71 -26.78
CA ASN B 60 5.85 21.82 -27.94
C ASN B 60 6.95 22.10 -28.96
N THR B 61 6.56 22.59 -30.14
CA THR B 61 7.46 22.71 -31.27
C THR B 61 8.64 23.66 -31.00
N GLN B 62 8.47 24.56 -30.04
CA GLN B 62 9.49 25.55 -29.73
C GLN B 62 10.66 24.94 -28.97
N ILE B 63 10.39 23.85 -28.25
CA ILE B 63 11.42 23.16 -27.49
C ILE B 63 12.54 22.66 -28.40
N GLU B 64 12.16 22.21 -29.59
CA GLU B 64 13.14 21.72 -30.55
C GLU B 64 14.14 22.79 -30.95
N ARG B 65 13.65 24.00 -31.16
CA ARG B 65 14.48 25.12 -31.57
C ARG B 65 15.50 25.48 -30.48
N TRP B 66 15.04 25.50 -29.23
CA TRP B 66 15.92 25.83 -28.11
C TRP B 66 17.06 24.84 -27.97
N ILE B 67 16.79 23.59 -28.31
CA ILE B 67 17.81 22.54 -28.25
C ILE B 67 18.90 22.78 -29.27
N ASN B 68 18.51 23.33 -30.42
CA ASN B 68 19.46 23.63 -31.48
C ASN B 68 20.43 24.73 -31.08
N ASN B 69 19.96 25.68 -30.27
CA ASN B 69 20.82 26.75 -29.78
C ASN B 69 21.72 26.27 -28.63
N GLY B 70 21.60 24.99 -28.28
CA GLY B 70 22.49 24.37 -27.32
C GLY B 70 21.93 24.19 -25.93
N LEU B 71 20.60 24.18 -25.82
CA LEU B 71 19.97 23.90 -24.53
C LEU B 71 20.03 22.42 -24.23
N TRP B 72 20.41 22.09 -23.00
CA TRP B 72 20.54 20.70 -22.57
C TRP B 72 19.19 20.17 -22.09
N VAL B 73 18.64 19.23 -22.85
CA VAL B 73 17.40 18.57 -22.47
C VAL B 73 17.60 17.05 -22.58
N PRO B 74 17.77 16.37 -21.44
CA PRO B 74 18.12 14.94 -21.46
C PRO B 74 16.98 14.02 -21.89
N ALA B 75 17.36 12.92 -22.54
CA ALA B 75 16.42 11.96 -23.13
C ALA B 75 15.93 10.85 -22.17
N LEU B 76 15.31 11.21 -21.05
CA LEU B 76 14.79 10.20 -20.12
C LEU B 76 13.85 9.20 -20.82
N GLU B 77 14.17 7.92 -20.71
CA GLU B 77 13.45 6.85 -21.39
C GLU B 77 12.68 5.93 -20.44
N PHE B 78 11.47 5.56 -20.84
CA PHE B 78 10.75 4.50 -20.14
C PHE B 78 11.31 3.14 -20.56
N ILE B 79 12.01 2.50 -19.64
CA ILE B 79 12.68 1.23 -19.93
C ILE B 79 11.71 0.13 -20.36
N ASN B 80 10.58 0.03 -19.67
CA ASN B 80 9.67 -1.08 -19.86
C ASN B 80 8.48 -0.74 -20.75
N VAL B 81 8.60 0.33 -21.53
CA VAL B 81 7.53 0.67 -22.47
C VAL B 81 7.68 -0.19 -23.72
N VAL B 82 6.54 -0.50 -24.33
CA VAL B 82 6.52 -1.31 -25.55
C VAL B 82 6.12 -0.43 -26.74
N GLY B 83 7.12 0.00 -27.50
CA GLY B 83 6.90 0.90 -28.61
C GLY B 83 6.91 2.35 -28.14
N SER B 84 7.19 3.26 -29.06
CA SER B 84 7.28 4.68 -28.74
C SER B 84 5.95 5.18 -28.16
N PRO B 85 5.99 5.79 -26.97
CA PRO B 85 4.74 6.24 -26.35
C PRO B 85 4.13 7.46 -27.03
N ASP B 86 2.81 7.62 -26.88
CA ASP B 86 2.12 8.76 -27.45
C ASP B 86 2.31 9.98 -26.55
N THR B 87 3.20 10.87 -26.97
CA THR B 87 3.48 12.09 -26.20
C THR B 87 2.54 13.22 -26.60
N GLY B 88 1.80 13.73 -25.63
CA GLY B 88 0.90 14.85 -25.88
C GLY B 88 1.64 16.17 -25.94
N ASN B 89 1.25 17.10 -25.08
CA ASN B 89 1.89 18.41 -25.04
C ASN B 89 3.21 18.40 -24.28
N LYS B 90 4.20 19.11 -24.83
CA LYS B 90 5.49 19.28 -24.17
C LYS B 90 5.61 20.71 -23.67
N ARG B 91 6.40 20.91 -22.62
CA ARG B 91 6.60 22.25 -22.07
C ARG B 91 7.93 22.37 -21.35
N LEU B 92 8.65 23.45 -21.66
CA LEU B 92 9.84 23.82 -20.89
C LEU B 92 9.57 25.14 -20.19
N MET B 93 9.75 25.15 -18.87
CA MET B 93 9.68 26.39 -18.11
C MET B 93 11.09 26.79 -17.71
N LEU B 94 11.64 27.72 -18.47
CA LEU B 94 13.02 28.17 -18.27
C LEU B 94 13.06 29.34 -17.28
N PHE B 95 13.59 29.09 -16.10
CA PHE B 95 13.76 30.13 -15.10
C PHE B 95 15.04 30.89 -15.39
N PRO B 96 15.12 32.15 -14.95
CA PRO B 96 16.29 32.98 -15.21
C PRO B 96 17.51 32.57 -14.37
N ASP B 97 17.24 31.98 -13.20
CA ASP B 97 18.31 31.57 -12.30
C ASP B 97 18.93 30.23 -12.70
N GLY B 98 18.61 29.76 -13.90
CA GLY B 98 19.27 28.60 -14.47
C GLY B 98 18.45 27.33 -14.51
N ARG B 99 17.52 27.18 -13.57
CA ARG B 99 16.79 25.92 -13.45
C ARG B 99 15.80 25.73 -14.59
N VAL B 100 15.49 24.47 -14.86
CA VAL B 100 14.67 24.08 -15.99
C VAL B 100 13.68 23.00 -15.57
N ILE B 101 12.44 23.14 -16.05
CA ILE B 101 11.39 22.16 -15.74
C ILE B 101 10.74 21.68 -17.03
N TYR B 102 10.93 20.40 -17.31
CA TYR B 102 10.28 19.76 -18.46
C TYR B 102 9.01 19.06 -17.98
N ASN B 103 7.90 19.38 -18.62
CA ASN B 103 6.61 18.80 -18.28
C ASN B 103 5.94 18.28 -19.54
N ALA B 104 5.57 16.99 -19.54
CA ALA B 104 4.94 16.38 -20.71
C ALA B 104 3.93 15.30 -20.32
N ARG B 105 2.85 15.22 -21.08
CA ARG B 105 1.86 14.17 -20.90
C ARG B 105 2.20 12.98 -21.77
N PHE B 106 1.89 11.78 -21.29
CA PHE B 106 2.25 10.56 -22.00
C PHE B 106 1.20 9.46 -21.87
N LEU B 107 1.11 8.65 -22.91
CA LEU B 107 0.29 7.44 -22.89
C LEU B 107 1.05 6.34 -23.61
N GLY B 108 1.39 5.28 -22.89
CA GLY B 108 2.18 4.19 -23.44
C GLY B 108 1.78 2.85 -22.88
N SER B 109 2.07 1.79 -23.63
CA SER B 109 1.82 0.42 -23.16
C SER B 109 3.08 -0.11 -22.51
N PHE B 110 2.99 -0.39 -21.22
CA PHE B 110 4.14 -0.81 -20.42
C PHE B 110 4.14 -2.31 -20.15
N SER B 111 5.32 -2.86 -19.95
CA SER B 111 5.50 -4.30 -19.74
C SER B 111 5.99 -4.65 -18.34
N ASN B 112 5.55 -5.80 -17.86
CA ASN B 112 5.97 -6.33 -16.57
C ASN B 112 5.61 -7.81 -16.49
N ASP B 113 6.24 -8.54 -15.58
CA ASP B 113 5.89 -9.93 -15.36
C ASP B 113 4.55 -10.00 -14.64
N MET B 114 3.62 -10.79 -15.18
CA MET B 114 2.27 -10.87 -14.65
C MET B 114 1.80 -12.32 -14.57
N ASP B 115 1.46 -12.75 -13.35
CA ASP B 115 1.01 -14.11 -13.09
C ASP B 115 -0.51 -14.18 -12.97
N PHE B 116 -1.15 -14.77 -13.97
CA PHE B 116 -2.61 -14.85 -14.01
C PHE B 116 -3.14 -16.23 -13.63
N ARG B 117 -2.34 -16.98 -12.89
CA ARG B 117 -2.69 -18.34 -12.50
C ARG B 117 -3.79 -18.36 -11.44
N LEU B 118 -3.86 -17.31 -10.63
CA LEU B 118 -4.85 -17.23 -9.55
C LEU B 118 -6.15 -16.58 -10.01
N PHE B 119 -6.29 -16.36 -11.31
CA PHE B 119 -7.49 -15.78 -11.88
C PHE B 119 -8.75 -16.53 -11.41
N PRO B 120 -9.84 -15.79 -11.13
CA PRO B 120 -10.02 -14.34 -11.19
C PRO B 120 -9.59 -13.63 -9.91
N PHE B 121 -8.87 -14.34 -9.03
CA PHE B 121 -8.46 -13.78 -7.75
C PHE B 121 -6.97 -13.44 -7.75
N ASP B 122 -6.45 -12.97 -8.87
CA ASP B 122 -5.03 -12.69 -9.00
C ASP B 122 -4.72 -11.26 -8.63
N ARG B 123 -3.49 -11.03 -8.16
CA ARG B 123 -3.01 -9.71 -7.79
C ARG B 123 -1.84 -9.32 -8.67
N GLN B 124 -1.82 -8.07 -9.13
CA GLN B 124 -0.77 -7.57 -10.01
C GLN B 124 -0.21 -6.24 -9.52
N GLN B 125 0.99 -5.89 -9.97
CA GLN B 125 1.55 -4.57 -9.69
C GLN B 125 1.97 -3.92 -11.01
N PHE B 126 1.37 -2.78 -11.31
CA PHE B 126 1.67 -2.04 -12.51
C PHE B 126 2.94 -1.21 -12.30
N VAL B 127 3.95 -1.49 -13.11
CA VAL B 127 5.28 -0.93 -12.93
C VAL B 127 5.69 0.03 -14.04
N LEU B 128 6.28 1.16 -13.64
CA LEU B 128 6.95 2.07 -14.58
C LEU B 128 8.45 2.07 -14.28
N GLU B 129 9.26 2.10 -15.33
CA GLU B 129 10.72 2.14 -15.18
C GLU B 129 11.32 3.25 -16.02
N LEU B 130 11.87 4.26 -15.34
CA LEU B 130 12.42 5.44 -16.00
C LEU B 130 13.94 5.49 -15.85
N GLU B 131 14.63 5.86 -16.92
CA GLU B 131 16.08 5.88 -16.92
C GLU B 131 16.60 6.76 -18.06
N PRO B 132 17.70 7.50 -17.82
CA PRO B 132 18.28 8.28 -18.93
C PRO B 132 18.80 7.38 -20.03
N PHE B 133 18.70 7.84 -21.28
CA PHE B 133 19.03 7.00 -22.42
C PHE B 133 20.52 7.02 -22.75
N SER B 134 21.16 8.16 -22.49
CA SER B 134 22.54 8.38 -22.93
C SER B 134 23.48 8.71 -21.78
N TYR B 135 22.96 9.43 -20.78
CA TYR B 135 23.79 9.96 -19.71
C TYR B 135 23.82 9.03 -18.51
N ASN B 136 25.02 8.64 -18.11
CA ASN B 136 25.19 7.74 -16.97
C ASN B 136 24.95 8.46 -15.65
N ASN B 137 25.19 7.76 -14.55
CA ASN B 137 24.92 8.31 -13.22
C ASN B 137 25.91 9.38 -12.80
N GLN B 138 27.08 9.40 -13.43
CA GLN B 138 28.09 10.42 -13.15
C GLN B 138 27.81 11.69 -13.94
N GLN B 139 26.87 11.62 -14.88
CA GLN B 139 26.48 12.75 -15.70
C GLN B 139 25.10 13.27 -15.29
N LEU B 140 24.17 12.33 -15.12
CA LEU B 140 22.80 12.65 -14.74
C LEU B 140 22.34 11.69 -13.65
N ARG B 141 21.90 12.26 -12.53
CA ARG B 141 21.47 11.48 -11.38
C ARG B 141 20.08 11.89 -10.91
N PHE B 142 19.25 10.92 -10.57
CA PHE B 142 17.92 11.19 -10.05
C PHE B 142 18.00 11.53 -8.56
N SER B 143 17.67 12.77 -8.22
CA SER B 143 17.73 13.22 -6.84
C SER B 143 16.62 12.59 -6.02
N ASP B 144 15.40 12.74 -6.50
CA ASP B 144 14.23 12.20 -5.82
C ASP B 144 13.10 11.92 -6.79
N ILE B 145 12.11 11.15 -6.35
CA ILE B 145 10.98 10.77 -7.18
C ILE B 145 9.67 10.85 -6.39
N GLN B 146 8.73 11.62 -6.91
CA GLN B 146 7.40 11.72 -6.35
C GLN B 146 6.38 11.12 -7.32
N VAL B 147 5.47 10.29 -6.81
CA VAL B 147 4.43 9.68 -7.64
C VAL B 147 3.06 9.92 -7.03
N TYR B 148 2.21 10.58 -7.80
CA TYR B 148 0.88 10.98 -7.32
C TYR B 148 -0.21 10.25 -8.08
N THR B 149 -1.13 9.63 -7.34
CA THR B 149 -2.26 8.93 -7.95
C THR B 149 -3.56 9.48 -7.37
N GLU B 150 -4.65 9.35 -8.11
CA GLU B 150 -5.94 9.83 -7.65
C GLU B 150 -6.60 8.85 -6.69
N ASN B 151 -7.35 9.39 -5.74
CA ASN B 151 -8.08 8.58 -4.77
C ASN B 151 -9.30 7.95 -5.42
N ILE B 152 -9.17 6.70 -5.83
CA ILE B 152 -10.28 6.00 -6.48
C ILE B 152 -11.38 5.69 -5.45
N ASP B 153 -12.50 6.38 -5.62
CA ASP B 153 -13.64 6.29 -4.71
C ASP B 153 -14.62 5.23 -5.21
N ASN B 154 -15.09 5.37 -6.44
CA ASN B 154 -15.99 4.38 -6.99
C ASN B 154 -15.20 3.30 -7.74
N GLU B 155 -14.53 2.46 -6.94
CA GLU B 155 -13.72 1.37 -7.48
C GLU B 155 -14.57 0.16 -7.82
N GLU B 156 -15.82 0.17 -7.36
CA GLU B 156 -16.73 -0.95 -7.55
C GLU B 156 -17.01 -1.16 -9.03
N ILE B 157 -17.02 -0.07 -9.79
CA ILE B 157 -17.31 -0.14 -11.23
C ILE B 157 -16.03 -0.28 -12.07
N ASP B 158 -14.87 -0.19 -11.43
CA ASP B 158 -13.60 -0.42 -12.12
C ASP B 158 -13.25 -1.91 -12.14
N GLU B 159 -12.46 -2.31 -13.12
CA GLU B 159 -12.01 -3.70 -13.24
C GLU B 159 -10.97 -4.05 -12.19
N TRP B 160 -10.09 -3.09 -11.89
CA TRP B 160 -8.98 -3.27 -10.96
C TRP B 160 -9.10 -2.35 -9.76
N TRP B 161 -8.90 -2.91 -8.56
CA TRP B 161 -8.86 -2.10 -7.35
C TRP B 161 -7.41 -1.83 -6.96
N ILE B 162 -7.02 -0.56 -7.03
CA ILE B 162 -5.66 -0.16 -6.67
C ILE B 162 -5.49 -0.11 -5.15
N ARG B 163 -4.52 -0.88 -4.65
CA ARG B 163 -4.31 -0.99 -3.21
C ARG B 163 -3.08 -0.18 -2.79
N GLY B 164 -3.34 0.91 -2.07
CA GLY B 164 -2.30 1.78 -1.56
C GLY B 164 -1.65 2.63 -2.64
N LYS B 165 -0.98 3.70 -2.20
CA LYS B 165 -0.27 4.58 -3.10
C LYS B 165 0.99 3.95 -3.69
N ALA B 166 1.50 4.58 -4.73
CA ALA B 166 2.64 4.07 -5.47
C ALA B 166 3.93 4.07 -4.64
N SER B 167 4.70 2.99 -4.78
CA SER B 167 5.99 2.86 -4.13
C SER B 167 7.08 3.22 -5.12
N THR B 168 8.05 4.03 -4.68
CA THR B 168 9.12 4.50 -5.56
C THR B 168 10.43 3.81 -5.24
N HIS B 169 11.36 3.84 -6.19
CA HIS B 169 12.65 3.17 -6.06
C HIS B 169 13.69 3.74 -7.01
N ILE B 170 14.60 4.57 -6.48
CA ILE B 170 15.77 5.00 -7.25
C ILE B 170 16.90 4.01 -7.01
N SER B 171 17.63 3.67 -8.07
CA SER B 171 18.73 2.72 -7.97
C SER B 171 19.74 2.94 -9.09
N ASP B 172 20.76 2.10 -9.12
CA ASP B 172 21.81 2.16 -10.15
C ASP B 172 21.95 0.81 -10.85
N ILE B 173 22.07 0.84 -12.19
CA ILE B 173 22.17 -0.37 -12.99
C ILE B 173 23.48 -0.46 -13.75
N ARG B 174 24.26 -1.50 -13.47
CA ARG B 174 25.50 -1.72 -14.20
C ARG B 174 25.25 -2.47 -15.49
N TYR B 175 25.49 -1.81 -16.62
CA TYR B 175 25.44 -2.47 -17.92
C TYR B 175 26.86 -2.95 -18.21
N ASP B 176 27.05 -4.26 -18.09
CA ASP B 176 28.38 -4.85 -18.23
C ASP B 176 28.99 -4.61 -19.60
N HIS B 177 28.24 -4.90 -20.66
CA HIS B 177 28.79 -4.80 -22.01
C HIS B 177 28.68 -3.37 -22.54
N LEU B 178 29.83 -2.78 -22.83
CA LEU B 178 29.96 -1.38 -23.26
C LEU B 178 31.34 -1.24 -23.92
N SER B 179 31.62 -0.09 -24.55
CA SER B 179 32.85 0.07 -25.33
C SER B 179 33.99 0.82 -24.64
N SER B 180 33.72 2.01 -24.12
CA SER B 180 34.78 2.81 -23.49
C SER B 180 34.92 2.40 -22.05
N VAL B 181 33.78 2.20 -21.39
CA VAL B 181 33.71 1.69 -20.04
C VAL B 181 34.74 2.26 -19.07
N GLN B 182 35.77 1.48 -18.75
CA GLN B 182 36.64 1.75 -17.60
C GLN B 182 35.67 1.84 -16.43
N PRO B 183 35.45 0.72 -15.71
CA PRO B 183 34.34 0.61 -14.76
C PRO B 183 34.05 1.90 -13.99
N ASN B 184 33.43 2.83 -14.71
CA ASN B 184 32.99 4.11 -14.19
C ASN B 184 31.92 4.78 -15.08
N GLN B 185 31.77 4.29 -16.31
CA GLN B 185 30.80 4.85 -17.25
C GLN B 185 29.72 3.84 -17.62
N ASN B 186 29.57 2.82 -16.78
CA ASN B 186 28.66 1.72 -17.06
C ASN B 186 27.50 1.64 -16.07
N GLU B 187 27.26 2.71 -15.32
CA GLU B 187 26.18 2.73 -14.33
C GLU B 187 25.16 3.82 -14.65
N PHE B 188 23.88 3.50 -14.51
CA PHE B 188 22.81 4.44 -14.83
C PHE B 188 21.78 4.56 -13.73
N SER B 189 21.37 5.80 -13.44
CA SER B 189 20.36 6.06 -12.42
C SER B 189 18.96 5.74 -12.94
N ARG B 190 18.23 4.88 -12.22
CA ARG B 190 16.90 4.45 -12.66
C ARG B 190 15.84 4.62 -11.59
N ILE B 191 14.81 5.40 -11.91
CA ILE B 191 13.59 5.44 -11.12
C ILE B 191 12.72 4.24 -11.49
N THR B 192 12.07 3.65 -10.50
CA THR B 192 11.17 2.52 -10.71
C THR B 192 9.94 2.65 -9.83
N VAL B 193 8.79 2.81 -10.47
CA VAL B 193 7.53 2.99 -9.74
C VAL B 193 6.70 1.71 -9.80
N ARG B 194 6.01 1.40 -8.69
CA ARG B 194 5.14 0.22 -8.62
C ARG B 194 3.76 0.61 -8.10
N ILE B 195 2.74 -0.08 -8.58
CA ILE B 195 1.37 0.15 -8.14
C ILE B 195 0.62 -1.17 -8.00
N ASP B 196 0.48 -1.63 -6.77
CA ASP B 196 -0.21 -2.90 -6.50
C ASP B 196 -1.70 -2.76 -6.76
N ALA B 197 -2.30 -3.83 -7.27
CA ALA B 197 -3.72 -3.82 -7.59
C ALA B 197 -4.28 -5.24 -7.59
N VAL B 198 -5.58 -5.35 -7.36
CA VAL B 198 -6.27 -6.64 -7.33
C VAL B 198 -7.44 -6.62 -8.31
N ARG B 199 -7.76 -7.78 -8.88
CA ARG B 199 -8.83 -7.89 -9.86
C ARG B 199 -10.20 -7.95 -9.20
N ASN B 200 -11.17 -7.25 -9.80
CA ASN B 200 -12.55 -7.28 -9.33
C ASN B 200 -13.19 -8.63 -9.67
N PRO B 201 -13.33 -9.54 -8.68
CA PRO B 201 -13.78 -10.90 -9.01
C PRO B 201 -15.30 -11.04 -9.08
N SER B 202 -16.03 -9.93 -9.02
CA SER B 202 -17.49 -9.96 -8.98
C SER B 202 -18.09 -10.71 -10.17
N TYR B 203 -17.88 -10.17 -11.37
CA TYR B 203 -18.47 -10.73 -12.58
C TYR B 203 -18.11 -12.20 -12.74
N TYR B 204 -16.86 -12.54 -12.42
CA TYR B 204 -16.37 -13.90 -12.66
C TYR B 204 -16.90 -14.89 -11.62
N LEU B 205 -17.23 -14.41 -10.43
CA LEU B 205 -17.78 -15.29 -9.39
C LEU B 205 -19.24 -15.67 -9.65
N TRP B 206 -20.06 -14.69 -9.98
CA TRP B 206 -21.49 -14.92 -10.10
C TRP B 206 -21.92 -15.45 -11.47
N SER B 207 -21.17 -15.12 -12.51
CA SER B 207 -21.56 -15.47 -13.88
C SER B 207 -20.74 -16.63 -14.46
N PHE B 208 -19.70 -17.06 -13.76
CA PHE B 208 -18.86 -18.17 -14.23
C PHE B 208 -18.63 -19.22 -13.16
N ILE B 209 -18.10 -18.83 -12.01
CA ILE B 209 -17.79 -19.78 -10.94
C ILE B 209 -19.05 -20.47 -10.45
N LEU B 210 -20.08 -19.70 -10.17
CA LEU B 210 -21.29 -20.22 -9.54
C LEU B 210 -22.07 -21.17 -10.45
N PRO B 211 -22.42 -20.72 -11.68
CA PRO B 211 -23.14 -21.63 -12.58
C PRO B 211 -22.42 -22.95 -12.83
N LEU B 212 -21.10 -22.90 -12.91
CA LEU B 212 -20.31 -24.10 -13.14
C LEU B 212 -20.46 -25.07 -11.97
N GLY B 213 -20.58 -24.50 -10.77
CA GLY B 213 -20.81 -25.30 -9.58
C GLY B 213 -22.14 -26.02 -9.65
N LEU B 214 -23.19 -25.27 -9.99
CA LEU B 214 -24.53 -25.82 -10.13
C LEU B 214 -24.56 -26.93 -11.17
N ILE B 215 -23.85 -26.72 -12.27
CA ILE B 215 -23.81 -27.71 -13.35
C ILE B 215 -23.05 -28.94 -12.89
N ILE B 216 -21.94 -28.73 -12.19
CA ILE B 216 -21.18 -29.84 -11.64
C ILE B 216 -22.03 -30.54 -10.58
N ALA B 217 -22.78 -29.76 -9.82
CA ALA B 217 -23.67 -30.31 -8.81
C ALA B 217 -24.76 -31.15 -9.45
N ALA B 218 -25.45 -30.56 -10.42
CA ALA B 218 -26.55 -31.23 -11.11
C ALA B 218 -26.08 -32.46 -11.90
N SER B 219 -24.79 -32.54 -12.19
CA SER B 219 -24.26 -33.69 -12.91
C SER B 219 -24.36 -34.93 -12.03
N TRP B 220 -24.35 -34.72 -10.71
CA TRP B 220 -24.42 -35.80 -9.74
C TRP B 220 -25.83 -36.38 -9.63
N SER B 221 -26.82 -35.60 -10.04
CA SER B 221 -28.21 -36.02 -9.93
C SER B 221 -28.57 -37.09 -10.96
N VAL B 222 -27.59 -37.56 -11.72
CA VAL B 222 -27.81 -38.63 -12.68
C VAL B 222 -28.07 -39.96 -11.97
N PHE B 223 -27.44 -40.15 -10.82
CA PHE B 223 -27.52 -41.41 -10.10
C PHE B 223 -28.92 -41.70 -9.56
N TRP B 224 -29.75 -40.68 -9.45
CA TRP B 224 -31.09 -40.83 -8.88
C TRP B 224 -32.10 -41.28 -9.93
N LEU B 225 -31.64 -41.51 -11.16
CA LEU B 225 -32.50 -42.08 -12.19
C LEU B 225 -32.60 -43.58 -11.99
N GLU B 226 -33.79 -44.13 -12.21
CA GLU B 226 -34.06 -45.52 -11.90
C GLU B 226 -33.43 -46.46 -12.91
N SER B 227 -33.76 -46.26 -14.19
CA SER B 227 -33.28 -47.15 -15.24
C SER B 227 -31.79 -46.94 -15.54
N PHE B 228 -31.20 -47.89 -16.25
CA PHE B 228 -29.80 -47.79 -16.68
C PHE B 228 -29.68 -46.96 -17.95
N SER B 229 -30.59 -47.19 -18.89
CA SER B 229 -30.62 -46.42 -20.13
C SER B 229 -30.84 -44.94 -19.83
N GLU B 230 -31.67 -44.66 -18.84
CA GLU B 230 -31.94 -43.28 -18.43
C GLU B 230 -30.66 -42.60 -17.95
N ARG B 231 -29.87 -43.33 -17.16
CA ARG B 231 -28.67 -42.78 -16.55
C ARG B 231 -27.57 -42.50 -17.57
N LEU B 232 -27.37 -43.43 -18.51
CA LEU B 232 -26.28 -43.33 -19.46
C LEU B 232 -26.58 -42.30 -20.56
N GLN B 233 -27.80 -42.30 -21.09
CA GLN B 233 -28.16 -41.37 -22.15
C GLN B 233 -28.09 -39.93 -21.66
N THR B 234 -28.36 -39.73 -20.37
CA THR B 234 -28.30 -38.40 -19.78
C THR B 234 -26.85 -37.93 -19.67
N SER B 235 -25.94 -38.87 -19.43
CA SER B 235 -24.53 -38.54 -19.25
C SER B 235 -23.92 -37.91 -20.51
N PHE B 236 -24.44 -38.29 -21.67
CA PHE B 236 -23.93 -37.74 -22.93
C PHE B 236 -24.42 -36.31 -23.13
N THR B 237 -25.57 -35.98 -22.55
CA THR B 237 -26.07 -34.62 -22.60
C THR B 237 -25.30 -33.74 -21.62
N LEU B 238 -24.91 -34.33 -20.48
CA LEU B 238 -24.09 -33.61 -19.51
C LEU B 238 -22.72 -33.31 -20.09
N MET B 239 -22.14 -34.30 -20.77
CA MET B 239 -20.84 -34.13 -21.40
C MET B 239 -20.92 -32.97 -22.39
N LEU B 240 -21.99 -32.96 -23.18
CA LEU B 240 -22.24 -31.90 -24.15
C LEU B 240 -22.34 -30.54 -23.47
N THR B 241 -22.94 -30.52 -22.29
CA THR B 241 -23.16 -29.28 -21.55
C THR B 241 -21.85 -28.66 -21.06
N VAL B 242 -20.94 -29.51 -20.59
CA VAL B 242 -19.64 -29.03 -20.11
C VAL B 242 -18.83 -28.47 -21.28
N VAL B 243 -18.89 -29.14 -22.43
CA VAL B 243 -18.22 -28.65 -23.63
C VAL B 243 -18.78 -27.30 -24.00
N ALA B 244 -20.09 -27.16 -23.91
CA ALA B 244 -20.75 -25.89 -24.21
C ALA B 244 -20.28 -24.82 -23.25
N TYR B 245 -20.04 -25.22 -22.00
CA TYR B 245 -19.60 -24.29 -20.97
C TYR B 245 -18.11 -24.00 -21.11
N ALA B 246 -17.36 -24.97 -21.61
CA ALA B 246 -15.93 -24.78 -21.84
C ALA B 246 -15.68 -23.76 -22.95
N PHE B 247 -16.54 -23.79 -23.96
CA PHE B 247 -16.45 -22.85 -25.07
C PHE B 247 -16.89 -21.47 -24.58
N TYR B 248 -17.91 -21.46 -23.73
CA TYR B 248 -18.44 -20.24 -23.14
C TYR B 248 -17.36 -19.48 -22.37
N THR B 249 -16.62 -20.18 -21.51
CA THR B 249 -15.60 -19.54 -20.69
C THR B 249 -14.42 -19.04 -21.51
N SER B 250 -13.80 -19.95 -22.25
CA SER B 250 -12.57 -19.68 -22.97
C SER B 250 -12.70 -18.51 -23.96
N ASN B 251 -13.90 -18.30 -24.48
CA ASN B 251 -14.13 -17.26 -25.47
C ASN B 251 -14.15 -15.87 -24.84
N ILE B 252 -14.66 -15.78 -23.61
CA ILE B 252 -14.76 -14.50 -22.91
C ILE B 252 -13.61 -14.31 -21.94
N LEU B 253 -13.15 -15.37 -21.30
CA LEU B 253 -12.04 -15.27 -20.36
C LEU B 253 -10.75 -14.96 -21.13
N PRO B 254 -9.79 -14.30 -20.46
CA PRO B 254 -8.54 -13.92 -21.11
C PRO B 254 -7.69 -15.12 -21.49
N ARG B 255 -7.13 -15.11 -22.70
CA ARG B 255 -6.30 -16.22 -23.15
C ARG B 255 -4.97 -16.19 -22.39
N LEU B 256 -4.54 -17.38 -21.98
CA LEU B 256 -3.32 -17.54 -21.20
C LEU B 256 -2.59 -18.79 -21.68
N PRO B 257 -1.32 -18.94 -21.31
CA PRO B 257 -0.57 -20.14 -21.69
C PRO B 257 -0.63 -21.22 -20.61
N TYR B 258 -1.56 -21.06 -19.67
CA TYR B 258 -1.71 -22.00 -18.58
C TYR B 258 -3.14 -22.01 -18.04
N THR B 259 -3.45 -23.00 -17.20
CA THR B 259 -4.81 -23.17 -16.70
C THR B 259 -5.06 -22.30 -15.47
N THR B 260 -6.22 -21.64 -15.46
CA THR B 260 -6.64 -20.84 -14.31
C THR B 260 -7.45 -21.70 -13.34
N VAL B 261 -8.05 -21.05 -12.36
CA VAL B 261 -8.89 -21.74 -11.39
C VAL B 261 -10.14 -22.26 -12.10
N ILE B 262 -10.75 -21.39 -12.90
CA ILE B 262 -11.96 -21.71 -13.64
C ILE B 262 -11.71 -22.82 -14.64
N ASP B 263 -10.56 -22.76 -15.31
CA ASP B 263 -10.20 -23.77 -16.30
C ASP B 263 -10.13 -25.16 -15.67
N GLN B 264 -9.69 -25.22 -14.42
CA GLN B 264 -9.55 -26.49 -13.72
C GLN B 264 -10.90 -27.08 -13.32
N MET B 265 -11.82 -26.22 -12.88
CA MET B 265 -13.17 -26.66 -12.53
C MET B 265 -13.79 -27.40 -13.71
N ILE B 266 -13.51 -26.91 -14.91
CA ILE B 266 -14.07 -27.50 -16.12
C ILE B 266 -13.45 -28.88 -16.36
N ILE B 267 -12.17 -29.02 -16.08
CA ILE B 267 -11.50 -30.30 -16.22
C ILE B 267 -12.09 -31.26 -15.19
N ALA B 268 -12.38 -30.75 -14.00
CA ALA B 268 -13.01 -31.54 -12.95
C ALA B 268 -14.42 -31.95 -13.35
N GLY B 269 -15.11 -31.05 -14.06
CA GLY B 269 -16.44 -31.35 -14.56
C GLY B 269 -16.40 -32.48 -15.57
N TYR B 270 -15.43 -32.44 -16.47
CA TYR B 270 -15.23 -33.50 -17.44
C TYR B 270 -14.96 -34.82 -16.75
N GLY B 271 -14.19 -34.77 -15.67
CA GLY B 271 -13.80 -35.96 -14.93
C GLY B 271 -14.95 -36.54 -14.13
N SER B 272 -15.63 -35.66 -13.40
CA SER B 272 -16.76 -36.07 -12.56
C SER B 272 -17.84 -36.76 -13.38
N ILE B 273 -17.93 -36.38 -14.66
CA ILE B 273 -18.91 -36.98 -15.56
C ILE B 273 -18.36 -38.25 -16.20
N PHE B 274 -17.07 -38.22 -16.58
CA PHE B 274 -16.44 -39.39 -17.15
C PHE B 274 -16.31 -40.49 -16.12
N ALA B 275 -16.10 -40.09 -14.86
CA ALA B 275 -16.04 -41.03 -13.75
C ALA B 275 -17.39 -41.73 -13.57
N ALA B 276 -18.45 -40.94 -13.52
CA ALA B 276 -19.81 -41.46 -13.38
C ALA B 276 -20.13 -42.45 -14.50
N ILE B 277 -19.70 -42.14 -15.71
CA ILE B 277 -19.93 -43.02 -16.86
C ILE B 277 -19.22 -44.36 -16.66
N LEU B 278 -18.10 -44.34 -15.96
CA LEU B 278 -17.33 -45.56 -15.72
C LEU B 278 -17.96 -46.40 -14.61
N LEU B 279 -18.78 -45.76 -13.76
CA LEU B 279 -19.46 -46.47 -12.68
C LEU B 279 -20.85 -46.96 -13.11
N ILE B 280 -21.61 -46.08 -13.75
CA ILE B 280 -22.93 -46.42 -14.25
C ILE B 280 -22.84 -47.66 -15.15
N ILE B 281 -21.70 -47.80 -15.82
CA ILE B 281 -21.48 -48.87 -16.76
C ILE B 281 -20.96 -50.13 -16.06
N PHE B 282 -20.32 -49.93 -14.91
CA PHE B 282 -19.74 -51.02 -14.13
C PHE B 282 -20.80 -51.71 -13.28
N ALA B 283 -21.69 -50.92 -12.70
CA ALA B 283 -22.77 -51.42 -11.86
C ALA B 283 -23.64 -52.43 -12.59
N HIS B 284 -23.71 -52.28 -13.91
CA HIS B 284 -24.55 -53.10 -14.74
C HIS B 284 -23.94 -54.50 -14.96
N HIS B 285 -22.72 -54.68 -14.48
CA HIS B 285 -21.97 -55.92 -14.71
C HIS B 285 -21.10 -56.34 -13.50
N ARG B 286 -21.35 -55.76 -12.34
CA ARG B 286 -20.48 -55.98 -11.17
C ARG B 286 -20.49 -57.39 -10.56
N GLN B 287 -21.25 -57.60 -9.49
CA GLN B 287 -21.23 -58.87 -8.77
C GLN B 287 -21.83 -60.00 -9.61
N ALA B 288 -22.13 -61.12 -8.96
CA ALA B 288 -22.68 -62.28 -9.65
C ALA B 288 -24.05 -61.96 -10.24
N ASN B 289 -24.58 -62.92 -10.99
CA ASN B 289 -25.87 -62.78 -11.66
C ASN B 289 -26.01 -61.53 -12.54
N GLY B 290 -24.89 -60.85 -12.83
CA GLY B 290 -24.93 -59.71 -13.74
C GLY B 290 -25.97 -58.70 -13.29
N VAL B 291 -26.21 -58.65 -11.99
CA VAL B 291 -27.30 -57.86 -11.42
C VAL B 291 -27.20 -56.36 -11.66
N GLU B 292 -28.35 -55.76 -11.93
CA GLU B 292 -28.45 -54.30 -12.00
C GLU B 292 -28.19 -53.89 -10.56
N ASP B 293 -26.96 -53.49 -10.28
CA ASP B 293 -26.57 -53.20 -8.92
C ASP B 293 -27.18 -51.88 -8.41
N ASP B 294 -28.49 -51.92 -8.12
CA ASP B 294 -29.13 -50.76 -7.50
C ASP B 294 -28.76 -50.73 -6.03
N LEU B 295 -27.97 -51.71 -5.62
CA LEU B 295 -27.40 -51.77 -4.29
C LEU B 295 -26.14 -50.89 -4.26
N LEU B 296 -25.45 -50.83 -5.39
CA LEU B 296 -24.24 -50.00 -5.54
C LEU B 296 -24.58 -48.54 -5.81
N ILE B 297 -25.43 -48.30 -6.80
CA ILE B 297 -25.97 -46.96 -6.99
C ILE B 297 -26.88 -46.72 -5.80
N GLN B 298 -27.20 -45.45 -5.53
CA GLN B 298 -27.96 -45.01 -4.35
C GLN B 298 -26.99 -44.88 -3.18
N ARG B 299 -26.07 -45.84 -3.04
CA ARG B 299 -24.94 -45.66 -2.17
C ARG B 299 -24.07 -44.57 -2.79
N CYS B 300 -24.14 -44.49 -4.12
CA CYS B 300 -23.36 -43.55 -4.92
C CYS B 300 -23.99 -42.16 -5.03
N ARG B 301 -25.26 -42.04 -4.65
CA ARG B 301 -25.99 -40.78 -4.75
C ARG B 301 -25.40 -39.68 -3.87
N LEU B 302 -24.47 -40.06 -2.99
CA LEU B 302 -23.78 -39.09 -2.14
C LEU B 302 -22.29 -39.46 -1.99
N ALA B 303 -21.81 -40.35 -2.86
CA ALA B 303 -20.38 -40.67 -2.91
C ALA B 303 -19.64 -39.66 -3.77
N PHE B 304 -20.27 -39.19 -4.84
CA PHE B 304 -19.69 -38.16 -5.71
C PHE B 304 -19.79 -36.77 -5.09
N PRO B 305 -20.98 -36.40 -4.58
CA PRO B 305 -21.11 -35.11 -3.87
C PRO B 305 -20.10 -34.96 -2.72
N LEU B 306 -19.48 -36.06 -2.30
CA LEU B 306 -18.43 -36.03 -1.29
C LEU B 306 -17.07 -36.30 -1.93
N GLY B 307 -17.05 -37.28 -2.85
CA GLY B 307 -15.82 -37.64 -3.55
C GLY B 307 -15.26 -36.48 -4.35
N PHE B 308 -16.13 -35.74 -5.01
CA PHE B 308 -15.71 -34.56 -5.78
C PHE B 308 -15.29 -33.42 -4.86
N LEU B 309 -16.01 -33.25 -3.76
CA LEU B 309 -15.69 -32.22 -2.78
C LEU B 309 -14.52 -32.65 -1.90
N ALA B 310 -13.97 -33.82 -2.19
CA ALA B 310 -12.79 -34.33 -1.48
C ALA B 310 -11.57 -34.37 -2.38
N ILE B 311 -11.59 -35.27 -3.37
CA ILE B 311 -10.45 -35.43 -4.28
C ILE B 311 -10.17 -34.13 -5.02
N GLY B 312 -11.22 -33.33 -5.21
CA GLY B 312 -11.10 -32.05 -5.88
C GLY B 312 -10.74 -30.92 -4.93
N CYS B 313 -10.88 -31.17 -3.63
CA CYS B 313 -10.63 -30.16 -2.61
C CYS B 313 -9.13 -29.94 -2.39
N VAL B 314 -8.31 -30.83 -2.94
CA VAL B 314 -6.85 -30.74 -2.86
C VAL B 314 -6.30 -29.33 -3.08
N LEU B 315 -6.46 -28.45 -2.09
CA LEU B 315 -5.85 -27.12 -2.14
C LEU B 315 -4.32 -27.18 -2.10
N VAL B 316 -3.72 -27.91 -3.03
CA VAL B 316 -2.27 -28.08 -3.09
C VAL B 316 -1.64 -27.20 -4.16
N ILE B 317 -2.38 -26.95 -5.23
CA ILE B 317 -1.91 -26.13 -6.34
C ILE B 317 -1.66 -24.67 -5.94
N ARG C 10 -5.23 41.60 -15.79
CA ARG C 10 -3.88 41.15 -16.08
C ARG C 10 -3.88 39.84 -16.88
N PRO C 11 -4.61 38.81 -16.40
CA PRO C 11 -4.71 37.57 -17.18
C PRO C 11 -5.43 37.75 -18.51
N VAL C 12 -5.04 36.97 -19.51
CA VAL C 12 -5.62 37.07 -20.85
C VAL C 12 -6.97 36.38 -20.92
N ASP C 13 -7.96 37.04 -21.52
CA ASP C 13 -9.30 36.48 -21.68
C ASP C 13 -9.43 35.65 -22.96
N VAL C 14 -9.80 34.39 -22.78
CA VAL C 14 -9.99 33.47 -23.90
C VAL C 14 -11.43 32.98 -23.97
N SER C 15 -12.11 33.34 -25.05
CA SER C 15 -13.49 32.91 -25.28
C SER C 15 -13.50 31.62 -26.10
N VAL C 16 -14.07 30.56 -25.52
CA VAL C 16 -14.07 29.25 -26.15
C VAL C 16 -15.43 28.90 -26.74
N SER C 17 -15.41 28.20 -27.86
CA SER C 17 -16.62 27.68 -28.50
C SER C 17 -16.35 26.28 -29.04
N ILE C 18 -17.12 25.30 -28.57
CA ILE C 18 -16.93 23.91 -28.95
C ILE C 18 -18.13 23.34 -29.70
N PHE C 19 -17.94 23.07 -30.98
CA PHE C 19 -18.95 22.44 -31.82
C PHE C 19 -18.80 20.92 -31.77
N ILE C 20 -19.89 20.21 -31.47
CA ILE C 20 -19.86 18.75 -31.40
C ILE C 20 -20.61 18.15 -32.60
N ASN C 21 -19.89 17.36 -33.40
CA ASN C 21 -20.43 16.77 -34.62
C ASN C 21 -21.01 15.37 -34.42
N LYS C 22 -20.33 14.56 -33.63
CA LYS C 22 -20.66 13.14 -33.53
C LYS C 22 -20.02 12.52 -32.28
N ILE C 23 -20.83 11.84 -31.48
CA ILE C 23 -20.33 11.06 -30.36
C ILE C 23 -20.61 9.59 -30.65
N TYR C 24 -19.58 8.76 -30.55
CA TYR C 24 -19.70 7.36 -30.92
C TYR C 24 -18.57 6.51 -30.35
N GLY C 25 -18.61 5.21 -30.64
CA GLY C 25 -17.54 4.30 -30.27
C GLY C 25 -17.33 4.17 -28.78
N VAL C 26 -18.42 3.93 -28.04
CA VAL C 26 -18.31 3.75 -26.60
C VAL C 26 -17.59 2.45 -26.28
N ASN C 27 -16.50 2.55 -25.54
CA ASN C 27 -15.78 1.38 -25.03
C ASN C 27 -16.12 1.16 -23.57
N THR C 28 -16.82 0.08 -23.27
CA THR C 28 -17.33 -0.16 -21.94
C THR C 28 -16.25 -0.50 -20.93
N LEU C 29 -15.26 -1.30 -21.34
CA LEU C 29 -14.19 -1.70 -20.44
C LEU C 29 -13.24 -0.55 -20.13
N GLU C 30 -12.83 0.18 -21.16
CA GLU C 30 -11.90 1.29 -20.99
C GLU C 30 -12.63 2.52 -20.44
N GLN C 31 -13.96 2.49 -20.48
CA GLN C 31 -14.78 3.64 -20.10
C GLN C 31 -14.35 4.87 -20.90
N THR C 32 -14.50 4.78 -22.22
CA THR C 32 -14.15 5.87 -23.12
C THR C 32 -15.18 6.03 -24.22
N TYR C 33 -15.01 7.07 -25.03
CA TYR C 33 -15.92 7.36 -26.12
C TYR C 33 -15.27 8.37 -27.04
N LYS C 34 -15.59 8.30 -28.33
CA LYS C 34 -14.98 9.18 -29.33
C LYS C 34 -15.85 10.41 -29.60
N VAL C 35 -15.19 11.54 -29.83
CA VAL C 35 -15.87 12.80 -30.09
C VAL C 35 -15.24 13.55 -31.25
N ASP C 36 -16.03 13.76 -32.30
CA ASP C 36 -15.64 14.56 -33.45
C ASP C 36 -16.28 15.94 -33.35
N GLY C 37 -15.51 16.98 -33.62
CA GLY C 37 -16.03 18.33 -33.59
C GLY C 37 -14.97 19.39 -33.81
N TYR C 38 -15.39 20.66 -33.75
CA TYR C 38 -14.48 21.77 -33.89
C TYR C 38 -14.28 22.44 -32.54
N ILE C 39 -13.16 23.16 -32.40
CA ILE C 39 -12.91 23.97 -31.22
C ILE C 39 -12.47 25.36 -31.68
N VAL C 40 -13.03 26.38 -31.05
CA VAL C 40 -12.71 27.75 -31.39
C VAL C 40 -12.29 28.53 -30.16
N ALA C 41 -11.15 29.22 -30.28
CA ALA C 41 -10.62 30.02 -29.18
C ALA C 41 -10.36 31.44 -29.66
N GLN C 42 -10.93 32.41 -28.94
CA GLN C 42 -10.80 33.82 -29.28
C GLN C 42 -10.25 34.61 -28.11
N TRP C 43 -9.20 35.38 -28.38
CA TRP C 43 -8.61 36.26 -27.38
C TRP C 43 -8.13 37.52 -28.10
N THR C 44 -7.73 38.53 -27.34
CA THR C 44 -7.26 39.78 -27.92
C THR C 44 -5.88 40.17 -27.40
N GLY C 45 -5.04 40.70 -28.28
CA GLY C 45 -3.70 41.11 -27.90
C GLY C 45 -3.30 42.41 -28.59
N LYS C 46 -2.01 42.61 -28.80
CA LYS C 46 -1.53 43.85 -29.41
C LYS C 46 -2.03 43.98 -30.84
N PRO C 47 -2.63 45.14 -31.20
CA PRO C 47 -3.06 45.40 -32.58
C PRO C 47 -1.98 45.18 -33.62
N ARG C 48 -2.40 45.01 -34.86
CA ARG C 48 -1.50 44.60 -35.94
C ARG C 48 -1.96 45.18 -37.27
N LYS C 49 -1.00 45.56 -38.11
CA LYS C 49 -1.30 46.02 -39.44
C LYS C 49 -1.33 44.80 -40.37
N THR C 50 -2.48 44.59 -41.00
CA THR C 50 -2.73 43.40 -41.82
C THR C 50 -2.83 43.78 -43.30
N PRO C 51 -2.50 42.84 -44.20
CA PRO C 51 -2.62 43.10 -45.63
C PRO C 51 -3.98 43.68 -45.98
N GLY C 52 -3.96 44.87 -46.57
CA GLY C 52 -5.18 45.60 -46.81
C GLY C 52 -5.68 46.06 -45.45
N ASP C 53 -6.85 45.58 -45.07
CA ASP C 53 -7.41 45.86 -43.76
C ASP C 53 -8.36 44.75 -43.32
N LYS C 54 -8.50 43.73 -44.18
CA LYS C 54 -9.29 42.56 -43.86
C LYS C 54 -8.51 41.63 -42.94
N PRO C 55 -9.22 40.81 -42.16
CA PRO C 55 -8.53 39.85 -41.30
C PRO C 55 -7.67 38.90 -42.12
N LEU C 56 -6.49 38.55 -41.60
CA LEU C 56 -5.59 37.66 -42.32
C LEU C 56 -5.84 36.22 -41.89
N ILE C 57 -5.87 35.33 -42.87
CA ILE C 57 -6.09 33.91 -42.62
C ILE C 57 -4.78 33.13 -42.75
N VAL C 58 -4.52 32.27 -41.77
CA VAL C 58 -3.33 31.44 -41.74
C VAL C 58 -3.75 29.99 -41.48
N GLU C 59 -3.44 29.13 -42.44
CA GLU C 59 -3.92 27.74 -42.41
C GLU C 59 -2.82 26.72 -42.17
N ASN C 60 -3.06 25.82 -41.22
CA ASN C 60 -2.24 24.64 -41.00
C ASN C 60 -0.75 24.93 -40.81
N THR C 61 0.07 24.53 -41.78
CA THR C 61 1.53 24.57 -41.64
C THR C 61 2.04 26.00 -41.47
N GLN C 62 1.26 26.97 -41.92
CA GLN C 62 1.67 28.35 -41.85
C GLN C 62 1.56 28.89 -40.42
N ILE C 63 0.65 28.32 -39.63
CA ILE C 63 0.48 28.71 -38.25
C ILE C 63 1.77 28.41 -37.48
N GLU C 64 2.44 27.32 -37.84
CA GLU C 64 3.67 26.93 -37.18
C GLU C 64 4.74 28.01 -37.34
N ARG C 65 4.83 28.58 -38.54
CA ARG C 65 5.82 29.62 -38.81
C ARG C 65 5.57 30.89 -38.00
N TRP C 66 4.30 31.28 -37.88
CA TRP C 66 3.94 32.48 -37.14
C TRP C 66 4.32 32.36 -35.67
N ILE C 67 4.22 31.16 -35.12
CA ILE C 67 4.57 30.91 -33.73
C ILE C 67 6.09 31.04 -33.52
N ASN C 68 6.87 30.64 -34.51
CA ASN C 68 8.33 30.72 -34.39
C ASN C 68 8.81 32.18 -34.36
N ASN C 69 8.10 33.04 -35.07
CA ASN C 69 8.43 34.47 -35.07
C ASN C 69 7.91 35.15 -33.82
N GLY C 70 7.29 34.39 -32.93
CA GLY C 70 6.89 34.89 -31.63
C GLY C 70 5.42 35.20 -31.45
N LEU C 71 4.55 34.61 -32.27
CA LEU C 71 3.12 34.78 -32.07
C LEU C 71 2.68 33.89 -30.92
N TRP C 72 1.89 34.46 -30.01
CA TRP C 72 1.41 33.74 -28.85
C TRP C 72 0.15 32.93 -29.15
N VAL C 73 0.27 31.62 -29.10
CA VAL C 73 -0.86 30.72 -29.26
C VAL C 73 -0.85 29.68 -28.13
N PRO C 74 -1.74 29.85 -27.14
CA PRO C 74 -1.66 28.93 -25.99
C PRO C 74 -2.11 27.51 -26.32
N ALA C 75 -1.46 26.57 -25.65
CA ALA C 75 -1.64 25.14 -25.89
C ALA C 75 -2.80 24.50 -25.12
N LEU C 76 -4.03 24.95 -25.35
CA LEU C 76 -5.17 24.36 -24.64
C LEU C 76 -5.24 22.84 -24.84
N GLU C 77 -5.30 22.12 -23.72
CA GLU C 77 -5.28 20.66 -23.70
C GLU C 77 -6.61 20.10 -23.24
N PHE C 78 -7.04 19.02 -23.89
CA PHE C 78 -8.18 18.24 -23.42
C PHE C 78 -7.72 17.37 -22.26
N ILE C 79 -8.17 17.70 -21.05
CA ILE C 79 -7.72 16.97 -19.86
C ILE C 79 -8.04 15.48 -19.91
N ASN C 80 -9.25 15.15 -20.35
CA ASN C 80 -9.73 13.79 -20.26
C ASN C 80 -9.63 13.01 -21.57
N VAL C 81 -8.78 13.47 -22.47
CA VAL C 81 -8.53 12.74 -23.71
C VAL C 81 -7.53 11.61 -23.46
N VAL C 82 -7.67 10.52 -24.19
CA VAL C 82 -6.77 9.37 -24.07
C VAL C 82 -5.89 9.28 -25.31
N GLY C 83 -4.67 9.78 -25.19
CA GLY C 83 -3.75 9.85 -26.31
C GLY C 83 -4.00 11.13 -27.10
N SER C 84 -2.97 11.61 -27.79
CA SER C 84 -3.10 12.85 -28.55
C SER C 84 -4.17 12.73 -29.64
N PRO C 85 -5.14 13.67 -29.64
CA PRO C 85 -6.23 13.58 -30.62
C PRO C 85 -5.79 13.91 -32.05
N ASP C 86 -6.53 13.41 -33.02
CA ASP C 86 -6.24 13.67 -34.43
C ASP C 86 -6.74 15.05 -34.82
N THR C 87 -5.81 15.98 -34.94
CA THR C 87 -6.14 17.35 -35.32
C THR C 87 -6.16 17.47 -36.83
N GLY C 88 -7.31 17.86 -37.37
CA GLY C 88 -7.45 18.05 -38.81
C GLY C 88 -6.86 19.37 -39.26
N ASN C 89 -7.68 20.21 -39.88
CA ASN C 89 -7.22 21.51 -40.34
C ASN C 89 -7.14 22.54 -39.21
N LYS C 90 -6.09 23.34 -39.23
CA LYS C 90 -5.90 24.43 -38.28
C LYS C 90 -6.11 25.75 -38.98
N ARG C 91 -6.52 26.78 -38.24
CA ARG C 91 -6.73 28.10 -38.82
C ARG C 91 -6.53 29.21 -37.79
N LEU C 92 -5.77 30.21 -38.19
CA LEU C 92 -5.66 31.45 -37.44
C LEU C 92 -6.26 32.58 -38.26
N MET C 93 -7.22 33.29 -37.67
CA MET C 93 -7.80 34.48 -38.30
C MET C 93 -7.30 35.70 -37.52
N LEU C 94 -6.27 36.35 -38.07
CA LEU C 94 -5.64 37.48 -37.39
C LEU C 94 -6.33 38.78 -37.76
N PHE C 95 -7.03 39.36 -36.80
CA PHE C 95 -7.72 40.63 -37.04
C PHE C 95 -6.76 41.80 -36.83
N PRO C 96 -7.01 42.92 -37.50
CA PRO C 96 -6.15 44.10 -37.39
C PRO C 96 -6.30 44.80 -36.05
N ASP C 97 -7.48 44.69 -35.45
CA ASP C 97 -7.76 45.35 -34.18
C ASP C 97 -7.19 44.58 -33.00
N GLY C 98 -6.35 43.58 -33.28
CA GLY C 98 -5.60 42.91 -32.24
C GLY C 98 -6.07 41.51 -31.89
N ARG C 99 -7.35 41.23 -32.09
CA ARG C 99 -8.00 39.99 -31.63
C ARG C 99 -7.20 38.69 -31.86
N VAL C 100 -7.51 37.97 -32.94
CA VAL C 100 -6.99 36.62 -33.28
C VAL C 100 -7.99 35.54 -32.86
N ILE C 101 -8.25 34.62 -33.79
CA ILE C 101 -9.17 33.49 -33.56
C ILE C 101 -8.53 32.19 -34.04
N TYR C 102 -8.33 31.26 -33.11
CA TYR C 102 -7.83 29.92 -33.46
C TYR C 102 -9.00 28.96 -33.63
N ASN C 103 -9.05 28.30 -34.78
CA ASN C 103 -10.11 27.36 -35.11
C ASN C 103 -9.50 26.04 -35.61
N ALA C 104 -9.90 24.92 -35.00
CA ALA C 104 -9.34 23.63 -35.39
C ALA C 104 -10.34 22.48 -35.26
N ARG C 105 -10.22 21.53 -36.19
CA ARG C 105 -11.02 20.31 -36.18
C ARG C 105 -10.29 19.25 -35.38
N PHE C 106 -11.04 18.43 -34.65
CA PHE C 106 -10.43 17.43 -33.79
C PHE C 106 -11.26 16.15 -33.70
N LEU C 107 -10.56 15.04 -33.52
CA LEU C 107 -11.20 13.77 -33.20
C LEU C 107 -10.36 13.04 -32.16
N GLY C 108 -10.93 12.81 -30.99
CA GLY C 108 -10.20 12.19 -29.90
C GLY C 108 -11.05 11.28 -29.04
N SER C 109 -10.39 10.34 -28.37
CA SER C 109 -11.05 9.43 -27.44
C SER C 109 -10.97 9.98 -26.04
N PHE C 110 -12.13 10.29 -25.46
CA PHE C 110 -12.21 10.92 -24.15
C PHE C 110 -12.61 9.92 -23.08
N SER C 111 -12.19 10.20 -21.85
CA SER C 111 -12.44 9.31 -20.72
C SER C 111 -13.37 9.95 -19.70
N ASN C 112 -14.16 9.12 -19.04
CA ASN C 112 -15.05 9.56 -17.98
C ASN C 112 -15.52 8.37 -17.16
N ASP C 113 -16.02 8.63 -15.96
CA ASP C 113 -16.59 7.56 -15.15
C ASP C 113 -17.91 7.16 -15.79
N MET C 114 -18.07 5.86 -16.03
CA MET C 114 -19.26 5.34 -16.69
C MET C 114 -19.77 4.11 -15.96
N ASP C 115 -21.01 4.20 -15.47
CA ASP C 115 -21.63 3.13 -14.71
C ASP C 115 -22.61 2.35 -15.58
N PHE C 116 -22.22 1.13 -15.94
CA PHE C 116 -23.04 0.27 -16.79
C PHE C 116 -23.69 -0.84 -15.95
N ARG C 117 -23.86 -0.60 -14.67
CA ARG C 117 -24.39 -1.61 -13.76
C ARG C 117 -25.86 -1.85 -14.06
N LEU C 118 -26.51 -0.86 -14.68
CA LEU C 118 -27.91 -0.99 -15.02
C LEU C 118 -27.94 -1.77 -16.34
N PHE C 119 -28.09 -1.06 -17.45
CA PHE C 119 -28.07 -1.64 -18.79
C PHE C 119 -29.20 -2.65 -19.03
N PRO C 120 -29.83 -2.60 -20.22
CA PRO C 120 -29.57 -1.66 -21.31
C PRO C 120 -30.26 -0.32 -21.05
N PHE C 121 -30.66 -0.11 -19.81
CA PHE C 121 -31.36 1.10 -19.39
C PHE C 121 -30.43 2.01 -18.58
N ASP C 122 -29.17 2.06 -18.97
CA ASP C 122 -28.18 2.84 -18.23
C ASP C 122 -28.12 4.25 -18.81
N ARG C 123 -27.73 5.20 -17.97
CA ARG C 123 -27.59 6.59 -18.40
C ARG C 123 -26.14 7.02 -18.26
N GLN C 124 -25.65 7.74 -19.28
CA GLN C 124 -24.26 8.21 -19.29
C GLN C 124 -24.22 9.68 -19.66
N GLN C 125 -23.13 10.35 -19.29
CA GLN C 125 -22.91 11.72 -19.74
C GLN C 125 -21.52 11.85 -20.36
N PHE C 126 -21.49 12.22 -21.64
CA PHE C 126 -20.23 12.39 -22.35
C PHE C 126 -19.63 13.74 -22.01
N VAL C 127 -18.45 13.71 -21.41
CA VAL C 127 -17.81 14.92 -20.86
C VAL C 127 -16.53 15.32 -21.58
N LEU C 128 -16.40 16.62 -21.83
CA LEU C 128 -15.16 17.22 -22.28
C LEU C 128 -14.63 18.17 -21.21
N GLU C 129 -13.31 18.15 -20.99
CA GLU C 129 -12.66 19.04 -20.02
C GLU C 129 -11.46 19.73 -20.66
N LEU C 130 -11.56 21.05 -20.79
CA LEU C 130 -10.55 21.85 -21.47
C LEU C 130 -9.82 22.73 -20.47
N GLU C 131 -8.50 22.83 -20.62
CA GLU C 131 -7.68 23.60 -19.69
C GLU C 131 -6.32 23.92 -20.32
N PRO C 132 -5.79 25.13 -20.04
CA PRO C 132 -4.46 25.48 -20.55
C PRO C 132 -3.36 24.58 -19.98
N PHE C 133 -2.33 24.32 -20.77
CA PHE C 133 -1.29 23.36 -20.40
C PHE C 133 -0.19 23.99 -19.54
N SER C 134 0.08 25.28 -19.76
CA SER C 134 1.21 25.95 -19.13
C SER C 134 0.80 27.17 -18.30
N TYR C 135 -0.24 27.88 -18.76
CA TYR C 135 -0.59 29.17 -18.19
C TYR C 135 -1.67 29.07 -17.11
N ASN C 136 -1.36 29.59 -15.93
CA ASN C 136 -2.29 29.57 -14.79
C ASN C 136 -3.40 30.61 -14.99
N ASN C 137 -4.25 30.77 -13.98
CA ASN C 137 -5.39 31.68 -14.10
C ASN C 137 -4.99 33.16 -14.04
N GLN C 138 -3.82 33.44 -13.50
CA GLN C 138 -3.31 34.81 -13.46
C GLN C 138 -2.62 35.14 -14.77
N GLN C 139 -2.44 34.13 -15.62
CA GLN C 139 -1.84 34.32 -16.94
C GLN C 139 -2.89 34.16 -18.05
N LEU C 140 -3.69 33.11 -17.94
CA LEU C 140 -4.74 32.82 -18.94
C LEU C 140 -6.05 32.37 -18.28
N ARG C 141 -7.13 33.07 -18.60
CA ARG C 141 -8.44 32.77 -18.01
C ARG C 141 -9.49 32.55 -19.10
N PHE C 142 -10.34 31.55 -18.91
CA PHE C 142 -11.46 31.30 -19.82
C PHE C 142 -12.61 32.24 -19.49
N SER C 143 -12.91 33.13 -20.43
CA SER C 143 -13.97 34.12 -20.23
C SER C 143 -15.36 33.49 -20.24
N ASP C 144 -15.66 32.73 -21.29
CA ASP C 144 -16.95 32.08 -21.43
C ASP C 144 -16.82 30.85 -22.33
N ILE C 145 -17.84 30.01 -22.30
CA ILE C 145 -17.85 28.78 -23.09
C ILE C 145 -19.20 28.58 -23.76
N GLN C 146 -19.18 28.45 -25.08
CA GLN C 146 -20.38 28.16 -25.86
C GLN C 146 -20.28 26.76 -26.46
N VAL C 147 -21.37 26.00 -26.38
CA VAL C 147 -21.38 24.64 -26.92
C VAL C 147 -22.57 24.43 -27.83
N TYR C 148 -22.26 24.08 -29.08
CA TYR C 148 -23.26 23.89 -30.13
C TYR C 148 -23.29 22.44 -30.60
N THR C 149 -24.48 21.83 -30.59
CA THR C 149 -24.65 20.45 -31.03
C THR C 149 -25.71 20.34 -32.13
N GLU C 150 -25.62 19.30 -32.95
CA GLU C 150 -26.61 19.10 -34.02
C GLU C 150 -27.88 18.44 -33.50
N ASN C 151 -29.01 18.85 -34.06
CA ASN C 151 -30.32 18.31 -33.69
C ASN C 151 -30.69 16.99 -34.37
N ILE C 152 -30.50 15.87 -33.68
CA ILE C 152 -30.87 14.56 -34.21
C ILE C 152 -32.40 14.44 -34.21
N ASP C 153 -33.00 14.47 -35.40
CA ASP C 153 -34.44 14.40 -35.54
C ASP C 153 -34.88 12.97 -35.79
N ASN C 154 -34.08 12.22 -36.54
CA ASN C 154 -34.33 10.80 -36.73
C ASN C 154 -33.38 10.05 -35.79
N GLU C 155 -33.68 10.16 -34.50
CA GLU C 155 -32.87 9.56 -33.44
C GLU C 155 -33.15 8.08 -33.26
N GLU C 156 -34.23 7.61 -33.88
CA GLU C 156 -34.71 6.26 -33.67
C GLU C 156 -33.68 5.25 -34.16
N ILE C 157 -32.86 5.66 -35.13
CA ILE C 157 -31.85 4.79 -35.72
C ILE C 157 -30.47 4.91 -35.07
N ASP C 158 -30.31 5.87 -34.16
CA ASP C 158 -29.06 6.02 -33.41
C ASP C 158 -29.05 5.14 -32.17
N GLU C 159 -27.85 4.75 -31.73
CA GLU C 159 -27.70 3.92 -30.53
C GLU C 159 -27.97 4.72 -29.26
N TRP C 160 -27.56 5.99 -29.26
CA TRP C 160 -27.71 6.85 -28.10
C TRP C 160 -28.61 8.05 -28.38
N TRP C 161 -29.56 8.30 -27.49
CA TRP C 161 -30.42 9.47 -27.57
C TRP C 161 -29.94 10.56 -26.62
N ILE C 162 -29.50 11.69 -27.18
CA ILE C 162 -29.07 12.80 -26.35
C ILE C 162 -30.30 13.52 -25.80
N ARG C 163 -30.41 13.54 -24.48
CA ARG C 163 -31.60 14.10 -23.82
C ARG C 163 -31.35 15.47 -23.21
N GLY C 164 -31.18 16.46 -24.09
CA GLY C 164 -31.00 17.85 -23.69
C GLY C 164 -29.70 18.44 -24.19
N LYS C 165 -29.63 19.75 -24.23
CA LYS C 165 -28.42 20.45 -24.66
C LYS C 165 -27.30 20.38 -23.63
N ALA C 166 -26.09 20.67 -24.09
CA ALA C 166 -24.89 20.57 -23.27
C ALA C 166 -24.87 21.61 -22.15
N SER C 167 -24.45 21.17 -20.97
CA SER C 167 -24.27 22.08 -19.84
C SER C 167 -22.79 22.44 -19.74
N THR C 168 -22.50 23.74 -19.63
CA THR C 168 -21.12 24.20 -19.55
C THR C 168 -20.82 24.76 -18.17
N HIS C 169 -19.54 24.81 -17.82
CA HIS C 169 -19.12 25.30 -16.51
C HIS C 169 -17.63 25.62 -16.45
N ILE C 170 -17.29 26.90 -16.40
CA ILE C 170 -15.91 27.32 -16.20
C ILE C 170 -15.62 27.32 -14.70
N SER C 171 -14.42 26.88 -14.33
CA SER C 171 -14.03 26.76 -12.93
C SER C 171 -12.52 26.92 -12.77
N ASP C 172 -12.06 26.80 -11.53
CA ASP C 172 -10.64 26.94 -11.20
C ASP C 172 -10.12 25.68 -10.51
N ILE C 173 -8.92 25.25 -10.91
CA ILE C 173 -8.33 24.00 -10.41
C ILE C 173 -7.04 24.24 -9.65
N ARG C 174 -7.05 23.92 -8.35
CA ARG C 174 -5.85 24.04 -7.52
C ARG C 174 -4.99 22.77 -7.61
N TYR C 175 -3.81 22.89 -8.21
CA TYR C 175 -2.85 21.80 -8.22
C TYR C 175 -1.84 21.95 -7.06
N ASP C 176 -1.99 21.12 -6.05
CA ASP C 176 -1.18 21.20 -4.82
C ASP C 176 0.31 20.95 -5.06
N HIS C 177 0.64 19.83 -5.71
CA HIS C 177 2.04 19.42 -5.87
C HIS C 177 2.68 20.05 -7.11
N LEU C 178 3.18 21.27 -6.92
CA LEU C 178 3.76 22.07 -7.98
C LEU C 178 5.22 22.34 -7.62
N SER C 179 5.99 22.94 -8.52
CA SER C 179 7.43 23.12 -8.29
C SER C 179 7.66 24.50 -7.67
N SER C 180 7.21 25.55 -8.35
CA SER C 180 7.27 26.88 -7.79
C SER C 180 5.97 26.97 -7.02
N VAL C 181 5.71 28.08 -6.33
CA VAL C 181 4.42 28.22 -5.63
C VAL C 181 3.77 29.57 -5.85
N GLN C 182 4.48 30.65 -5.50
CA GLN C 182 3.91 32.01 -5.40
C GLN C 182 2.38 31.99 -5.29
N PRO C 183 1.85 32.06 -4.05
CA PRO C 183 0.43 31.79 -3.72
C PRO C 183 -0.65 32.20 -4.72
N ASN C 184 -0.29 32.82 -5.84
CA ASN C 184 -1.24 33.13 -6.90
C ASN C 184 -0.81 32.55 -8.25
N GLN C 185 0.06 31.54 -8.22
CA GLN C 185 0.53 30.89 -9.45
C GLN C 185 0.22 29.39 -9.54
N ASN C 186 -0.71 28.89 -8.72
CA ASN C 186 -0.99 27.45 -8.67
C ASN C 186 -2.44 27.06 -9.05
N GLU C 187 -3.16 27.97 -9.70
CA GLU C 187 -4.56 27.72 -10.10
C GLU C 187 -4.75 27.83 -11.61
N PHE C 188 -5.58 26.94 -12.17
CA PHE C 188 -5.81 26.89 -13.62
C PHE C 188 -7.30 26.94 -13.98
N SER C 189 -7.61 27.72 -15.00
CA SER C 189 -8.98 27.86 -15.51
C SER C 189 -9.40 26.63 -16.34
N ARG C 190 -10.51 26.00 -15.96
CA ARG C 190 -10.97 24.80 -16.65
C ARG C 190 -12.43 24.88 -17.11
N ILE C 191 -12.63 24.73 -18.42
CA ILE C 191 -13.95 24.51 -18.99
C ILE C 191 -14.36 23.05 -18.81
N THR C 192 -15.65 22.84 -18.53
CA THR C 192 -16.18 21.49 -18.36
C THR C 192 -17.54 21.37 -19.04
N VAL C 193 -17.59 20.59 -20.12
CA VAL C 193 -18.81 20.40 -20.88
C VAL C 193 -19.38 19.03 -20.60
N ARG C 194 -20.71 18.95 -20.50
CA ARG C 194 -21.39 17.68 -20.26
C ARG C 194 -22.53 17.50 -21.24
N ILE C 195 -22.76 16.25 -21.65
CA ILE C 195 -23.87 15.92 -22.54
C ILE C 195 -24.50 14.62 -22.06
N ASP C 196 -25.63 14.74 -21.37
CA ASP C 196 -26.33 13.58 -20.85
C ASP C 196 -26.98 12.77 -21.97
N ALA C 197 -27.00 11.45 -21.81
CA ALA C 197 -27.55 10.57 -22.83
C ALA C 197 -28.01 9.22 -22.25
N VAL C 198 -28.93 8.58 -22.94
CA VAL C 198 -29.45 7.28 -22.55
C VAL C 198 -29.30 6.28 -23.70
N ARG C 199 -29.13 5.01 -23.37
CA ARG C 199 -28.93 3.98 -24.38
C ARG C 199 -30.28 3.55 -24.97
N ASN C 200 -30.30 3.32 -26.28
CA ASN C 200 -31.49 2.84 -26.96
C ASN C 200 -31.76 1.37 -26.60
N PRO C 201 -32.73 1.12 -25.70
CA PRO C 201 -32.87 -0.24 -25.17
C PRO C 201 -33.71 -1.18 -26.04
N SER C 202 -34.09 -0.73 -27.23
CA SER C 202 -34.97 -1.51 -28.11
C SER C 202 -34.40 -2.89 -28.41
N TYR C 203 -33.26 -2.91 -29.10
CA TYR C 203 -32.64 -4.16 -29.55
C TYR C 203 -32.43 -5.16 -28.41
N TYR C 204 -32.03 -4.65 -27.26
CA TYR C 204 -31.68 -5.50 -26.13
C TYR C 204 -32.93 -6.09 -25.46
N LEU C 205 -34.06 -5.39 -25.58
CA LEU C 205 -35.31 -5.87 -25.01
C LEU C 205 -35.92 -7.02 -25.80
N TRP C 206 -35.97 -6.86 -27.12
CA TRP C 206 -36.70 -7.78 -27.97
C TRP C 206 -35.87 -9.02 -28.36
N SER C 207 -34.56 -8.85 -28.44
CA SER C 207 -33.69 -9.91 -28.95
C SER C 207 -32.89 -10.62 -27.85
N PHE C 208 -32.96 -10.11 -26.62
CA PHE C 208 -32.23 -10.70 -25.50
C PHE C 208 -33.13 -10.91 -24.28
N ILE C 209 -33.73 -9.82 -23.79
CA ILE C 209 -34.56 -9.88 -22.58
C ILE C 209 -35.78 -10.79 -22.78
N LEU C 210 -36.50 -10.57 -23.87
CA LEU C 210 -37.79 -11.25 -24.07
C LEU C 210 -37.61 -12.75 -24.29
N PRO C 211 -36.76 -13.16 -25.25
CA PRO C 211 -36.57 -14.61 -25.44
C PRO C 211 -36.14 -15.30 -24.16
N LEU C 212 -35.33 -14.62 -23.36
CA LEU C 212 -34.86 -15.18 -22.11
C LEU C 212 -36.03 -15.41 -21.16
N GLY C 213 -37.01 -14.51 -21.22
CA GLY C 213 -38.22 -14.66 -20.44
C GLY C 213 -39.00 -15.88 -20.89
N LEU C 214 -39.18 -15.99 -22.20
CA LEU C 214 -39.89 -17.13 -22.79
C LEU C 214 -39.19 -18.44 -22.44
N ILE C 215 -37.87 -18.44 -22.49
CA ILE C 215 -37.08 -19.62 -22.18
C ILE C 215 -37.18 -19.95 -20.69
N ILE C 216 -37.09 -18.92 -19.86
CA ILE C 216 -37.24 -19.12 -18.42
C ILE C 216 -38.66 -19.55 -18.11
N ALA C 217 -39.63 -18.99 -18.83
CA ALA C 217 -41.03 -19.37 -18.64
C ALA C 217 -41.23 -20.82 -19.05
N ALA C 218 -40.82 -21.14 -20.27
CA ALA C 218 -40.99 -22.48 -20.80
C ALA C 218 -40.21 -23.52 -19.98
N SER C 219 -39.24 -23.05 -19.22
CA SER C 219 -38.47 -23.95 -18.35
C SER C 219 -39.34 -24.50 -17.24
N TRP C 220 -40.38 -23.74 -16.88
CA TRP C 220 -41.28 -24.15 -15.80
C TRP C 220 -42.22 -25.26 -16.23
N SER C 221 -42.43 -25.38 -17.55
CA SER C 221 -43.35 -26.37 -18.08
C SER C 221 -42.77 -27.78 -17.99
N VAL C 222 -41.61 -27.92 -17.36
CA VAL C 222 -41.01 -29.24 -17.13
C VAL C 222 -41.82 -30.07 -16.14
N PHE C 223 -42.43 -29.39 -15.16
CA PHE C 223 -43.16 -30.07 -14.10
C PHE C 223 -44.39 -30.81 -14.63
N TRP C 224 -44.84 -30.41 -15.82
CA TRP C 224 -46.07 -30.95 -16.37
C TRP C 224 -45.85 -32.27 -17.12
N LEU C 225 -44.62 -32.79 -17.08
CA LEU C 225 -44.32 -34.10 -17.65
C LEU C 225 -44.78 -35.19 -16.68
N GLU C 226 -45.26 -36.30 -17.24
CA GLU C 226 -45.90 -37.35 -16.45
C GLU C 226 -44.93 -38.20 -15.64
N SER C 227 -43.98 -38.84 -16.32
CA SER C 227 -43.05 -39.75 -15.67
C SER C 227 -42.03 -38.98 -14.84
N PHE C 228 -41.29 -39.69 -14.00
CA PHE C 228 -40.22 -39.07 -13.23
C PHE C 228 -39.00 -38.95 -14.13
N SER C 229 -38.77 -40.00 -14.92
CA SER C 229 -37.67 -40.01 -15.87
C SER C 229 -37.81 -38.87 -16.88
N GLU C 230 -39.03 -38.63 -17.31
CA GLU C 230 -39.31 -37.55 -18.26
C GLU C 230 -38.95 -36.19 -17.66
N ARG C 231 -39.31 -35.99 -16.40
CA ARG C 231 -39.15 -34.69 -15.75
C ARG C 231 -37.68 -34.35 -15.51
N LEU C 232 -36.90 -35.33 -15.07
CA LEU C 232 -35.51 -35.10 -14.72
C LEU C 232 -34.62 -34.99 -15.95
N GLN C 233 -34.83 -35.87 -16.94
CA GLN C 233 -34.03 -35.85 -18.16
C GLN C 233 -34.25 -34.55 -18.94
N THR C 234 -35.45 -33.98 -18.82
CA THR C 234 -35.78 -32.75 -19.52
C THR C 234 -35.03 -31.56 -18.92
N SER C 235 -34.81 -31.61 -17.61
CA SER C 235 -34.14 -30.51 -16.92
C SER C 235 -32.71 -30.33 -17.41
N PHE C 236 -32.10 -31.41 -17.87
CA PHE C 236 -30.72 -31.35 -18.35
C PHE C 236 -30.62 -30.69 -19.72
N THR C 237 -31.69 -30.79 -20.51
CA THR C 237 -31.75 -30.12 -21.81
C THR C 237 -32.01 -28.64 -21.60
N LEU C 238 -32.83 -28.32 -20.59
CA LEU C 238 -33.10 -26.93 -20.25
C LEU C 238 -31.81 -26.27 -19.74
N MET C 239 -31.06 -27.01 -18.94
CA MET C 239 -29.79 -26.51 -18.42
C MET C 239 -28.88 -26.14 -19.57
N LEU C 240 -28.83 -27.01 -20.57
CA LEU C 240 -28.02 -26.79 -21.77
C LEU C 240 -28.44 -25.51 -22.48
N THR C 241 -29.74 -25.21 -22.49
CA THR C 241 -30.26 -24.05 -23.19
C THR C 241 -29.79 -22.75 -22.55
N VAL C 242 -29.75 -22.72 -21.23
CA VAL C 242 -29.30 -21.53 -20.50
C VAL C 242 -27.82 -21.27 -20.74
N VAL C 243 -27.01 -22.32 -20.76
CA VAL C 243 -25.58 -22.18 -21.05
C VAL C 243 -25.40 -21.62 -22.45
N ALA C 244 -26.18 -22.13 -23.39
CA ALA C 244 -26.14 -21.66 -24.76
C ALA C 244 -26.57 -20.20 -24.85
N TYR C 245 -27.52 -19.81 -24.02
CA TYR C 245 -28.05 -18.45 -24.06
C TYR C 245 -27.11 -17.48 -23.34
N ALA C 246 -26.38 -17.98 -22.34
CA ALA C 246 -25.39 -17.17 -21.66
C ALA C 246 -24.23 -16.89 -22.60
N PHE C 247 -23.91 -17.86 -23.44
CA PHE C 247 -22.84 -17.73 -24.42
C PHE C 247 -23.29 -16.77 -25.51
N TYR C 248 -24.55 -16.89 -25.89
CA TYR C 248 -25.16 -16.03 -26.90
C TYR C 248 -25.10 -14.55 -26.48
N THR C 249 -25.51 -14.26 -25.26
CA THR C 249 -25.53 -12.88 -24.78
C THR C 249 -24.13 -12.32 -24.57
N SER C 250 -23.33 -13.01 -23.76
CA SER C 250 -22.01 -12.52 -23.37
C SER C 250 -21.10 -12.25 -24.55
N ASN C 251 -21.31 -12.98 -25.64
CA ASN C 251 -20.46 -12.82 -26.82
C ASN C 251 -20.80 -11.55 -27.61
N ILE C 252 -22.07 -11.17 -27.61
CA ILE C 252 -22.52 -10.00 -28.36
C ILE C 252 -22.66 -8.78 -27.44
N LEU C 253 -23.11 -8.99 -26.21
CA LEU C 253 -23.28 -7.89 -25.26
C LEU C 253 -21.92 -7.31 -24.85
N PRO C 254 -21.91 -6.03 -24.44
CA PRO C 254 -20.65 -5.38 -24.07
C PRO C 254 -20.03 -6.00 -22.83
N ARG C 255 -18.73 -6.25 -22.88
CA ARG C 255 -18.02 -6.85 -21.76
C ARG C 255 -17.83 -5.85 -20.63
N LEU C 256 -18.05 -6.32 -19.40
CA LEU C 256 -17.97 -5.49 -18.21
C LEU C 256 -17.34 -6.29 -17.07
N PRO C 257 -16.91 -5.59 -16.00
CA PRO C 257 -16.34 -6.25 -14.83
C PRO C 257 -17.39 -6.56 -13.75
N TYR C 258 -18.65 -6.46 -14.10
CA TYR C 258 -19.73 -6.69 -13.14
C TYR C 258 -21.01 -7.15 -13.84
N THR C 259 -21.99 -7.59 -13.05
CA THR C 259 -23.22 -8.14 -13.59
C THR C 259 -24.23 -7.05 -13.94
N THR C 260 -24.80 -7.18 -15.13
CA THR C 260 -25.86 -6.28 -15.59
C THR C 260 -27.22 -6.86 -15.21
N VAL C 261 -28.28 -6.24 -15.70
CA VAL C 261 -29.63 -6.74 -15.46
C VAL C 261 -29.77 -8.09 -16.17
N ILE C 262 -29.32 -8.14 -17.42
CA ILE C 262 -29.40 -9.36 -18.22
C ILE C 262 -28.59 -10.50 -17.59
N ASP C 263 -27.40 -10.17 -17.09
CA ASP C 263 -26.54 -11.16 -16.44
C ASP C 263 -27.26 -11.77 -15.24
N GLN C 264 -28.06 -10.95 -14.57
CA GLN C 264 -28.79 -11.39 -13.39
C GLN C 264 -29.93 -12.34 -13.75
N MET C 265 -30.63 -12.03 -14.85
CA MET C 265 -31.70 -12.89 -15.34
C MET C 265 -31.20 -14.30 -15.63
N ILE C 266 -29.99 -14.39 -16.19
CA ILE C 266 -29.41 -15.67 -16.57
C ILE C 266 -29.01 -16.48 -15.34
N ILE C 267 -28.49 -15.82 -14.32
CA ILE C 267 -28.14 -16.50 -13.08
C ILE C 267 -29.41 -17.04 -12.43
N ALA C 268 -30.49 -16.28 -12.54
CA ALA C 268 -31.78 -16.71 -12.02
C ALA C 268 -32.27 -17.93 -12.78
N GLY C 269 -31.97 -17.97 -14.07
CA GLY C 269 -32.33 -19.10 -14.90
C GLY C 269 -31.63 -20.38 -14.48
N TYR C 270 -30.33 -20.27 -14.19
CA TYR C 270 -29.57 -21.41 -13.70
C TYR C 270 -30.16 -21.95 -12.40
N GLY C 271 -30.60 -21.04 -11.54
CA GLY C 271 -31.14 -21.39 -10.24
C GLY C 271 -32.52 -22.02 -10.33
N SER C 272 -33.39 -21.39 -11.12
CA SER C 272 -34.76 -21.88 -11.29
C SER C 272 -34.76 -23.31 -11.81
N ILE C 273 -33.72 -23.64 -12.57
CA ILE C 273 -33.59 -24.98 -13.13
C ILE C 273 -32.92 -25.92 -12.13
N PHE C 274 -31.88 -25.43 -11.44
CA PHE C 274 -31.21 -26.24 -10.44
C PHE C 274 -32.14 -26.50 -9.27
N ALA C 275 -32.99 -25.54 -8.97
CA ALA C 275 -34.00 -25.69 -7.92
C ALA C 275 -34.98 -26.79 -8.30
N ALA C 276 -35.49 -26.72 -9.53
CA ALA C 276 -36.43 -27.71 -10.04
C ALA C 276 -35.85 -29.12 -9.95
N ILE C 277 -34.56 -29.25 -10.28
CA ILE C 277 -33.90 -30.55 -10.23
C ILE C 277 -33.85 -31.07 -8.79
N LEU C 278 -33.79 -30.15 -7.83
CA LEU C 278 -33.77 -30.53 -6.43
C LEU C 278 -35.17 -30.86 -5.91
N LEU C 279 -36.18 -30.39 -6.62
CA LEU C 279 -37.57 -30.66 -6.26
C LEU C 279 -38.13 -31.89 -6.97
N ILE C 280 -37.90 -31.98 -8.27
CA ILE C 280 -38.31 -33.15 -9.05
C ILE C 280 -37.74 -34.43 -8.45
N ILE C 281 -36.57 -34.30 -7.85
CA ILE C 281 -35.84 -35.44 -7.29
C ILE C 281 -36.30 -35.73 -5.88
N PHE C 282 -36.86 -34.71 -5.23
CA PHE C 282 -37.35 -34.82 -3.87
C PHE C 282 -38.72 -35.49 -3.81
N ALA C 283 -39.57 -35.15 -4.77
CA ALA C 283 -40.92 -35.71 -4.85
C ALA C 283 -40.87 -37.23 -5.00
N HIS C 284 -39.81 -37.73 -5.62
CA HIS C 284 -39.70 -39.17 -5.89
C HIS C 284 -39.28 -39.93 -4.64
N HIS C 285 -38.96 -39.21 -3.56
CA HIS C 285 -38.49 -39.84 -2.34
C HIS C 285 -38.98 -39.14 -1.07
N ARG C 286 -39.91 -38.19 -1.21
CA ARG C 286 -40.44 -37.47 -0.05
C ARG C 286 -41.35 -38.41 0.71
N GLN C 287 -42.49 -38.74 0.10
CA GLN C 287 -43.44 -39.64 0.73
C GLN C 287 -42.79 -41.02 0.78
N ALA C 288 -43.29 -41.87 1.67
CA ALA C 288 -42.73 -43.21 1.81
C ALA C 288 -43.00 -44.03 0.55
N ASN C 289 -42.46 -45.24 0.52
CA ASN C 289 -42.59 -46.14 -0.62
C ASN C 289 -42.17 -45.53 -1.96
N GLY C 290 -41.41 -44.44 -1.92
CA GLY C 290 -40.87 -43.82 -3.11
C GLY C 290 -41.91 -43.48 -4.15
N VAL C 291 -43.16 -43.27 -3.70
CA VAL C 291 -44.24 -42.94 -4.61
C VAL C 291 -44.02 -41.58 -5.26
N GLU C 292 -44.39 -41.46 -6.52
CA GLU C 292 -44.32 -40.19 -7.20
C GLU C 292 -45.28 -39.22 -6.53
N ASP C 293 -44.71 -38.30 -5.76
CA ASP C 293 -45.49 -37.35 -4.97
C ASP C 293 -46.23 -36.35 -5.85
N ASP C 294 -47.36 -36.79 -6.42
CA ASP C 294 -48.16 -35.90 -7.24
C ASP C 294 -48.92 -34.89 -6.39
N LEU C 295 -48.77 -34.99 -5.07
CA LEU C 295 -49.34 -34.00 -4.15
C LEU C 295 -48.39 -32.81 -4.02
N LEU C 296 -47.09 -33.08 -4.12
CA LEU C 296 -46.07 -32.05 -4.03
C LEU C 296 -45.91 -31.30 -5.35
N ILE C 297 -45.72 -32.04 -6.43
CA ILE C 297 -45.73 -31.45 -7.77
C ILE C 297 -47.16 -30.97 -8.02
N GLN C 298 -47.33 -30.08 -8.99
CA GLN C 298 -48.60 -29.40 -9.26
C GLN C 298 -48.73 -28.19 -8.34
N ARG C 299 -48.33 -28.37 -7.08
CA ARG C 299 -48.15 -27.24 -6.19
C ARG C 299 -47.03 -26.37 -6.75
N CYS C 300 -46.10 -27.00 -7.45
CA CYS C 300 -44.97 -26.29 -8.05
C CYS C 300 -45.31 -25.69 -9.42
N ARG C 301 -46.39 -26.17 -10.03
CA ARG C 301 -46.78 -25.70 -11.35
C ARG C 301 -47.23 -24.24 -11.34
N LEU C 302 -47.42 -23.68 -10.14
CA LEU C 302 -47.77 -22.28 -10.01
C LEU C 302 -47.08 -21.63 -8.80
N ALA C 303 -46.13 -22.34 -8.20
CA ALA C 303 -45.30 -21.79 -7.14
C ALA C 303 -44.09 -21.09 -7.74
N PHE C 304 -43.55 -21.66 -8.82
CA PHE C 304 -42.42 -21.07 -9.52
C PHE C 304 -42.85 -19.90 -10.39
N PRO C 305 -43.92 -20.08 -11.20
CA PRO C 305 -44.43 -18.94 -11.97
C PRO C 305 -44.80 -17.74 -11.10
N LEU C 306 -44.94 -17.94 -9.79
CA LEU C 306 -45.19 -16.84 -8.86
C LEU C 306 -43.98 -16.58 -7.97
N GLY C 307 -43.36 -17.64 -7.47
CA GLY C 307 -42.19 -17.53 -6.61
C GLY C 307 -41.03 -16.86 -7.31
N PHE C 308 -40.81 -17.25 -8.56
CA PHE C 308 -39.78 -16.63 -9.39
C PHE C 308 -40.23 -15.23 -9.77
N LEU C 309 -41.54 -15.12 -10.03
CA LEU C 309 -42.17 -13.86 -10.40
C LEU C 309 -42.42 -12.95 -9.20
N ALA C 310 -42.00 -13.39 -8.01
CA ALA C 310 -42.12 -12.59 -6.79
C ALA C 310 -40.76 -12.13 -6.25
N ILE C 311 -40.00 -13.08 -5.71
CA ILE C 311 -38.69 -12.77 -5.12
C ILE C 311 -37.76 -12.13 -6.16
N GLY C 312 -37.99 -12.46 -7.43
CA GLY C 312 -37.20 -11.90 -8.51
C GLY C 312 -37.75 -10.56 -8.95
N CYS C 313 -38.98 -10.26 -8.54
CA CYS C 313 -39.63 -9.01 -8.92
C CYS C 313 -39.06 -7.86 -8.08
N VAL C 314 -38.33 -8.22 -7.01
CA VAL C 314 -37.69 -7.25 -6.14
C VAL C 314 -36.16 -7.30 -6.34
N LEU C 315 -35.74 -6.74 -7.47
CA LEU C 315 -34.32 -6.57 -7.79
C LEU C 315 -34.01 -5.09 -7.96
N VAL C 316 -34.15 -4.36 -6.85
CA VAL C 316 -34.01 -2.91 -6.82
C VAL C 316 -32.58 -2.54 -6.44
N ILE C 317 -31.70 -3.54 -6.37
CA ILE C 317 -30.29 -3.30 -6.07
C ILE C 317 -29.61 -2.44 -7.15
N ARG D 10 -15.31 39.01 -57.31
CA ARG D 10 -14.36 39.15 -56.21
C ARG D 10 -13.87 37.80 -55.71
N PRO D 11 -14.81 36.91 -55.32
CA PRO D 11 -14.41 35.58 -54.85
C PRO D 11 -13.75 34.75 -55.94
N VAL D 12 -12.79 33.91 -55.57
CA VAL D 12 -12.10 33.09 -56.53
C VAL D 12 -12.98 31.89 -56.86
N ASP D 13 -13.12 31.61 -58.16
CA ASP D 13 -13.95 30.50 -58.61
C ASP D 13 -13.13 29.21 -58.65
N VAL D 14 -13.61 28.20 -57.93
CA VAL D 14 -12.92 26.92 -57.84
C VAL D 14 -13.74 25.79 -58.45
N SER D 15 -13.21 25.19 -59.50
CA SER D 15 -13.83 24.04 -60.15
C SER D 15 -13.28 22.74 -59.58
N VAL D 16 -14.18 21.93 -59.01
CA VAL D 16 -13.78 20.69 -58.34
C VAL D 16 -14.12 19.48 -59.19
N SER D 17 -13.27 18.46 -59.11
CA SER D 17 -13.53 17.17 -59.76
C SER D 17 -13.11 16.03 -58.84
N ILE D 18 -14.06 15.15 -58.53
CA ILE D 18 -13.81 14.05 -57.60
C ILE D 18 -13.94 12.70 -58.31
N PHE D 19 -12.81 12.02 -58.48
CA PHE D 19 -12.81 10.68 -59.04
C PHE D 19 -12.94 9.68 -57.89
N ILE D 20 -13.93 8.79 -57.97
CA ILE D 20 -14.16 7.79 -56.94
C ILE D 20 -13.76 6.42 -57.46
N ASN D 21 -12.82 5.78 -56.77
CA ASN D 21 -12.29 4.50 -57.18
C ASN D 21 -13.06 3.33 -56.57
N LYS D 22 -13.41 3.47 -55.29
CA LYS D 22 -13.91 2.35 -54.51
C LYS D 22 -14.59 2.83 -53.24
N ILE D 23 -15.81 2.35 -53.02
CA ILE D 23 -16.49 2.56 -51.74
C ILE D 23 -16.66 1.19 -51.08
N TYR D 24 -16.23 1.09 -49.83
CA TYR D 24 -16.19 -0.19 -49.13
C TYR D 24 -16.09 -0.01 -47.61
N GLY D 25 -16.05 -1.14 -46.91
CA GLY D 25 -15.83 -1.14 -45.47
C GLY D 25 -16.89 -0.39 -44.70
N VAL D 26 -18.16 -0.69 -45.00
CA VAL D 26 -19.28 -0.07 -44.30
C VAL D 26 -19.33 -0.52 -42.85
N ASN D 27 -19.31 0.45 -41.94
CA ASN D 27 -19.47 0.19 -40.51
C ASN D 27 -20.90 0.52 -40.08
N THR D 28 -21.65 -0.53 -39.71
CA THR D 28 -23.06 -0.38 -39.41
C THR D 28 -23.33 0.37 -38.11
N LEU D 29 -22.52 0.09 -37.08
CA LEU D 29 -22.71 0.73 -35.79
C LEU D 29 -22.29 2.19 -35.81
N GLU D 30 -21.12 2.46 -36.38
CA GLU D 30 -20.60 3.82 -36.44
C GLU D 30 -21.29 4.65 -37.52
N GLN D 31 -22.00 3.97 -38.41
CA GLN D 31 -22.63 4.61 -39.56
C GLN D 31 -21.58 5.34 -40.37
N THR D 32 -20.61 4.58 -40.88
CA THR D 32 -19.53 5.13 -41.69
C THR D 32 -19.22 4.23 -42.88
N TYR D 33 -18.31 4.68 -43.74
CA TYR D 33 -17.91 3.92 -44.92
C TYR D 33 -16.62 4.49 -45.50
N LYS D 34 -15.81 3.63 -46.11
CA LYS D 34 -14.52 4.06 -46.64
C LYS D 34 -14.62 4.42 -48.13
N VAL D 35 -13.90 5.47 -48.53
CA VAL D 35 -13.91 5.93 -49.91
C VAL D 35 -12.51 6.26 -50.39
N ASP D 36 -12.04 5.52 -51.39
CA ASP D 36 -10.76 5.81 -52.03
C ASP D 36 -11.03 6.52 -53.36
N GLY D 37 -10.27 7.56 -53.63
CA GLY D 37 -10.43 8.31 -54.86
C GLY D 37 -9.53 9.52 -54.92
N TYR D 38 -9.65 10.28 -56.00
CA TYR D 38 -8.90 11.51 -56.19
C TYR D 38 -9.78 12.73 -56.04
N ILE D 39 -9.16 13.86 -55.73
CA ILE D 39 -9.84 15.14 -55.72
C ILE D 39 -9.01 16.13 -56.53
N VAL D 40 -9.68 16.89 -57.39
CA VAL D 40 -9.01 17.86 -58.24
C VAL D 40 -9.69 19.20 -58.06
N ALA D 41 -8.89 20.25 -57.81
CA ALA D 41 -9.41 21.60 -57.65
C ALA D 41 -8.67 22.55 -58.59
N GLN D 42 -9.43 23.30 -59.38
CA GLN D 42 -8.87 24.24 -60.35
C GLN D 42 -9.43 25.63 -60.14
N TRP D 43 -8.54 26.61 -60.07
CA TRP D 43 -8.90 28.02 -59.96
C TRP D 43 -7.91 28.88 -60.73
N THR D 44 -8.22 30.16 -60.88
CA THR D 44 -7.35 31.07 -61.62
C THR D 44 -6.90 32.22 -60.73
N GLY D 45 -5.62 32.55 -60.84
CA GLY D 45 -5.01 33.59 -60.03
C GLY D 45 -3.99 34.40 -60.80
N LYS D 46 -2.96 34.85 -60.07
CA LYS D 46 -1.93 35.68 -60.64
C LYS D 46 -1.17 34.97 -61.75
N PRO D 47 -1.06 35.60 -62.94
CA PRO D 47 -0.20 35.04 -63.99
C PRO D 47 1.22 34.82 -63.47
N ARG D 48 1.99 33.95 -64.11
CA ARG D 48 3.25 33.52 -63.54
C ARG D 48 4.29 33.13 -64.60
N LYS D 49 5.55 33.39 -64.29
CA LYS D 49 6.65 32.98 -65.14
C LYS D 49 7.07 31.56 -64.80
N THR D 50 6.95 30.65 -65.78
CA THR D 50 7.27 29.25 -65.57
C THR D 50 8.49 28.86 -66.39
N PRO D 51 9.32 27.93 -65.89
CA PRO D 51 10.48 27.46 -66.66
C PRO D 51 10.11 26.94 -68.04
N GLY D 52 10.68 27.55 -69.08
CA GLY D 52 10.38 27.20 -70.45
C GLY D 52 8.97 27.54 -70.89
N ASP D 53 8.27 28.33 -70.08
CA ASP D 53 6.90 28.78 -70.37
C ASP D 53 5.90 27.61 -70.45
N LYS D 54 6.38 26.39 -70.26
CA LYS D 54 5.50 25.23 -70.17
C LYS D 54 4.91 25.17 -68.75
N PRO D 55 3.75 24.51 -68.58
CA PRO D 55 3.18 24.42 -67.24
C PRO D 55 4.13 23.73 -66.25
N LEU D 56 4.19 24.25 -65.03
CA LEU D 56 5.11 23.74 -64.02
C LEU D 56 4.45 22.73 -63.09
N ILE D 57 5.17 21.65 -62.81
CA ILE D 57 4.69 20.61 -61.91
C ILE D 57 5.43 20.68 -60.57
N VAL D 58 4.66 20.61 -59.48
CA VAL D 58 5.21 20.64 -58.13
C VAL D 58 4.64 19.47 -57.34
N GLU D 59 5.51 18.59 -56.88
CA GLU D 59 5.07 17.33 -56.26
C GLU D 59 5.35 17.26 -54.76
N ASN D 60 4.30 16.91 -54.01
CA ASN D 60 4.41 16.56 -52.60
C ASN D 60 5.11 17.62 -51.74
N THR D 61 6.31 17.30 -51.27
CA THR D 61 7.01 18.14 -50.29
C THR D 61 7.32 19.53 -50.84
N GLN D 62 7.36 19.66 -52.16
CA GLN D 62 7.70 20.91 -52.81
C GLN D 62 6.53 21.90 -52.76
N ILE D 63 5.31 21.38 -52.62
CA ILE D 63 4.13 22.21 -52.52
C ILE D 63 4.24 23.12 -51.31
N GLU D 64 4.82 22.59 -50.24
CA GLU D 64 4.99 23.33 -49.01
C GLU D 64 5.87 24.55 -49.25
N ARG D 65 6.91 24.39 -50.07
CA ARG D 65 7.82 25.48 -50.38
C ARG D 65 7.10 26.62 -51.08
N TRP D 66 6.27 26.27 -52.06
CA TRP D 66 5.55 27.26 -52.83
C TRP D 66 4.55 28.01 -51.96
N ILE D 67 3.98 27.32 -50.98
CA ILE D 67 3.04 27.95 -50.06
C ILE D 67 3.77 28.96 -49.18
N ASN D 68 5.00 28.66 -48.83
CA ASN D 68 5.81 29.56 -48.01
C ASN D 68 6.19 30.83 -48.77
N ASN D 69 6.41 30.70 -50.08
CA ASN D 69 6.74 31.83 -50.92
C ASN D 69 5.51 32.68 -51.26
N GLY D 70 4.37 32.27 -50.74
CA GLY D 70 3.15 33.05 -50.86
C GLY D 70 2.15 32.52 -51.89
N LEU D 71 2.26 31.24 -52.23
CA LEU D 71 1.27 30.62 -53.11
C LEU D 71 0.00 30.33 -52.34
N TRP D 72 -1.13 30.73 -52.92
CA TRP D 72 -2.43 30.50 -52.31
C TRP D 72 -3.01 29.13 -52.67
N VAL D 73 -3.08 28.25 -51.68
CA VAL D 73 -3.70 26.94 -51.85
C VAL D 73 -4.70 26.71 -50.71
N PRO D 74 -6.00 26.86 -50.99
CA PRO D 74 -7.00 26.82 -49.91
C PRO D 74 -7.19 25.42 -49.30
N ALA D 75 -7.51 25.41 -48.01
CA ALA D 75 -7.63 24.18 -47.22
C ALA D 75 -8.99 23.51 -47.31
N LEU D 76 -9.40 23.10 -48.50
CA LEU D 76 -10.67 22.42 -48.68
C LEU D 76 -10.80 21.17 -47.80
N GLU D 77 -11.87 21.14 -47.00
CA GLU D 77 -12.11 20.09 -46.01
C GLU D 77 -13.33 19.23 -46.34
N PHE D 78 -13.21 17.92 -46.14
CA PHE D 78 -14.35 17.02 -46.19
C PHE D 78 -15.14 17.17 -44.89
N ILE D 79 -16.32 17.77 -44.97
CA ILE D 79 -17.13 18.04 -43.79
C ILE D 79 -17.48 16.77 -43.03
N ASN D 80 -17.87 15.72 -43.76
CA ASN D 80 -18.42 14.52 -43.14
C ASN D 80 -17.41 13.38 -43.01
N VAL D 81 -16.12 13.70 -43.10
CA VAL D 81 -15.08 12.69 -42.90
C VAL D 81 -14.85 12.51 -41.40
N VAL D 82 -14.44 11.30 -41.02
CA VAL D 82 -14.17 10.99 -39.62
C VAL D 82 -12.67 10.81 -39.43
N GLY D 83 -12.02 11.85 -38.91
CA GLY D 83 -10.59 11.82 -38.73
C GLY D 83 -9.87 12.27 -39.99
N SER D 84 -8.63 12.73 -39.84
CA SER D 84 -7.86 13.21 -40.97
C SER D 84 -7.69 12.09 -41.99
N PRO D 85 -8.10 12.32 -43.25
CA PRO D 85 -8.01 11.26 -44.26
C PRO D 85 -6.57 11.02 -44.72
N ASP D 86 -6.30 9.82 -45.21
CA ASP D 86 -4.96 9.47 -45.68
C ASP D 86 -4.72 10.07 -47.05
N THR D 87 -3.96 11.16 -47.07
CA THR D 87 -3.62 11.82 -48.33
C THR D 87 -2.38 11.20 -48.92
N GLY D 88 -2.51 10.66 -50.12
CA GLY D 88 -1.40 10.05 -50.83
C GLY D 88 -0.51 11.10 -51.46
N ASN D 89 -0.37 11.04 -52.78
CA ASN D 89 0.46 12.00 -53.50
C ASN D 89 -0.27 13.32 -53.68
N LYS D 90 0.46 14.41 -53.51
CA LYS D 90 -0.10 15.74 -53.71
C LYS D 90 0.51 16.32 -54.99
N ARG D 91 -0.19 17.23 -55.64
CA ARG D 91 0.32 17.81 -56.89
C ARG D 91 -0.24 19.21 -57.16
N LEU D 92 0.67 20.12 -57.52
CA LEU D 92 0.32 21.44 -58.02
C LEU D 92 0.73 21.58 -59.48
N MET D 93 -0.23 21.93 -60.33
CA MET D 93 0.06 22.24 -61.72
C MET D 93 -0.09 23.73 -61.95
N LEU D 94 1.04 24.44 -61.97
CA LEU D 94 1.05 25.89 -62.13
C LEU D 94 1.15 26.29 -63.59
N PHE D 95 0.06 26.84 -64.13
CA PHE D 95 0.05 27.30 -65.51
C PHE D 95 0.56 28.74 -65.62
N PRO D 96 1.12 29.10 -66.80
CA PRO D 96 1.63 30.47 -66.99
C PRO D 96 0.54 31.50 -67.11
N ASP D 97 -0.63 31.10 -67.60
CA ASP D 97 -1.74 32.02 -67.81
C ASP D 97 -2.50 32.29 -66.50
N GLY D 98 -1.90 31.88 -65.37
CA GLY D 98 -2.39 32.23 -64.06
C GLY D 98 -3.07 31.10 -63.30
N ARG D 99 -3.70 30.19 -64.04
CA ARG D 99 -4.49 29.15 -63.41
C ARG D 99 -3.62 28.11 -62.71
N VAL D 100 -4.21 27.47 -61.70
CA VAL D 100 -3.51 26.51 -60.85
C VAL D 100 -4.43 25.33 -60.59
N ILE D 101 -3.87 24.13 -60.64
CA ILE D 101 -4.65 22.91 -60.44
C ILE D 101 -4.02 22.04 -59.37
N TYR D 102 -4.77 21.84 -58.29
CA TYR D 102 -4.37 20.95 -57.21
C TYR D 102 -4.98 19.58 -57.43
N ASN D 103 -4.13 18.56 -57.45
CA ASN D 103 -4.56 17.18 -57.65
C ASN D 103 -3.96 16.29 -56.57
N ALA D 104 -4.83 15.58 -55.84
CA ALA D 104 -4.38 14.73 -54.76
C ALA D 104 -5.26 13.51 -54.60
N ARG D 105 -4.64 12.39 -54.25
CA ARG D 105 -5.36 11.15 -53.96
C ARG D 105 -5.69 11.10 -52.47
N PHE D 106 -6.84 10.50 -52.15
CA PHE D 106 -7.27 10.45 -50.76
C PHE D 106 -7.99 9.15 -50.42
N LEU D 107 -7.84 8.75 -49.18
CA LEU D 107 -8.58 7.63 -48.61
C LEU D 107 -9.04 8.02 -47.22
N GLY D 108 -10.34 8.09 -47.02
CA GLY D 108 -10.90 8.54 -45.76
C GLY D 108 -12.19 7.83 -45.40
N SER D 109 -12.50 7.84 -44.11
CA SER D 109 -13.75 7.28 -43.61
C SER D 109 -14.81 8.36 -43.48
N PHE D 110 -15.87 8.25 -44.27
CA PHE D 110 -16.92 9.27 -44.31
C PHE D 110 -18.17 8.85 -43.55
N SER D 111 -18.91 9.83 -43.06
CA SER D 111 -20.11 9.58 -42.27
C SER D 111 -21.38 10.06 -42.94
N ASN D 112 -22.48 9.35 -42.67
CA ASN D 112 -23.81 9.74 -43.13
C ASN D 112 -24.86 8.98 -42.32
N ASP D 113 -26.10 9.47 -42.34
CA ASP D 113 -27.18 8.78 -41.67
C ASP D 113 -27.52 7.51 -42.46
N MET D 114 -27.56 6.38 -41.77
CA MET D 114 -27.80 5.10 -42.41
C MET D 114 -28.81 4.28 -41.65
N ASP D 115 -29.91 3.95 -42.33
CA ASP D 115 -31.00 3.19 -41.75
C ASP D 115 -30.92 1.73 -42.23
N PHE D 116 -30.55 0.84 -41.32
CA PHE D 116 -30.38 -0.58 -41.67
C PHE D 116 -31.54 -1.44 -41.16
N ARG D 117 -32.69 -0.82 -40.94
CA ARG D 117 -33.83 -1.52 -40.38
C ARG D 117 -34.46 -2.49 -41.38
N LEU D 118 -34.33 -2.20 -42.67
CA LEU D 118 -34.89 -3.05 -43.71
C LEU D 118 -33.90 -4.12 -44.15
N PHE D 119 -32.80 -4.25 -43.41
CA PHE D 119 -31.78 -5.27 -43.69
C PHE D 119 -32.43 -6.64 -43.79
N PRO D 120 -31.96 -7.48 -44.73
CA PRO D 120 -30.90 -7.25 -45.72
C PRO D 120 -31.38 -6.57 -47.00
N PHE D 121 -32.59 -6.00 -46.97
CA PHE D 121 -33.16 -5.38 -48.16
C PHE D 121 -33.17 -3.85 -48.07
N ASP D 122 -32.12 -3.30 -47.46
CA ASP D 122 -32.03 -1.86 -47.22
C ASP D 122 -31.30 -1.11 -48.33
N ARG D 123 -31.62 0.18 -48.48
CA ARG D 123 -30.96 1.05 -49.44
C ARG D 123 -30.22 2.16 -48.70
N GLN D 124 -29.01 2.48 -49.15
CA GLN D 124 -28.20 3.52 -48.54
C GLN D 124 -27.65 4.46 -49.61
N GLN D 125 -27.26 5.67 -49.19
CA GLN D 125 -26.60 6.61 -50.09
C GLN D 125 -25.27 7.10 -49.51
N PHE D 126 -24.19 6.82 -50.24
CA PHE D 126 -22.86 7.23 -49.83
C PHE D 126 -22.62 8.69 -50.19
N VAL D 127 -22.38 9.51 -49.17
CA VAL D 127 -22.30 10.95 -49.34
C VAL D 127 -20.91 11.52 -49.08
N LEU D 128 -20.47 12.42 -49.97
CA LEU D 128 -19.30 13.25 -49.73
C LEU D 128 -19.74 14.70 -49.61
N GLU D 129 -19.14 15.41 -48.65
CA GLU D 129 -19.42 16.83 -48.45
C GLU D 129 -18.12 17.62 -48.32
N LEU D 130 -17.87 18.49 -49.31
CA LEU D 130 -16.64 19.26 -49.38
C LEU D 130 -16.92 20.74 -49.16
N GLU D 131 -16.05 21.41 -48.42
CA GLU D 131 -16.26 22.82 -48.07
C GLU D 131 -14.94 23.49 -47.66
N PRO D 132 -14.74 24.77 -48.04
CA PRO D 132 -13.52 25.47 -47.59
C PRO D 132 -13.49 25.64 -46.07
N PHE D 133 -12.29 25.59 -45.49
CA PHE D 133 -12.14 25.60 -44.04
C PHE D 133 -12.13 27.00 -43.45
N SER D 134 -11.61 27.95 -44.23
CA SER D 134 -11.38 29.31 -43.73
C SER D 134 -12.11 30.38 -44.53
N TYR D 135 -12.25 30.15 -45.83
CA TYR D 135 -12.76 31.17 -46.75
C TYR D 135 -14.26 31.06 -47.01
N ASN D 136 -14.98 32.15 -46.75
CA ASN D 136 -16.43 32.18 -46.96
C ASN D 136 -16.78 32.28 -48.44
N ASN D 137 -18.07 32.41 -48.75
CA ASN D 137 -18.54 32.41 -50.13
C ASN D 137 -18.20 33.69 -50.90
N GLN D 138 -17.94 34.77 -50.17
CA GLN D 138 -17.55 36.03 -50.79
C GLN D 138 -16.05 36.05 -51.07
N GLN D 139 -15.34 35.06 -50.55
CA GLN D 139 -13.90 34.94 -50.76
C GLN D 139 -13.58 33.78 -51.70
N LEU D 140 -14.23 32.64 -51.47
CA LEU D 140 -14.01 31.44 -52.28
C LEU D 140 -15.35 30.79 -52.61
N ARG D 141 -15.58 30.59 -53.92
CA ARG D 141 -16.83 30.05 -54.41
C ARG D 141 -16.61 28.84 -55.32
N PHE D 142 -17.42 27.80 -55.13
CA PHE D 142 -17.38 26.63 -55.99
C PHE D 142 -18.18 26.85 -57.26
N SER D 143 -17.47 26.86 -58.39
CA SER D 143 -18.08 27.07 -59.69
C SER D 143 -18.91 25.88 -60.13
N ASP D 144 -18.30 24.70 -60.11
CA ASP D 144 -18.95 23.47 -60.54
C ASP D 144 -18.32 22.25 -59.87
N ILE D 145 -19.00 21.12 -59.98
CA ILE D 145 -18.51 19.87 -59.38
C ILE D 145 -18.72 18.71 -60.37
N GLN D 146 -17.63 18.01 -60.66
CA GLN D 146 -17.66 16.82 -61.49
C GLN D 146 -17.32 15.59 -60.66
N VAL D 147 -18.10 14.52 -60.85
CA VAL D 147 -17.85 13.28 -60.12
C VAL D 147 -17.78 12.11 -61.10
N TYR D 148 -16.65 11.43 -61.11
CA TYR D 148 -16.44 10.32 -62.02
C TYR D 148 -16.33 9.02 -61.26
N THR D 149 -17.17 8.06 -61.62
CA THR D 149 -17.18 6.74 -61.02
C THR D 149 -17.08 5.70 -62.11
N GLU D 150 -16.60 4.52 -61.77
CA GLU D 150 -16.51 3.43 -62.73
C GLU D 150 -17.88 2.78 -62.86
N ASN D 151 -18.25 2.35 -64.06
CA ASN D 151 -19.52 1.66 -64.25
C ASN D 151 -19.31 0.16 -64.05
N ILE D 152 -19.20 -0.26 -62.79
CA ILE D 152 -18.96 -1.68 -62.49
C ILE D 152 -20.21 -2.56 -62.63
N ASP D 153 -20.17 -3.44 -63.63
CA ASP D 153 -21.25 -4.39 -63.84
C ASP D 153 -20.73 -5.83 -63.84
N ASN D 154 -19.81 -6.08 -62.90
CA ASN D 154 -19.58 -7.44 -62.40
C ASN D 154 -20.32 -7.49 -61.08
N GLU D 155 -21.46 -6.80 -61.08
CA GLU D 155 -22.33 -6.71 -59.92
C GLU D 155 -22.77 -8.14 -59.65
N GLU D 156 -22.74 -8.54 -58.38
CA GLU D 156 -22.97 -9.90 -57.86
C GLU D 156 -21.86 -10.14 -56.84
N ILE D 157 -20.65 -9.68 -57.17
CA ILE D 157 -19.50 -9.88 -56.30
C ILE D 157 -19.41 -8.71 -55.35
N ASP D 158 -20.06 -7.62 -55.73
CA ASP D 158 -20.16 -6.47 -54.86
C ASP D 158 -21.38 -6.65 -53.97
N GLU D 159 -21.34 -6.08 -52.77
CA GLU D 159 -22.47 -6.16 -51.85
C GLU D 159 -23.58 -5.20 -52.28
N TRP D 160 -23.18 -4.06 -52.86
CA TRP D 160 -24.10 -2.98 -53.15
C TRP D 160 -24.28 -2.66 -54.64
N TRP D 161 -25.52 -2.60 -55.11
CA TRP D 161 -25.75 -2.24 -56.50
C TRP D 161 -26.01 -0.75 -56.60
N ILE D 162 -25.09 -0.07 -57.27
CA ILE D 162 -25.17 1.37 -57.49
C ILE D 162 -26.24 1.64 -58.53
N ARG D 163 -27.14 2.57 -58.21
CA ARG D 163 -28.33 2.83 -59.01
C ARG D 163 -28.15 3.97 -60.00
N GLY D 164 -26.93 4.45 -60.16
CA GLY D 164 -26.70 5.56 -61.07
C GLY D 164 -25.44 6.33 -60.80
N LYS D 165 -25.06 7.18 -61.74
CA LYS D 165 -23.88 8.02 -61.59
C LYS D 165 -24.15 8.99 -60.45
N ALA D 166 -23.10 9.61 -59.94
CA ALA D 166 -23.22 10.46 -58.76
C ALA D 166 -24.05 11.71 -59.00
N SER D 167 -24.91 12.02 -58.03
CA SER D 167 -25.70 13.25 -58.04
C SER D 167 -25.05 14.29 -57.13
N THR D 168 -24.87 15.49 -57.66
CA THR D 168 -24.21 16.57 -56.93
C THR D 168 -25.19 17.70 -56.59
N HIS D 169 -24.78 18.56 -55.67
CA HIS D 169 -25.61 19.70 -55.26
C HIS D 169 -24.74 20.73 -54.56
N ILE D 170 -24.45 21.83 -55.27
CA ILE D 170 -23.75 22.96 -54.68
C ILE D 170 -24.74 23.88 -54.00
N SER D 171 -24.35 24.40 -52.84
CA SER D 171 -25.24 25.24 -52.05
C SER D 171 -24.44 26.21 -51.17
N ASP D 172 -25.15 26.98 -50.36
CA ASP D 172 -24.53 27.91 -49.43
C ASP D 172 -25.00 27.58 -48.02
N ILE D 173 -24.05 27.57 -47.08
CA ILE D 173 -24.34 27.19 -45.70
C ILE D 173 -24.07 28.39 -44.81
N ARG D 174 -25.12 28.91 -44.18
CA ARG D 174 -25.00 30.05 -43.28
C ARG D 174 -24.66 29.58 -41.87
N TYR D 175 -23.46 29.91 -41.41
CA TYR D 175 -23.00 29.63 -40.05
C TYR D 175 -23.31 30.80 -39.12
N ASP D 176 -24.28 30.60 -38.24
CA ASP D 176 -24.76 31.67 -37.36
C ASP D 176 -23.68 32.20 -36.41
N HIS D 177 -23.04 31.29 -35.67
CA HIS D 177 -22.08 31.67 -34.64
C HIS D 177 -20.65 31.83 -35.17
N LEU D 178 -20.11 33.04 -34.97
CA LEU D 178 -18.78 33.48 -35.46
C LEU D 178 -18.77 35.00 -35.43
N SER D 179 -17.61 35.60 -35.66
CA SER D 179 -17.48 37.05 -35.59
C SER D 179 -17.59 37.61 -37.00
N SER D 180 -18.81 37.89 -37.44
CA SER D 180 -19.05 38.32 -38.81
C SER D 180 -18.97 39.82 -39.04
N VAL D 181 -19.50 40.23 -40.19
CA VAL D 181 -19.63 41.61 -40.62
C VAL D 181 -21.00 41.69 -41.29
N GLN D 182 -21.11 42.43 -42.39
CA GLN D 182 -22.38 42.66 -43.08
C GLN D 182 -22.97 41.28 -43.36
N PRO D 183 -24.32 41.13 -43.29
CA PRO D 183 -24.79 39.73 -43.35
C PRO D 183 -24.54 39.05 -44.70
N ASN D 184 -23.28 38.71 -44.93
CA ASN D 184 -22.82 37.95 -46.10
C ASN D 184 -21.38 37.49 -45.93
N GLN D 185 -20.91 37.42 -44.68
CA GLN D 185 -19.56 36.93 -44.41
C GLN D 185 -19.63 35.68 -43.53
N ASN D 186 -20.84 35.13 -43.42
CA ASN D 186 -21.10 33.98 -42.58
C ASN D 186 -21.62 32.81 -43.40
N GLU D 187 -21.40 32.87 -44.71
CA GLU D 187 -21.88 31.85 -45.63
C GLU D 187 -20.72 31.14 -46.34
N PHE D 188 -20.82 29.83 -46.49
CA PHE D 188 -19.77 29.02 -47.08
C PHE D 188 -20.30 28.12 -48.20
N SER D 189 -19.55 28.06 -49.29
CA SER D 189 -19.92 27.22 -50.44
C SER D 189 -19.62 25.75 -50.18
N ARG D 190 -20.63 24.90 -50.31
CA ARG D 190 -20.48 23.47 -50.04
C ARG D 190 -20.91 22.59 -51.20
N ILE D 191 -19.98 21.77 -51.67
CA ILE D 191 -20.28 20.68 -52.61
C ILE D 191 -20.87 19.51 -51.82
N THR D 192 -21.86 18.84 -52.41
CA THR D 192 -22.48 17.68 -51.78
C THR D 192 -22.72 16.60 -52.83
N VAL D 193 -22.00 15.49 -52.71
CA VAL D 193 -22.11 14.38 -53.65
C VAL D 193 -22.86 13.22 -53.03
N ARG D 194 -23.70 12.56 -53.83
CA ARG D 194 -24.45 11.39 -53.37
C ARG D 194 -24.33 10.24 -54.35
N ILE D 195 -24.34 9.02 -53.82
CA ILE D 195 -24.32 7.82 -54.65
C ILE D 195 -25.26 6.80 -54.03
N ASP D 196 -26.45 6.67 -54.60
CA ASP D 196 -27.44 5.71 -54.13
C ASP D 196 -27.04 4.29 -54.49
N ALA D 197 -27.35 3.35 -53.60
CA ALA D 197 -27.00 1.95 -53.80
C ALA D 197 -27.94 1.05 -53.00
N VAL D 198 -28.09 -0.19 -53.44
CA VAL D 198 -28.95 -1.15 -52.76
C VAL D 198 -28.16 -2.42 -52.41
N ARG D 199 -28.50 -3.07 -51.31
CA ARG D 199 -27.75 -4.25 -50.87
C ARG D 199 -28.19 -5.51 -51.61
N ASN D 200 -27.22 -6.33 -51.99
CA ASN D 200 -27.46 -7.61 -52.64
C ASN D 200 -27.98 -8.64 -51.64
N PRO D 201 -29.28 -8.95 -51.68
CA PRO D 201 -29.82 -9.81 -50.61
C PRO D 201 -29.58 -11.31 -50.85
N SER D 202 -28.80 -11.66 -51.86
CA SER D 202 -28.60 -13.06 -52.23
C SER D 202 -28.09 -13.91 -51.08
N TYR D 203 -26.89 -13.61 -50.59
CA TYR D 203 -26.26 -14.39 -49.54
C TYR D 203 -27.15 -14.55 -48.32
N TYR D 204 -27.81 -13.46 -47.95
CA TYR D 204 -28.62 -13.44 -46.73
C TYR D 204 -29.95 -14.16 -46.89
N LEU D 205 -30.45 -14.25 -48.11
CA LEU D 205 -31.70 -14.96 -48.36
C LEU D 205 -31.49 -16.48 -48.30
N TRP D 206 -30.43 -16.95 -48.94
CA TRP D 206 -30.20 -18.37 -49.08
C TRP D 206 -29.52 -19.01 -47.88
N SER D 207 -28.69 -18.24 -47.18
CA SER D 207 -27.88 -18.79 -46.09
C SER D 207 -28.39 -18.43 -44.70
N PHE D 208 -29.39 -17.54 -44.62
CA PHE D 208 -29.95 -17.13 -43.33
C PHE D 208 -31.48 -17.19 -43.32
N ILE D 209 -32.12 -16.47 -44.24
CA ILE D 209 -33.58 -16.41 -44.29
C ILE D 209 -34.18 -17.79 -44.54
N LEU D 210 -33.64 -18.51 -45.53
CA LEU D 210 -34.23 -19.77 -45.96
C LEU D 210 -34.11 -20.85 -44.88
N PRO D 211 -32.88 -21.11 -44.39
CA PRO D 211 -32.76 -22.12 -43.33
C PRO D 211 -33.63 -21.81 -42.12
N LEU D 212 -33.77 -20.54 -41.77
CA LEU D 212 -34.59 -20.16 -40.63
C LEU D 212 -36.05 -20.50 -40.88
N GLY D 213 -36.46 -20.37 -42.14
CA GLY D 213 -37.80 -20.76 -42.55
C GLY D 213 -38.03 -22.24 -42.38
N LEU D 214 -37.08 -23.02 -42.89
CA LEU D 214 -37.12 -24.48 -42.78
C LEU D 214 -37.18 -24.94 -41.33
N ILE D 215 -36.41 -24.29 -40.47
CA ILE D 215 -36.35 -24.63 -39.05
C ILE D 215 -37.66 -24.27 -38.35
N ILE D 216 -38.20 -23.10 -38.65
CA ILE D 216 -39.47 -22.68 -38.09
C ILE D 216 -40.57 -23.60 -38.58
N ALA D 217 -40.48 -24.02 -39.83
CA ALA D 217 -41.45 -24.92 -40.43
C ALA D 217 -41.45 -26.27 -39.69
N ALA D 218 -40.26 -26.86 -39.57
CA ALA D 218 -40.11 -28.15 -38.91
C ALA D 218 -40.52 -28.08 -37.44
N SER D 219 -40.57 -26.87 -36.88
CA SER D 219 -41.01 -26.71 -35.50
C SER D 219 -42.49 -27.06 -35.37
N TRP D 220 -43.22 -26.90 -36.46
CA TRP D 220 -44.65 -27.18 -36.50
C TRP D 220 -44.92 -28.67 -36.53
N SER D 221 -43.93 -29.45 -36.98
CA SER D 221 -44.10 -30.89 -37.09
C SER D 221 -44.08 -31.56 -35.72
N VAL D 222 -44.02 -30.75 -34.67
CA VAL D 222 -44.11 -31.26 -33.31
C VAL D 222 -45.52 -31.79 -33.06
N PHE D 223 -46.50 -31.12 -33.69
CA PHE D 223 -47.90 -31.46 -33.48
C PHE D 223 -48.26 -32.84 -34.03
N TRP D 224 -47.42 -33.34 -34.95
CA TRP D 224 -47.67 -34.62 -35.59
C TRP D 224 -47.10 -35.79 -34.79
N LEU D 225 -46.53 -35.50 -33.63
CA LEU D 225 -46.07 -36.54 -32.72
C LEU D 225 -47.27 -37.10 -31.97
N GLU D 226 -47.26 -38.41 -31.75
CA GLU D 226 -48.42 -39.10 -31.18
C GLU D 226 -48.55 -38.87 -29.68
N SER D 227 -47.50 -39.21 -28.93
CA SER D 227 -47.54 -39.11 -27.48
C SER D 227 -47.46 -37.65 -27.03
N PHE D 228 -47.79 -37.41 -25.76
CA PHE D 228 -47.69 -36.08 -25.18
C PHE D 228 -46.28 -35.78 -24.74
N SER D 229 -45.63 -36.79 -24.13
CA SER D 229 -44.25 -36.66 -23.71
C SER D 229 -43.36 -36.34 -24.90
N GLU D 230 -43.67 -36.95 -26.04
CA GLU D 230 -42.94 -36.72 -27.27
C GLU D 230 -43.05 -35.26 -27.68
N ARG D 231 -44.26 -34.72 -27.57
CA ARG D 231 -44.54 -33.37 -28.05
C ARG D 231 -43.89 -32.29 -27.18
N LEU D 232 -43.95 -32.46 -25.87
CA LEU D 232 -43.44 -31.45 -24.96
C LEU D 232 -41.91 -31.50 -24.85
N GLN D 233 -41.35 -32.70 -24.74
CA GLN D 233 -39.90 -32.85 -24.63
C GLN D 233 -39.20 -32.38 -25.89
N THR D 234 -39.87 -32.53 -27.03
CA THR D 234 -39.30 -32.12 -28.31
C THR D 234 -39.28 -30.60 -28.45
N SER D 235 -40.30 -29.92 -27.92
CA SER D 235 -40.41 -28.48 -28.04
C SER D 235 -39.23 -27.78 -27.34
N PHE D 236 -38.67 -28.43 -26.33
CA PHE D 236 -37.53 -27.87 -25.61
C PHE D 236 -36.27 -28.00 -26.46
N THR D 237 -36.25 -29.00 -27.33
CA THR D 237 -35.15 -29.19 -28.26
C THR D 237 -35.27 -28.20 -29.42
N LEU D 238 -36.51 -27.93 -29.84
CA LEU D 238 -36.75 -26.93 -30.88
C LEU D 238 -36.36 -25.57 -30.36
N MET D 239 -36.72 -25.29 -29.11
CA MET D 239 -36.38 -24.03 -28.46
C MET D 239 -34.86 -23.87 -28.45
N LEU D 240 -34.16 -24.95 -28.13
CA LEU D 240 -32.71 -24.97 -28.12
C LEU D 240 -32.14 -24.64 -29.50
N THR D 241 -32.81 -25.14 -30.54
CA THR D 241 -32.34 -24.95 -31.90
C THR D 241 -32.43 -23.47 -32.31
N VAL D 242 -33.49 -22.80 -31.87
CA VAL D 242 -33.68 -21.39 -32.17
C VAL D 242 -32.61 -20.56 -31.49
N VAL D 243 -32.26 -20.92 -30.25
CA VAL D 243 -31.21 -20.24 -29.52
C VAL D 243 -29.88 -20.40 -30.26
N ALA D 244 -29.64 -21.61 -30.73
CA ALA D 244 -28.41 -21.90 -31.48
C ALA D 244 -28.34 -21.06 -32.74
N TYR D 245 -29.49 -20.84 -33.37
CA TYR D 245 -29.55 -20.11 -34.63
C TYR D 245 -29.46 -18.60 -34.41
N ALA D 246 -29.96 -18.14 -33.26
CA ALA D 246 -29.87 -16.73 -32.91
C ALA D 246 -28.41 -16.34 -32.70
N PHE D 247 -27.64 -17.27 -32.14
CA PHE D 247 -26.23 -17.05 -31.90
C PHE D 247 -25.46 -17.08 -33.22
N TYR D 248 -25.87 -17.98 -34.10
CA TYR D 248 -25.29 -18.11 -35.44
C TYR D 248 -25.39 -16.81 -36.23
N THR D 249 -26.58 -16.22 -36.24
CA THR D 249 -26.85 -15.00 -36.98
C THR D 249 -26.13 -13.78 -36.38
N SER D 250 -26.41 -13.52 -35.10
CA SER D 250 -25.93 -12.31 -34.44
C SER D 250 -24.41 -12.20 -34.48
N ASN D 251 -23.74 -13.34 -34.52
CA ASN D 251 -22.28 -13.37 -34.54
C ASN D 251 -21.71 -13.01 -35.91
N ILE D 252 -22.42 -13.37 -36.96
CA ILE D 252 -21.94 -13.14 -38.33
C ILE D 252 -22.58 -11.90 -38.96
N LEU D 253 -23.86 -11.67 -38.67
CA LEU D 253 -24.58 -10.52 -39.21
C LEU D 253 -24.09 -9.20 -38.61
N PRO D 254 -24.27 -8.09 -39.34
CA PRO D 254 -23.81 -6.79 -38.83
C PRO D 254 -24.55 -6.34 -37.58
N ARG D 255 -23.80 -5.86 -36.59
CA ARG D 255 -24.38 -5.40 -35.34
C ARG D 255 -25.07 -4.06 -35.49
N LEU D 256 -26.22 -3.94 -34.85
CA LEU D 256 -27.06 -2.74 -34.93
C LEU D 256 -27.69 -2.44 -33.58
N PRO D 257 -28.21 -1.23 -33.40
CA PRO D 257 -28.89 -0.86 -32.16
C PRO D 257 -30.40 -1.09 -32.25
N TYR D 258 -30.82 -1.84 -33.26
CA TYR D 258 -32.24 -2.11 -33.47
C TYR D 258 -32.45 -3.42 -34.23
N THR D 259 -33.71 -3.86 -34.29
CA THR D 259 -34.04 -5.15 -34.90
C THR D 259 -34.19 -5.07 -36.41
N THR D 260 -33.60 -6.05 -37.08
CA THR D 260 -33.73 -6.19 -38.52
C THR D 260 -34.92 -7.08 -38.87
N VAL D 261 -35.06 -7.41 -40.14
CA VAL D 261 -36.12 -8.32 -40.58
C VAL D 261 -35.81 -9.70 -40.01
N ILE D 262 -34.56 -10.11 -40.16
CA ILE D 262 -34.10 -11.41 -39.69
C ILE D 262 -34.24 -11.53 -38.17
N ASP D 263 -33.93 -10.46 -37.46
CA ASP D 263 -34.04 -10.47 -36.00
C ASP D 263 -35.46 -10.78 -35.56
N GLN D 264 -36.43 -10.30 -36.33
CA GLN D 264 -37.83 -10.51 -36.02
C GLN D 264 -38.26 -11.96 -36.29
N MET D 265 -37.76 -12.54 -37.38
CA MET D 265 -38.05 -13.94 -37.69
C MET D 265 -37.67 -14.85 -36.54
N ILE D 266 -36.54 -14.53 -35.89
CA ILE D 266 -36.04 -15.33 -34.79
C ILE D 266 -36.92 -15.15 -33.55
N ILE D 267 -37.40 -13.93 -33.32
CA ILE D 267 -38.30 -13.67 -32.21
C ILE D 267 -39.61 -14.41 -32.43
N ALA D 268 -40.03 -14.48 -33.69
CA ALA D 268 -41.25 -15.20 -34.04
C ALA D 268 -41.08 -16.70 -33.79
N GLY D 269 -39.87 -17.19 -34.01
CA GLY D 269 -39.56 -18.59 -33.77
C GLY D 269 -39.71 -18.94 -32.30
N TYR D 270 -39.24 -18.06 -31.43
CA TYR D 270 -39.39 -18.25 -29.99
C TYR D 270 -40.86 -18.30 -29.64
N GLY D 271 -41.65 -17.48 -30.32
CA GLY D 271 -43.08 -17.40 -30.07
C GLY D 271 -43.80 -18.63 -30.60
N SER D 272 -43.45 -19.03 -31.83
CA SER D 272 -44.06 -20.20 -32.44
C SER D 272 -43.83 -21.45 -31.59
N ILE D 273 -42.72 -21.49 -30.88
CA ILE D 273 -42.40 -22.62 -30.00
C ILE D 273 -43.02 -22.43 -28.62
N PHE D 274 -42.95 -21.21 -28.09
CA PHE D 274 -43.54 -20.92 -26.80
C PHE D 274 -45.04 -21.04 -26.87
N ALA D 275 -45.61 -20.67 -28.02
CA ALA D 275 -47.04 -20.83 -28.25
C ALA D 275 -47.37 -22.33 -28.26
N ALA D 276 -46.57 -23.09 -29.01
CA ALA D 276 -46.73 -24.54 -29.09
C ALA D 276 -46.68 -25.18 -27.71
N ILE D 277 -45.74 -24.73 -26.88
CA ILE D 277 -45.61 -25.27 -25.53
C ILE D 277 -46.86 -24.93 -24.71
N LEU D 278 -47.48 -23.79 -25.02
CA LEU D 278 -48.69 -23.38 -24.32
C LEU D 278 -49.92 -24.11 -24.85
N LEU D 279 -49.83 -24.63 -26.07
CA LEU D 279 -50.92 -25.39 -26.66
C LEU D 279 -50.76 -26.90 -26.44
N ILE D 280 -49.55 -27.41 -26.67
CA ILE D 280 -49.24 -28.82 -26.43
C ILE D 280 -49.63 -29.20 -25.02
N ILE D 281 -49.53 -28.23 -24.12
CA ILE D 281 -49.81 -28.43 -22.71
C ILE D 281 -51.30 -28.22 -22.40
N PHE D 282 -51.98 -27.46 -23.26
CA PHE D 282 -53.39 -27.14 -23.07
C PHE D 282 -54.32 -28.27 -23.49
N ALA D 283 -54.02 -28.89 -24.62
CA ALA D 283 -54.83 -29.99 -25.14
C ALA D 283 -54.91 -31.15 -24.15
N HIS D 284 -53.86 -31.31 -23.36
CA HIS D 284 -53.73 -32.44 -22.45
C HIS D 284 -54.58 -32.31 -21.18
N HIS D 285 -55.24 -31.17 -20.99
CA HIS D 285 -55.99 -30.94 -19.76
C HIS D 285 -57.32 -30.20 -19.93
N ARG D 286 -57.76 -29.99 -21.17
CA ARG D 286 -59.00 -29.23 -21.40
C ARG D 286 -60.27 -30.00 -21.07
N GLN D 287 -60.60 -30.98 -21.91
CA GLN D 287 -61.85 -31.72 -21.77
C GLN D 287 -61.95 -32.60 -20.54
N ALA D 288 -63.19 -32.90 -20.16
CA ALA D 288 -63.48 -33.77 -19.03
C ALA D 288 -63.06 -35.20 -19.33
N ASN D 289 -63.25 -36.08 -18.35
CA ASN D 289 -62.87 -37.49 -18.46
C ASN D 289 -61.40 -37.69 -18.83
N GLY D 290 -60.59 -36.65 -18.67
CA GLY D 290 -59.15 -36.73 -18.90
C GLY D 290 -58.80 -37.26 -20.28
N VAL D 291 -59.70 -37.09 -21.23
CA VAL D 291 -59.48 -37.58 -22.59
C VAL D 291 -58.34 -36.84 -23.27
N GLU D 292 -57.54 -37.58 -24.02
CA GLU D 292 -56.49 -36.99 -24.83
C GLU D 292 -57.17 -36.16 -25.90
N ASP D 293 -57.20 -34.84 -25.71
CA ASP D 293 -57.93 -33.98 -26.64
C ASP D 293 -57.23 -33.94 -27.99
N ASP D 294 -57.36 -35.03 -28.75
CA ASP D 294 -56.81 -35.12 -30.09
C ASP D 294 -57.67 -34.36 -31.09
N LEU D 295 -58.74 -33.73 -30.59
CA LEU D 295 -59.60 -32.91 -31.41
C LEU D 295 -59.00 -31.52 -31.63
N LEU D 296 -58.29 -31.03 -30.62
CA LEU D 296 -57.60 -29.73 -30.70
C LEU D 296 -56.28 -29.84 -31.45
N ILE D 297 -55.45 -30.80 -31.09
CA ILE D 297 -54.27 -31.11 -31.89
C ILE D 297 -54.81 -31.65 -33.21
N GLN D 298 -53.97 -31.63 -34.25
CA GLN D 298 -54.36 -32.00 -35.62
C GLN D 298 -55.03 -30.82 -36.29
N ARG D 299 -55.91 -30.13 -35.56
CA ARG D 299 -56.40 -28.85 -36.02
C ARG D 299 -55.21 -27.88 -35.98
N CYS D 300 -54.28 -28.16 -35.08
CA CYS D 300 -53.09 -27.35 -34.92
C CYS D 300 -51.98 -27.74 -35.89
N ARG D 301 -52.08 -28.93 -36.46
CA ARG D 301 -51.06 -29.41 -37.39
C ARG D 301 -50.97 -28.58 -38.65
N LEU D 302 -51.97 -27.73 -38.87
CA LEU D 302 -51.95 -26.80 -40.01
C LEU D 302 -52.57 -25.46 -39.65
N ALA D 303 -52.76 -25.22 -38.35
CA ALA D 303 -53.19 -23.90 -37.87
C ALA D 303 -51.97 -23.00 -37.69
N PHE D 304 -50.87 -23.59 -37.23
CA PHE D 304 -49.62 -22.86 -37.08
C PHE D 304 -48.94 -22.65 -38.43
N PRO D 305 -48.81 -23.72 -39.24
CA PRO D 305 -48.26 -23.56 -40.60
C PRO D 305 -49.03 -22.56 -41.46
N LEU D 306 -50.23 -22.20 -41.03
CA LEU D 306 -51.04 -21.21 -41.74
C LEU D 306 -51.07 -19.91 -40.97
N GLY D 307 -51.22 -20.00 -39.65
CA GLY D 307 -51.25 -18.82 -38.82
C GLY D 307 -49.97 -18.03 -38.91
N PHE D 308 -48.84 -18.73 -38.89
CA PHE D 308 -47.53 -18.09 -39.05
C PHE D 308 -47.29 -17.66 -40.50
N LEU D 309 -47.70 -18.50 -41.44
CA LEU D 309 -47.51 -18.21 -42.86
C LEU D 309 -48.54 -17.20 -43.36
N ALA D 310 -49.42 -16.77 -42.45
CA ALA D 310 -50.40 -15.71 -42.74
C ALA D 310 -50.12 -14.47 -41.90
N ILE D 311 -50.31 -14.59 -40.60
CA ILE D 311 -50.15 -13.47 -39.67
C ILE D 311 -48.75 -12.88 -39.76
N GLY D 312 -47.78 -13.71 -40.12
CA GLY D 312 -46.41 -13.25 -40.29
C GLY D 312 -46.24 -12.70 -41.68
N CYS D 313 -47.15 -13.05 -42.57
CA CYS D 313 -47.10 -12.57 -43.95
C CYS D 313 -47.62 -11.14 -43.99
N VAL D 314 -48.27 -10.71 -42.91
CA VAL D 314 -48.78 -9.34 -42.82
C VAL D 314 -47.98 -8.53 -41.79
N LEU D 315 -46.71 -8.33 -42.09
CA LEU D 315 -45.86 -7.39 -41.37
C LEU D 315 -45.30 -6.47 -42.44
N VAL D 316 -46.20 -5.77 -43.12
CA VAL D 316 -45.84 -4.97 -44.29
C VAL D 316 -45.61 -3.51 -43.89
N ILE D 317 -45.16 -3.31 -42.65
CA ILE D 317 -44.82 -1.99 -42.13
C ILE D 317 -43.58 -1.36 -42.81
N ARG E 10 12.07 13.33 -76.48
CA ARG E 10 11.69 14.23 -75.41
C ARG E 10 11.40 13.49 -74.10
N PRO E 11 10.51 12.47 -74.15
CA PRO E 11 10.18 11.74 -72.92
C PRO E 11 11.33 10.99 -72.27
N VAL E 12 11.34 10.97 -70.95
CA VAL E 12 12.38 10.29 -70.18
C VAL E 12 12.09 8.80 -70.06
N ASP E 13 13.11 7.97 -70.31
CA ASP E 13 12.98 6.52 -70.20
C ASP E 13 13.26 6.05 -68.78
N VAL E 14 12.29 5.38 -68.18
CA VAL E 14 12.42 4.86 -66.82
C VAL E 14 12.35 3.34 -66.80
N SER E 15 13.45 2.70 -66.41
CA SER E 15 13.49 1.25 -66.26
C SER E 15 13.17 0.86 -64.83
N VAL E 16 12.10 0.10 -64.67
CA VAL E 16 11.61 -0.27 -63.34
C VAL E 16 11.95 -1.73 -63.02
N SER E 17 12.23 -1.99 -61.74
CA SER E 17 12.44 -3.34 -61.26
C SER E 17 11.78 -3.48 -59.89
N ILE E 18 10.85 -4.43 -59.78
CA ILE E 18 10.09 -4.64 -58.55
C ILE E 18 10.37 -6.00 -57.94
N PHE E 19 11.07 -6.00 -56.80
CA PHE E 19 11.33 -7.23 -56.05
C PHE E 19 10.21 -7.48 -55.05
N ILE E 20 9.63 -8.68 -55.09
CA ILE E 20 8.54 -9.05 -54.19
C ILE E 20 9.05 -10.08 -53.18
N ASN E 21 8.97 -9.73 -51.90
CA ASN E 21 9.46 -10.57 -50.82
C ASN E 21 8.39 -11.48 -50.23
N LYS E 22 7.17 -10.96 -50.11
CA LYS E 22 6.12 -11.63 -49.36
C LYS E 22 4.75 -11.09 -49.73
N ILE E 23 3.85 -11.99 -50.10
CA ILE E 23 2.46 -11.65 -50.33
C ILE E 23 1.63 -12.37 -49.26
N TYR E 24 0.78 -11.61 -48.55
CA TYR E 24 0.05 -12.16 -47.43
C TYR E 24 -1.14 -11.30 -47.02
N GLY E 25 -1.84 -11.75 -45.98
CA GLY E 25 -2.91 -10.97 -45.36
C GLY E 25 -4.05 -10.63 -46.29
N VAL E 26 -4.56 -11.63 -46.99
CA VAL E 26 -5.68 -11.44 -47.89
C VAL E 26 -6.96 -11.12 -47.13
N ASN E 27 -7.57 -9.99 -47.45
CA ASN E 27 -8.88 -9.63 -46.90
C ASN E 27 -9.98 -9.93 -47.91
N THR E 28 -10.82 -10.91 -47.59
CA THR E 28 -11.80 -11.41 -48.53
C THR E 28 -12.94 -10.44 -48.80
N LEU E 29 -13.43 -9.77 -47.76
CA LEU E 29 -14.55 -8.86 -47.92
C LEU E 29 -14.13 -7.59 -48.66
N GLU E 30 -13.01 -7.01 -48.25
CA GLU E 30 -12.49 -5.79 -48.88
C GLU E 30 -11.82 -6.11 -50.22
N GLN E 31 -11.52 -7.38 -50.43
CA GLN E 31 -10.80 -7.83 -51.62
C GLN E 31 -9.45 -7.11 -51.74
N THR E 32 -8.59 -7.34 -50.76
CA THR E 32 -7.27 -6.72 -50.73
C THR E 32 -6.21 -7.73 -50.30
N TYR E 33 -4.95 -7.32 -50.33
CA TYR E 33 -3.84 -8.19 -49.94
C TYR E 33 -2.58 -7.38 -49.74
N LYS E 34 -1.72 -7.82 -48.82
CA LYS E 34 -0.50 -7.10 -48.50
C LYS E 34 0.70 -7.62 -49.29
N VAL E 35 1.57 -6.71 -49.71
CA VAL E 35 2.76 -7.05 -50.48
C VAL E 35 3.97 -6.29 -49.95
N ASP E 36 4.97 -7.04 -49.49
CA ASP E 36 6.24 -6.47 -49.06
C ASP E 36 7.27 -6.64 -50.15
N GLY E 37 8.05 -5.60 -50.40
CA GLY E 37 9.07 -5.67 -51.43
C GLY E 37 9.81 -4.36 -51.67
N TYR E 38 10.71 -4.40 -52.64
CA TYR E 38 11.48 -3.22 -53.05
C TYR E 38 11.01 -2.72 -54.42
N ILE E 39 11.27 -1.45 -54.71
CA ILE E 39 11.05 -0.90 -56.04
C ILE E 39 12.30 -0.15 -56.47
N VAL E 40 12.70 -0.35 -57.73
CA VAL E 40 13.88 0.31 -58.26
C VAL E 40 13.52 1.00 -59.57
N ALA E 41 13.89 2.28 -59.66
CA ALA E 41 13.64 3.08 -60.86
C ALA E 41 14.93 3.71 -61.32
N GLN E 42 15.26 3.51 -62.60
CA GLN E 42 16.48 4.05 -63.16
C GLN E 42 16.19 4.88 -64.42
N TRP E 43 16.73 6.09 -64.45
CA TRP E 43 16.60 6.97 -65.61
C TRP E 43 17.87 7.80 -65.74
N THR E 44 18.01 8.50 -66.88
CA THR E 44 19.20 9.30 -67.14
C THR E 44 18.87 10.76 -67.42
N GLY E 45 19.70 11.66 -66.88
CA GLY E 45 19.51 13.09 -67.08
C GLY E 45 20.83 13.82 -67.22
N LYS E 46 20.85 15.10 -66.83
CA LYS E 46 22.05 15.92 -66.95
C LYS E 46 23.17 15.41 -66.04
N PRO E 47 24.37 15.17 -66.60
CA PRO E 47 25.53 14.77 -65.80
C PRO E 47 25.87 15.74 -64.67
N ARG E 48 26.63 15.25 -63.69
CA ARG E 48 26.92 15.99 -62.48
C ARG E 48 28.29 15.61 -61.92
N LYS E 49 28.95 16.57 -61.30
CA LYS E 49 30.24 16.33 -60.64
C LYS E 49 29.97 15.83 -59.22
N THR E 50 30.46 14.63 -58.93
CA THR E 50 30.18 13.99 -57.64
C THR E 50 31.43 13.87 -56.76
N PRO E 51 31.23 13.93 -55.42
CA PRO E 51 32.33 13.76 -54.46
C PRO E 51 33.12 12.47 -54.67
N GLY E 52 34.43 12.60 -54.87
CA GLY E 52 35.29 11.47 -55.17
C GLY E 52 35.05 10.88 -56.55
N ASP E 53 34.13 11.47 -57.29
CA ASP E 53 33.81 11.06 -58.66
C ASP E 53 33.21 9.64 -58.74
N LYS E 54 33.12 8.95 -57.61
CA LYS E 54 32.44 7.67 -57.56
C LYS E 54 30.96 7.97 -57.46
N PRO E 55 30.10 7.01 -57.82
CA PRO E 55 28.66 7.30 -57.74
C PRO E 55 28.28 7.70 -56.32
N LEU E 56 27.43 8.70 -56.18
CA LEU E 56 27.06 9.22 -54.88
C LEU E 56 25.78 8.57 -54.36
N ILE E 57 25.81 8.20 -53.08
CA ILE E 57 24.67 7.58 -52.43
C ILE E 57 23.99 8.59 -51.52
N VAL E 58 22.67 8.65 -51.61
CA VAL E 58 21.87 9.57 -50.80
C VAL E 58 20.75 8.79 -50.12
N GLU E 59 20.76 8.77 -48.79
CA GLU E 59 19.83 7.94 -48.02
C GLU E 59 18.80 8.75 -47.24
N ASN E 60 17.54 8.36 -47.39
CA ASN E 60 16.44 8.86 -46.57
C ASN E 60 16.30 10.39 -46.57
N THR E 61 16.57 11.02 -45.43
CA THR E 61 16.28 12.44 -45.24
C THR E 61 17.08 13.34 -46.18
N GLN E 62 18.21 12.83 -46.68
CA GLN E 62 19.08 13.61 -47.54
C GLN E 62 18.50 13.72 -48.96
N ILE E 63 17.65 12.76 -49.33
CA ILE E 63 17.01 12.78 -50.64
C ILE E 63 16.16 14.03 -50.77
N GLU E 64 15.52 14.42 -49.67
CA GLU E 64 14.68 15.60 -49.65
C GLU E 64 15.50 16.84 -49.98
N ARG E 65 16.72 16.89 -49.47
CA ARG E 65 17.59 18.05 -49.70
C ARG E 65 17.94 18.21 -51.18
N TRP E 66 18.26 17.11 -51.84
CA TRP E 66 18.61 17.13 -53.25
C TRP E 66 17.44 17.59 -54.12
N ILE E 67 16.23 17.23 -53.72
CA ILE E 67 15.05 17.63 -54.47
C ILE E 67 14.86 19.13 -54.37
N ASN E 68 15.20 19.69 -53.22
CA ASN E 68 15.09 21.12 -53.00
C ASN E 68 16.11 21.88 -53.85
N ASN E 69 17.27 21.26 -54.07
CA ASN E 69 18.30 21.85 -54.91
C ASN E 69 17.99 21.72 -56.39
N GLY E 70 16.85 21.09 -56.69
CA GLY E 70 16.34 21.02 -58.05
C GLY E 70 16.59 19.69 -58.74
N LEU E 71 16.80 18.63 -57.96
CA LEU E 71 16.94 17.31 -58.53
C LEU E 71 15.57 16.77 -58.92
N TRP E 72 15.48 16.22 -60.13
CA TRP E 72 14.22 15.68 -60.62
C TRP E 72 14.05 14.24 -60.18
N VAL E 73 13.08 14.01 -59.29
CA VAL E 73 12.72 12.69 -58.81
C VAL E 73 11.22 12.50 -58.92
N PRO E 74 10.76 11.76 -59.94
CA PRO E 74 9.31 11.65 -60.20
C PRO E 74 8.55 10.80 -59.19
N ALA E 75 7.29 11.17 -58.96
CA ALA E 75 6.42 10.58 -57.95
C ALA E 75 5.65 9.32 -58.38
N LEU E 76 6.33 8.25 -58.77
CA LEU E 76 5.64 7.02 -59.17
C LEU E 76 4.66 6.49 -58.12
N GLU E 77 3.42 6.29 -58.55
CA GLU E 77 2.33 5.86 -57.67
C GLU E 77 1.84 4.46 -58.02
N PHE E 78 1.58 3.66 -56.99
CA PHE E 78 0.87 2.40 -57.15
C PHE E 78 -0.62 2.69 -57.31
N ILE E 79 -1.14 2.46 -58.50
CA ILE E 79 -2.54 2.78 -58.79
C ILE E 79 -3.52 2.05 -57.89
N ASN E 80 -3.28 0.76 -57.64
CA ASN E 80 -4.25 -0.08 -56.94
C ASN E 80 -3.91 -0.31 -55.47
N VAL E 81 -3.07 0.55 -54.89
CA VAL E 81 -2.78 0.48 -53.46
C VAL E 81 -3.89 1.16 -52.67
N VAL E 82 -4.11 0.69 -51.44
CA VAL E 82 -5.13 1.26 -50.57
C VAL E 82 -4.47 2.00 -49.40
N GLY E 83 -4.42 3.32 -49.49
CA GLY E 83 -3.77 4.12 -48.47
C GLY E 83 -2.28 4.24 -48.71
N SER E 84 -1.67 5.27 -48.15
CA SER E 84 -0.25 5.51 -48.36
C SER E 84 0.55 4.31 -47.87
N PRO E 85 1.39 3.73 -48.74
CA PRO E 85 2.14 2.54 -48.35
C PRO E 85 3.27 2.85 -47.37
N ASP E 86 3.67 1.85 -46.59
CA ASP E 86 4.75 2.02 -45.64
C ASP E 86 6.09 1.95 -46.35
N THR E 87 6.70 3.10 -46.60
CA THR E 87 7.99 3.14 -47.25
C THR E 87 9.09 3.09 -46.19
N GLY E 88 9.95 2.07 -46.29
CA GLY E 88 11.05 1.91 -45.38
C GLY E 88 12.20 2.84 -45.72
N ASN E 89 13.37 2.26 -45.99
CA ASN E 89 14.54 3.03 -46.32
C ASN E 89 14.49 3.52 -47.75
N LYS E 90 14.90 4.76 -47.95
CA LYS E 90 14.94 5.38 -49.27
C LYS E 90 16.40 5.53 -49.70
N ARG E 91 16.65 5.51 -51.01
CA ARG E 91 18.01 5.66 -51.51
C ARG E 91 18.05 6.22 -52.94
N LEU E 92 18.91 7.22 -53.14
CA LEU E 92 19.22 7.72 -54.47
C LEU E 92 20.68 7.43 -54.80
N MET E 93 20.93 6.78 -55.92
CA MET E 93 22.28 6.57 -56.40
C MET E 93 22.55 7.45 -57.62
N LEU E 94 23.20 8.58 -57.40
CA LEU E 94 23.49 9.55 -58.45
C LEU E 94 24.85 9.25 -59.08
N PHE E 95 24.84 8.78 -60.32
CA PHE E 95 26.10 8.51 -61.02
C PHE E 95 26.59 9.80 -61.68
N PRO E 96 27.90 9.92 -61.89
CA PRO E 96 28.46 11.13 -62.51
C PRO E 96 28.13 11.23 -64.00
N ASP E 97 27.92 10.10 -64.64
CA ASP E 97 27.63 10.08 -66.08
C ASP E 97 26.17 10.41 -66.39
N GLY E 98 25.46 10.91 -65.37
CA GLY E 98 24.11 11.43 -65.58
C GLY E 98 23.00 10.55 -65.05
N ARG E 99 23.22 9.24 -65.02
CA ARG E 99 22.16 8.31 -64.66
C ARG E 99 21.85 8.36 -63.16
N VAL E 100 20.62 7.98 -62.81
CA VAL E 100 20.12 8.07 -61.45
C VAL E 100 19.33 6.82 -61.11
N ILE E 101 19.52 6.29 -59.91
CA ILE E 101 18.83 5.09 -59.46
C ILE E 101 18.19 5.33 -58.09
N TYR E 102 16.86 5.31 -58.06
CA TYR E 102 16.11 5.42 -56.81
C TYR E 102 15.72 4.02 -56.36
N ASN E 103 16.07 3.69 -55.12
CA ASN E 103 15.78 2.37 -54.54
C ASN E 103 15.13 2.51 -53.16
N ALA E 104 13.96 1.90 -52.98
CA ALA E 104 13.24 1.97 -51.70
C ALA E 104 12.43 0.71 -51.43
N ARG E 105 12.34 0.33 -50.16
CA ARG E 105 11.53 -0.79 -49.74
C ARG E 105 10.12 -0.30 -49.41
N PHE E 106 9.13 -1.14 -49.66
CA PHE E 106 7.74 -0.75 -49.46
C PHE E 106 6.88 -1.91 -48.97
N LEU E 107 5.87 -1.56 -48.17
CA LEU E 107 4.85 -2.49 -47.74
C LEU E 107 3.49 -1.80 -47.80
N GLY E 108 2.61 -2.32 -48.66
CA GLY E 108 1.32 -1.70 -48.87
C GLY E 108 0.23 -2.71 -49.11
N SER E 109 -1.01 -2.28 -48.85
CA SER E 109 -2.19 -3.10 -49.08
C SER E 109 -2.78 -2.78 -50.46
N PHE E 110 -2.77 -3.76 -51.35
CA PHE E 110 -3.23 -3.56 -52.73
C PHE E 110 -4.62 -4.14 -52.94
N SER E 111 -5.34 -3.56 -53.90
CA SER E 111 -6.71 -3.97 -54.20
C SER E 111 -6.79 -4.58 -55.59
N ASN E 112 -7.71 -5.54 -55.75
CA ASN E 112 -7.96 -6.18 -57.04
C ASN E 112 -9.28 -6.92 -57.00
N ASP E 113 -9.83 -7.24 -58.16
CA ASP E 113 -11.05 -8.04 -58.23
C ASP E 113 -10.74 -9.48 -57.85
N MET E 114 -11.50 -10.01 -56.91
CA MET E 114 -11.26 -11.37 -56.40
C MET E 114 -12.58 -12.13 -56.26
N ASP E 115 -12.68 -13.25 -56.98
CA ASP E 115 -13.87 -14.09 -56.98
C ASP E 115 -13.66 -15.32 -56.10
N PHE E 116 -14.35 -15.37 -54.97
CA PHE E 116 -14.20 -16.46 -54.01
C PHE E 116 -15.38 -17.44 -54.06
N ARG E 117 -16.07 -17.49 -55.20
CA ARG E 117 -17.25 -18.34 -55.32
C ARG E 117 -16.88 -19.82 -55.35
N LEU E 118 -15.70 -20.12 -55.85
CA LEU E 118 -15.24 -21.51 -55.95
C LEU E 118 -14.49 -21.94 -54.69
N PHE E 119 -14.53 -21.11 -53.65
CA PHE E 119 -13.88 -21.42 -52.39
C PHE E 119 -14.29 -22.80 -51.89
N PRO E 120 -13.34 -23.58 -51.34
CA PRO E 120 -11.90 -23.31 -51.18
C PRO E 120 -11.07 -23.68 -52.41
N PHE E 121 -11.74 -23.87 -53.55
CA PHE E 121 -11.06 -24.29 -54.77
C PHE E 121 -10.93 -23.14 -55.77
N ASP E 122 -10.70 -21.94 -55.24
CA ASP E 122 -10.63 -20.73 -56.06
C ASP E 122 -9.20 -20.38 -56.47
N ARG E 123 -9.08 -19.68 -57.59
CA ARG E 123 -7.79 -19.17 -58.08
C ARG E 123 -7.82 -17.65 -58.10
N GLN E 124 -6.72 -17.04 -57.67
CA GLN E 124 -6.60 -15.58 -57.63
C GLN E 124 -5.29 -15.13 -58.26
N GLN E 125 -5.25 -13.86 -58.66
CA GLN E 125 -4.02 -13.25 -59.15
C GLN E 125 -3.73 -11.94 -58.41
N PHE E 126 -2.59 -11.90 -57.73
CA PHE E 126 -2.16 -10.72 -57.00
C PHE E 126 -1.55 -9.71 -57.96
N VAL E 127 -2.16 -8.53 -58.04
CA VAL E 127 -1.78 -7.53 -59.05
C VAL E 127 -1.18 -6.25 -58.45
N LEU E 128 -0.10 -5.79 -59.08
CA LEU E 128 0.47 -4.47 -58.83
C LEU E 128 0.32 -3.60 -60.07
N GLU E 129 -0.06 -2.33 -59.89
CA GLU E 129 -0.18 -1.38 -60.99
C GLU E 129 0.56 -0.09 -60.68
N LEU E 130 1.62 0.18 -61.43
CA LEU E 130 2.49 1.33 -61.19
C LEU E 130 2.36 2.36 -62.32
N GLU E 131 2.31 3.64 -61.95
CA GLU E 131 2.10 4.71 -62.92
C GLU E 131 2.52 6.07 -62.33
N PRO E 132 3.12 6.94 -63.16
CA PRO E 132 3.48 8.29 -62.68
C PRO E 132 2.28 9.12 -62.30
N PHE E 133 2.44 9.97 -61.28
CA PHE E 133 1.31 10.70 -60.70
C PHE E 133 1.01 12.01 -61.46
N SER E 134 2.05 12.63 -62.01
CA SER E 134 1.94 13.95 -62.61
C SER E 134 2.36 13.98 -64.08
N TYR E 135 3.37 13.19 -64.42
CA TYR E 135 3.98 13.25 -65.74
C TYR E 135 3.41 12.22 -66.71
N ASN E 136 2.91 12.71 -67.85
CA ASN E 136 2.33 11.85 -68.87
C ASN E 136 3.41 11.07 -69.65
N ASN E 137 2.98 10.35 -70.69
CA ASN E 137 3.90 9.51 -71.46
C ASN E 137 4.85 10.29 -72.36
N GLN E 138 4.53 11.55 -72.65
CA GLN E 138 5.40 12.40 -73.44
C GLN E 138 6.48 13.04 -72.56
N GLN E 139 6.33 12.89 -71.24
CA GLN E 139 7.29 13.40 -70.28
C GLN E 139 8.08 12.26 -69.63
N LEU E 140 7.36 11.22 -69.20
CA LEU E 140 7.96 10.06 -68.57
C LEU E 140 7.35 8.77 -69.11
N ARG E 141 8.21 7.90 -69.62
CA ARG E 141 7.77 6.64 -70.22
C ARG E 141 8.53 5.47 -69.62
N PHE E 142 7.81 4.39 -69.34
CA PHE E 142 8.43 3.17 -68.83
C PHE E 142 9.05 2.37 -69.96
N SER E 143 10.37 2.25 -69.93
CA SER E 143 11.11 1.54 -70.97
C SER E 143 10.86 0.05 -70.90
N ASP E 144 11.07 -0.52 -69.71
CA ASP E 144 10.89 -1.94 -69.49
C ASP E 144 10.58 -2.21 -68.03
N ILE E 145 10.11 -3.41 -67.74
CA ILE E 145 9.75 -3.80 -66.38
C ILE E 145 10.23 -5.20 -66.05
N GLN E 146 10.99 -5.31 -64.96
CA GLN E 146 11.44 -6.59 -64.45
C GLN E 146 10.79 -6.85 -63.09
N VAL E 147 10.31 -8.07 -62.88
CA VAL E 147 9.70 -8.44 -61.61
C VAL E 147 10.35 -9.72 -61.11
N TYR E 148 10.97 -9.66 -59.94
CA TYR E 148 11.70 -10.80 -59.39
C TYR E 148 11.07 -11.33 -58.11
N THR E 149 10.82 -12.63 -58.12
CA THR E 149 10.23 -13.35 -57.00
C THR E 149 11.12 -14.52 -56.61
N GLU E 150 10.96 -15.03 -55.40
CA GLU E 150 11.74 -16.19 -54.97
C GLU E 150 11.15 -17.39 -55.70
N ASN E 151 11.98 -18.38 -56.00
CA ASN E 151 11.55 -19.53 -56.78
C ASN E 151 10.58 -20.45 -56.02
N ILE E 152 10.28 -21.59 -56.62
CA ILE E 152 9.38 -22.57 -56.02
C ILE E 152 10.15 -23.20 -54.86
N ASP E 153 9.81 -22.78 -53.64
CA ASP E 153 10.50 -23.22 -52.44
C ASP E 153 9.73 -24.35 -51.76
N ASN E 154 9.62 -24.31 -50.43
CA ASN E 154 8.83 -25.30 -49.70
C ASN E 154 7.47 -24.69 -49.37
N GLU E 155 6.67 -24.51 -50.41
CA GLU E 155 5.37 -23.87 -50.34
C GLU E 155 4.26 -24.61 -49.60
N GLU E 156 4.56 -25.80 -49.08
CA GLU E 156 3.52 -26.63 -48.48
C GLU E 156 2.93 -25.95 -47.24
N ILE E 157 3.75 -25.20 -46.52
CA ILE E 157 3.34 -24.55 -45.27
C ILE E 157 2.82 -23.13 -45.48
N ASP E 158 2.87 -22.63 -46.71
CA ASP E 158 2.30 -21.32 -47.03
C ASP E 158 0.80 -21.46 -47.32
N GLU E 159 0.07 -20.37 -47.10
CA GLU E 159 -1.37 -20.38 -47.34
C GLU E 159 -1.68 -20.40 -48.83
N TRP E 160 -0.85 -19.71 -49.61
CA TRP E 160 -1.01 -19.60 -51.05
C TRP E 160 0.16 -20.19 -51.83
N TRP E 161 -0.14 -21.02 -52.83
CA TRP E 161 0.87 -21.56 -53.72
C TRP E 161 0.89 -20.80 -55.03
N ILE E 162 2.01 -20.10 -55.31
CA ILE E 162 2.14 -19.35 -56.54
C ILE E 162 2.41 -20.31 -57.70
N ARG E 163 1.51 -20.33 -58.68
CA ARG E 163 1.61 -21.26 -59.80
C ARG E 163 2.06 -20.56 -61.08
N GLY E 164 3.35 -20.19 -61.10
CA GLY E 164 3.97 -19.55 -62.25
C GLY E 164 4.61 -18.23 -61.89
N LYS E 165 5.54 -17.80 -62.74
CA LYS E 165 6.26 -16.55 -62.54
C LYS E 165 5.40 -15.33 -62.84
N ALA E 166 5.85 -14.17 -62.38
CA ALA E 166 5.10 -12.93 -62.53
C ALA E 166 5.04 -12.51 -63.99
N SER E 167 3.85 -12.05 -64.41
CA SER E 167 3.66 -11.51 -65.75
C SER E 167 3.68 -9.99 -65.74
N THR E 168 4.46 -9.39 -66.62
CA THR E 168 4.58 -7.94 -66.70
C THR E 168 3.93 -7.43 -67.97
N HIS E 169 3.56 -6.15 -67.98
CA HIS E 169 2.91 -5.55 -69.15
C HIS E 169 2.89 -4.04 -69.05
N ILE E 170 3.71 -3.37 -69.87
CA ILE E 170 3.66 -1.91 -69.96
C ILE E 170 2.59 -1.49 -70.97
N SER E 171 1.86 -0.43 -70.65
CA SER E 171 0.76 0.02 -71.50
C SER E 171 0.50 1.51 -71.32
N ASP E 172 -0.50 2.03 -72.05
CA ASP E 172 -0.89 3.43 -71.97
C ASP E 172 -2.38 3.56 -71.63
N ILE E 173 -2.70 4.48 -70.71
CA ILE E 173 -4.07 4.65 -70.25
C ILE E 173 -4.60 6.06 -70.56
N ARG E 174 -5.60 6.13 -71.41
CA ARG E 174 -6.23 7.40 -71.78
C ARG E 174 -7.31 7.84 -70.80
N TYR E 175 -7.06 8.98 -70.14
CA TYR E 175 -8.07 9.60 -69.30
C TYR E 175 -8.87 10.60 -70.14
N ASP E 176 -10.10 10.25 -70.51
CA ASP E 176 -10.92 11.13 -71.34
C ASP E 176 -11.16 12.41 -70.55
N HIS E 177 -11.70 12.25 -69.34
CA HIS E 177 -11.96 13.37 -68.47
C HIS E 177 -10.70 13.60 -67.64
N LEU E 178 -10.14 14.79 -67.74
CA LEU E 178 -8.88 15.09 -67.09
C LEU E 178 -8.76 16.60 -66.95
N SER E 179 -7.77 17.05 -66.16
CA SER E 179 -7.52 18.46 -65.83
C SER E 179 -8.33 19.47 -66.64
N SER E 180 -7.75 19.95 -67.74
CA SER E 180 -8.44 20.89 -68.61
C SER E 180 -9.19 20.09 -69.68
N VAL E 181 -8.70 20.15 -70.91
CA VAL E 181 -9.21 19.33 -72.01
C VAL E 181 -7.95 18.82 -72.72
N GLN E 182 -7.16 19.78 -73.20
CA GLN E 182 -5.92 19.56 -73.96
C GLN E 182 -5.66 18.16 -74.51
N PRO E 183 -5.99 17.92 -75.79
CA PRO E 183 -5.85 16.55 -76.30
C PRO E 183 -4.39 16.12 -76.37
N ASN E 184 -4.16 14.83 -76.66
CA ASN E 184 -2.83 14.22 -76.83
C ASN E 184 -1.74 14.68 -75.84
N GLN E 185 -2.15 15.20 -74.69
CA GLN E 185 -1.23 15.56 -73.61
C GLN E 185 -1.59 14.74 -72.39
N ASN E 186 -2.32 13.66 -72.63
CA ASN E 186 -2.82 12.79 -71.58
C ASN E 186 -2.12 11.46 -71.79
N GLU E 187 -2.79 10.36 -71.45
CA GLU E 187 -2.22 9.03 -71.56
C GLU E 187 -1.00 8.89 -70.63
N PHE E 188 -0.94 7.77 -69.92
CA PHE E 188 0.13 7.55 -68.94
C PHE E 188 0.76 6.18 -69.09
N SER E 189 2.09 6.12 -68.99
CA SER E 189 2.79 4.86 -69.08
C SER E 189 2.58 4.09 -67.78
N ARG E 190 2.04 2.88 -67.90
CA ARG E 190 1.71 2.06 -66.73
C ARG E 190 2.31 0.66 -66.78
N ILE E 191 3.10 0.34 -65.78
CA ILE E 191 3.52 -1.03 -65.54
C ILE E 191 2.37 -1.79 -64.87
N THR E 192 2.18 -3.05 -65.24
CA THR E 192 1.14 -3.86 -64.65
C THR E 192 1.68 -5.27 -64.40
N VAL E 193 1.79 -5.61 -63.12
CA VAL E 193 2.32 -6.91 -62.73
C VAL E 193 1.20 -7.83 -62.24
N ARG E 194 1.29 -9.10 -62.60
CA ARG E 194 0.34 -10.10 -62.16
C ARG E 194 1.05 -11.34 -61.65
N ILE E 195 0.47 -11.97 -60.63
CA ILE E 195 1.01 -13.19 -60.05
C ILE E 195 -0.13 -14.15 -59.74
N ASP E 196 -0.32 -15.15 -60.61
CA ASP E 196 -1.37 -16.12 -60.41
C ASP E 196 -1.03 -17.04 -59.24
N ALA E 197 -2.05 -17.44 -58.49
CA ALA E 197 -1.86 -18.27 -57.31
C ALA E 197 -3.12 -19.04 -56.97
N VAL E 198 -2.95 -20.16 -56.27
CA VAL E 198 -4.06 -21.01 -55.86
C VAL E 198 -4.08 -21.18 -54.35
N ARG E 199 -5.27 -21.35 -53.79
CA ARG E 199 -5.43 -21.49 -52.35
C ARG E 199 -5.10 -22.92 -51.92
N ASN E 200 -4.42 -23.05 -50.78
CA ASN E 200 -4.09 -24.35 -50.22
C ASN E 200 -5.34 -25.03 -49.67
N PRO E 201 -5.91 -25.99 -50.42
CA PRO E 201 -7.23 -26.52 -50.03
C PRO E 201 -7.17 -27.64 -48.99
N SER E 202 -6.00 -27.90 -48.43
CA SER E 202 -5.84 -29.01 -47.48
C SER E 202 -6.75 -28.89 -46.27
N TYR E 203 -6.54 -27.86 -45.47
CA TYR E 203 -7.27 -27.67 -44.22
C TYR E 203 -8.78 -27.66 -44.45
N TYR E 204 -9.22 -27.03 -45.53
CA TYR E 204 -10.64 -26.87 -45.78
C TYR E 204 -11.27 -28.16 -46.30
N LEU E 205 -10.46 -29.01 -46.94
CA LEU E 205 -10.97 -30.28 -47.45
C LEU E 205 -11.17 -31.27 -46.30
N TRP E 206 -10.17 -31.37 -45.43
CA TRP E 206 -10.18 -32.38 -44.39
C TRP E 206 -10.92 -31.97 -43.12
N SER E 207 -10.96 -30.68 -42.82
CA SER E 207 -11.54 -30.21 -41.56
C SER E 207 -12.92 -29.57 -41.71
N PHE E 208 -13.36 -29.37 -42.96
CA PHE E 208 -14.67 -28.76 -43.22
C PHE E 208 -15.49 -29.60 -44.20
N ILE E 209 -14.95 -29.85 -45.39
CA ILE E 209 -15.68 -30.60 -46.41
C ILE E 209 -15.98 -32.01 -45.92
N LEU E 210 -14.96 -32.69 -45.39
CA LEU E 210 -15.06 -34.11 -45.05
C LEU E 210 -16.04 -34.38 -43.89
N PRO E 211 -15.85 -33.72 -42.73
CA PRO E 211 -16.80 -33.94 -41.64
C PRO E 211 -18.23 -33.64 -42.05
N LEU E 212 -18.42 -32.62 -42.89
CA LEU E 212 -19.76 -32.25 -43.34
C LEU E 212 -20.38 -33.39 -44.15
N GLY E 213 -19.55 -34.08 -44.90
CA GLY E 213 -20.00 -35.24 -45.65
C GLY E 213 -20.46 -36.33 -44.71
N LEU E 214 -19.61 -36.64 -43.73
CA LEU E 214 -19.93 -37.64 -42.72
C LEU E 214 -21.19 -37.26 -41.95
N ILE E 215 -21.34 -35.98 -41.62
CA ILE E 215 -22.50 -35.51 -40.89
C ILE E 215 -23.75 -35.60 -41.77
N ILE E 216 -23.62 -35.20 -43.03
CA ILE E 216 -24.72 -35.31 -43.99
C ILE E 216 -25.06 -36.77 -44.26
N ALA E 217 -24.03 -37.61 -44.33
CA ALA E 217 -24.21 -39.03 -44.56
C ALA E 217 -24.98 -39.68 -43.42
N ALA E 218 -24.49 -39.49 -42.20
CA ALA E 218 -25.09 -40.08 -41.01
C ALA E 218 -26.52 -39.58 -40.79
N SER E 219 -26.87 -38.46 -41.40
CA SER E 219 -28.22 -37.92 -41.30
C SER E 219 -29.21 -38.84 -42.01
N TRP E 220 -28.73 -39.56 -43.01
CA TRP E 220 -29.57 -40.48 -43.79
C TRP E 220 -29.91 -41.74 -43.00
N SER E 221 -29.09 -42.06 -42.00
CA SER E 221 -29.30 -43.27 -41.22
C SER E 221 -30.50 -43.14 -40.28
N VAL E 222 -31.23 -42.03 -40.39
CA VAL E 222 -32.44 -41.84 -39.63
C VAL E 222 -33.52 -42.80 -40.12
N PHE E 223 -33.52 -43.09 -41.41
CA PHE E 223 -34.53 -43.96 -42.00
C PHE E 223 -34.43 -45.39 -41.50
N TRP E 224 -33.27 -45.77 -40.97
CA TRP E 224 -33.04 -47.12 -40.48
C TRP E 224 -33.54 -47.28 -39.04
N LEU E 225 -34.13 -46.23 -38.50
CA LEU E 225 -34.76 -46.32 -37.19
C LEU E 225 -36.13 -46.96 -37.39
N GLU E 226 -36.52 -47.79 -36.44
CA GLU E 226 -37.72 -48.60 -36.58
C GLU E 226 -38.99 -47.77 -36.37
N SER E 227 -39.09 -47.12 -35.22
CA SER E 227 -40.28 -46.35 -34.85
C SER E 227 -40.42 -45.04 -35.62
N PHE E 228 -41.61 -44.46 -35.54
CA PHE E 228 -41.89 -43.16 -36.15
C PHE E 228 -41.42 -42.04 -35.22
N SER E 229 -41.69 -42.23 -33.93
CA SER E 229 -41.24 -41.28 -32.91
C SER E 229 -39.72 -41.17 -32.92
N GLU E 230 -39.05 -42.30 -33.11
CA GLU E 230 -37.59 -42.31 -33.17
C GLU E 230 -37.08 -41.49 -34.33
N ARG E 231 -37.72 -41.64 -35.49
CA ARG E 231 -37.25 -41.00 -36.71
C ARG E 231 -37.49 -39.49 -36.69
N LEU E 232 -38.65 -39.06 -36.21
CA LEU E 232 -38.99 -37.65 -36.24
C LEU E 232 -38.25 -36.88 -35.16
N GLN E 233 -38.21 -37.43 -33.95
CA GLN E 233 -37.52 -36.78 -32.84
C GLN E 233 -36.01 -36.71 -33.10
N THR E 234 -35.49 -37.69 -33.82
CA THR E 234 -34.07 -37.73 -34.14
C THR E 234 -33.74 -36.64 -35.15
N SER E 235 -34.66 -36.36 -36.05
CA SER E 235 -34.44 -35.36 -37.09
C SER E 235 -34.22 -33.99 -36.47
N PHE E 236 -34.81 -33.77 -35.29
CA PHE E 236 -34.67 -32.51 -34.58
C PHE E 236 -33.28 -32.40 -33.96
N THR E 237 -32.67 -33.54 -33.64
CA THR E 237 -31.31 -33.57 -33.16
C THR E 237 -30.35 -33.38 -34.32
N LEU E 238 -30.71 -33.93 -35.47
CA LEU E 238 -29.93 -33.76 -36.70
C LEU E 238 -29.95 -32.30 -37.15
N MET E 239 -31.12 -31.69 -37.07
CA MET E 239 -31.29 -30.29 -37.45
C MET E 239 -30.38 -29.41 -36.60
N LEU E 240 -30.36 -29.69 -35.30
CA LEU E 240 -29.52 -28.97 -34.36
C LEU E 240 -28.05 -29.09 -34.74
N THR E 241 -27.67 -30.26 -35.25
CA THR E 241 -26.28 -30.52 -35.63
C THR E 241 -25.83 -29.66 -36.81
N VAL E 242 -26.71 -29.48 -37.79
CA VAL E 242 -26.38 -28.68 -38.95
C VAL E 242 -26.21 -27.21 -38.59
N VAL E 243 -27.08 -26.73 -37.71
CA VAL E 243 -27.00 -25.35 -37.24
C VAL E 243 -25.67 -25.13 -36.55
N ALA E 244 -25.28 -26.11 -35.74
CA ALA E 244 -24.01 -26.05 -35.03
C ALA E 244 -22.85 -26.02 -36.03
N TYR E 245 -23.01 -26.74 -37.13
CA TYR E 245 -21.94 -26.83 -38.12
C TYR E 245 -21.88 -25.59 -39.00
N ALA E 246 -23.02 -24.96 -39.23
CA ALA E 246 -23.06 -23.72 -40.00
C ALA E 246 -22.36 -22.61 -39.23
N PHE E 247 -22.54 -22.64 -37.91
CA PHE E 247 -21.92 -21.65 -37.03
C PHE E 247 -20.41 -21.92 -36.94
N TYR E 248 -20.06 -23.19 -36.88
CA TYR E 248 -18.66 -23.62 -36.86
C TYR E 248 -17.90 -23.12 -38.07
N THR E 249 -18.47 -23.32 -39.25
CA THR E 249 -17.82 -22.91 -40.49
C THR E 249 -17.74 -21.39 -40.66
N SER E 250 -18.89 -20.73 -40.62
CA SER E 250 -18.98 -19.30 -40.91
C SER E 250 -18.11 -18.45 -39.99
N ASN E 251 -17.90 -18.92 -38.77
CA ASN E 251 -17.12 -18.18 -37.79
C ASN E 251 -15.63 -18.30 -38.08
N ILE E 252 -15.23 -19.43 -38.64
CA ILE E 252 -13.82 -19.70 -38.91
C ILE E 252 -13.48 -19.36 -40.36
N LEU E 253 -14.41 -19.65 -41.26
CA LEU E 253 -14.22 -19.34 -42.68
C LEU E 253 -14.27 -17.83 -42.92
N PRO E 254 -13.62 -17.37 -43.98
CA PRO E 254 -13.62 -15.93 -44.32
C PRO E 254 -15.00 -15.42 -44.70
N ARG E 255 -15.39 -14.26 -44.18
CA ARG E 255 -16.70 -13.68 -44.46
C ARG E 255 -16.79 -13.15 -45.89
N LEU E 256 -17.93 -13.40 -46.52
CA LEU E 256 -18.15 -12.99 -47.91
C LEU E 256 -19.58 -12.51 -48.12
N PRO E 257 -19.83 -11.81 -49.24
CA PRO E 257 -21.17 -11.34 -49.60
C PRO E 257 -21.93 -12.30 -50.53
N TYR E 258 -21.44 -13.53 -50.64
CA TYR E 258 -22.09 -14.53 -51.50
C TYR E 258 -21.77 -15.94 -51.02
N THR E 259 -22.49 -16.92 -51.57
CA THR E 259 -22.37 -18.31 -51.13
C THR E 259 -21.21 -19.03 -51.81
N THR E 260 -20.42 -19.73 -51.01
CA THR E 260 -19.34 -20.56 -51.51
C THR E 260 -19.82 -21.98 -51.78
N VAL E 261 -18.89 -22.87 -52.10
CA VAL E 261 -19.22 -24.28 -52.31
C VAL E 261 -19.67 -24.89 -51.00
N ILE E 262 -18.90 -24.64 -49.95
CA ILE E 262 -19.19 -25.16 -48.62
C ILE E 262 -20.53 -24.63 -48.13
N ASP E 263 -20.79 -23.34 -48.40
CA ASP E 263 -22.04 -22.73 -47.99
C ASP E 263 -23.23 -23.45 -48.58
N GLN E 264 -23.08 -23.93 -49.81
CA GLN E 264 -24.15 -24.63 -50.51
C GLN E 264 -24.37 -26.03 -49.93
N MET E 265 -23.29 -26.71 -49.59
CA MET E 265 -23.37 -28.03 -48.98
C MET E 265 -24.24 -27.97 -47.73
N ILE E 266 -24.09 -26.87 -47.00
CA ILE E 266 -24.84 -26.67 -45.77
C ILE E 266 -26.31 -26.42 -46.08
N ILE E 267 -26.60 -25.71 -47.16
CA ILE E 267 -27.98 -25.47 -47.57
C ILE E 267 -28.61 -26.81 -47.94
N ALA E 268 -27.81 -27.67 -48.57
CA ALA E 268 -28.27 -29.00 -48.94
C ALA E 268 -28.56 -29.82 -47.68
N GLY E 269 -27.76 -29.60 -46.64
CA GLY E 269 -27.95 -30.26 -45.37
C GLY E 269 -29.27 -29.89 -44.74
N TYR E 270 -29.60 -28.60 -44.76
CA TYR E 270 -30.88 -28.12 -44.23
C TYR E 270 -32.04 -28.76 -44.98
N GLY E 271 -31.89 -28.91 -46.29
CA GLY E 271 -32.95 -29.45 -47.13
C GLY E 271 -33.15 -30.94 -46.96
N SER E 272 -32.04 -31.68 -46.98
CA SER E 272 -32.08 -33.14 -46.86
C SER E 272 -32.76 -33.57 -45.57
N ILE E 273 -32.68 -32.73 -44.54
CA ILE E 273 -33.29 -33.02 -43.25
C ILE E 273 -34.76 -32.61 -43.25
N PHE E 274 -35.04 -31.45 -43.85
CA PHE E 274 -36.41 -30.98 -43.93
C PHE E 274 -37.20 -31.91 -44.83
N ALA E 275 -36.53 -32.43 -45.86
CA ALA E 275 -37.12 -33.42 -46.74
C ALA E 275 -37.41 -34.69 -45.98
N ALA E 276 -36.42 -35.16 -45.23
CA ALA E 276 -36.55 -36.36 -44.41
C ALA E 276 -37.73 -36.25 -43.46
N ILE E 277 -37.89 -35.08 -42.85
CA ILE E 277 -39.00 -34.85 -41.94
C ILE E 277 -40.33 -34.92 -42.69
N LEU E 278 -40.33 -34.53 -43.97
CA LEU E 278 -41.54 -34.56 -44.78
C LEU E 278 -41.89 -35.95 -45.30
N LEU E 279 -40.91 -36.84 -45.34
CA LEU E 279 -41.15 -38.23 -45.79
C LEU E 279 -41.45 -39.13 -44.60
N ILE E 280 -40.64 -39.01 -43.55
CA ILE E 280 -40.84 -39.75 -42.31
C ILE E 280 -42.26 -39.54 -41.81
N ILE E 281 -42.80 -38.36 -42.07
CA ILE E 281 -44.11 -37.96 -41.60
C ILE E 281 -45.20 -38.39 -42.58
N PHE E 282 -44.81 -38.57 -43.83
CA PHE E 282 -45.75 -38.94 -44.89
C PHE E 282 -46.06 -40.43 -44.85
N ALA E 283 -45.04 -41.24 -44.58
CA ALA E 283 -45.20 -42.69 -44.50
C ALA E 283 -46.23 -43.03 -43.44
N HIS E 284 -46.34 -42.17 -42.43
CA HIS E 284 -47.21 -42.40 -41.30
C HIS E 284 -48.67 -42.11 -41.63
N HIS E 285 -48.94 -41.58 -42.83
CA HIS E 285 -50.29 -41.20 -43.22
C HIS E 285 -50.60 -41.45 -44.70
N ARG E 286 -49.73 -42.15 -45.42
CA ARG E 286 -49.96 -42.41 -46.84
C ARG E 286 -51.05 -43.45 -47.03
N GLN E 287 -50.74 -44.69 -46.68
CA GLN E 287 -51.66 -45.80 -46.86
C GLN E 287 -52.86 -45.65 -45.93
N ALA E 288 -53.96 -46.33 -46.27
CA ALA E 288 -55.17 -46.27 -45.46
C ALA E 288 -54.93 -46.90 -44.10
N ASN E 289 -55.93 -46.82 -43.22
CA ASN E 289 -55.87 -47.36 -41.86
C ASN E 289 -54.62 -46.90 -41.10
N GLY E 290 -54.00 -45.82 -41.59
CA GLY E 290 -52.84 -45.22 -40.95
C GLY E 290 -51.65 -46.13 -40.72
N VAL E 291 -51.51 -47.18 -41.54
CA VAL E 291 -50.38 -48.10 -41.41
C VAL E 291 -49.07 -47.41 -41.77
N GLU E 292 -48.03 -47.73 -41.02
CA GLU E 292 -46.69 -47.23 -41.29
C GLU E 292 -46.14 -47.80 -42.60
N ASP E 293 -46.09 -46.96 -43.63
CA ASP E 293 -45.66 -47.37 -44.97
C ASP E 293 -44.17 -47.72 -45.01
N ASP E 294 -43.82 -48.91 -44.53
CA ASP E 294 -42.44 -49.38 -44.58
C ASP E 294 -42.03 -49.80 -45.99
N LEU E 295 -42.94 -49.66 -46.95
CA LEU E 295 -42.63 -49.92 -48.35
C LEU E 295 -41.93 -48.70 -48.94
N LEU E 296 -42.30 -47.52 -48.44
CA LEU E 296 -41.72 -46.25 -48.86
C LEU E 296 -40.37 -46.05 -48.19
N ILE E 297 -40.35 -46.17 -46.87
CA ILE E 297 -39.10 -46.24 -46.13
C ILE E 297 -38.48 -47.57 -46.55
N GLN E 298 -37.19 -47.75 -46.31
CA GLN E 298 -36.42 -48.90 -46.78
C GLN E 298 -35.94 -48.63 -48.20
N ARG E 299 -36.84 -48.15 -49.05
CA ARG E 299 -36.41 -47.57 -50.33
C ARG E 299 -35.72 -46.24 -50.07
N CYS E 300 -36.06 -45.60 -48.95
CA CYS E 300 -35.47 -44.32 -48.61
C CYS E 300 -34.08 -44.51 -48.05
N ARG E 301 -33.80 -45.74 -47.63
CA ARG E 301 -32.49 -46.07 -47.08
C ARG E 301 -31.42 -45.98 -48.17
N LEU E 302 -31.85 -45.90 -49.43
CA LEU E 302 -30.94 -45.72 -50.54
C LEU E 302 -31.53 -44.81 -51.62
N ALA E 303 -32.63 -44.13 -51.30
CA ALA E 303 -33.18 -43.11 -52.21
C ALA E 303 -32.49 -41.78 -51.93
N PHE E 304 -32.18 -41.53 -50.66
CA PHE E 304 -31.48 -40.31 -50.26
C PHE E 304 -29.98 -40.38 -50.56
N PRO E 305 -29.31 -41.48 -50.15
CA PRO E 305 -27.89 -41.62 -50.51
C PRO E 305 -27.62 -41.56 -52.01
N LEU E 306 -28.66 -41.72 -52.81
CA LEU E 306 -28.55 -41.63 -54.26
C LEU E 306 -29.25 -40.36 -54.77
N GLY E 307 -30.43 -40.07 -54.22
CA GLY E 307 -31.19 -38.90 -54.60
C GLY E 307 -30.43 -37.62 -54.28
N PHE E 308 -29.78 -37.60 -53.13
CA PHE E 308 -28.98 -36.46 -52.74
C PHE E 308 -27.75 -36.41 -53.63
N LEU E 309 -27.20 -37.58 -53.91
CA LEU E 309 -26.05 -37.69 -54.80
C LEU E 309 -26.44 -37.63 -56.28
N ALA E 310 -27.73 -37.50 -56.58
CA ALA E 310 -28.17 -37.37 -57.97
C ALA E 310 -28.80 -36.02 -58.30
N ILE E 311 -30.08 -35.84 -57.96
CA ILE E 311 -30.80 -34.62 -58.31
C ILE E 311 -30.21 -33.37 -57.64
N GLY E 312 -29.65 -33.53 -56.44
CA GLY E 312 -29.03 -32.41 -55.76
C GLY E 312 -27.55 -32.28 -56.05
N CYS E 313 -26.93 -33.38 -56.48
CA CYS E 313 -25.49 -33.40 -56.75
C CYS E 313 -25.12 -32.84 -58.12
N VAL E 314 -26.10 -32.68 -59.00
CA VAL E 314 -25.83 -32.14 -60.32
C VAL E 314 -25.19 -30.77 -60.20
N LEU E 315 -23.91 -30.74 -59.81
CA LEU E 315 -23.17 -29.48 -59.81
C LEU E 315 -22.68 -29.19 -61.22
N VAL E 316 -23.62 -29.23 -62.16
CA VAL E 316 -23.36 -28.94 -63.57
C VAL E 316 -23.92 -27.53 -63.75
N ILE E 317 -25.24 -27.47 -63.94
CA ILE E 317 -25.96 -26.20 -64.01
C ILE E 317 -26.01 -25.61 -62.57
N ARG F 10 25.77 -40.42 48.98
CA ARG F 10 26.09 -40.02 47.62
C ARG F 10 25.77 -38.54 47.34
N PRO F 11 24.56 -38.09 47.67
CA PRO F 11 24.26 -36.67 47.39
C PRO F 11 25.17 -35.70 48.15
N VAL F 12 25.51 -34.59 47.50
CA VAL F 12 26.40 -33.59 48.09
C VAL F 12 25.64 -32.67 49.03
N ASP F 13 26.19 -32.45 50.21
CA ASP F 13 25.59 -31.56 51.21
C ASP F 13 26.07 -30.13 51.00
N VAL F 14 25.12 -29.21 50.79
CA VAL F 14 25.43 -27.80 50.56
C VAL F 14 24.88 -26.92 51.67
N SER F 15 25.78 -26.26 52.39
CA SER F 15 25.41 -25.34 53.47
C SER F 15 25.30 -23.92 52.94
N VAL F 16 24.10 -23.34 53.06
CA VAL F 16 23.82 -22.01 52.51
C VAL F 16 23.72 -20.96 53.62
N SER F 17 24.16 -19.75 53.31
CA SER F 17 24.00 -18.61 54.20
C SER F 17 23.66 -17.37 53.38
N ILE F 18 22.51 -16.76 53.67
CA ILE F 18 22.02 -15.61 52.91
C ILE F 18 21.95 -14.36 53.81
N PHE F 19 22.83 -13.40 53.53
CA PHE F 19 22.82 -12.13 54.24
C PHE F 19 21.94 -11.13 53.49
N ILE F 20 20.98 -10.53 54.19
CA ILE F 20 20.07 -9.56 53.56
C ILE F 20 20.36 -8.14 54.05
N ASN F 21 20.70 -7.27 53.10
CA ASN F 21 21.07 -5.89 53.39
C ASN F 21 19.92 -4.90 53.33
N LYS F 22 19.03 -5.09 52.35
CA LYS F 22 18.04 -4.07 52.04
C LYS F 22 16.89 -4.64 51.22
N ILE F 23 15.67 -4.41 51.69
CA ILE F 23 14.47 -4.73 50.93
C ILE F 23 13.78 -3.41 50.60
N TYR F 24 13.48 -3.20 49.33
CA TYR F 24 12.92 -1.93 48.88
C TYR F 24 12.28 -2.04 47.51
N GLY F 25 11.75 -0.93 47.03
CA GLY F 25 11.23 -0.85 45.67
C GLY F 25 10.11 -1.83 45.42
N VAL F 26 9.14 -1.88 46.32
CA VAL F 26 7.99 -2.74 46.14
C VAL F 26 7.13 -2.22 44.99
N ASN F 27 6.88 -3.08 44.01
CA ASN F 27 5.97 -2.76 42.92
C ASN F 27 4.63 -3.45 43.18
N THR F 28 3.61 -2.65 43.44
CA THR F 28 2.32 -3.18 43.85
C THR F 28 1.58 -3.89 42.71
N LEU F 29 1.68 -3.32 41.51
CA LEU F 29 0.97 -3.89 40.38
C LEU F 29 1.62 -5.20 39.94
N GLU F 30 2.95 -5.20 39.84
CA GLU F 30 3.69 -6.39 39.45
C GLU F 30 3.80 -7.41 40.58
N GLN F 31 3.50 -6.97 41.80
CA GLN F 31 3.68 -7.79 42.99
C GLN F 31 5.12 -8.27 43.07
N THR F 32 6.05 -7.33 43.17
CA THR F 32 7.47 -7.63 43.25
C THR F 32 8.15 -6.73 44.27
N TYR F 33 9.43 -7.00 44.51
CA TYR F 33 10.22 -6.21 45.45
C TYR F 33 11.70 -6.52 45.25
N LYS F 34 12.55 -5.53 45.49
CA LYS F 34 13.98 -5.68 45.28
C LYS F 34 14.69 -6.08 46.56
N VAL F 35 15.71 -6.93 46.43
CA VAL F 35 16.46 -7.42 47.57
C VAL F 35 17.96 -7.40 47.28
N ASP F 36 18.70 -6.61 48.05
CA ASP F 36 20.15 -6.58 47.98
C ASP F 36 20.74 -7.41 49.12
N GLY F 37 21.77 -8.19 48.81
CA GLY F 37 22.40 -9.01 49.81
C GLY F 37 23.48 -9.93 49.27
N TYR F 38 24.06 -10.71 50.16
CA TYR F 38 25.07 -11.71 49.81
C TYR F 38 24.51 -13.11 49.92
N ILE F 39 25.12 -14.05 49.20
CA ILE F 39 24.79 -15.47 49.33
C ILE F 39 26.09 -16.25 49.49
N VAL F 40 26.09 -17.20 50.43
CA VAL F 40 27.26 -18.02 50.68
C VAL F 40 26.87 -19.49 50.61
N ALA F 41 27.62 -20.26 49.83
CA ALA F 41 27.38 -21.69 49.68
C ALA F 41 28.63 -22.49 49.98
N GLN F 42 28.50 -23.46 50.88
CA GLN F 42 29.63 -24.29 51.31
C GLN F 42 29.31 -25.77 51.13
N TRP F 43 30.24 -26.47 50.48
CA TRP F 43 30.14 -27.92 50.32
C TRP F 43 31.54 -28.51 50.37
N THR F 44 31.63 -29.83 50.44
CA THR F 44 32.93 -30.50 50.53
C THR F 44 33.12 -31.49 49.39
N GLY F 45 34.32 -31.50 48.84
CA GLY F 45 34.66 -32.38 47.73
C GLY F 45 36.08 -32.91 47.82
N LYS F 46 36.65 -33.19 46.66
CA LYS F 46 37.99 -33.75 46.57
C LYS F 46 39.03 -32.79 47.16
N PRO F 47 39.87 -33.28 48.08
CA PRO F 47 40.97 -32.45 48.59
C PRO F 47 41.83 -31.90 47.45
N ARG F 48 42.59 -30.84 47.73
CA ARG F 48 43.28 -30.11 46.68
C ARG F 48 44.58 -29.53 47.20
N LYS F 49 45.59 -29.49 46.32
CA LYS F 49 46.87 -28.88 46.67
C LYS F 49 46.83 -27.39 46.37
N THR F 50 47.05 -26.59 47.40
CA THR F 50 46.98 -25.14 47.30
C THR F 50 48.37 -24.53 47.48
N PRO F 51 48.60 -23.36 46.86
CA PRO F 51 49.88 -22.67 47.04
C PRO F 51 50.21 -22.51 48.51
N GLY F 52 51.38 -23.03 48.91
CA GLY F 52 51.74 -23.08 50.32
C GLY F 52 50.87 -24.13 50.98
N ASP F 53 49.92 -23.69 51.79
CA ASP F 53 48.99 -24.62 52.42
C ASP F 53 47.75 -23.93 52.99
N LYS F 54 47.70 -22.60 52.89
CA LYS F 54 46.52 -21.84 53.28
C LYS F 54 45.47 -21.89 52.16
N PRO F 55 44.18 -21.68 52.51
CA PRO F 55 43.11 -21.72 51.52
C PRO F 55 43.30 -20.71 50.39
N LEU F 56 42.96 -21.11 49.17
CA LEU F 56 43.15 -20.28 47.99
C LEU F 56 41.89 -19.48 47.67
N ILE F 57 42.10 -18.20 47.35
CA ILE F 57 40.99 -17.30 46.99
C ILE F 57 40.98 -17.06 45.50
N VAL F 58 39.78 -17.17 44.91
CA VAL F 58 39.58 -16.95 43.50
C VAL F 58 38.44 -15.96 43.32
N GLU F 59 38.74 -14.81 42.71
CA GLU F 59 37.79 -13.72 42.59
C GLU F 59 37.31 -13.48 41.17
N ASN F 60 35.99 -13.38 41.04
CA ASN F 60 35.34 -12.93 39.81
C ASN F 60 35.73 -13.73 38.55
N THR F 61 36.45 -13.11 37.63
CA THR F 61 36.70 -13.70 36.31
C THR F 61 37.51 -14.99 36.38
N GLN F 62 38.25 -15.16 37.47
CA GLN F 62 39.11 -16.33 37.62
C GLN F 62 38.30 -17.59 37.96
N ILE F 63 37.12 -17.40 38.54
CA ILE F 63 36.24 -18.53 38.86
C ILE F 63 35.85 -19.28 37.61
N GLU F 64 35.64 -18.57 36.51
CA GLU F 64 35.26 -19.17 35.25
C GLU F 64 36.34 -20.15 34.77
N ARG F 65 37.61 -19.76 34.94
CA ARG F 65 38.73 -20.59 34.52
C ARG F 65 38.78 -21.89 35.31
N TRP F 66 38.56 -21.79 36.62
CA TRP F 66 38.60 -22.97 37.49
C TRP F 66 37.49 -23.94 37.10
N ILE F 67 36.36 -23.39 36.66
CA ILE F 67 35.24 -24.21 36.23
C ILE F 67 35.62 -24.95 34.95
N ASN F 68 36.42 -24.30 34.11
CA ASN F 68 36.88 -24.91 32.87
C ASN F 68 37.84 -26.07 33.14
N ASN F 69 38.62 -25.97 34.21
CA ASN F 69 39.54 -27.03 34.59
C ASN F 69 38.83 -28.21 35.24
N GLY F 70 37.51 -28.10 35.37
CA GLY F 70 36.69 -29.20 35.83
C GLY F 70 36.25 -29.06 37.28
N LEU F 71 36.28 -27.83 37.80
CA LEU F 71 35.78 -27.58 39.14
C LEU F 71 34.26 -27.58 39.15
N TRP F 72 33.67 -28.29 40.10
CA TRP F 72 32.23 -28.37 40.24
C TRP F 72 31.67 -27.21 41.06
N VAL F 73 30.92 -26.32 40.41
CA VAL F 73 30.24 -25.23 41.08
C VAL F 73 28.77 -25.19 40.64
N PRO F 74 27.86 -25.66 41.50
CA PRO F 74 26.45 -25.80 41.09
C PRO F 74 25.68 -24.49 40.94
N ALA F 75 24.73 -24.51 40.02
CA ALA F 75 23.96 -23.34 39.60
C ALA F 75 22.71 -23.02 40.43
N LEU F 76 22.87 -22.77 41.73
CA LEU F 76 21.71 -22.44 42.57
C LEU F 76 20.90 -21.25 42.04
N GLU F 77 19.61 -21.46 41.82
CA GLU F 77 18.72 -20.46 41.23
C GLU F 77 17.68 -19.94 42.21
N PHE F 78 17.42 -18.64 42.19
CA PHE F 78 16.26 -18.09 42.89
C PHE F 78 15.00 -18.36 42.10
N ILE F 79 14.16 -19.24 42.63
CA ILE F 79 12.95 -19.66 41.95
C ILE F 79 12.02 -18.49 41.66
N ASN F 80 11.89 -17.60 42.64
CA ASN F 80 10.90 -16.53 42.59
C ASN F 80 11.47 -15.18 42.15
N VAL F 81 12.64 -15.20 41.52
CA VAL F 81 13.24 -13.98 41.00
C VAL F 81 12.58 -13.62 39.67
N VAL F 82 12.50 -12.33 39.39
CA VAL F 82 11.94 -11.83 38.15
C VAL F 82 13.06 -11.25 37.29
N GLY F 83 13.52 -12.06 36.33
CA GLY F 83 14.64 -11.65 35.50
C GLY F 83 15.96 -11.99 36.16
N SER F 84 17.00 -12.14 35.34
CA SER F 84 18.32 -12.50 35.84
C SER F 84 18.83 -11.43 36.81
N PRO F 85 19.22 -11.84 38.03
CA PRO F 85 19.65 -10.85 39.04
C PRO F 85 21.02 -10.25 38.76
N ASP F 86 21.24 -9.04 39.29
CA ASP F 86 22.51 -8.35 39.13
C ASP F 86 23.54 -8.88 40.11
N THR F 87 24.46 -9.70 39.62
CA THR F 87 25.51 -10.28 40.44
C THR F 87 26.75 -9.37 40.50
N GLY F 88 27.12 -8.97 41.71
CA GLY F 88 28.29 -8.14 41.93
C GLY F 88 29.57 -8.95 41.90
N ASN F 89 30.33 -8.92 42.99
CA ASN F 89 31.58 -9.67 43.08
C ASN F 89 31.34 -11.14 43.39
N LYS F 90 32.08 -12.02 42.73
CA LYS F 90 32.03 -13.44 43.00
C LYS F 90 33.32 -13.86 43.70
N ARG F 91 33.25 -14.93 44.47
CA ARG F 91 34.43 -15.42 45.20
C ARG F 91 34.33 -16.92 45.47
N LEU F 92 35.41 -17.63 45.18
CA LEU F 92 35.56 -19.02 45.57
C LEU F 92 36.66 -19.11 46.62
N MET F 93 36.32 -19.70 47.77
CA MET F 93 37.29 -19.98 48.80
C MET F 93 37.55 -21.48 48.80
N LEU F 94 38.64 -21.88 48.15
CA LEU F 94 38.99 -23.30 48.00
C LEU F 94 39.90 -23.73 49.15
N PHE F 95 39.37 -24.55 50.05
CA PHE F 95 40.16 -25.06 51.17
C PHE F 95 40.95 -26.30 50.74
N PRO F 96 42.07 -26.57 51.42
CA PRO F 96 42.91 -27.73 51.10
C PRO F 96 42.28 -29.05 51.53
N ASP F 97 41.45 -29.02 52.57
CA ASP F 97 40.83 -30.24 53.09
C ASP F 97 39.61 -30.64 52.25
N GLY F 98 39.46 -30.03 51.09
CA GLY F 98 38.45 -30.43 50.12
C GLY F 98 37.28 -29.48 50.02
N ARG F 99 36.94 -28.80 51.11
CA ARG F 99 35.74 -27.97 51.14
C ARG F 99 35.90 -26.71 50.30
N VAL F 100 34.76 -26.19 49.86
CA VAL F 100 34.71 -25.06 48.95
C VAL F 100 33.60 -24.10 49.39
N ILE F 101 33.89 -22.80 49.33
CA ILE F 101 32.92 -21.79 49.71
C ILE F 101 32.75 -20.75 48.60
N TYR F 102 31.56 -20.71 48.03
CA TYR F 102 31.21 -19.71 47.02
C TYR F 102 30.50 -18.55 47.69
N ASN F 103 31.02 -17.34 47.48
CA ASN F 103 30.47 -16.14 48.08
C ASN F 103 30.26 -15.06 47.02
N ALA F 104 29.03 -14.57 46.90
CA ALA F 104 28.70 -13.56 45.91
C ALA F 104 27.60 -12.63 46.39
N ARG F 105 27.69 -11.37 46.00
CA ARG F 105 26.67 -10.37 46.28
C ARG F 105 25.64 -10.34 45.16
N PHE F 106 24.39 -10.06 45.50
CA PHE F 106 23.32 -10.07 44.51
C PHE F 106 22.27 -8.99 44.77
N LEU F 107 21.67 -8.52 43.69
CA LEU F 107 20.54 -7.61 43.75
C LEU F 107 19.54 -8.03 42.70
N GLY F 108 18.35 -8.42 43.13
CA GLY F 108 17.34 -8.93 42.20
C GLY F 108 15.94 -8.55 42.60
N SER F 109 15.04 -8.55 41.61
CA SER F 109 13.63 -8.29 41.83
C SER F 109 12.91 -9.62 42.02
N PHE F 110 12.36 -9.82 43.21
CA PHE F 110 11.71 -11.08 43.55
C PHE F 110 10.20 -10.94 43.53
N SER F 111 9.51 -12.05 43.25
CA SER F 111 8.06 -12.05 43.15
C SER F 111 7.43 -12.88 44.25
N ASN F 112 6.26 -12.45 44.71
CA ASN F 112 5.49 -13.18 45.70
C ASN F 112 4.06 -12.66 45.72
N ASP F 113 3.16 -13.44 46.30
CA ASP F 113 1.77 -13.02 46.44
C ASP F 113 1.65 -11.92 47.49
N MET F 114 0.98 -10.84 47.12
CA MET F 114 0.84 -9.68 47.99
C MET F 114 -0.60 -9.15 48.00
N ASP F 115 -1.20 -9.14 49.18
CA ASP F 115 -2.58 -8.69 49.36
C ASP F 115 -2.62 -7.28 49.92
N PHE F 116 -3.03 -6.31 49.10
CA PHE F 116 -3.06 -4.91 49.50
C PHE F 116 -4.48 -4.43 49.78
N ARG F 117 -5.38 -5.35 50.10
CA ARG F 117 -6.78 -4.99 50.31
C ARG F 117 -6.97 -4.20 51.60
N LEU F 118 -6.13 -4.48 52.60
CA LEU F 118 -6.23 -3.83 53.89
C LEU F 118 -5.35 -2.56 53.96
N PHE F 119 -4.85 -2.14 52.81
CA PHE F 119 -4.03 -0.93 52.71
C PHE F 119 -4.70 0.28 53.36
N PRO F 120 -3.91 1.15 54.03
CA PRO F 120 -2.47 1.13 54.26
C PRO F 120 -2.04 0.33 55.48
N PHE F 121 -2.95 -0.49 56.00
CA PHE F 121 -2.68 -1.29 57.19
C PHE F 121 -2.48 -2.75 56.81
N ASP F 122 -1.82 -2.97 55.68
CA ASP F 122 -1.63 -4.32 55.14
C ASP F 122 -0.34 -4.93 55.67
N ARG F 123 -0.32 -6.26 55.71
CA ARG F 123 0.85 -7.00 56.14
C ARG F 123 1.39 -7.82 54.98
N GLN F 124 2.71 -7.83 54.81
CA GLN F 124 3.35 -8.56 53.73
C GLN F 124 4.53 -9.38 54.24
N GLN F 125 4.91 -10.40 53.49
CA GLN F 125 6.12 -11.17 53.78
C GLN F 125 7.02 -11.28 52.55
N PHE F 126 8.23 -10.76 52.65
CA PHE F 126 9.19 -10.83 51.56
C PHE F 126 9.87 -12.19 51.55
N VAL F 127 9.69 -12.91 50.44
CA VAL F 127 10.14 -14.30 50.34
C VAL F 127 11.24 -14.50 49.30
N LEU F 128 12.27 -15.27 49.70
CA LEU F 128 13.28 -15.77 48.77
C LEU F 128 13.17 -17.28 48.69
N GLU F 129 13.30 -17.83 47.48
CA GLU F 129 13.24 -19.27 47.27
C GLU F 129 14.42 -19.74 46.41
N LEU F 130 15.30 -20.52 47.03
CA LEU F 130 16.53 -20.97 46.38
C LEU F 130 16.50 -22.46 46.09
N GLU F 131 16.98 -22.86 44.91
CA GLU F 131 16.95 -24.26 44.49
C GLU F 131 17.95 -24.53 43.36
N PRO F 132 18.60 -25.71 43.37
CA PRO F 132 19.52 -26.04 42.27
C PRO F 132 18.80 -26.15 40.93
N PHE F 133 19.48 -25.77 39.86
CA PHE F 133 18.85 -25.69 38.54
C PHE F 133 18.84 -27.03 37.81
N SER F 134 19.85 -27.85 38.09
CA SER F 134 20.06 -29.09 37.34
C SER F 134 20.08 -30.32 38.24
N TYR F 135 20.60 -30.17 39.45
CA TYR F 135 20.86 -31.31 40.33
C TYR F 135 19.72 -31.58 41.31
N ASN F 136 19.21 -32.79 41.24
CA ASN F 136 18.11 -33.23 42.10
C ASN F 136 18.59 -33.48 43.53
N ASN F 137 17.70 -34.00 44.37
CA ASN F 137 18.01 -34.22 45.78
C ASN F 137 18.93 -35.41 45.99
N GLN F 138 19.02 -36.30 45.01
CA GLN F 138 19.91 -37.45 45.10
C GLN F 138 21.33 -37.05 44.67
N GLN F 139 21.46 -35.87 44.09
CA GLN F 139 22.76 -35.37 43.64
C GLN F 139 23.25 -34.19 44.50
N LEU F 140 22.35 -33.24 44.78
CA LEU F 140 22.69 -32.06 45.57
C LEU F 140 21.60 -31.77 46.61
N ARG F 141 22.02 -31.69 47.86
CA ARG F 141 21.12 -31.52 49.00
C ARG F 141 21.50 -30.35 49.89
N PHE F 142 20.50 -29.56 50.29
CA PHE F 142 20.73 -28.44 51.22
C PHE F 142 20.74 -28.92 52.66
N SER F 143 21.90 -28.82 53.31
CA SER F 143 22.06 -29.26 54.69
C SER F 143 21.38 -28.33 55.69
N ASP F 144 21.67 -27.04 55.61
CA ASP F 144 21.09 -26.05 56.53
C ASP F 144 21.07 -24.67 55.89
N ILE F 145 20.31 -23.75 56.49
CA ILE F 145 20.17 -22.40 55.97
C ILE F 145 20.26 -21.37 57.09
N GLN F 146 21.17 -20.41 56.92
CA GLN F 146 21.32 -19.29 57.85
C GLN F 146 20.90 -18.00 57.15
N VAL F 147 20.09 -17.19 57.84
CA VAL F 147 19.65 -15.91 57.30
C VAL F 147 19.87 -14.80 58.32
N TYR F 148 20.70 -13.82 57.95
CA TYR F 148 21.05 -12.72 58.85
C TYR F 148 20.56 -11.38 58.31
N THR F 149 19.88 -10.62 59.17
CA THR F 149 19.35 -9.31 58.81
C THR F 149 19.89 -8.25 59.76
N GLU F 150 19.87 -6.99 59.32
CA GLU F 150 20.36 -5.89 60.13
C GLU F 150 19.33 -5.51 61.20
N ASN F 151 19.83 -4.97 62.30
CA ASN F 151 19.01 -4.64 63.46
C ASN F 151 18.05 -3.48 63.28
N ILE F 152 18.36 -2.58 62.33
CA ILE F 152 17.59 -1.36 62.06
C ILE F 152 17.14 -0.64 63.35
N ASP F 153 17.82 0.45 63.64
CA ASP F 153 17.61 1.21 64.87
C ASP F 153 16.62 2.33 64.62
N ASN F 154 16.87 3.14 63.60
CA ASN F 154 15.95 4.21 63.25
C ASN F 154 15.00 3.75 62.14
N GLU F 155 14.06 2.88 62.52
CA GLU F 155 13.09 2.34 61.59
C GLU F 155 11.95 3.31 61.31
N GLU F 156 11.90 4.40 62.08
CA GLU F 156 10.80 5.36 61.98
C GLU F 156 10.78 6.01 60.60
N ILE F 157 11.95 6.10 59.97
CA ILE F 157 12.09 6.75 58.67
C ILE F 157 11.99 5.81 57.47
N ASP F 158 11.89 4.50 57.72
CA ASP F 158 11.71 3.53 56.65
C ASP F 158 10.25 3.37 56.24
N GLU F 159 10.02 2.95 55.00
CA GLU F 159 8.66 2.73 54.51
C GLU F 159 8.07 1.47 55.13
N TRP F 160 8.93 0.46 55.31
CA TRP F 160 8.52 -0.83 55.86
C TRP F 160 9.25 -1.10 57.16
N TRP F 161 8.50 -1.51 58.18
CA TRP F 161 9.10 -1.95 59.43
C TRP F 161 9.15 -3.46 59.43
N ILE F 162 10.35 -4.03 59.39
CA ILE F 162 10.46 -5.48 59.41
C ILE F 162 10.25 -5.99 60.83
N ARG F 163 9.16 -6.73 61.03
CA ARG F 163 8.78 -7.20 62.35
C ARG F 163 8.92 -8.72 62.48
N GLY F 164 9.98 -9.16 63.16
CA GLY F 164 10.21 -10.56 63.41
C GLY F 164 11.52 -11.06 62.84
N LYS F 165 11.98 -12.21 63.34
CA LYS F 165 13.20 -12.82 62.82
C LYS F 165 12.90 -13.39 61.46
N ALA F 166 13.94 -13.65 60.67
CA ALA F 166 13.74 -14.23 59.35
C ALA F 166 13.31 -15.68 59.57
N SER F 167 12.30 -16.14 58.83
CA SER F 167 11.87 -17.54 58.94
C SER F 167 12.41 -18.40 57.79
N THR F 168 13.05 -19.52 58.14
CA THR F 168 13.63 -20.43 57.16
C THR F 168 12.94 -21.78 57.16
N HIS F 169 13.06 -22.50 56.04
CA HIS F 169 12.45 -23.83 55.90
C HIS F 169 13.00 -24.58 54.68
N ILE F 170 13.80 -25.61 54.92
CA ILE F 170 14.26 -26.48 53.83
C ILE F 170 13.21 -27.56 53.56
N SER F 171 13.00 -27.87 52.28
CA SER F 171 12.01 -28.84 51.86
C SER F 171 12.39 -29.49 50.52
N ASP F 172 11.52 -30.36 50.03
CA ASP F 172 11.73 -31.04 48.75
C ASP F 172 10.55 -30.79 47.80
N ILE F 173 10.87 -30.56 46.53
CA ILE F 173 9.87 -30.21 45.52
C ILE F 173 9.77 -31.28 44.45
N ARG F 174 8.59 -31.89 44.36
CA ARG F 174 8.32 -32.93 43.37
C ARG F 174 7.88 -32.36 42.03
N TYR F 175 8.68 -32.55 40.99
CA TYR F 175 8.33 -32.15 39.63
C TYR F 175 7.64 -33.28 38.88
N ASP F 176 6.33 -33.13 38.67
CA ASP F 176 5.48 -34.17 38.08
C ASP F 176 5.87 -34.58 36.66
N HIS F 177 6.00 -33.60 35.78
CA HIS F 177 6.23 -33.83 34.35
C HIS F 177 7.70 -34.00 34.00
N LEU F 178 8.01 -35.09 33.31
CA LEU F 178 9.40 -35.47 33.02
C LEU F 178 9.54 -36.32 31.76
N SER F 179 10.78 -36.48 31.31
CA SER F 179 11.09 -37.18 30.06
C SER F 179 11.61 -38.60 30.27
N SER F 180 12.43 -38.82 31.28
CA SER F 180 13.02 -40.13 31.53
C SER F 180 12.09 -40.99 32.39
N VAL F 181 12.66 -41.99 33.04
CA VAL F 181 11.90 -42.84 33.96
C VAL F 181 12.76 -43.00 35.21
N GLN F 182 12.72 -44.18 35.85
CA GLN F 182 13.32 -44.37 37.18
C GLN F 182 13.05 -43.16 38.05
N PRO F 183 11.77 -42.89 38.36
CA PRO F 183 11.48 -41.60 38.99
C PRO F 183 12.02 -41.45 40.43
N ASN F 184 13.34 -41.33 40.56
CA ASN F 184 13.97 -40.98 41.82
C ASN F 184 14.95 -39.84 41.59
N GLN F 185 14.75 -39.16 40.46
CA GLN F 185 15.56 -38.03 40.07
C GLN F 185 14.66 -36.81 39.89
N ASN F 186 13.48 -36.88 40.49
CA ASN F 186 12.44 -35.86 40.26
C ASN F 186 12.12 -34.99 41.47
N GLU F 187 13.00 -35.01 42.46
CA GLU F 187 12.83 -34.17 43.65
C GLU F 187 14.04 -33.26 43.80
N PHE F 188 13.79 -32.01 44.18
CA PHE F 188 14.84 -31.00 44.31
C PHE F 188 14.79 -30.36 45.69
N SER F 189 15.96 -30.16 46.27
CA SER F 189 16.07 -29.52 47.57
C SER F 189 15.88 -28.01 47.42
N ARG F 190 14.91 -27.45 48.15
CA ARG F 190 14.59 -26.03 48.05
C ARG F 190 14.60 -25.33 49.41
N ILE F 191 15.43 -24.31 49.53
CA ILE F 191 15.40 -23.39 50.66
C ILE F 191 14.27 -22.38 50.46
N THR F 192 13.60 -22.03 51.55
CA THR F 192 12.52 -21.05 51.49
C THR F 192 12.62 -20.10 52.67
N VAL F 193 12.93 -18.84 52.39
CA VAL F 193 13.11 -17.83 53.41
C VAL F 193 11.93 -16.88 53.44
N ARG F 194 11.52 -16.47 54.64
CA ARG F 194 10.42 -15.52 54.80
C ARG F 194 10.80 -14.39 55.75
N ILE F 195 10.30 -13.19 55.44
CA ILE F 195 10.51 -12.02 56.28
C ILE F 195 9.23 -11.21 56.35
N ASP F 196 8.50 -11.36 57.45
CA ASP F 196 7.26 -10.64 57.65
C ASP F 196 7.53 -9.16 57.89
N ALA F 197 6.66 -8.30 57.38
CA ALA F 197 6.84 -6.86 57.50
C ALA F 197 5.50 -6.12 57.40
N VAL F 198 5.47 -4.92 57.97
CA VAL F 198 4.28 -4.08 57.95
C VAL F 198 4.57 -2.70 57.39
N ARG F 199 3.57 -2.09 56.75
CA ARG F 199 3.73 -0.79 56.12
C ARG F 199 3.61 0.35 57.15
N ASN F 200 4.45 1.37 57.00
CA ASN F 200 4.40 2.55 57.85
C ASN F 200 3.19 3.42 57.53
N PRO F 201 2.14 3.36 58.36
CA PRO F 201 0.88 4.03 57.98
C PRO F 201 0.85 5.52 58.30
N SER F 202 1.98 6.09 58.71
CA SER F 202 2.03 7.48 59.14
C SER F 202 1.52 8.45 58.07
N TYR F 203 2.25 8.55 56.96
CA TYR F 203 1.92 9.50 55.91
C TYR F 203 0.48 9.33 55.43
N TYR F 204 0.05 8.08 55.30
CA TYR F 204 -1.25 7.77 54.74
C TYR F 204 -2.39 8.07 55.73
N LEU F 205 -2.08 8.04 57.02
CA LEU F 205 -3.07 8.35 58.04
C LEU F 205 -3.36 9.84 58.14
N TRP F 206 -2.30 10.64 58.17
CA TRP F 206 -2.42 12.06 58.44
C TRP F 206 -2.73 12.91 57.20
N SER F 207 -2.28 12.46 56.03
CA SER F 207 -2.41 13.25 54.81
C SER F 207 -3.49 12.74 53.84
N PHE F 208 -4.09 11.60 54.15
CA PHE F 208 -5.15 11.04 53.30
C PHE F 208 -6.38 10.67 54.10
N ILE F 209 -6.21 9.80 55.09
CA ILE F 209 -7.35 9.33 55.88
C ILE F 209 -8.00 10.48 56.64
N LEU F 210 -7.18 11.30 57.30
CA LEU F 210 -7.69 12.34 58.19
C LEU F 210 -8.41 13.44 57.40
N PRO F 211 -7.75 14.03 56.37
CA PRO F 211 -8.45 15.04 55.57
C PRO F 211 -9.75 14.50 54.95
N LEU F 212 -9.74 13.24 54.56
CA LEU F 212 -10.92 12.63 53.97
C LEU F 212 -12.06 12.59 54.98
N GLY F 213 -11.71 12.39 56.25
CA GLY F 213 -12.67 12.43 57.33
C GLY F 213 -13.28 13.81 57.47
N LEU F 214 -12.42 14.82 57.50
CA LEU F 214 -12.87 16.21 57.60
C LEU F 214 -13.80 16.59 56.45
N ILE F 215 -13.44 16.15 55.24
CA ILE F 215 -14.25 16.46 54.06
C ILE F 215 -15.59 15.72 54.11
N ILE F 216 -15.55 14.45 54.48
CA ILE F 216 -16.79 13.68 54.61
C ILE F 216 -17.64 14.24 55.75
N ALA F 217 -16.98 14.64 56.83
CA ALA F 217 -17.67 15.25 57.96
C ALA F 217 -18.32 16.56 57.55
N ALA F 218 -17.51 17.45 56.98
CA ALA F 218 -17.96 18.77 56.55
C ALA F 218 -19.04 18.70 55.47
N SER F 219 -19.13 17.56 54.78
CA SER F 219 -20.16 17.38 53.76
C SER F 219 -21.55 17.35 54.38
N TRP F 220 -21.63 16.96 55.64
CA TRP F 220 -22.91 16.85 56.34
C TRP F 220 -23.48 18.21 56.72
N SER F 221 -22.62 19.22 56.79
CA SER F 221 -23.03 20.56 57.21
C SER F 221 -23.86 21.28 56.16
N VAL F 222 -24.19 20.59 55.06
CA VAL F 222 -25.05 21.16 54.04
C VAL F 222 -26.49 21.31 54.55
N PHE F 223 -26.92 20.40 55.41
CA PHE F 223 -28.29 20.39 55.90
C PHE F 223 -28.61 21.60 56.77
N TRP F 224 -27.57 22.25 57.28
CA TRP F 224 -27.74 23.37 58.20
C TRP F 224 -27.90 24.70 57.46
N LEU F 225 -27.95 24.64 56.13
CA LEU F 225 -28.23 25.82 55.31
C LEU F 225 -29.73 26.12 55.26
N GLU F 226 -30.07 27.41 55.22
CA GLU F 226 -31.45 27.83 55.36
C GLU F 226 -32.30 27.55 54.11
N SER F 227 -31.90 28.12 52.98
CA SER F 227 -32.65 28.00 51.73
C SER F 227 -32.55 26.62 51.10
N PHE F 228 -33.43 26.36 50.13
CA PHE F 228 -33.38 25.12 49.35
C PHE F 228 -32.35 25.24 48.23
N SER F 229 -32.32 26.39 47.59
CA SER F 229 -31.35 26.67 46.54
C SER F 229 -29.93 26.56 47.07
N GLU F 230 -29.75 27.03 48.31
CA GLU F 230 -28.45 26.95 48.97
C GLU F 230 -28.00 25.51 49.17
N ARG F 231 -28.92 24.63 49.57
CA ARG F 231 -28.58 23.25 49.88
C ARG F 231 -28.24 22.42 48.65
N LEU F 232 -28.99 22.60 47.57
CA LEU F 232 -28.80 21.79 46.37
C LEU F 232 -27.58 22.23 45.56
N GLN F 233 -27.41 23.53 45.39
CA GLN F 233 -26.27 24.05 44.64
C GLN F 233 -24.95 23.74 45.34
N THR F 234 -25.00 23.64 46.67
CA THR F 234 -23.81 23.35 47.45
C THR F 234 -23.37 21.91 47.22
N SER F 235 -24.33 21.02 47.01
CA SER F 235 -24.04 19.60 46.82
C SER F 235 -23.19 19.38 45.56
N PHE F 236 -23.36 20.26 44.59
CA PHE F 236 -22.61 20.17 43.34
C PHE F 236 -21.16 20.60 43.53
N THR F 237 -20.94 21.47 44.50
CA THR F 237 -19.59 21.89 44.85
C THR F 237 -18.90 20.79 45.67
N LEU F 238 -19.67 20.11 46.51
CA LEU F 238 -19.15 18.99 47.28
C LEU F 238 -18.78 17.85 46.33
N MET F 239 -19.62 17.64 45.33
CA MET F 239 -19.39 16.61 44.32
C MET F 239 -18.05 16.83 43.62
N LEU F 240 -17.78 18.08 43.27
CA LEU F 240 -16.53 18.45 42.62
C LEU F 240 -15.32 18.12 43.49
N THR F 241 -15.45 18.33 44.80
CA THR F 241 -14.35 18.12 45.73
C THR F 241 -13.96 16.65 45.87
N VAL F 242 -14.95 15.76 45.90
CA VAL F 242 -14.69 14.34 46.04
C VAL F 242 -13.95 13.84 44.81
N VAL F 243 -14.35 14.33 43.64
CA VAL F 243 -13.69 13.98 42.40
C VAL F 243 -12.24 14.46 42.45
N ALA F 244 -12.06 15.68 42.96
CA ALA F 244 -10.72 16.25 43.11
C ALA F 244 -9.91 15.44 44.11
N TYR F 245 -10.56 14.95 45.15
CA TYR F 245 -9.88 14.19 46.20
C TYR F 245 -9.65 12.75 45.77
N ALA F 246 -10.53 12.22 44.93
CA ALA F 246 -10.34 10.90 44.38
C ALA F 246 -9.14 10.93 43.44
N PHE F 247 -8.99 12.07 42.76
CA PHE F 247 -7.87 12.30 41.85
C PHE F 247 -6.58 12.48 42.65
N TYR F 248 -6.69 13.19 43.77
CA TYR F 248 -5.56 13.43 44.68
C TYR F 248 -4.98 12.10 45.19
N THR F 249 -5.84 11.22 45.67
CA THR F 249 -5.42 9.94 46.23
C THR F 249 -4.89 9.00 45.13
N SER F 250 -5.73 8.76 44.12
CA SER F 250 -5.44 7.78 43.09
C SER F 250 -4.12 8.05 42.37
N ASN F 251 -3.74 9.33 42.31
CA ASN F 251 -2.50 9.72 41.64
C ASN F 251 -1.28 9.41 42.48
N ILE F 252 -1.43 9.48 43.80
CA ILE F 252 -0.30 9.28 44.71
C ILE F 252 -0.27 7.84 45.25
N LEU F 253 -1.44 7.27 45.51
CA LEU F 253 -1.50 5.91 46.00
C LEU F 253 -1.08 4.91 44.92
N PRO F 254 -0.58 3.74 45.32
CA PRO F 254 -0.14 2.72 44.36
C PRO F 254 -1.31 2.18 43.54
N ARG F 255 -1.10 2.03 42.24
CA ARG F 255 -2.17 1.53 41.36
C ARG F 255 -2.42 0.06 41.64
N LEU F 256 -3.70 -0.31 41.67
CA LEU F 256 -4.09 -1.69 41.97
C LEU F 256 -5.27 -2.10 41.10
N PRO F 257 -5.52 -3.41 41.01
CA PRO F 257 -6.66 -3.95 40.27
C PRO F 257 -7.89 -4.18 41.16
N TYR F 258 -7.88 -3.62 42.37
CA TYR F 258 -9.00 -3.78 43.30
C TYR F 258 -9.08 -2.61 44.27
N THR F 259 -10.18 -2.55 45.01
CA THR F 259 -10.45 -1.42 45.90
C THR F 259 -9.75 -1.58 47.25
N THR F 260 -9.11 -0.50 47.70
CA THR F 260 -8.49 -0.46 49.01
C THR F 260 -9.50 0.05 50.03
N VAL F 261 -9.04 0.27 51.25
CA VAL F 261 -9.90 0.83 52.28
C VAL F 261 -10.25 2.28 51.90
N ILE F 262 -9.23 3.03 51.51
CA ILE F 262 -9.40 4.44 51.14
C ILE F 262 -10.31 4.60 49.92
N ASP F 263 -10.14 3.74 48.93
CA ASP F 263 -10.96 3.80 47.71
C ASP F 263 -12.43 3.66 48.07
N GLN F 264 -12.71 2.84 49.07
CA GLN F 264 -14.08 2.58 49.50
C GLN F 264 -14.67 3.78 50.23
N MET F 265 -13.86 4.44 51.06
CA MET F 265 -14.28 5.65 51.74
C MET F 265 -14.70 6.71 50.72
N ILE F 266 -14.00 6.76 49.60
CA ILE F 266 -14.29 7.74 48.56
C ILE F 266 -15.62 7.40 47.88
N ILE F 267 -15.88 6.11 47.70
CA ILE F 267 -17.15 5.66 47.15
C ILE F 267 -18.27 6.00 48.12
N ALA F 268 -17.98 5.85 49.41
CA ALA F 268 -18.94 6.20 50.44
C ALA F 268 -19.20 7.71 50.42
N GLY F 269 -18.15 8.47 50.13
CA GLY F 269 -18.26 9.92 50.02
C GLY F 269 -19.15 10.31 48.86
N TYR F 270 -18.97 9.63 47.73
CA TYR F 270 -19.82 9.83 46.56
C TYR F 270 -21.28 9.52 46.87
N GLY F 271 -21.50 8.48 47.66
CA GLY F 271 -22.84 8.06 48.00
C GLY F 271 -23.52 8.99 48.99
N SER F 272 -22.79 9.35 50.03
CA SER F 272 -23.31 10.23 51.07
C SER F 272 -23.75 11.57 50.49
N ILE F 273 -23.12 11.98 49.40
CA ILE F 273 -23.47 13.25 48.75
C ILE F 273 -24.63 13.07 47.78
N PHE F 274 -24.61 11.98 47.01
CA PHE F 274 -25.70 11.69 46.08
C PHE F 274 -26.97 11.41 46.86
N ALA F 275 -26.83 10.81 48.03
CA ALA F 275 -27.97 10.55 48.91
C ALA F 275 -28.59 11.87 49.36
N ALA F 276 -27.74 12.78 49.82
CA ALA F 276 -28.20 14.10 50.26
C ALA F 276 -28.98 14.80 49.16
N ILE F 277 -28.50 14.68 47.92
CA ILE F 277 -29.17 15.30 46.77
C ILE F 277 -30.54 14.67 46.55
N LEU F 278 -30.68 13.39 46.91
CA LEU F 278 -31.96 12.68 46.75
C LEU F 278 -32.92 13.05 47.88
N LEU F 279 -32.39 13.57 48.97
CA LEU F 279 -33.19 13.98 50.11
C LEU F 279 -33.61 15.45 50.02
N ILE F 280 -32.66 16.32 49.67
CA ILE F 280 -32.93 17.74 49.53
C ILE F 280 -34.08 18.00 48.56
N ILE F 281 -34.21 17.17 47.53
CA ILE F 281 -35.26 17.36 46.53
C ILE F 281 -36.53 16.66 46.98
N PHE F 282 -36.39 15.69 47.88
CA PHE F 282 -37.54 14.94 48.38
C PHE F 282 -38.31 15.76 49.40
N ALA F 283 -37.58 16.44 50.27
CA ALA F 283 -38.19 17.31 51.27
C ALA F 283 -38.98 18.42 50.58
N HIS F 284 -38.52 18.82 49.41
CA HIS F 284 -39.12 19.92 48.68
C HIS F 284 -40.42 19.53 47.96
N HIS F 285 -40.75 18.24 47.97
CA HIS F 285 -41.93 17.75 47.25
C HIS F 285 -42.68 16.62 47.94
N ARG F 286 -42.35 16.31 49.19
CA ARG F 286 -43.07 15.24 49.87
C ARG F 286 -44.46 15.74 50.22
N GLN F 287 -44.52 16.68 51.17
CA GLN F 287 -45.77 17.25 51.61
C GLN F 287 -46.37 18.14 50.50
N ALA F 288 -47.67 18.38 50.58
CA ALA F 288 -48.35 19.21 49.60
C ALA F 288 -47.89 20.66 49.70
N ASN F 289 -48.41 21.49 48.80
CA ASN F 289 -48.09 22.92 48.72
C ASN F 289 -46.58 23.22 48.69
N GLY F 290 -45.78 22.21 48.36
CA GLY F 290 -44.35 22.36 48.19
C GLY F 290 -43.58 22.89 49.38
N VAL F 291 -44.10 22.70 50.59
CA VAL F 291 -43.42 23.17 51.79
C VAL F 291 -42.11 22.43 51.98
N GLU F 292 -41.08 23.15 52.42
CA GLU F 292 -39.79 22.54 52.73
C GLU F 292 -39.98 21.59 53.91
N ASP F 293 -39.94 20.29 53.63
CA ASP F 293 -40.20 19.28 54.65
C ASP F 293 -39.09 19.30 55.70
N ASP F 294 -39.15 20.30 56.58
CA ASP F 294 -38.20 20.43 57.67
C ASP F 294 -38.49 19.44 58.80
N LEU F 295 -39.51 18.61 58.60
CA LEU F 295 -39.82 17.54 59.55
C LEU F 295 -38.85 16.40 59.27
N LEU F 296 -38.51 16.25 57.99
CA LEU F 296 -37.53 15.24 57.54
C LEU F 296 -36.08 15.75 57.68
N ILE F 297 -35.82 16.94 57.17
CA ILE F 297 -34.53 17.60 57.39
C ILE F 297 -34.42 17.91 58.89
N GLN F 298 -33.20 18.15 59.36
CA GLN F 298 -32.89 18.36 60.78
C GLN F 298 -32.77 17.02 61.48
N ARG F 299 -33.68 16.09 61.15
CA ARG F 299 -33.53 14.70 61.52
C ARG F 299 -32.30 14.14 60.81
N CYS F 300 -31.97 14.75 59.68
CA CYS F 300 -30.82 14.33 58.87
C CYS F 300 -29.51 14.91 59.40
N ARG F 301 -29.60 15.92 60.26
CA ARG F 301 -28.40 16.56 60.80
C ARG F 301 -27.60 15.61 61.68
N LEU F 302 -28.18 14.46 62.01
CA LEU F 302 -27.47 13.42 62.76
C LEU F 302 -27.87 12.02 62.26
N ALA F 303 -28.55 11.96 61.13
CA ALA F 303 -28.83 10.67 60.49
C ALA F 303 -27.65 10.26 59.65
N PHE F 304 -27.01 11.24 59.01
CA PHE F 304 -25.83 10.97 58.20
C PHE F 304 -24.61 10.79 59.11
N PRO F 305 -24.38 11.73 60.05
CA PRO F 305 -23.28 11.54 61.01
C PRO F 305 -23.35 10.25 61.84
N LEU F 306 -24.52 9.61 61.87
CA LEU F 306 -24.66 8.33 62.57
C LEU F 306 -24.84 7.20 61.58
N GLY F 307 -25.65 7.45 60.55
CA GLY F 307 -25.88 6.45 59.53
C GLY F 307 -24.62 6.12 58.78
N PHE F 308 -23.82 7.14 58.47
CA PHE F 308 -22.56 6.94 57.78
C PHE F 308 -21.55 6.30 58.72
N LEU F 309 -21.55 6.73 59.97
CA LEU F 309 -20.67 6.17 60.99
C LEU F 309 -21.20 4.84 61.52
N ALA F 310 -22.30 4.38 60.95
CA ALA F 310 -22.86 3.06 61.29
C ALA F 310 -22.75 2.10 60.11
N ILE F 311 -23.56 2.34 59.08
CA ILE F 311 -23.61 1.46 57.92
C ILE F 311 -22.25 1.37 57.23
N GLY F 312 -21.48 2.45 57.32
CA GLY F 312 -20.15 2.51 56.74
C GLY F 312 -19.09 1.98 57.68
N CYS F 313 -19.45 1.83 58.95
CA CYS F 313 -18.52 1.37 59.98
C CYS F 313 -18.31 -0.13 59.89
N VAL F 314 -19.15 -0.80 59.08
CA VAL F 314 -19.04 -2.24 58.89
C VAL F 314 -18.46 -2.52 57.51
N LEU F 315 -17.16 -2.27 57.40
CA LEU F 315 -16.38 -2.60 56.21
C LEU F 315 -15.29 -3.57 56.66
N VAL F 316 -15.74 -4.73 57.12
CA VAL F 316 -14.88 -5.76 57.68
C VAL F 316 -14.55 -6.81 56.62
N ILE F 317 -14.92 -6.53 55.37
CA ILE F 317 -14.68 -7.45 54.26
C ILE F 317 -13.20 -7.71 53.97
N ARG G 10 52.95 -8.70 57.33
CA ARG G 10 52.31 -9.56 56.34
C ARG G 10 51.13 -8.91 55.61
N PRO G 11 50.18 -8.30 56.35
CA PRO G 11 49.06 -7.72 55.60
C PRO G 11 49.52 -6.65 54.62
N VAL G 12 48.86 -6.59 53.46
CA VAL G 12 49.24 -5.65 52.42
C VAL G 12 48.68 -4.27 52.72
N ASP G 13 49.52 -3.25 52.60
CA ASP G 13 49.10 -1.88 52.83
C ASP G 13 48.59 -1.30 51.51
N VAL G 14 47.32 -0.88 51.52
CA VAL G 14 46.69 -0.31 50.32
C VAL G 14 46.29 1.14 50.59
N SER G 15 46.92 2.05 49.86
CA SER G 15 46.60 3.48 49.96
C SER G 15 45.54 3.86 48.93
N VAL G 16 44.40 4.33 49.41
CA VAL G 16 43.25 4.62 48.55
C VAL G 16 43.08 6.12 48.35
N SER G 17 42.63 6.49 47.15
CA SER G 17 42.29 7.89 46.85
C SER G 17 41.04 7.95 45.97
N ILE G 18 40.01 8.63 46.47
CA ILE G 18 38.72 8.73 45.78
C ILE G 18 38.39 10.16 45.37
N PHE G 19 38.42 10.41 44.06
CA PHE G 19 38.02 11.70 43.51
C PHE G 19 36.53 11.68 43.22
N ILE G 20 35.80 12.67 43.72
CA ILE G 20 34.36 12.77 43.50
C ILE G 20 34.03 13.91 42.55
N ASN G 21 33.39 13.56 41.44
CA ASN G 21 33.06 14.50 40.37
C ASN G 21 31.69 15.13 40.54
N LYS G 22 30.72 14.31 40.95
CA LYS G 22 29.32 14.72 40.89
C LYS G 22 28.45 13.83 41.78
N ILE G 23 27.65 14.47 42.63
CA ILE G 23 26.62 13.77 43.39
C ILE G 23 25.26 14.30 42.95
N TYR G 24 24.37 13.38 42.61
CA TYR G 24 23.07 13.75 42.07
C TYR G 24 22.07 12.60 42.13
N GLY G 25 20.86 12.86 41.65
CA GLY G 25 19.84 11.83 41.53
C GLY G 25 19.41 11.21 42.85
N VAL G 26 19.09 12.06 43.83
CA VAL G 26 18.63 11.57 45.12
C VAL G 26 17.25 10.92 44.99
N ASN G 27 17.16 9.66 45.41
CA ASN G 27 15.88 8.96 45.50
C ASN G 27 15.43 8.96 46.95
N THR G 28 14.36 9.70 47.23
CA THR G 28 13.91 9.92 48.60
C THR G 28 13.28 8.67 49.20
N LEU G 29 12.50 7.95 48.42
CA LEU G 29 11.82 6.76 48.92
C LEU G 29 12.81 5.63 49.12
N GLU G 30 13.67 5.39 48.14
CA GLU G 30 14.66 4.32 48.21
C GLU G 30 15.85 4.70 49.09
N GLN G 31 15.96 5.99 49.41
CA GLN G 31 17.09 6.51 50.16
C GLN G 31 18.42 6.16 49.49
N THR G 32 18.58 6.66 48.26
CA THR G 32 19.80 6.43 47.49
C THR G 32 20.23 7.72 46.78
N TYR G 33 21.38 7.65 46.12
CA TYR G 33 21.94 8.80 45.41
C TYR G 33 23.05 8.35 44.47
N LYS G 34 23.21 9.05 43.36
CA LYS G 34 24.20 8.67 42.36
C LYS G 34 25.50 9.44 42.57
N VAL G 35 26.63 8.75 42.34
CA VAL G 35 27.94 9.35 42.51
C VAL G 35 28.89 8.99 41.37
N ASP G 36 29.34 10.00 40.65
CA ASP G 36 30.36 9.81 39.62
C ASP G 36 31.71 10.28 40.15
N GLY G 37 32.74 9.51 39.86
CA GLY G 37 34.09 9.85 40.30
C GLY G 37 35.10 8.78 39.95
N TYR G 38 36.34 9.01 40.35
CA TYR G 38 37.41 8.05 40.13
C TYR G 38 37.79 7.39 41.45
N ILE G 39 38.39 6.21 41.36
CA ILE G 39 38.95 5.54 42.53
C ILE G 39 40.37 5.10 42.22
N VAL G 40 41.27 5.34 43.16
CA VAL G 40 42.68 4.99 42.97
C VAL G 40 43.17 4.16 44.15
N ALA G 41 43.80 3.03 43.85
CA ALA G 41 44.34 2.14 44.87
C ALA G 41 45.80 1.87 44.59
N GLN G 42 46.63 2.09 45.60
CA GLN G 42 48.07 1.89 45.49
C GLN G 42 48.57 0.94 46.57
N TRP G 43 49.32 -0.07 46.16
CA TRP G 43 49.95 -1.01 47.06
C TRP G 43 51.30 -1.44 46.49
N THR G 44 52.08 -2.16 47.28
CA THR G 44 53.40 -2.60 46.83
C THR G 44 53.54 -4.12 46.91
N GLY G 45 54.17 -4.69 45.90
CA GLY G 45 54.38 -6.12 45.82
C GLY G 45 55.72 -6.47 45.22
N LYS G 46 55.77 -7.63 44.57
CA LYS G 46 57.01 -8.15 43.98
C LYS G 46 57.53 -7.24 42.86
N PRO G 47 58.83 -6.87 42.92
CA PRO G 47 59.45 -6.12 41.83
C PRO G 47 59.26 -6.79 40.47
N ARG G 48 59.41 -6.04 39.39
CA ARG G 48 59.02 -6.52 38.07
C ARG G 48 59.87 -5.94 36.95
N LYS G 49 60.08 -6.73 35.90
CA LYS G 49 60.80 -6.27 34.72
C LYS G 49 59.82 -5.59 33.76
N THR G 50 60.05 -4.30 33.49
CA THR G 50 59.16 -3.54 32.62
C THR G 50 59.86 -3.11 31.33
N PRO G 51 59.10 -3.05 30.22
CA PRO G 51 59.66 -2.55 28.96
C PRO G 51 60.25 -1.15 29.08
N GLY G 52 61.53 -1.00 28.74
CA GLY G 52 62.22 0.27 28.85
C GLY G 52 62.48 0.71 30.28
N ASP G 53 62.15 -0.16 31.23
CA ASP G 53 62.37 0.09 32.66
C ASP G 53 61.55 1.26 33.21
N LYS G 54 60.80 1.95 32.35
CA LYS G 54 59.86 2.97 32.80
C LYS G 54 58.59 2.25 33.23
N PRO G 55 57.77 2.91 34.06
CA PRO G 55 56.54 2.26 34.51
C PRO G 55 55.66 1.83 33.34
N LEU G 56 55.06 0.65 33.44
CA LEU G 56 54.22 0.11 32.37
C LEU G 56 52.76 0.45 32.60
N ILE G 57 52.09 0.87 31.55
CA ILE G 57 50.67 1.23 31.62
C ILE G 57 49.85 0.12 31.00
N VAL G 58 48.79 -0.28 31.71
CA VAL G 58 47.89 -1.33 31.25
C VAL G 58 46.46 -0.82 31.34
N GLU G 59 45.79 -0.74 30.19
CA GLU G 59 44.47 -0.13 30.10
C GLU G 59 43.36 -1.14 29.81
N ASN G 60 42.30 -1.08 30.61
CA ASN G 60 41.06 -1.79 30.35
C ASN G 60 41.23 -3.31 30.16
N THR G 61 41.03 -3.78 28.93
CA THR G 61 40.96 -5.21 28.65
C THR G 61 42.26 -5.97 28.95
N GLN G 62 43.38 -5.26 28.97
CA GLN G 62 44.68 -5.89 29.18
C GLN G 62 44.90 -6.26 30.65
N ILE G 63 44.21 -5.58 31.55
CA ILE G 63 44.33 -5.86 32.97
C ILE G 63 43.93 -7.31 33.26
N GLU G 64 42.92 -7.79 32.55
CA GLU G 64 42.44 -9.15 32.73
C GLU G 64 43.53 -10.17 32.39
N ARG G 65 44.31 -9.88 31.34
CA ARG G 65 45.37 -10.79 30.91
C ARG G 65 46.44 -10.91 31.99
N TRP G 66 46.81 -9.78 32.58
CA TRP G 66 47.84 -9.77 33.62
C TRP G 66 47.39 -10.57 34.83
N ILE G 67 46.09 -10.53 35.12
CA ILE G 67 45.53 -11.27 36.24
C ILE G 67 45.61 -12.77 35.98
N ASN G 68 45.45 -13.17 34.72
CA ASN G 68 45.54 -14.59 34.37
C ASN G 68 46.95 -15.12 34.53
N ASN G 69 47.94 -14.26 34.28
CA ASN G 69 49.34 -14.62 34.47
C ASN G 69 49.75 -14.57 35.94
N GLY G 70 48.80 -14.20 36.80
CA GLY G 70 49.01 -14.26 38.24
C GLY G 70 49.28 -12.93 38.93
N LEU G 71 48.88 -11.83 38.32
CA LEU G 71 49.02 -10.52 38.98
C LEU G 71 47.93 -10.37 40.03
N TRP G 72 48.33 -9.93 41.22
CA TRP G 72 47.39 -9.76 42.32
C TRP G 72 46.71 -8.40 42.27
N VAL G 73 45.41 -8.40 42.00
CA VAL G 73 44.61 -7.19 42.00
C VAL G 73 43.35 -7.42 42.83
N PRO G 74 43.33 -6.90 44.08
CA PRO G 74 42.22 -7.21 44.99
C PRO G 74 40.90 -6.53 44.63
N ALA G 75 39.81 -7.22 44.93
CA ALA G 75 38.45 -6.83 44.57
C ALA G 75 37.78 -5.87 45.55
N LEU G 76 38.36 -4.69 45.75
CA LEU G 76 37.77 -3.70 46.67
C LEU G 76 36.32 -3.39 46.28
N GLU G 77 35.41 -3.57 47.24
CA GLU G 77 33.96 -3.42 47.00
C GLU G 77 33.35 -2.21 47.69
N PHE G 78 32.46 -1.52 46.98
CA PHE G 78 31.64 -0.49 47.58
C PHE G 78 30.50 -1.15 48.36
N ILE G 79 30.58 -1.11 49.68
CA ILE G 79 29.62 -1.79 50.54
C ILE G 79 28.19 -1.27 50.34
N ASN G 80 28.02 0.04 50.23
CA ASN G 80 26.69 0.65 50.25
C ASN G 80 26.15 1.00 48.87
N VAL G 81 26.72 0.39 47.83
CA VAL G 81 26.21 0.60 46.48
C VAL G 81 25.00 -0.33 46.25
N VAL G 82 24.08 0.13 45.41
CA VAL G 82 22.89 -0.64 45.07
C VAL G 82 23.00 -1.12 43.62
N GLY G 83 23.40 -2.37 43.46
CA GLY G 83 23.62 -2.93 42.14
C GLY G 83 25.03 -2.62 41.68
N SER G 84 25.56 -3.44 40.78
CA SER G 84 26.92 -3.26 40.30
C SER G 84 27.10 -1.88 39.66
N PRO G 85 28.09 -1.12 40.14
CA PRO G 85 28.29 0.23 39.60
C PRO G 85 28.87 0.24 38.19
N ASP G 86 28.62 1.32 37.45
CA ASP G 86 29.13 1.45 36.08
C ASP G 86 30.60 1.86 36.10
N THR G 87 31.48 0.91 35.84
CA THR G 87 32.91 1.18 35.80
C THR G 87 33.33 1.61 34.40
N GLY G 88 33.90 2.81 34.30
CA GLY G 88 34.36 3.34 33.03
C GLY G 88 35.70 2.72 32.64
N ASN G 89 36.71 3.57 32.45
CA ASN G 89 38.04 3.10 32.08
C ASN G 89 38.81 2.55 33.28
N LYS G 90 39.52 1.45 33.05
CA LYS G 90 40.39 0.88 34.07
C LYS G 90 41.85 1.11 33.67
N ARG G 91 42.72 1.17 34.65
CA ARG G 91 44.14 1.38 34.39
C ARG G 91 45.01 0.78 35.49
N LEU G 92 46.02 0.02 35.09
CA LEU G 92 47.06 -0.44 36.00
C LEU G 92 48.37 0.21 35.63
N MET G 93 49.00 0.86 36.60
CA MET G 93 50.34 1.42 36.40
C MET G 93 51.33 0.56 37.17
N LEU G 94 51.99 -0.34 36.45
CA LEU G 94 52.93 -1.29 37.05
C LEU G 94 54.34 -0.71 37.06
N PHE G 95 54.82 -0.38 38.25
CA PHE G 95 56.18 0.14 38.42
C PHE G 95 57.19 -1.00 38.53
N PRO G 96 58.45 -0.72 38.15
CA PRO G 96 59.48 -1.76 38.20
C PRO G 96 59.92 -2.10 39.63
N ASP G 97 59.80 -1.13 40.53
CA ASP G 97 60.23 -1.32 41.92
C ASP G 97 59.18 -2.05 42.76
N GLY G 98 58.19 -2.64 42.10
CA GLY G 98 57.24 -3.53 42.76
C GLY G 98 55.85 -2.95 42.96
N ARG G 99 55.76 -1.63 43.11
CA ARG G 99 54.50 -0.98 43.43
C ARG G 99 53.52 -0.97 42.25
N VAL G 100 52.23 -0.91 42.58
CA VAL G 100 51.16 -1.02 41.60
C VAL G 100 50.05 -0.01 41.92
N ILE G 101 49.52 0.62 40.89
CA ILE G 101 48.46 1.60 41.05
C ILE G 101 47.28 1.29 40.15
N TYR G 102 46.14 0.98 40.77
CA TYR G 102 44.91 0.75 40.05
C TYR G 102 44.11 2.05 40.01
N ASN G 103 43.74 2.47 38.81
CA ASN G 103 42.97 3.69 38.61
C ASN G 103 41.78 3.41 37.72
N ALA G 104 40.58 3.72 38.21
CA ALA G 104 39.37 3.47 37.45
C ALA G 104 38.30 4.50 37.76
N ARG G 105 37.53 4.86 36.73
CA ARG G 105 36.40 5.76 36.91
C ARG G 105 35.17 4.95 37.19
N PHE G 106 34.26 5.50 37.99
CA PHE G 106 33.05 4.77 38.38
C PHE G 106 31.85 5.69 38.51
N LEU G 107 30.69 5.12 38.22
CA LEU G 107 29.41 5.77 38.46
C LEU G 107 28.45 4.74 39.02
N GLY G 108 27.98 4.98 40.24
CA GLY G 108 27.12 4.03 40.92
C GLY G 108 26.07 4.68 41.79
N SER G 109 25.01 3.92 42.04
CA SER G 109 23.94 4.37 42.91
C SER G 109 24.19 3.84 44.32
N PHE G 110 24.44 4.76 45.25
CA PHE G 110 24.77 4.40 46.62
C PHE G 110 23.59 4.62 47.57
N SER G 111 23.58 3.85 48.65
CA SER G 111 22.50 3.91 49.64
C SER G 111 23.01 4.40 50.99
N ASN G 112 22.13 5.08 51.72
CA ASN G 112 22.42 5.51 53.08
C ASN G 112 21.12 5.89 53.78
N ASP G 113 21.15 5.96 55.11
CA ASP G 113 19.99 6.41 55.86
C ASP G 113 19.80 7.90 55.66
N MET G 114 18.60 8.30 55.26
CA MET G 114 18.32 9.70 54.95
C MET G 114 16.98 10.12 55.57
N ASP G 115 17.05 11.13 56.45
CA ASP G 115 15.88 11.64 57.16
C ASP G 115 15.39 12.95 56.52
N PHE G 116 14.24 12.87 55.86
CA PHE G 116 13.68 14.01 55.13
C PHE G 116 12.52 14.65 55.88
N ARG G 117 12.49 14.49 57.19
CA ARG G 117 11.38 15.00 58.00
C ARG G 117 11.40 16.52 58.10
N LEU G 118 12.58 17.12 57.99
CA LEU G 118 12.74 18.58 58.07
C LEU G 118 12.64 19.25 56.70
N PHE G 119 12.23 18.49 55.68
CA PHE G 119 12.06 19.02 54.34
C PHE G 119 11.21 20.29 54.34
N PRO G 120 11.55 21.28 53.49
CA PRO G 120 12.69 21.36 52.55
C PRO G 120 13.98 21.93 53.15
N PHE G 121 14.05 22.01 54.48
CA PHE G 121 15.22 22.58 55.15
C PHE G 121 16.06 21.51 55.83
N ASP G 122 16.14 20.34 55.20
CA ASP G 122 16.83 19.19 55.77
C ASP G 122 18.30 19.09 55.35
N ARG G 123 19.09 18.43 56.18
CA ARG G 123 20.50 18.17 55.88
C ARG G 123 20.72 16.67 55.71
N GLN G 124 21.52 16.32 54.71
CA GLN G 124 21.85 14.93 54.42
C GLN G 124 23.35 14.79 54.27
N GLN G 125 23.85 13.57 54.42
CA GLN G 125 25.26 13.29 54.16
C GLN G 125 25.40 12.12 53.21
N PHE G 126 26.03 12.38 52.07
CA PHE G 126 26.28 11.36 51.06
C PHE G 126 27.50 10.53 51.45
N VAL G 127 27.28 9.23 51.63
CA VAL G 127 28.30 8.34 52.16
C VAL G 127 28.80 7.30 51.14
N LEU G 128 30.11 7.11 51.13
CA LEU G 128 30.73 6.00 50.41
C LEU G 128 31.35 5.05 51.41
N GLU G 129 31.19 3.75 51.18
CA GLU G 129 31.76 2.73 52.05
C GLU G 129 32.51 1.69 51.23
N LEU G 130 33.83 1.66 51.38
CA LEU G 130 34.69 0.78 50.59
C LEU G 130 35.35 -0.28 51.47
N GLU G 131 35.42 -1.50 50.96
CA GLU G 131 35.97 -2.63 51.73
C GLU G 131 36.40 -3.79 50.81
N PRO G 132 37.50 -4.47 51.14
CA PRO G 132 37.89 -5.63 50.33
C PRO G 132 36.86 -6.73 50.39
N PHE G 133 36.69 -7.46 49.28
CA PHE G 133 35.61 -8.43 49.16
C PHE G 133 35.99 -9.80 49.74
N SER G 134 37.26 -10.15 49.66
CA SER G 134 37.73 -11.49 50.05
C SER G 134 38.80 -11.46 51.13
N TYR G 135 39.64 -10.43 51.11
CA TYR G 135 40.82 -10.37 51.97
C TYR G 135 40.57 -9.61 53.27
N ASN G 136 40.84 -10.28 54.39
CA ASN G 136 40.65 -9.69 55.71
C ASN G 136 41.74 -8.68 56.08
N ASN G 137 41.71 -8.19 57.32
CA ASN G 137 42.65 -7.16 57.77
C ASN G 137 44.07 -7.69 57.98
N GLN G 138 44.18 -9.01 58.17
CA GLN G 138 45.49 -9.64 58.30
C GLN G 138 46.08 -9.92 56.93
N GLN G 139 45.26 -9.74 55.89
CA GLN G 139 45.69 -9.93 54.51
C GLN G 139 45.80 -8.62 53.75
N LEU G 140 44.77 -7.78 53.88
CA LEU G 140 44.73 -6.50 53.19
C LEU G 140 44.24 -5.41 54.14
N ARG G 141 45.06 -4.37 54.27
CA ARG G 141 44.79 -3.28 55.18
C ARG G 141 44.85 -1.94 54.46
N PHE G 142 43.90 -1.06 54.76
CA PHE G 142 43.89 0.28 54.20
C PHE G 142 44.83 1.18 54.99
N SER G 143 45.89 1.64 54.35
CA SER G 143 46.90 2.46 55.02
C SER G 143 46.36 3.85 55.34
N ASP G 144 45.86 4.53 54.31
CA ASP G 144 45.31 5.87 54.47
C ASP G 144 44.32 6.15 53.35
N ILE G 145 43.51 7.19 53.51
CA ILE G 145 42.48 7.53 52.53
C ILE G 145 42.43 9.04 52.28
N GLN G 146 42.55 9.42 51.01
CA GLN G 146 42.42 10.81 50.59
C GLN G 146 41.17 10.97 49.72
N VAL G 147 40.40 12.02 49.98
CA VAL G 147 39.17 12.30 49.22
C VAL G 147 39.18 13.73 48.72
N TYR G 148 39.10 13.87 47.39
CA TYR G 148 39.16 15.18 46.74
C TYR G 148 37.84 15.55 46.07
N THR G 149 37.34 16.74 46.38
CA THR G 149 36.11 17.25 45.78
C THR G 149 36.40 18.59 45.10
N GLU G 150 35.60 18.93 44.10
CA GLU G 150 35.79 20.19 43.39
C GLU G 150 35.15 21.34 44.17
N ASN G 151 35.75 22.52 44.08
CA ASN G 151 35.24 23.71 44.75
C ASN G 151 34.00 24.31 44.07
N ILE G 152 32.81 23.97 44.56
CA ILE G 152 31.58 24.49 43.99
C ILE G 152 31.41 25.96 44.37
N ASP G 153 31.60 26.85 43.38
CA ASP G 153 31.54 28.29 43.60
C ASP G 153 30.18 28.86 43.24
N ASN G 154 29.57 28.32 42.19
CA ASN G 154 28.22 28.71 41.81
C ASN G 154 27.23 27.68 42.31
N GLU G 155 26.96 27.72 43.61
CA GLU G 155 26.09 26.73 44.24
C GLU G 155 24.63 27.19 44.34
N GLU G 156 24.38 28.45 43.96
CA GLU G 156 23.04 29.00 44.08
C GLU G 156 22.09 28.26 43.14
N ILE G 157 22.63 27.74 42.04
CA ILE G 157 21.83 27.04 41.03
C ILE G 157 21.80 25.50 41.19
N ASP G 158 22.57 24.96 42.13
CA ASP G 158 22.53 23.52 42.41
C ASP G 158 21.41 23.17 43.38
N GLU G 159 20.95 21.91 43.30
CA GLU G 159 19.89 21.44 44.17
C GLU G 159 20.43 21.27 45.59
N TRP G 160 21.67 20.83 45.69
CA TRP G 160 22.33 20.58 46.97
C TRP G 160 23.58 21.44 47.15
N TRP G 161 23.71 22.06 48.31
CA TRP G 161 24.90 22.83 48.66
C TRP G 161 25.83 21.99 49.54
N ILE G 162 27.00 21.63 49.02
CA ILE G 162 27.95 20.88 49.82
C ILE G 162 28.62 21.85 50.78
N ARG G 163 28.42 21.64 52.08
CA ARG G 163 28.94 22.55 53.09
C ARG G 163 30.12 21.98 53.86
N GLY G 164 31.26 21.89 53.18
CA GLY G 164 32.51 21.42 53.77
C GLY G 164 33.11 20.24 53.03
N LYS G 165 34.40 20.01 53.25
CA LYS G 165 35.10 18.88 52.63
C LYS G 165 34.71 17.55 53.23
N ALA G 166 35.03 16.49 52.51
CA ALA G 166 34.69 15.13 52.89
C ALA G 166 35.47 14.68 54.14
N SER G 167 34.78 13.99 55.03
CA SER G 167 35.40 13.40 56.22
C SER G 167 35.70 11.92 55.96
N THR G 168 36.90 11.49 56.30
CA THR G 168 37.33 10.11 56.04
C THR G 168 37.38 9.32 57.34
N HIS G 169 37.32 8.00 57.23
CA HIS G 169 37.28 7.11 58.39
C HIS G 169 37.70 5.68 58.05
N ILE G 170 38.92 5.30 58.40
CA ILE G 170 39.35 3.90 58.31
C ILE G 170 39.05 3.18 59.62
N SER G 171 38.57 1.96 59.53
CA SER G 171 38.21 1.17 60.72
C SER G 171 38.26 -0.31 60.39
N ASP G 172 37.89 -1.14 61.37
CA ASP G 172 37.85 -2.59 61.20
C ASP G 172 36.44 -3.12 61.53
N ILE G 173 35.98 -4.06 60.72
CA ILE G 173 34.62 -4.59 60.81
C ILE G 173 34.61 -6.06 61.21
N ARG G 174 34.01 -6.35 62.36
CA ARG G 174 33.91 -7.72 62.85
C ARG G 174 32.70 -8.44 62.24
N TYR G 175 32.97 -9.43 61.39
CA TYR G 175 31.92 -10.30 60.88
C TYR G 175 31.81 -11.52 61.77
N ASP G 176 30.77 -11.59 62.58
CA ASP G 176 30.62 -12.66 63.56
C ASP G 176 30.52 -14.03 62.88
N HIS G 177 29.59 -14.15 61.96
CA HIS G 177 29.31 -15.43 61.32
C HIS G 177 30.16 -15.66 60.07
N LEU G 178 30.93 -16.75 60.10
CA LEU G 178 31.86 -17.10 59.02
C LEU G 178 32.17 -18.58 59.14
N SER G 179 32.81 -19.16 58.12
CA SER G 179 33.09 -20.60 58.11
C SER G 179 34.54 -20.87 58.50
N SER G 180 35.29 -19.80 58.76
CA SER G 180 36.68 -19.92 59.17
C SER G 180 36.77 -19.99 60.69
N VAL G 181 37.98 -20.23 61.20
CA VAL G 181 38.26 -20.21 62.62
C VAL G 181 39.56 -19.41 62.74
N GLN G 182 40.44 -19.75 63.68
CA GLN G 182 41.60 -18.91 64.00
C GLN G 182 41.13 -17.47 64.26
N PRO G 183 40.90 -17.11 65.53
CA PRO G 183 40.25 -15.83 65.76
C PRO G 183 41.10 -14.61 65.36
N ASN G 184 41.20 -14.42 64.04
CA ASN G 184 41.85 -13.26 63.42
C ASN G 184 41.59 -13.23 61.91
N GLN G 185 40.57 -13.94 61.46
CA GLN G 185 40.21 -13.98 60.04
C GLN G 185 38.79 -13.48 59.80
N ASN G 186 38.22 -12.82 60.79
CA ASN G 186 36.83 -12.37 60.73
C ASN G 186 36.70 -10.86 60.77
N GLU G 187 37.83 -10.17 60.53
CA GLU G 187 37.86 -8.72 60.56
C GLU G 187 38.30 -8.16 59.21
N PHE G 188 37.64 -7.08 58.77
CA PHE G 188 37.94 -6.49 57.47
C PHE G 188 38.17 -4.99 57.56
N SER G 189 39.17 -4.51 56.83
CA SER G 189 39.50 -3.09 56.78
C SER G 189 38.50 -2.33 55.91
N ARG G 190 37.86 -1.32 56.49
CA ARG G 190 36.83 -0.54 55.77
C ARG G 190 37.06 0.97 55.78
N ILE G 191 37.20 1.54 54.59
CA ILE G 191 37.15 2.97 54.38
C ILE G 191 35.70 3.47 54.34
N THR G 192 35.47 4.63 54.94
CA THR G 192 34.14 5.24 54.95
C THR G 192 34.23 6.75 54.75
N VAL G 193 33.70 7.24 53.63
CA VAL G 193 33.73 8.66 53.30
C VAL G 193 32.34 9.28 53.51
N ARG G 194 32.31 10.51 54.02
CA ARG G 194 31.07 11.24 54.21
C ARG G 194 31.15 12.64 53.63
N ILE G 195 30.02 13.13 53.12
CA ILE G 195 29.93 14.49 52.58
C ILE G 195 28.62 15.14 52.99
N ASP G 196 28.69 16.03 53.98
CA ASP G 196 27.50 16.72 54.45
C ASP G 196 27.05 17.74 53.41
N ALA G 197 25.74 17.90 53.29
CA ALA G 197 25.15 18.81 52.33
C ALA G 197 23.75 19.23 52.78
N VAL G 198 23.30 20.38 52.31
CA VAL G 198 21.99 20.92 52.68
C VAL G 198 21.13 21.17 51.44
N ARG G 199 19.82 21.04 51.61
CA ARG G 199 18.90 21.22 50.50
C ARG G 199 18.65 22.70 50.24
N ASN G 200 18.61 23.07 48.96
CA ASN G 200 18.32 24.43 48.54
C ASN G 200 16.85 24.76 48.74
N PRO G 201 16.52 25.52 49.81
CA PRO G 201 15.10 25.69 50.13
C PRO G 201 14.42 26.83 49.37
N SER G 202 15.12 27.44 48.42
CA SER G 202 14.59 28.59 47.71
C SER G 202 13.26 28.29 47.02
N TYR G 203 13.29 27.37 46.06
CA TYR G 203 12.10 27.04 45.28
C TYR G 203 10.91 26.68 46.16
N TYR G 204 11.18 25.93 47.22
CA TYR G 204 10.11 25.43 48.09
C TYR G 204 9.55 26.52 49.00
N LEU G 205 10.36 27.53 49.31
CA LEU G 205 9.88 28.62 50.14
C LEU G 205 8.96 29.53 49.35
N TRP G 206 9.36 29.86 48.13
CA TRP G 206 8.66 30.86 47.33
C TRP G 206 7.47 30.30 46.55
N SER G 207 7.56 29.02 46.16
CA SER G 207 6.53 28.43 45.30
C SER G 207 5.60 27.45 46.01
N PHE G 208 5.91 27.13 47.27
CA PHE G 208 5.09 26.21 48.05
C PHE G 208 4.74 26.72 49.44
N ILE G 209 5.75 27.04 50.25
CA ILE G 209 5.50 27.46 51.62
C ILE G 209 4.69 28.76 51.66
N LEU G 210 5.12 29.74 50.88
CA LEU G 210 4.52 31.08 50.95
C LEU G 210 3.08 31.11 50.42
N PRO G 211 2.85 30.61 49.19
CA PRO G 211 1.46 30.59 48.70
C PRO G 211 0.51 29.85 49.66
N LEU G 212 1.00 28.79 50.28
CA LEU G 212 0.19 28.02 51.22
C LEU G 212 -0.19 28.89 52.41
N GLY G 213 0.70 29.77 52.80
CA GLY G 213 0.42 30.72 53.88
C GLY G 213 -0.68 31.68 53.48
N LEU G 214 -0.56 32.26 52.30
CA LEU G 214 -1.55 33.20 51.78
C LEU G 214 -2.93 32.56 51.67
N ILE G 215 -2.98 31.31 51.23
CA ILE G 215 -4.24 30.60 51.08
C ILE G 215 -4.84 30.34 52.46
N ILE G 216 -4.01 29.93 53.40
CA ILE G 216 -4.46 29.72 54.77
C ILE G 216 -4.88 31.03 55.39
N ALA G 217 -4.15 32.10 55.07
CA ALA G 217 -4.47 33.42 55.58
C ALA G 217 -5.83 33.90 55.08
N ALA G 218 -6.00 33.89 53.76
CA ALA G 218 -7.24 34.35 53.14
C ALA G 218 -8.43 33.50 53.55
N SER G 219 -8.17 32.29 54.05
CA SER G 219 -9.23 31.41 54.51
C SER G 219 -9.88 32.01 55.76
N TRP G 220 -9.12 32.82 56.49
CA TRP G 220 -9.60 33.43 57.72
C TRP G 220 -10.57 34.58 57.43
N SER G 221 -10.49 35.14 56.23
CA SER G 221 -11.32 36.26 55.84
C SER G 221 -12.77 35.86 55.57
N VAL G 222 -13.10 34.59 55.83
CA VAL G 222 -14.47 34.11 55.67
C VAL G 222 -15.38 34.74 56.71
N PHE G 223 -14.86 35.00 57.90
CA PHE G 223 -15.64 35.52 59.01
C PHE G 223 -16.17 36.93 58.74
N TRP G 224 -15.54 37.63 57.80
CA TRP G 224 -15.89 39.02 57.51
C TRP G 224 -17.08 39.14 56.56
N LEU G 225 -17.66 38.01 56.18
CA LEU G 225 -18.88 38.03 55.38
C LEU G 225 -20.06 38.30 56.31
N GLU G 226 -21.02 39.09 55.82
CA GLU G 226 -22.12 39.58 56.65
C GLU G 226 -23.16 38.49 56.93
N SER G 227 -23.70 37.91 55.87
CA SER G 227 -24.76 36.91 56.01
C SER G 227 -24.21 35.61 56.55
N PHE G 228 -25.12 34.73 56.98
CA PHE G 228 -24.74 33.40 57.47
C PHE G 228 -24.52 32.44 56.30
N SER G 229 -25.40 32.53 55.32
CA SER G 229 -25.28 31.71 54.12
C SER G 229 -23.97 32.01 53.40
N GLU G 230 -23.58 33.28 53.40
CA GLU G 230 -22.34 33.70 52.75
C GLU G 230 -21.12 33.04 53.39
N ARG G 231 -21.11 32.98 54.72
CA ARG G 231 -19.95 32.47 55.44
C ARG G 231 -19.79 30.96 55.30
N LEU G 232 -20.89 30.22 55.35
CA LEU G 232 -20.83 28.77 55.34
C LEU G 232 -20.54 28.23 53.94
N GLN G 233 -21.21 28.80 52.94
CA GLN G 233 -21.01 28.37 51.55
C GLN G 233 -19.59 28.69 51.08
N THR G 234 -19.01 29.74 51.63
CA THR G 234 -17.66 30.15 51.25
C THR G 234 -16.63 29.13 51.75
N SER G 235 -16.91 28.53 52.91
CA SER G 235 -16.00 27.58 53.51
C SER G 235 -15.78 26.35 52.63
N PHE G 236 -16.78 25.99 51.84
CA PHE G 236 -16.70 24.84 50.95
C PHE G 236 -15.80 25.10 49.73
N THR G 237 -15.70 26.36 49.32
CA THR G 237 -14.81 26.72 48.23
C THR G 237 -13.37 26.74 48.73
N LEU G 238 -13.19 27.16 49.98
CA LEU G 238 -11.88 27.15 50.61
C LEU G 238 -11.38 25.73 50.76
N MET G 239 -12.28 24.84 51.16
CA MET G 239 -11.95 23.42 51.33
C MET G 239 -11.41 22.84 50.02
N LEU G 240 -12.08 23.15 48.92
CA LEU G 240 -11.67 22.69 47.60
C LEU G 240 -10.27 23.18 47.26
N THR G 241 -9.95 24.40 47.69
CA THR G 241 -8.65 25.00 47.38
C THR G 241 -7.52 24.24 48.06
N VAL G 242 -7.75 23.82 49.30
CA VAL G 242 -6.74 23.07 50.03
C VAL G 242 -6.54 21.71 49.38
N VAL G 243 -7.64 21.09 48.95
CA VAL G 243 -7.57 19.80 48.25
C VAL G 243 -6.78 19.97 46.96
N ALA G 244 -7.06 21.05 46.23
CA ALA G 244 -6.35 21.33 45.00
C ALA G 244 -4.86 21.56 45.27
N TYR G 245 -4.57 22.19 46.40
CA TYR G 245 -3.20 22.52 46.75
C TYR G 245 -2.46 21.31 47.31
N ALA G 246 -3.20 20.41 47.96
CA ALA G 246 -2.61 19.18 48.47
C ALA G 246 -2.18 18.31 47.30
N PHE G 247 -2.97 18.34 46.24
CA PHE G 247 -2.68 17.59 45.02
C PHE G 247 -1.50 18.24 44.30
N TYR G 248 -1.48 19.58 44.31
CA TYR G 248 -0.40 20.36 43.72
C TYR G 248 0.94 20.03 44.35
N THR G 249 1.00 20.02 45.68
CA THR G 249 2.24 19.77 46.40
C THR G 249 2.71 18.33 46.24
N SER G 250 1.84 17.39 46.59
CA SER G 250 2.19 15.98 46.63
C SER G 250 2.68 15.43 45.28
N ASN G 251 2.23 16.04 44.19
CA ASN G 251 2.58 15.56 42.85
C ASN G 251 4.01 15.95 42.46
N ILE G 252 4.47 17.11 42.92
CA ILE G 252 5.81 17.59 42.59
C ILE G 252 6.80 17.30 43.72
N LEU G 253 6.33 17.39 44.96
CA LEU G 253 7.20 17.13 46.11
C LEU G 253 7.57 15.64 46.19
N PRO G 254 8.73 15.33 46.78
CA PRO G 254 9.20 13.96 46.88
C PRO G 254 8.32 13.08 47.77
N ARG G 255 8.02 11.86 47.30
CA ARG G 255 7.19 10.94 48.07
C ARG G 255 7.96 10.37 49.25
N LEU G 256 7.29 10.29 50.39
CA LEU G 256 7.91 9.83 51.62
C LEU G 256 6.91 8.98 52.41
N PRO G 257 7.39 8.24 53.42
CA PRO G 257 6.52 7.45 54.27
C PRO G 257 6.11 8.21 55.53
N TYR G 258 6.33 9.52 55.53
CA TYR G 258 5.99 10.36 56.68
C TYR G 258 5.73 11.80 56.26
N THR G 259 5.21 12.59 57.20
CA THR G 259 4.80 13.96 56.93
C THR G 259 5.97 14.94 57.06
N THR G 260 6.09 15.84 56.09
CA THR G 260 7.06 16.92 56.13
C THR G 260 6.44 18.15 56.77
N VAL G 261 7.16 19.26 56.73
CA VAL G 261 6.64 20.52 57.26
C VAL G 261 5.46 20.98 56.42
N ILE G 262 5.65 20.94 55.11
CA ILE G 262 4.62 21.38 54.16
C ILE G 262 3.38 20.52 54.26
N ASP G 263 3.57 19.21 54.40
CA ASP G 263 2.45 18.29 54.50
C ASP G 263 1.57 18.65 55.69
N GLN G 264 2.20 19.10 56.77
CA GLN G 264 1.50 19.47 57.99
C GLN G 264 0.76 20.79 57.85
N MET G 265 1.40 21.75 57.16
CA MET G 265 0.76 23.04 56.92
C MET G 265 -0.58 22.82 56.23
N ILE G 266 -0.62 21.84 55.34
CA ILE G 266 -1.83 21.52 54.61
C ILE G 266 -2.86 20.89 55.53
N ILE G 267 -2.41 20.05 56.44
CA ILE G 267 -3.30 19.45 57.44
C ILE G 267 -3.83 20.56 58.35
N ALA G 268 -2.96 21.52 58.64
CA ALA G 268 -3.34 22.67 59.45
C ALA G 268 -4.37 23.50 58.71
N GLY G 269 -4.21 23.57 57.39
CA GLY G 269 -5.15 24.28 56.54
C GLY G 269 -6.53 23.65 56.58
N TYR G 270 -6.56 22.32 56.51
CA TYR G 270 -7.81 21.56 56.61
C TYR G 270 -8.50 21.85 57.94
N GLY G 271 -7.70 21.97 59.00
CA GLY G 271 -8.23 22.18 60.33
C GLY G 271 -8.76 23.58 60.51
N SER G 272 -7.99 24.56 60.05
CA SER G 272 -8.38 25.96 60.16
C SER G 272 -9.71 26.21 59.45
N ILE G 273 -9.99 25.40 58.43
CA ILE G 273 -11.23 25.52 57.67
C ILE G 273 -12.34 24.70 58.32
N PHE G 274 -12.00 23.50 58.79
CA PHE G 274 -12.98 22.66 59.47
C PHE G 274 -13.40 23.33 60.78
N ALA G 275 -12.44 24.04 61.39
CA ALA G 275 -12.73 24.82 62.58
C ALA G 275 -13.70 25.94 62.25
N ALA G 276 -13.41 26.67 61.18
CA ALA G 276 -14.27 27.76 60.74
C ALA G 276 -15.70 27.28 60.49
N ILE G 277 -15.84 26.13 59.86
CA ILE G 277 -17.16 25.57 59.58
C ILE G 277 -17.89 25.22 60.87
N LEU G 278 -17.14 24.81 61.90
CA LEU G 278 -17.75 24.46 63.18
C LEU G 278 -18.05 25.69 64.02
N LEU G 279 -17.38 26.81 63.70
CA LEU G 279 -17.62 28.06 64.41
C LEU G 279 -18.68 28.91 63.71
N ILE G 280 -18.56 29.04 62.39
CA ILE G 280 -19.55 29.76 61.60
C ILE G 280 -20.95 29.19 61.85
N ILE G 281 -21.00 27.89 62.11
CA ILE G 281 -22.25 27.17 62.31
C ILE G 281 -22.71 27.22 63.77
N PHE G 282 -21.77 27.43 64.67
CA PHE G 282 -22.06 27.47 66.10
C PHE G 282 -22.69 28.81 66.46
N ALA G 283 -22.16 29.86 65.86
CA ALA G 283 -22.66 31.22 66.09
C ALA G 283 -24.15 31.31 65.72
N HIS G 284 -24.55 30.52 64.74
CA HIS G 284 -25.91 30.55 64.24
C HIS G 284 -26.89 29.83 65.15
N HIS G 285 -26.38 29.15 66.18
CA HIS G 285 -27.23 28.34 67.06
C HIS G 285 -26.84 28.35 68.55
N ARG G 286 -25.92 29.22 68.96
CA ARG G 286 -25.51 29.20 70.36
C ARG G 286 -26.60 29.78 71.24
N GLN G 287 -26.83 31.09 71.14
CA GLN G 287 -27.84 31.74 71.96
C GLN G 287 -29.25 31.31 71.58
N ALA G 288 -30.15 31.49 72.54
CA ALA G 288 -31.57 31.23 72.34
C ALA G 288 -32.13 32.27 71.37
N ASN G 289 -33.44 32.20 71.11
CA ASN G 289 -34.14 33.11 70.20
C ASN G 289 -33.50 33.18 68.80
N GLY G 290 -32.66 32.20 68.49
CA GLY G 290 -32.06 32.02 67.18
C GLY G 290 -31.33 33.22 66.61
N VAL G 291 -30.90 34.14 67.46
CA VAL G 291 -30.17 35.31 66.98
C VAL G 291 -28.82 34.88 66.45
N GLU G 292 -28.38 35.52 65.36
CA GLU G 292 -27.05 35.27 64.84
C GLU G 292 -26.04 35.80 65.86
N ASP G 293 -25.37 34.88 66.55
CA ASP G 293 -24.45 35.23 67.60
C ASP G 293 -23.25 35.98 67.02
N ASP G 294 -23.47 37.25 66.70
CA ASP G 294 -22.43 38.13 66.18
C ASP G 294 -21.46 38.55 67.28
N LEU G 295 -21.69 38.07 68.50
CA LEU G 295 -20.76 38.31 69.59
C LEU G 295 -19.61 37.31 69.48
N LEU G 296 -19.91 36.12 68.95
CA LEU G 296 -18.91 35.08 68.74
C LEU G 296 -18.12 35.37 67.46
N ILE G 297 -18.84 35.57 66.36
CA ILE G 297 -18.24 36.04 65.11
C ILE G 297 -17.76 37.46 65.34
N GLN G 298 -16.86 37.95 64.48
CA GLN G 298 -16.22 39.27 64.61
C GLN G 298 -15.05 39.19 65.57
N ARG G 299 -15.25 38.52 66.69
CA ARG G 299 -14.16 38.17 67.59
C ARG G 299 -13.26 37.14 66.89
N CYS G 300 -13.85 36.39 65.96
CA CYS G 300 -13.13 35.36 65.21
C CYS G 300 -12.33 35.93 64.03
N ARG G 301 -12.63 37.17 63.66
CA ARG G 301 -11.99 37.80 62.51
C ARG G 301 -10.48 37.99 62.68
N LEU G 302 -10.00 37.85 63.92
CA LEU G 302 -8.57 37.91 64.19
C LEU G 302 -8.19 36.94 65.31
N ALA G 303 -9.10 36.01 65.62
CA ALA G 303 -8.81 34.95 66.57
C ALA G 303 -8.10 33.79 65.88
N PHE G 304 -8.46 33.54 64.62
CA PHE G 304 -7.80 32.50 63.83
C PHE G 304 -6.42 32.95 63.36
N PRO G 305 -6.30 34.18 62.82
CA PRO G 305 -4.97 34.69 62.47
C PRO G 305 -3.99 34.68 63.64
N LEU G 306 -4.51 34.54 64.85
CA LEU G 306 -3.67 34.42 66.04
C LEU G 306 -3.72 32.98 66.56
N GLY G 307 -4.92 32.39 66.55
CA GLY G 307 -5.12 31.02 66.98
C GLY G 307 -4.36 30.01 66.13
N PHE G 308 -4.36 30.24 64.82
CA PHE G 308 -3.61 29.39 63.90
C PHE G 308 -2.13 29.65 64.08
N LEU G 309 -1.80 30.91 64.35
CA LEU G 309 -0.42 31.33 64.58
C LEU G 309 0.03 30.88 65.98
N ALA G 310 -0.86 30.16 66.67
CA ALA G 310 -0.58 29.57 67.97
C ALA G 310 -0.55 28.03 67.85
N ILE G 311 -1.71 27.45 67.58
CA ILE G 311 -1.86 26.00 67.48
C ILE G 311 -0.92 25.40 66.42
N GLY G 312 -0.64 26.20 65.40
CA GLY G 312 0.24 25.82 64.30
C GLY G 312 1.71 26.14 64.55
N CYS G 313 1.98 26.91 65.58
CA CYS G 313 3.32 27.44 65.83
C CYS G 313 4.37 26.46 66.36
N VAL G 314 3.96 25.26 66.78
CA VAL G 314 4.93 24.29 67.29
C VAL G 314 5.19 23.11 66.34
N LEU G 315 6.47 22.79 66.16
CA LEU G 315 6.89 21.60 65.42
C LEU G 315 8.34 21.24 65.78
N VAL G 316 8.56 20.99 67.07
CA VAL G 316 9.90 20.73 67.60
C VAL G 316 10.13 19.22 67.82
N ILE G 317 9.30 18.38 67.19
CA ILE G 317 9.42 16.92 67.34
C ILE G 317 10.76 16.36 66.77
N ARG H 10 59.34 13.16 21.17
CA ARG H 10 58.92 11.95 21.88
C ARG H 10 57.39 11.83 22.00
N PRO H 11 56.71 12.90 22.48
CA PRO H 11 55.26 12.78 22.63
C PRO H 11 54.52 12.53 21.32
N VAL H 12 53.46 11.73 21.39
CA VAL H 12 52.68 11.38 20.21
C VAL H 12 51.67 12.47 19.86
N ASP H 13 51.62 12.82 18.58
CA ASP H 13 50.67 13.81 18.11
C ASP H 13 49.37 13.10 17.70
N VAL H 14 48.27 13.47 18.36
CA VAL H 14 46.97 12.87 18.08
C VAL H 14 46.00 13.92 17.56
N SER H 15 45.58 13.75 16.31
CA SER H 15 44.61 14.64 15.69
C SER H 15 43.20 14.08 15.87
N VAL H 16 42.34 14.85 16.54
CA VAL H 16 41.00 14.41 16.87
C VAL H 16 39.96 15.09 15.99
N SER H 17 38.89 14.38 15.67
CA SER H 17 37.76 14.94 14.94
C SER H 17 36.44 14.41 15.50
N ILE H 18 35.57 15.31 15.95
CA ILE H 18 34.31 14.94 16.58
C ILE H 18 33.11 15.39 15.74
N PHE H 19 32.43 14.41 15.14
CA PHE H 19 31.23 14.67 14.35
C PHE H 19 29.99 14.60 15.25
N ILE H 20 29.15 15.63 15.24
CA ILE H 20 27.94 15.65 16.07
C ILE H 20 26.67 15.52 15.24
N ASN H 21 25.90 14.48 15.54
CA ASN H 21 24.67 14.17 14.81
C ASN H 21 23.42 14.81 15.41
N LYS H 22 23.35 14.78 16.74
CA LYS H 22 22.12 15.13 17.44
C LYS H 22 22.39 15.40 18.91
N ILE H 23 21.92 16.55 19.39
CA ILE H 23 21.93 16.87 20.80
C ILE H 23 20.48 16.95 21.28
N TYR H 24 20.17 16.22 22.35
CA TYR H 24 18.80 16.12 22.82
C TYR H 24 18.73 15.62 24.25
N GLY H 25 17.51 15.49 24.77
CA GLY H 25 17.27 14.89 26.06
C GLY H 25 17.91 15.63 27.22
N VAL H 26 17.70 16.94 27.28
CA VAL H 26 18.24 17.74 28.37
C VAL H 26 17.54 17.38 29.68
N ASN H 27 18.33 16.99 30.68
CA ASN H 27 17.81 16.75 32.03
C ASN H 27 18.13 17.94 32.91
N THR H 28 17.10 18.66 33.34
CA THR H 28 17.28 19.93 34.03
C THR H 28 17.81 19.80 35.46
N LEU H 29 17.31 18.83 36.21
CA LEU H 29 17.77 18.66 37.59
C LEU H 29 19.18 18.09 37.64
N GLU H 30 19.43 17.06 36.83
CA GLU H 30 20.74 16.43 36.79
C GLU H 30 21.74 17.30 36.02
N GLN H 31 21.21 18.27 35.28
CA GLN H 31 22.05 19.12 34.43
C GLN H 31 22.89 18.30 33.48
N THR H 32 22.21 17.55 32.61
CA THR H 32 22.88 16.71 31.63
C THR H 32 22.19 16.80 30.27
N TYR H 33 22.78 16.17 29.27
CA TYR H 33 22.25 16.18 27.92
C TYR H 33 22.92 15.09 27.11
N LYS H 34 22.18 14.52 26.16
CA LYS H 34 22.68 13.41 25.36
C LYS H 34 23.29 13.89 24.05
N VAL H 35 24.37 13.23 23.63
CA VAL H 35 25.07 13.58 22.41
C VAL H 35 25.42 12.33 21.61
N ASP H 36 24.86 12.25 20.40
CA ASP H 36 25.19 11.18 19.47
C ASP H 36 26.16 11.70 18.43
N GLY H 37 27.16 10.90 18.09
CA GLY H 37 28.12 11.31 17.10
C GLY H 37 29.26 10.33 16.91
N TYR H 38 30.19 10.69 16.03
CA TYR H 38 31.37 9.88 15.77
C TYR H 38 32.58 10.56 16.38
N ILE H 39 33.62 9.77 16.64
CA ILE H 39 34.90 10.33 17.06
C ILE H 39 36.01 9.69 16.23
N VAL H 40 36.93 10.53 15.76
CA VAL H 40 38.05 10.07 14.95
C VAL H 40 39.35 10.56 15.55
N ALA H 41 40.29 9.63 15.72
CA ALA H 41 41.61 9.95 16.24
C ALA H 41 42.67 9.42 15.31
N GLN H 42 43.58 10.29 14.91
CA GLN H 42 44.65 9.93 13.99
C GLN H 42 46.00 10.28 14.59
N TRP H 43 46.90 9.31 14.57
CA TRP H 43 48.26 9.50 15.04
C TRP H 43 49.19 8.69 14.16
N THR H 44 50.49 8.88 14.34
CA THR H 44 51.48 8.18 13.53
C THR H 44 52.34 7.35 14.47
N GLY H 45 52.63 6.14 14.04
CA GLY H 45 53.36 5.18 14.86
C GLY H 45 54.32 4.30 14.08
N LYS H 46 54.42 3.06 14.55
CA LYS H 46 55.34 2.09 14.00
C LYS H 46 54.98 1.82 12.54
N PRO H 47 55.95 1.93 11.61
CA PRO H 47 55.64 1.55 10.23
C PRO H 47 55.09 0.12 10.15
N ARG H 48 54.37 -0.23 9.09
CA ARG H 48 53.63 -1.49 9.09
C ARG H 48 53.44 -2.11 7.70
N LYS H 49 53.48 -3.44 7.68
CA LYS H 49 53.23 -4.22 6.46
C LYS H 49 51.73 -4.52 6.33
N THR H 50 51.11 -4.04 5.25
CA THR H 50 49.68 -4.24 5.05
C THR H 50 49.40 -5.12 3.82
N PRO H 51 48.32 -5.91 3.87
CA PRO H 51 47.90 -6.72 2.71
C PRO H 51 47.68 -5.89 1.44
N GLY H 52 48.41 -6.20 0.37
CA GLY H 52 48.31 -5.45 -0.86
C GLY H 52 48.85 -4.04 -0.78
N ASP H 53 49.48 -3.71 0.35
CA ASP H 53 50.09 -2.40 0.57
C ASP H 53 49.03 -1.29 0.71
N LYS H 54 47.76 -1.64 0.54
CA LYS H 54 46.66 -0.71 0.78
C LYS H 54 46.35 -0.65 2.28
N PRO H 55 45.72 0.44 2.74
CA PRO H 55 45.41 0.53 4.17
C PRO H 55 44.52 -0.62 4.63
N LEU H 56 44.81 -1.15 5.82
CA LEU H 56 44.06 -2.29 6.35
C LEU H 56 42.95 -1.85 7.29
N ILE H 57 41.78 -2.48 7.16
CA ILE H 57 40.62 -2.17 7.98
C ILE H 57 40.41 -3.24 9.04
N VAL H 58 40.18 -2.80 10.27
CA VAL H 58 39.92 -3.70 11.40
C VAL H 58 38.67 -3.24 12.13
N GLU H 59 37.65 -4.09 12.17
CA GLU H 59 36.35 -3.71 12.70
C GLU H 59 35.98 -4.40 14.02
N ASN H 60 35.56 -3.59 14.98
CA ASN H 60 34.95 -4.09 16.22
C ASN H 60 35.79 -5.12 17.00
N THR H 61 35.32 -6.36 17.03
CA THR H 61 35.90 -7.39 17.90
C THR H 61 37.35 -7.67 17.55
N GLN H 62 37.74 -7.33 16.33
CA GLN H 62 39.10 -7.59 15.87
C GLN H 62 40.09 -6.61 16.48
N ILE H 63 39.61 -5.42 16.84
CA ILE H 63 40.46 -4.41 17.45
C ILE H 63 41.06 -4.92 18.76
N GLU H 64 40.27 -5.67 19.52
CA GLU H 64 40.72 -6.23 20.78
C GLU H 64 41.90 -7.17 20.58
N ARG H 65 41.83 -7.97 19.53
CA ARG H 65 42.87 -8.94 19.23
C ARG H 65 44.19 -8.24 18.89
N TRP H 66 44.10 -7.16 18.11
CA TRP H 66 45.29 -6.40 17.71
C TRP H 66 46.00 -5.78 18.91
N ILE H 67 45.23 -5.37 19.90
CA ILE H 67 45.79 -4.77 21.11
C ILE H 67 46.57 -5.82 21.91
N ASN H 68 46.09 -7.06 21.89
CA ASN H 68 46.75 -8.14 22.62
C ASN H 68 48.12 -8.47 22.02
N ASN H 69 48.23 -8.31 20.71
CA ASN H 69 49.51 -8.52 20.03
C ASN H 69 50.44 -7.32 20.18
N GLY H 70 49.98 -6.30 20.90
CA GLY H 70 50.81 -5.17 21.26
C GLY H 70 50.58 -3.91 20.45
N LEU H 71 49.40 -3.78 19.85
CA LEU H 71 49.07 -2.54 19.16
C LEU H 71 48.72 -1.47 20.19
N TRP H 72 49.30 -0.29 20.03
CA TRP H 72 49.06 0.81 20.96
C TRP H 72 47.82 1.60 20.57
N VAL H 73 46.78 1.50 21.39
CA VAL H 73 45.56 2.27 21.21
C VAL H 73 45.15 2.96 22.52
N PRO H 74 45.43 4.27 22.64
CA PRO H 74 45.19 4.95 23.91
C PRO H 74 43.71 5.16 24.22
N ALA H 75 43.35 5.09 25.50
CA ALA H 75 41.97 5.16 25.94
C ALA H 75 41.44 6.58 26.19
N LEU H 76 41.18 7.34 25.13
CA LEU H 76 40.64 8.68 25.29
C LEU H 76 39.29 8.66 26.02
N GLU H 77 39.20 9.46 27.10
CA GLU H 77 38.01 9.49 27.95
C GLU H 77 37.30 10.84 27.84
N PHE H 78 35.96 10.78 27.80
CA PHE H 78 35.17 11.99 27.94
C PHE H 78 35.12 12.38 29.41
N ILE H 79 35.78 13.48 29.75
CA ILE H 79 35.89 13.91 31.15
C ILE H 79 34.51 14.12 31.77
N ASN H 80 33.62 14.75 31.02
CA ASN H 80 32.33 15.18 31.57
C ASN H 80 31.18 14.24 31.21
N VAL H 81 31.50 13.01 30.81
CA VAL H 81 30.45 12.03 30.54
C VAL H 81 29.99 11.43 31.86
N VAL H 82 28.70 11.07 31.91
CA VAL H 82 28.13 10.46 33.11
C VAL H 82 27.81 9.00 32.84
N GLY H 83 28.69 8.10 33.28
CA GLY H 83 28.53 6.69 33.02
C GLY H 83 29.10 6.30 31.68
N SER H 84 29.41 5.01 31.53
CA SER H 84 30.02 4.51 30.30
C SER H 84 29.11 4.76 29.08
N PRO H 85 29.66 5.43 28.05
CA PRO H 85 28.85 5.76 26.87
C PRO H 85 28.56 4.56 25.98
N ASP H 86 27.50 4.64 25.20
CA ASP H 86 27.13 3.59 24.26
C ASP H 86 27.97 3.67 22.99
N THR H 87 28.97 2.79 22.89
CA THR H 87 29.84 2.75 21.71
C THR H 87 29.27 1.82 20.65
N GLY H 88 29.05 2.36 19.45
CA GLY H 88 28.57 1.56 18.34
C GLY H 88 29.66 0.77 17.66
N ASN H 89 29.86 0.99 16.38
CA ASN H 89 30.90 0.29 15.63
C ASN H 89 32.26 0.90 15.87
N LYS H 90 33.26 0.06 16.01
CA LYS H 90 34.64 0.50 16.18
C LYS H 90 35.40 0.17 14.90
N ARG H 91 36.43 0.94 14.59
CA ARG H 91 37.20 0.71 13.38
C ARG H 91 38.63 1.21 13.52
N LEU H 92 39.58 0.37 13.14
CA LEU H 92 40.97 0.78 13.00
C LEU H 92 41.37 0.71 11.54
N MET H 93 41.85 1.84 11.02
CA MET H 93 42.39 1.88 9.67
C MET H 93 43.91 2.02 9.80
N LEU H 94 44.60 0.90 9.65
CA LEU H 94 46.05 0.84 9.83
C LEU H 94 46.74 1.09 8.51
N PHE H 95 47.39 2.24 8.38
CA PHE H 95 48.10 2.57 7.15
C PHE H 95 49.50 1.98 7.15
N PRO H 96 50.05 1.73 5.96
CA PRO H 96 51.39 1.15 5.83
C PRO H 96 52.49 2.16 6.18
N ASP H 97 52.22 3.45 5.96
CA ASP H 97 53.22 4.49 6.19
C ASP H 97 53.30 4.85 7.68
N GLY H 98 52.69 4.04 8.54
CA GLY H 98 52.85 4.16 9.97
C GLY H 98 51.63 4.72 10.69
N ARG H 99 50.88 5.56 10.00
CA ARG H 99 49.76 6.26 10.64
C ARG H 99 48.61 5.31 10.92
N VAL H 100 47.82 5.67 11.93
CA VAL H 100 46.72 4.84 12.41
C VAL H 100 45.53 5.72 12.70
N ILE H 101 44.34 5.26 12.30
CA ILE H 101 43.12 6.02 12.49
C ILE H 101 42.06 5.18 13.18
N TYR H 102 41.70 5.59 14.38
CA TYR H 102 40.62 4.96 15.14
C TYR H 102 39.33 5.72 14.91
N ASN H 103 38.29 5.00 14.51
CA ASN H 103 37.00 5.59 14.22
C ASN H 103 35.88 4.83 14.94
N ALA H 104 35.10 5.56 15.73
CA ALA H 104 34.00 4.94 16.48
C ALA H 104 32.83 5.90 16.68
N ARG H 105 31.63 5.36 16.65
CA ARG H 105 30.41 6.12 16.94
C ARG H 105 30.08 6.02 18.41
N PHE H 106 29.49 7.07 18.97
CA PHE H 106 29.19 7.11 20.40
C PHE H 106 27.89 7.83 20.72
N LEU H 107 27.24 7.38 21.79
CA LEU H 107 26.09 8.07 22.36
C LEU H 107 26.19 8.05 23.88
N GLY H 108 26.32 9.23 24.48
CA GLY H 108 26.49 9.33 25.91
C GLY H 108 25.82 10.55 26.50
N SER H 109 25.52 10.48 27.80
CA SER H 109 24.94 11.59 28.52
C SER H 109 26.04 12.40 29.19
N PHE H 110 26.19 13.65 28.77
CA PHE H 110 27.27 14.50 29.24
C PHE H 110 26.75 15.52 30.27
N SER H 111 27.65 15.95 31.15
CA SER H 111 27.30 16.87 32.22
C SER H 111 27.99 18.22 32.04
N ASN H 112 27.30 19.27 32.46
CA ASN H 112 27.87 20.62 32.45
C ASN H 112 26.99 21.52 33.32
N ASP H 113 27.53 22.67 33.73
CA ASP H 113 26.75 23.63 34.50
C ASP H 113 25.70 24.29 33.61
N MET H 114 24.45 24.28 34.08
CA MET H 114 23.33 24.82 33.30
C MET H 114 22.42 25.69 34.18
N ASP H 115 22.30 26.96 33.79
CA ASP H 115 21.48 27.93 34.51
C ASP H 115 20.15 28.14 33.80
N PHE H 116 19.07 27.65 34.41
CA PHE H 116 17.74 27.73 33.81
C PHE H 116 16.89 28.83 34.46
N ARG H 117 17.53 29.82 35.07
CA ARG H 117 16.80 30.87 35.76
C ARG H 117 16.08 31.82 34.80
N LEU H 118 16.61 31.97 33.58
CA LEU H 118 16.01 32.84 32.58
C LEU H 118 14.98 32.10 31.74
N PHE H 119 14.66 30.88 32.15
CA PHE H 119 13.67 30.04 31.47
C PHE H 119 12.34 30.79 31.29
N PRO H 120 11.66 30.60 30.16
CA PRO H 120 12.01 29.78 28.99
C PRO H 120 12.90 30.50 27.99
N PHE H 121 13.47 31.63 28.40
CA PHE H 121 14.29 32.44 27.51
C PHE H 121 15.76 32.29 27.87
N ASP H 122 16.14 31.07 28.27
CA ASP H 122 17.50 30.80 28.73
C ASP H 122 18.41 30.32 27.59
N ARG H 123 19.70 30.56 27.77
CA ARG H 123 20.72 30.11 26.81
C ARG H 123 21.67 29.13 27.50
N GLN H 124 22.02 28.08 26.78
CA GLN H 124 22.92 27.04 27.30
C GLN H 124 24.01 26.75 26.28
N GLN H 125 25.11 26.15 26.74
CA GLN H 125 26.15 25.68 25.85
C GLN H 125 26.46 24.21 26.12
N PHE H 126 26.25 23.37 25.12
CA PHE H 126 26.53 21.95 25.25
C PHE H 126 28.02 21.69 25.06
N VAL H 127 28.65 21.14 26.09
CA VAL H 127 30.10 21.00 26.13
C VAL H 127 30.57 19.54 26.12
N LEU H 128 31.60 19.28 25.31
CA LEU H 128 32.34 18.02 25.36
C LEU H 128 33.76 18.28 25.84
N GLU H 129 34.26 17.41 26.72
CA GLU H 129 35.63 17.51 27.23
C GLU H 129 36.33 16.17 27.09
N LEU H 130 37.33 16.14 26.22
CA LEU H 130 38.05 14.91 25.90
C LEU H 130 39.48 14.97 26.43
N GLU H 131 39.95 13.86 27.00
CA GLU H 131 41.28 13.81 27.60
C GLU H 131 41.74 12.37 27.72
N PRO H 132 43.05 12.12 27.49
CA PRO H 132 43.56 10.75 27.64
C PRO H 132 43.47 10.26 29.08
N PHE H 133 43.23 8.96 29.26
CA PHE H 133 42.96 8.42 30.59
C PHE H 133 44.23 8.10 31.37
N SER H 134 45.29 7.71 30.66
CA SER H 134 46.50 7.22 31.29
C SER H 134 47.75 8.01 30.91
N TYR H 135 47.78 8.48 29.66
CA TYR H 135 48.99 9.10 29.12
C TYR H 135 48.97 10.62 29.25
N ASN H 136 50.02 11.16 29.86
CA ASN H 136 50.15 12.60 30.07
C ASN H 136 50.52 13.32 28.77
N ASN H 137 50.78 14.63 28.88
CA ASN H 137 51.08 15.46 27.71
C ASN H 137 52.46 15.21 27.13
N GLN H 138 53.36 14.63 27.93
CA GLN H 138 54.70 14.30 27.45
C GLN H 138 54.69 12.95 26.74
N GLN H 139 53.59 12.22 26.85
CA GLN H 139 53.42 10.94 26.18
C GLN H 139 52.42 11.05 25.03
N LEU H 140 51.30 11.70 25.29
CA LEU H 140 50.25 11.88 24.30
C LEU H 140 49.72 13.31 24.33
N ARG H 141 49.79 13.99 23.19
CA ARG H 141 49.37 15.38 23.07
C ARG H 141 48.39 15.56 21.92
N PHE H 142 47.34 16.35 22.16
CA PHE H 142 46.37 16.65 21.12
C PHE H 142 46.90 17.73 20.19
N SER H 143 47.15 17.35 18.92
CA SER H 143 47.71 18.27 17.95
C SER H 143 46.70 19.32 17.53
N ASP H 144 45.52 18.88 17.10
CA ASP H 144 44.46 19.79 16.66
C ASP H 144 43.10 19.12 16.83
N ILE H 145 42.04 19.92 16.76
CA ILE H 145 40.68 19.43 16.94
C ILE H 145 39.71 20.06 15.94
N GLN H 146 39.01 19.20 15.20
CA GLN H 146 37.96 19.63 14.28
C GLN H 146 36.60 19.13 14.76
N VAL H 147 35.60 20.00 14.72
CA VAL H 147 34.24 19.64 15.13
C VAL H 147 33.25 20.02 14.03
N TYR H 148 32.52 19.03 13.54
CA TYR H 148 31.57 19.21 12.46
C TYR H 148 30.14 18.95 12.93
N THR H 149 29.24 19.88 12.63
CA THR H 149 27.84 19.74 13.01
C THR H 149 26.94 19.82 11.77
N GLU H 150 25.77 19.21 11.86
CA GLU H 150 24.82 19.22 10.75
C GLU H 150 24.04 20.52 10.72
N ASN H 151 23.71 20.97 9.51
CA ASN H 151 22.94 22.19 9.32
C ASN H 151 21.44 22.03 9.60
N ILE H 152 21.01 22.43 10.79
CA ILE H 152 19.59 22.38 11.13
C ILE H 152 18.89 23.47 10.34
N ASP H 153 18.11 23.06 9.35
CA ASP H 153 17.43 24.00 8.45
C ASP H 153 16.04 24.28 8.96
N ASN H 154 15.35 23.25 9.44
CA ASN H 154 14.05 23.44 10.06
C ASN H 154 14.23 23.44 11.58
N GLU H 155 14.89 24.48 12.09
CA GLU H 155 15.14 24.61 13.52
C GLU H 155 13.87 24.87 14.30
N GLU H 156 12.85 25.35 13.59
CA GLU H 156 11.60 25.78 14.20
C GLU H 156 10.93 24.60 14.92
N ILE H 157 11.10 23.39 14.41
CA ILE H 157 10.46 22.23 15.00
C ILE H 157 11.33 21.54 16.04
N ASP H 158 12.58 21.99 16.19
CA ASP H 158 13.46 21.48 17.24
C ASP H 158 13.24 22.25 18.53
N GLU H 159 13.54 21.61 19.66
CA GLU H 159 13.38 22.24 20.96
C GLU H 159 14.45 23.30 21.16
N TRP H 160 15.64 23.02 20.63
CA TRP H 160 16.79 23.90 20.77
C TRP H 160 17.30 24.42 19.43
N TRP H 161 17.53 25.73 19.39
CA TRP H 161 18.11 26.39 18.22
C TRP H 161 19.59 26.60 18.46
N ILE H 162 20.44 25.97 17.66
CA ILE H 162 21.88 26.14 17.82
C ILE H 162 22.31 27.51 17.28
N ARG H 163 22.86 28.33 18.18
CA ARG H 163 23.25 29.71 17.86
C ARG H 163 24.75 29.85 17.64
N GLY H 164 25.21 29.26 16.54
CA GLY H 164 26.59 29.33 16.12
C GLY H 164 27.17 27.94 15.99
N LYS H 165 28.23 27.82 15.20
CA LYS H 165 28.89 26.56 14.97
C LYS H 165 29.78 26.25 16.18
N ALA H 166 30.21 25.00 16.32
CA ALA H 166 30.96 24.60 17.51
C ALA H 166 32.33 25.27 17.60
N SER H 167 32.64 25.74 18.81
CA SER H 167 33.95 26.31 19.13
C SER H 167 34.83 25.33 19.91
N THR H 168 36.08 25.17 19.47
CA THR H 168 37.01 24.23 20.10
C THR H 168 38.16 24.92 20.82
N HIS H 169 38.81 24.19 21.72
CA HIS H 169 39.92 24.73 22.50
C HIS H 169 40.74 23.62 23.16
N ILE H 170 41.94 23.38 22.66
CA ILE H 170 42.87 22.45 23.29
C ILE H 170 43.63 23.16 24.40
N SER H 171 43.85 22.48 25.51
CA SER H 171 44.51 23.06 26.66
C SER H 171 45.23 21.98 27.46
N ASP H 172 45.86 22.39 28.56
CA ASP H 172 46.57 21.47 29.44
C ASP H 172 46.02 21.57 30.86
N ILE H 173 45.83 20.41 31.48
CA ILE H 173 45.23 20.35 32.81
C ILE H 173 46.24 19.79 33.79
N ARG H 174 46.66 20.62 34.74
CA ARG H 174 47.59 20.20 35.78
C ARG H 174 46.82 19.59 36.95
N TYR H 175 47.03 18.30 37.18
CA TYR H 175 46.46 17.61 38.33
C TYR H 175 47.44 17.68 39.50
N ASP H 176 47.09 18.48 40.50
CA ASP H 176 47.97 18.76 41.64
C ASP H 176 48.34 17.48 42.39
N HIS H 177 47.34 16.68 42.73
CA HIS H 177 47.58 15.50 43.56
C HIS H 177 48.04 14.30 42.74
N LEU H 178 47.49 13.12 43.05
CA LEU H 178 47.90 11.82 42.49
C LEU H 178 49.37 11.50 42.78
N SER H 179 49.72 10.24 42.59
CA SER H 179 51.08 9.76 42.87
C SER H 179 51.83 9.51 41.58
N SER H 180 53.02 10.07 41.44
CA SER H 180 53.81 9.86 40.24
C SER H 180 55.30 9.77 40.54
N VAL H 181 56.10 9.82 39.48
CA VAL H 181 57.55 9.86 39.56
C VAL H 181 58.02 10.85 38.50
N GLN H 182 59.17 11.49 38.73
CA GLN H 182 59.65 12.60 37.90
C GLN H 182 58.69 13.79 38.09
N PRO H 183 59.23 15.02 38.10
CA PRO H 183 58.38 16.13 38.55
C PRO H 183 57.18 16.50 37.66
N ASN H 184 57.41 17.08 36.49
CA ASN H 184 56.33 17.47 35.60
C ASN H 184 55.76 16.35 34.72
N GLN H 185 55.11 15.38 35.36
CA GLN H 185 54.43 14.29 34.67
C GLN H 185 52.94 14.32 35.03
N ASN H 186 52.47 15.49 35.48
CA ASN H 186 51.13 15.63 36.01
C ASN H 186 50.20 16.53 35.17
N GLU H 187 50.54 16.73 33.91
CA GLU H 187 49.73 17.55 33.01
C GLU H 187 49.18 16.74 31.84
N PHE H 188 47.93 17.01 31.49
CA PHE H 188 47.22 16.27 30.45
C PHE H 188 46.61 17.21 29.42
N SER H 189 46.76 16.87 28.15
CA SER H 189 46.16 17.66 27.07
C SER H 189 44.66 17.37 26.99
N ARG H 190 43.85 18.42 27.04
CA ARG H 190 42.41 18.28 27.03
C ARG H 190 41.76 19.08 25.90
N ILE H 191 41.06 18.37 25.02
CA ILE H 191 40.20 19.02 24.05
C ILE H 191 38.90 19.41 24.74
N THR H 192 38.39 20.59 24.38
CA THR H 192 37.16 21.10 24.95
C THR H 192 36.32 21.77 23.87
N VAL H 193 35.17 21.15 23.59
CA VAL H 193 34.27 21.64 22.55
C VAL H 193 33.05 22.31 23.19
N ARG H 194 32.59 23.42 22.60
CA ARG H 194 31.42 24.13 23.11
C ARG H 194 30.43 24.42 21.99
N ILE H 195 29.13 24.38 22.31
CA ILE H 195 28.08 24.69 21.35
C ILE H 195 26.93 25.46 21.98
N ASP H 196 26.88 26.76 21.73
CA ASP H 196 25.82 27.61 22.27
C ASP H 196 24.48 27.32 21.60
N ALA H 197 23.42 27.42 22.38
CA ALA H 197 22.07 27.15 21.88
C ALA H 197 21.04 27.88 22.74
N VAL H 198 19.88 28.16 22.15
CA VAL H 198 18.79 28.84 22.86
C VAL H 198 17.51 28.02 22.80
N ARG H 199 16.69 28.15 23.84
CA ARG H 199 15.46 27.39 23.95
C ARG H 199 14.34 28.00 23.12
N ASN H 200 13.54 27.14 22.49
CA ASN H 200 12.38 27.55 21.71
C ASN H 200 11.24 28.05 22.61
N PRO H 201 11.06 29.39 22.69
CA PRO H 201 10.11 29.91 23.68
C PRO H 201 8.66 29.92 23.19
N SER H 202 8.41 29.35 22.02
CA SER H 202 7.09 29.38 21.41
C SER H 202 6.00 28.78 22.29
N TYR H 203 6.10 27.48 22.54
CA TYR H 203 5.08 26.75 23.29
C TYR H 203 4.84 27.39 24.65
N TYR H 204 5.92 27.84 25.28
CA TYR H 204 5.84 28.35 26.64
C TYR H 204 5.23 29.75 26.68
N LEU H 205 5.37 30.49 25.58
CA LEU H 205 4.81 31.85 25.52
C LEU H 205 3.30 31.83 25.34
N TRP H 206 2.83 31.01 24.41
CA TRP H 206 1.42 31.03 24.02
C TRP H 206 0.54 30.18 24.92
N SER H 207 1.09 29.11 25.49
CA SER H 207 0.29 28.16 26.26
C SER H 207 0.47 28.31 27.77
N PHE H 208 1.42 29.13 28.19
CA PHE H 208 1.69 29.35 29.62
C PHE H 208 1.74 30.83 29.97
N ILE H 209 2.64 31.58 29.34
CA ILE H 209 2.84 32.99 29.65
C ILE H 209 1.60 33.85 29.40
N LEU H 210 1.02 33.71 28.20
CA LEU H 210 -0.06 34.60 27.79
C LEU H 210 -1.35 34.37 28.58
N PRO H 211 -1.84 33.13 28.64
CA PRO H 211 -3.06 32.89 29.43
C PRO H 211 -2.95 33.37 30.88
N LEU H 212 -1.77 33.21 31.46
CA LEU H 212 -1.56 33.63 32.84
C LEU H 212 -1.72 35.13 32.96
N GLY H 213 -1.31 35.85 31.91
CA GLY H 213 -1.50 37.29 31.85
C GLY H 213 -2.97 37.61 31.81
N LEU H 214 -3.70 36.91 30.94
CA LEU H 214 -5.14 37.06 30.82
C LEU H 214 -5.82 36.77 32.16
N ILE H 215 -5.34 35.74 32.84
CA ILE H 215 -5.92 35.36 34.13
C ILE H 215 -5.62 36.42 35.19
N ILE H 216 -4.38 36.90 35.22
CA ILE H 216 -4.01 37.97 36.15
C ILE H 216 -4.77 39.25 35.81
N ALA H 217 -4.91 39.52 34.51
CA ALA H 217 -5.64 40.69 34.06
C ALA H 217 -7.10 40.59 34.46
N ALA H 218 -7.73 39.47 34.09
CA ALA H 218 -9.14 39.24 34.39
C ALA H 218 -9.39 39.19 35.89
N SER H 219 -8.34 38.94 36.66
CA SER H 219 -8.46 38.93 38.12
C SER H 219 -8.75 40.32 38.66
N TRP H 220 -8.33 41.34 37.91
CA TRP H 220 -8.51 42.73 38.34
C TRP H 220 -9.96 43.18 38.19
N SER H 221 -10.71 42.49 37.33
CA SER H 221 -12.09 42.86 37.07
C SER H 221 -13.02 42.51 38.24
N VAL H 222 -12.44 42.04 39.34
CA VAL H 222 -13.21 41.75 40.54
C VAL H 222 -13.73 43.04 41.17
N PHE H 223 -12.95 44.11 41.05
CA PHE H 223 -13.28 45.39 41.67
C PHE H 223 -14.53 46.05 41.07
N TRP H 224 -14.89 45.64 39.86
CA TRP H 224 -16.00 46.26 39.15
C TRP H 224 -17.34 45.64 39.56
N LEU H 225 -17.30 44.72 40.51
CA LEU H 225 -18.52 44.16 41.08
C LEU H 225 -19.08 45.12 42.12
N GLU H 226 -20.40 45.22 42.19
CA GLU H 226 -21.04 46.24 43.02
C GLU H 226 -21.04 45.88 44.51
N SER H 227 -21.60 44.74 44.86
CA SER H 227 -21.71 44.35 46.26
C SER H 227 -20.38 43.95 46.86
N PHE H 228 -20.31 43.88 48.20
CA PHE H 228 -19.12 43.43 48.90
C PHE H 228 -19.06 41.91 48.93
N SER H 229 -20.21 41.29 49.17
CA SER H 229 -20.32 39.84 49.17
C SER H 229 -19.85 39.30 47.83
N GLU H 230 -20.22 40.01 46.77
CA GLU H 230 -19.82 39.65 45.41
C GLU H 230 -18.30 39.69 45.22
N ARG H 231 -17.67 40.74 45.74
CA ARG H 231 -16.24 40.95 45.52
C ARG H 231 -15.36 39.97 46.28
N LEU H 232 -15.72 39.68 47.53
CA LEU H 232 -14.89 38.83 48.37
C LEU H 232 -15.02 37.36 47.97
N GLN H 233 -16.26 36.94 47.71
CA GLN H 233 -16.51 35.56 47.31
C GLN H 233 -15.88 35.26 45.95
N THR H 234 -15.77 36.29 45.11
CA THR H 234 -15.17 36.14 43.78
C THR H 234 -13.66 35.92 43.88
N SER H 235 -13.04 36.55 44.86
CA SER H 235 -11.59 36.45 45.03
C SER H 235 -11.15 35.03 45.34
N PHE H 236 -12.03 34.25 45.96
CA PHE H 236 -11.71 32.87 46.32
C PHE H 236 -11.72 31.95 45.09
N THR H 237 -12.52 32.30 44.10
CA THR H 237 -12.55 31.53 42.85
C THR H 237 -11.34 31.88 42.00
N LEU H 238 -10.92 33.14 42.05
CA LEU H 238 -9.72 33.57 41.35
C LEU H 238 -8.51 32.86 41.97
N MET H 239 -8.52 32.78 43.30
CA MET H 239 -7.46 32.10 44.04
C MET H 239 -7.34 30.64 43.63
N LEU H 240 -8.48 29.97 43.54
CA LEU H 240 -8.52 28.56 43.14
C LEU H 240 -7.94 28.38 41.73
N THR H 241 -8.20 29.35 40.86
CA THR H 241 -7.75 29.28 39.48
C THR H 241 -6.23 29.36 39.40
N VAL H 242 -5.64 30.19 40.25
CA VAL H 242 -4.19 30.32 40.26
C VAL H 242 -3.55 29.01 40.74
N VAL H 243 -4.17 28.39 41.75
CA VAL H 243 -3.69 27.10 42.25
C VAL H 243 -3.79 26.05 41.14
N ALA H 244 -4.91 26.06 40.44
CA ALA H 244 -5.12 25.13 39.33
C ALA H 244 -4.09 25.37 38.23
N TYR H 245 -3.71 26.63 38.03
CA TYR H 245 -2.78 26.99 36.97
C TYR H 245 -1.34 26.70 37.39
N ALA H 246 -1.07 26.79 38.70
CA ALA H 246 0.25 26.45 39.23
C ALA H 246 0.52 24.96 39.09
N PHE H 247 -0.53 24.17 39.26
CA PHE H 247 -0.44 22.72 39.13
C PHE H 247 -0.25 22.37 37.66
N TYR H 248 -0.95 23.10 36.80
CA TYR H 248 -0.86 22.94 35.35
C TYR H 248 0.56 23.16 34.83
N THR H 249 1.20 24.24 35.24
CA THR H 249 2.54 24.56 34.79
C THR H 249 3.61 23.63 35.33
N SER H 250 3.69 23.53 36.66
CA SER H 250 4.77 22.81 37.32
C SER H 250 4.84 21.33 36.91
N ASN H 251 3.70 20.76 36.54
CA ASN H 251 3.64 19.35 36.17
C ASN H 251 4.23 19.10 34.78
N ILE H 252 4.08 20.08 33.91
CA ILE H 252 4.53 19.96 32.53
C ILE H 252 5.89 20.62 32.36
N LEU H 253 6.10 21.72 33.08
CA LEU H 253 7.37 22.44 33.02
C LEU H 253 8.50 21.64 33.67
N PRO H 254 9.74 21.91 33.25
CA PRO H 254 10.89 21.18 33.80
C PRO H 254 11.09 21.49 35.27
N ARG H 255 11.33 20.45 36.07
CA ARG H 255 11.53 20.61 37.50
C ARG H 255 12.91 21.21 37.79
N LEU H 256 12.95 22.16 38.72
CA LEU H 256 14.17 22.89 39.06
C LEU H 256 14.26 23.13 40.57
N PRO H 257 15.47 23.51 41.04
CA PRO H 257 15.68 23.83 42.45
C PRO H 257 15.54 25.32 42.75
N TYR H 258 14.99 26.08 41.79
CA TYR H 258 14.85 27.52 41.94
C TYR H 258 13.71 28.04 41.06
N THR H 259 13.34 29.30 41.28
CA THR H 259 12.21 29.89 40.58
C THR H 259 12.60 30.43 39.21
N THR H 260 11.79 30.12 38.21
CA THR H 260 11.97 30.66 36.86
C THR H 260 11.17 31.96 36.71
N VAL H 261 11.13 32.49 35.49
CA VAL H 261 10.35 33.69 35.21
C VAL H 261 8.87 33.36 35.37
N ILE H 262 8.46 32.24 34.80
CA ILE H 262 7.08 31.79 34.87
C ILE H 262 6.67 31.52 36.31
N ASP H 263 7.57 30.92 37.08
CA ASP H 263 7.31 30.63 38.48
C ASP H 263 7.00 31.92 39.24
N GLN H 264 7.66 33.01 38.85
CA GLN H 264 7.48 34.29 39.51
C GLN H 264 6.12 34.91 39.18
N MET H 265 5.69 34.77 37.92
CA MET H 265 4.38 35.26 37.51
C MET H 265 3.25 34.68 38.35
N ILE H 266 3.37 33.39 38.68
CA ILE H 266 2.34 32.71 39.45
C ILE H 266 2.32 33.20 40.89
N ILE H 267 3.50 33.46 41.43
CA ILE H 267 3.60 34.01 42.78
C ILE H 267 2.97 35.40 42.82
N ALA H 268 3.18 36.17 41.75
CA ALA H 268 2.58 37.49 41.64
C ALA H 268 1.06 37.37 41.55
N GLY H 269 0.59 36.31 40.89
CA GLY H 269 -0.83 36.05 40.78
C GLY H 269 -1.46 35.78 42.13
N TYR H 270 -0.78 35.00 42.96
CA TYR H 270 -1.24 34.74 44.31
C TYR H 270 -1.35 36.04 45.11
N GLY H 271 -0.40 36.94 44.88
CA GLY H 271 -0.34 38.19 45.62
C GLY H 271 -1.39 39.19 45.18
N SER H 272 -1.54 39.36 43.87
CA SER H 272 -2.51 40.30 43.32
C SER H 272 -3.92 39.97 43.79
N ILE H 273 -4.18 38.70 44.08
CA ILE H 273 -5.49 38.26 44.55
C ILE H 273 -5.60 38.42 46.06
N PHE H 274 -4.53 38.08 46.77
CA PHE H 274 -4.53 38.23 48.23
C PHE H 274 -4.55 39.71 48.60
N ALA H 275 -3.91 40.53 47.77
CA ALA H 275 -3.93 41.98 47.96
C ALA H 275 -5.35 42.49 47.78
N ALA H 276 -6.00 42.05 46.71
CA ALA H 276 -7.38 42.42 46.44
C ALA H 276 -8.27 42.07 47.62
N ILE H 277 -8.05 40.89 48.21
CA ILE H 277 -8.81 40.46 49.36
C ILE H 277 -8.56 41.39 50.56
N LEU H 278 -7.35 41.95 50.63
CA LEU H 278 -7.02 42.86 51.72
C LEU H 278 -7.58 44.26 51.52
N LEU H 279 -7.92 44.59 50.27
CA LEU H 279 -8.50 45.90 49.97
C LEU H 279 -10.03 45.81 49.98
N ILE H 280 -10.56 44.78 49.33
CA ILE H 280 -12.00 44.52 49.33
C ILE H 280 -12.52 44.46 50.76
N ILE H 281 -11.67 43.98 51.66
CA ILE H 281 -12.03 43.80 53.07
C ILE H 281 -11.76 45.08 53.86
N PHE H 282 -10.83 45.89 53.38
CA PHE H 282 -10.46 47.13 54.04
C PHE H 282 -11.44 48.26 53.70
N ALA H 283 -11.82 48.34 52.44
CA ALA H 283 -12.74 49.35 51.96
C ALA H 283 -14.08 49.27 52.67
N HIS H 284 -14.45 48.06 53.08
CA HIS H 284 -15.74 47.80 53.69
C HIS H 284 -15.77 48.25 55.16
N HIS H 285 -14.60 48.65 55.68
CA HIS H 285 -14.49 49.02 57.09
C HIS H 285 -13.52 50.18 57.38
N ARG H 286 -13.04 50.88 56.37
CA ARG H 286 -12.08 51.96 56.63
C ARG H 286 -12.78 53.14 57.29
N GLN H 287 -13.64 53.82 56.54
CA GLN H 287 -14.33 54.99 57.05
C GLN H 287 -15.28 54.57 58.16
N ALA H 288 -15.67 55.52 59.00
CA ALA H 288 -16.60 55.22 60.10
C ALA H 288 -17.96 54.83 59.54
N ASN H 289 -18.87 54.45 60.43
CA ASN H 289 -20.23 54.03 60.10
C ASN H 289 -20.28 52.94 59.01
N GLY H 290 -19.16 52.27 58.80
CA GLY H 290 -19.08 51.13 57.90
C GLY H 290 -19.52 51.34 56.46
N VAL H 291 -19.46 52.57 55.96
CA VAL H 291 -19.85 52.86 54.58
C VAL H 291 -18.89 52.19 53.61
N GLU H 292 -19.42 51.69 52.50
CA GLU H 292 -18.57 51.11 51.45
C GLU H 292 -17.69 52.22 50.86
N ASP H 293 -16.42 52.20 51.23
CA ASP H 293 -15.46 53.22 50.84
C ASP H 293 -15.17 53.15 49.34
N ASP H 294 -16.07 53.71 48.53
CA ASP H 294 -15.91 53.74 47.08
C ASP H 294 -14.84 54.74 46.63
N LEU H 295 -14.16 55.39 47.56
CA LEU H 295 -13.03 56.24 47.22
C LEU H 295 -11.81 55.36 46.99
N LEU H 296 -11.75 54.24 47.70
CA LEU H 296 -10.66 53.28 47.53
C LEU H 296 -10.91 52.37 46.33
N ILE H 297 -12.05 51.70 46.31
CA ILE H 297 -12.45 50.94 45.14
C ILE H 297 -12.77 51.93 44.01
N GLN H 298 -12.75 51.44 42.78
CA GLN H 298 -12.97 52.24 41.58
C GLN H 298 -11.69 53.00 41.23
N ARG H 299 -11.06 53.59 42.24
CA ARG H 299 -9.71 54.11 42.08
C ARG H 299 -8.78 52.92 41.87
N CYS H 300 -9.18 51.76 42.40
CA CYS H 300 -8.41 50.52 42.27
C CYS H 300 -8.63 49.84 40.93
N ARG H 301 -9.68 50.22 40.21
CA ARG H 301 -10.00 49.60 38.94
C ARG H 301 -8.91 49.83 37.89
N LEU H 302 -7.99 50.75 38.19
CA LEU H 302 -6.84 51.01 37.33
C LEU H 302 -5.59 51.32 38.17
N ALA H 303 -5.65 51.05 39.47
CA ALA H 303 -4.48 51.16 40.33
C ALA H 303 -3.67 49.87 40.26
N PHE H 304 -4.37 48.75 40.14
CA PHE H 304 -3.72 47.45 40.02
C PHE H 304 -3.15 47.23 38.61
N PRO H 305 -3.94 47.50 37.56
CA PRO H 305 -3.39 47.41 36.19
C PRO H 305 -2.17 48.31 35.96
N LEU H 306 -1.94 49.26 36.87
CA LEU H 306 -0.78 50.14 36.79
C LEU H 306 0.23 49.78 37.88
N GLY H 307 -0.27 49.53 39.09
CA GLY H 307 0.58 49.15 40.21
C GLY H 307 1.29 47.84 39.97
N PHE H 308 0.55 46.87 39.41
CA PHE H 308 1.11 45.57 39.08
C PHE H 308 2.04 45.67 37.88
N LEU H 309 1.65 46.50 36.92
CA LEU H 309 2.45 46.73 35.72
C LEU H 309 3.62 47.68 35.99
N ALA H 310 3.79 48.07 37.24
CA ALA H 310 4.89 48.92 37.68
C ALA H 310 5.87 48.14 38.55
N ILE H 311 5.41 47.73 39.73
CA ILE H 311 6.25 47.02 40.69
C ILE H 311 6.82 45.74 40.06
N GLY H 312 6.08 45.19 39.11
CA GLY H 312 6.48 43.99 38.39
C GLY H 312 7.35 44.28 37.18
N CYS H 313 7.40 45.54 36.79
CA CYS H 313 8.11 45.96 35.58
C CYS H 313 9.62 45.91 35.72
N VAL H 314 10.11 45.70 36.95
CA VAL H 314 11.55 45.64 37.19
C VAL H 314 12.05 44.21 37.42
N LEU H 315 12.09 43.45 36.33
CA LEU H 315 12.72 42.13 36.32
C LEU H 315 13.82 42.23 35.26
N VAL H 316 14.75 43.15 35.50
CA VAL H 316 15.83 43.44 34.56
C VAL H 316 17.09 42.70 34.97
N ILE H 317 16.99 41.92 36.05
CA ILE H 317 18.12 41.11 36.53
C ILE H 317 18.54 39.98 35.57
N ARG I 10 35.21 -4.54 -9.26
CA ARG I 10 36.14 -4.65 -8.15
C ARG I 10 35.42 -4.62 -6.79
N PRO I 11 34.57 -3.60 -6.56
CA PRO I 11 33.85 -3.55 -5.29
C PRO I 11 32.92 -4.75 -5.09
N VAL I 12 32.76 -5.18 -3.85
CA VAL I 12 31.93 -6.34 -3.55
C VAL I 12 30.46 -5.93 -3.57
N ASP I 13 29.65 -6.74 -4.23
CA ASP I 13 28.21 -6.48 -4.33
C ASP I 13 27.45 -7.09 -3.17
N VAL I 14 26.72 -6.25 -2.44
CA VAL I 14 25.94 -6.70 -1.30
C VAL I 14 24.45 -6.47 -1.55
N SER I 15 23.70 -7.57 -1.63
CA SER I 15 22.25 -7.51 -1.79
C SER I 15 21.57 -7.54 -0.43
N VAL I 16 20.83 -6.48 -0.13
CA VAL I 16 20.21 -6.33 1.19
C VAL I 16 18.72 -6.61 1.14
N SER I 17 18.21 -7.19 2.22
CA SER I 17 16.77 -7.40 2.39
C SER I 17 16.38 -7.11 3.83
N ILE I 18 15.48 -6.15 4.02
CA ILE I 18 15.07 -5.72 5.34
C ILE I 18 13.59 -6.01 5.60
N PHE I 19 13.33 -6.96 6.49
CA PHE I 19 11.97 -7.28 6.90
C PHE I 19 11.61 -6.43 8.11
N ILE I 20 10.47 -5.75 8.02
CA ILE I 20 9.99 -4.91 9.12
C ILE I 20 8.77 -5.55 9.76
N ASN I 21 8.88 -5.82 11.06
CA ASN I 21 7.83 -6.49 11.82
C ASN I 21 6.87 -5.51 12.48
N LYS I 22 7.42 -4.41 12.99
CA LYS I 22 6.66 -3.53 13.87
C LYS I 22 7.33 -2.17 14.00
N ILE I 23 6.58 -1.10 13.76
CA ILE I 23 7.03 0.25 14.05
C ILE I 23 6.14 0.84 15.14
N TYR I 24 6.76 1.35 16.20
CA TYR I 24 6.02 1.81 17.37
C TYR I 24 6.85 2.73 18.26
N GLY I 25 6.25 3.18 19.35
CA GLY I 25 6.94 3.95 20.36
C GLY I 25 7.52 5.28 19.88
N VAL I 26 6.69 6.07 19.22
CA VAL I 26 7.13 7.38 18.74
C VAL I 26 7.38 8.33 19.90
N ASN I 27 8.59 8.88 19.95
CA ASN I 27 8.91 9.94 20.91
C ASN I 27 8.89 11.27 20.17
N THR I 28 7.92 12.11 20.51
CA THR I 28 7.67 13.34 19.76
C THR I 28 8.75 14.39 19.99
N LEU I 29 9.19 14.53 21.23
CA LEU I 29 10.20 15.52 21.57
C LEU I 29 11.57 15.12 21.04
N GLU I 30 11.95 13.86 21.25
CA GLU I 30 13.25 13.37 20.80
C GLU I 30 13.25 13.15 19.29
N GLN I 31 12.05 13.12 18.70
CA GLN I 31 11.87 12.82 17.28
C GLN I 31 12.51 11.47 16.94
N THR I 32 12.01 10.42 17.58
CA THR I 32 12.49 9.06 17.35
C THR I 32 11.33 8.06 17.31
N TYR I 33 11.64 6.81 17.01
CA TYR I 33 10.65 5.75 16.93
C TYR I 33 11.35 4.39 16.92
N LYS I 34 10.67 3.38 17.45
CA LYS I 34 11.26 2.03 17.54
C LYS I 34 10.87 1.18 16.34
N VAL I 35 11.82 0.36 15.87
CA VAL I 35 11.58 -0.51 14.72
C VAL I 35 12.13 -1.91 15.00
N ASP I 36 11.23 -2.89 15.02
CA ASP I 36 11.62 -4.30 15.14
C ASP I 36 11.56 -4.94 13.77
N GLY I 37 12.56 -5.74 13.44
CA GLY I 37 12.60 -6.41 12.16
C GLY I 37 13.89 -7.18 11.93
N TYR I 38 14.00 -7.80 10.77
CA TYR I 38 15.20 -8.53 10.38
C TYR I 38 15.99 -7.78 9.32
N ILE I 39 17.27 -8.10 9.23
CA ILE I 39 18.12 -7.60 8.15
C ILE I 39 18.88 -8.76 7.52
N VAL I 40 18.91 -8.78 6.20
CA VAL I 40 19.61 -9.83 5.48
C VAL I 40 20.58 -9.22 4.47
N ALA I 41 21.83 -9.68 4.49
CA ALA I 41 22.86 -9.20 3.57
C ALA I 41 23.52 -10.38 2.86
N GLN I 42 23.59 -10.30 1.53
CA GLN I 42 24.15 -11.36 0.71
C GLN I 42 25.26 -10.85 -0.20
N TRP I 43 26.40 -11.55 -0.18
CA TRP I 43 27.51 -11.23 -1.07
C TRP I 43 28.22 -12.51 -1.49
N THR I 44 29.08 -12.42 -2.48
CA THR I 44 29.82 -13.57 -3.00
C THR I 44 31.33 -13.34 -2.96
N GLY I 45 32.06 -14.38 -2.60
CA GLY I 45 33.50 -14.33 -2.54
C GLY I 45 34.10 -15.63 -3.03
N LYS I 46 35.29 -15.96 -2.53
CA LYS I 46 35.98 -17.18 -2.96
C LYS I 46 35.17 -18.40 -2.54
N PRO I 47 34.94 -19.34 -3.48
CA PRO I 47 34.27 -20.61 -3.14
C PRO I 47 34.91 -21.33 -1.96
N ARG I 48 34.17 -22.23 -1.34
CA ARG I 48 34.58 -22.80 -0.06
C ARG I 48 34.09 -24.25 0.05
N LYS I 49 34.89 -25.07 0.72
CA LYS I 49 34.51 -26.46 0.95
C LYS I 49 33.68 -26.60 2.22
N THR I 50 32.46 -27.10 2.07
CA THR I 50 31.55 -27.25 3.21
C THR I 50 31.30 -28.73 3.46
N PRO I 51 31.10 -29.12 4.72
CA PRO I 51 30.76 -30.52 5.04
C PRO I 51 29.54 -31.04 4.28
N GLY I 52 29.73 -32.12 3.52
CA GLY I 52 28.67 -32.67 2.71
C GLY I 52 28.28 -31.81 1.52
N ASP I 53 29.02 -30.73 1.31
CA ASP I 53 28.78 -29.82 0.19
C ASP I 53 27.44 -29.09 0.32
N LYS I 54 26.70 -29.36 1.39
CA LYS I 54 25.46 -28.64 1.68
C LYS I 54 25.80 -27.29 2.29
N PRO I 55 24.90 -26.31 2.17
CA PRO I 55 25.20 -24.98 2.73
C PRO I 55 25.44 -25.05 4.24
N LEU I 56 26.43 -24.31 4.72
CA LEU I 56 26.79 -24.34 6.14
C LEU I 56 26.13 -23.22 6.93
N ILE I 57 25.57 -23.57 8.08
CA ILE I 57 24.93 -22.61 8.97
C ILE I 57 25.79 -22.38 10.22
N VAL I 58 25.96 -21.12 10.57
CA VAL I 58 26.72 -20.71 11.76
C VAL I 58 25.88 -19.76 12.60
N GLU I 59 25.60 -20.15 13.84
CA GLU I 59 24.64 -19.42 14.67
C GLU I 59 25.30 -18.68 15.84
N ASN I 60 24.96 -17.40 15.96
CA ASN I 60 25.32 -16.58 17.11
C ASN I 60 26.83 -16.53 17.41
N THR I 61 27.24 -17.13 18.52
CA THR I 61 28.60 -17.00 19.02
C THR I 61 29.67 -17.57 18.08
N GLN I 62 29.26 -18.48 17.21
CA GLN I 62 30.19 -19.15 16.31
C GLN I 62 30.63 -18.24 15.17
N ILE I 63 29.84 -17.23 14.88
CA ILE I 63 30.17 -16.26 13.84
C ILE I 63 31.49 -15.57 14.16
N GLU I 64 31.72 -15.32 15.44
CA GLU I 64 32.94 -14.64 15.88
C GLU I 64 34.17 -15.48 15.51
N ARG I 65 34.07 -16.80 15.67
CA ARG I 65 35.18 -17.69 15.36
C ARG I 65 35.56 -17.63 13.88
N TRP I 66 34.55 -17.67 13.01
CA TRP I 66 34.80 -17.65 11.58
C TRP I 66 35.42 -16.33 11.18
N ILE I 67 35.01 -15.25 11.85
CA ILE I 67 35.58 -13.93 11.58
C ILE I 67 37.04 -13.92 12.02
N ASN I 68 37.34 -14.63 13.10
CA ASN I 68 38.71 -14.71 13.60
C ASN I 68 39.61 -15.49 12.66
N ASN I 69 39.05 -16.51 11.99
CA ASN I 69 39.81 -17.28 11.02
C ASN I 69 39.97 -16.53 9.70
N GLY I 70 39.41 -15.32 9.66
CA GLY I 70 39.61 -14.43 8.52
C GLY I 70 38.43 -14.34 7.59
N LEU I 71 37.24 -14.68 8.08
CA LEU I 71 36.03 -14.52 7.28
C LEU I 71 35.65 -13.04 7.25
N TRP I 72 35.36 -12.54 6.06
CA TRP I 72 35.01 -11.14 5.89
C TRP I 72 33.53 -10.92 6.11
N VAL I 73 33.21 -10.20 7.20
CA VAL I 73 31.84 -9.83 7.51
C VAL I 73 31.82 -8.33 7.79
N PRO I 74 31.31 -7.54 6.82
CA PRO I 74 31.36 -6.07 6.90
C PRO I 74 30.44 -5.57 8.00
N ALA I 75 30.70 -4.37 8.50
CA ALA I 75 29.99 -3.89 9.68
C ALA I 75 28.56 -3.46 9.37
N LEU I 76 28.42 -2.45 8.51
CA LEU I 76 27.12 -1.89 8.14
C LEU I 76 26.43 -1.29 9.36
N GLU I 77 26.23 0.03 9.31
CA GLU I 77 25.67 0.77 10.42
C GLU I 77 24.35 1.42 10.05
N PHE I 78 23.38 1.39 10.97
CA PHE I 78 22.18 2.20 10.79
C PHE I 78 22.54 3.64 11.12
N ILE I 79 22.59 4.49 10.09
CA ILE I 79 23.00 5.88 10.27
C ILE I 79 22.11 6.63 11.24
N ASN I 80 20.80 6.41 11.14
CA ASN I 80 19.85 7.20 11.90
C ASN I 80 19.32 6.51 13.15
N VAL I 81 20.03 5.49 13.63
CA VAL I 81 19.65 4.82 14.87
C VAL I 81 20.21 5.60 16.06
N VAL I 82 19.50 5.52 17.19
CA VAL I 82 19.93 6.20 18.41
C VAL I 82 20.42 5.18 19.42
N GLY I 83 21.75 5.02 19.48
CA GLY I 83 22.37 4.04 20.33
C GLY I 83 22.43 2.70 19.64
N SER I 84 23.36 1.85 20.04
CA SER I 84 23.52 0.54 19.42
C SER I 84 22.24 -0.26 19.58
N PRO I 85 21.69 -0.77 18.47
CA PRO I 85 20.41 -1.50 18.52
C PRO I 85 20.53 -2.88 19.16
N ASP I 86 19.41 -3.39 19.66
CA ASP I 86 19.36 -4.70 20.28
C ASP I 86 19.35 -5.80 19.23
N THR I 87 20.51 -6.43 19.05
CA THR I 87 20.64 -7.50 18.07
C THR I 87 20.28 -8.84 18.70
N GLY I 88 19.28 -9.51 18.13
CA GLY I 88 18.85 -10.80 18.61
C GLY I 88 19.75 -11.92 18.11
N ASN I 89 19.17 -12.87 17.39
CA ASN I 89 19.93 -13.99 16.84
C ASN I 89 20.69 -13.60 15.59
N LYS I 90 21.92 -14.07 15.49
CA LYS I 90 22.75 -13.85 14.30
C LYS I 90 22.92 -15.15 13.54
N ARG I 91 23.15 -15.06 12.23
CA ARG I 91 23.31 -16.24 11.40
C ARG I 91 24.15 -15.98 10.16
N LEU I 92 25.11 -16.87 9.90
CA LEU I 92 25.86 -16.88 8.64
C LEU I 92 25.52 -18.15 7.87
N MET I 93 25.08 -17.98 6.63
CA MET I 93 24.85 -19.10 5.73
C MET I 93 25.92 -19.15 4.65
N LEU I 94 26.91 -20.02 4.84
CA LEU I 94 28.04 -20.13 3.91
C LEU I 94 27.76 -21.19 2.85
N PHE I 95 27.56 -20.75 1.62
CA PHE I 95 27.35 -21.67 0.50
C PHE I 95 28.68 -22.12 -0.08
N PRO I 96 28.72 -23.31 -0.69
CA PRO I 96 29.95 -23.85 -1.25
C PRO I 96 30.38 -23.13 -2.53
N ASP I 97 29.40 -22.60 -3.25
CA ASP I 97 29.67 -21.93 -4.53
C ASP I 97 30.15 -20.49 -4.32
N GLY I 98 30.48 -20.14 -3.08
CA GLY I 98 31.13 -18.87 -2.78
C GLY I 98 30.26 -17.84 -2.08
N ARG I 99 28.96 -17.88 -2.33
CA ARG I 99 28.06 -16.86 -1.80
C ARG I 99 27.88 -17.02 -0.30
N VAL I 100 27.56 -15.90 0.36
CA VAL I 100 27.43 -15.85 1.81
C VAL I 100 26.21 -15.00 2.16
N ILE I 101 25.43 -15.45 3.13
CA ILE I 101 24.23 -14.74 3.55
C ILE I 101 24.18 -14.53 5.06
N TYR I 102 24.22 -13.26 5.45
CA TYR I 102 24.10 -12.88 6.86
C TYR I 102 22.65 -12.53 7.17
N ASN I 103 22.11 -13.16 8.20
CA ASN I 103 20.72 -12.93 8.62
C ASN I 103 20.66 -12.65 10.12
N ALA I 104 20.05 -11.52 10.49
CA ALA I 104 19.98 -11.13 11.89
C ALA I 104 18.71 -10.36 12.24
N ARG I 105 18.22 -10.61 13.46
CA ARG I 105 17.09 -9.89 14.03
C ARG I 105 17.60 -8.65 14.74
N PHE I 106 16.83 -7.57 14.70
CA PHE I 106 17.25 -6.32 15.33
C PHE I 106 16.07 -5.52 15.88
N LEU I 107 16.32 -4.80 16.97
CA LEU I 107 15.37 -3.84 17.50
C LEU I 107 16.12 -2.60 17.96
N GLY I 108 15.84 -1.46 17.34
CA GLY I 108 16.54 -0.23 17.64
C GLY I 108 15.66 1.00 17.54
N SER I 109 16.06 2.06 18.23
CA SER I 109 15.35 3.33 18.19
C SER I 109 15.97 4.23 17.13
N PHE I 110 15.17 4.57 16.12
CA PHE I 110 15.64 5.35 14.98
C PHE I 110 15.17 6.79 15.06
N SER I 111 15.96 7.68 14.45
CA SER I 111 15.70 9.11 14.46
C SER I 111 15.38 9.60 13.05
N ASN I 112 14.54 10.64 12.99
CA ASN I 112 14.23 11.30 11.73
C ASN I 112 13.60 12.65 12.03
N ASP I 113 13.57 13.53 11.05
CA ASP I 113 12.90 14.82 11.23
C ASP I 113 11.40 14.58 11.26
N MET I 114 10.74 15.08 12.30
CA MET I 114 9.32 14.86 12.50
C MET I 114 8.60 16.14 12.90
N ASP I 115 7.64 16.53 12.07
CA ASP I 115 6.85 17.74 12.29
C ASP I 115 5.46 17.37 12.81
N PHE I 116 5.20 17.68 14.08
CA PHE I 116 3.93 17.34 14.73
C PHE I 116 3.00 18.55 14.88
N ARG I 117 3.20 19.56 14.03
CA ARG I 117 2.44 20.80 14.15
C ARG I 117 0.96 20.67 13.76
N LEU I 118 0.67 19.72 12.87
CA LEU I 118 -0.69 19.51 12.40
C LEU I 118 -1.46 18.49 13.25
N PHE I 119 -0.89 18.13 14.40
CA PHE I 119 -1.52 17.20 15.32
C PHE I 119 -2.96 17.63 15.63
N PRO I 120 -3.89 16.67 15.74
CA PRO I 120 -3.75 15.21 15.56
C PRO I 120 -3.88 14.75 14.12
N PHE I 121 -3.78 15.69 13.17
CA PHE I 121 -3.94 15.37 11.75
C PHE I 121 -2.60 15.40 11.03
N ASP I 122 -1.55 14.93 11.71
CA ASP I 122 -0.19 15.01 11.16
C ASP I 122 0.21 13.77 10.37
N ARG I 123 1.13 13.97 9.44
CA ARG I 123 1.68 12.91 8.60
C ARG I 123 3.19 12.77 8.85
N GLN I 124 3.66 11.53 8.95
CA GLN I 124 5.08 11.27 9.19
C GLN I 124 5.63 10.20 8.25
N GLN I 125 6.96 10.17 8.11
CA GLN I 125 7.63 9.12 7.36
C GLN I 125 8.73 8.47 8.21
N PHE I 126 8.57 7.18 8.46
CA PHE I 126 9.55 6.41 9.23
C PHE I 126 10.71 5.97 8.32
N VAL I 127 11.91 6.43 8.66
CA VAL I 127 13.07 6.24 7.81
C VAL I 127 14.14 5.33 8.42
N LEU I 128 14.67 4.43 7.59
CA LEU I 128 15.87 3.66 7.92
C LEU I 128 17.00 4.07 6.97
N GLU I 129 18.21 4.21 7.51
CA GLU I 129 19.37 4.54 6.70
C GLU I 129 20.52 3.59 7.01
N LEU I 130 20.89 2.77 6.04
CA LEU I 130 21.92 1.75 6.21
C LEU I 130 23.13 2.10 5.36
N GLU I 131 24.33 1.92 5.92
CA GLU I 131 25.57 2.28 5.23
C GLU I 131 26.76 1.54 5.86
N PRO I 132 27.73 1.13 5.02
CA PRO I 132 28.92 0.48 5.60
C PRO I 132 29.73 1.42 6.50
N PHE I 133 30.31 0.87 7.55
CA PHE I 133 30.98 1.69 8.55
C PHE I 133 32.42 2.01 8.16
N SER I 134 33.06 1.07 7.45
CA SER I 134 34.49 1.15 7.19
C SER I 134 34.81 1.18 5.70
N TYR I 135 34.01 0.45 4.93
CA TYR I 135 34.28 0.22 3.52
C TYR I 135 33.52 1.21 2.63
N ASN I 136 34.26 1.93 1.79
CA ASN I 136 33.65 2.91 0.90
C ASN I 136 32.94 2.20 -0.26
N ASN I 137 32.44 2.97 -1.22
CA ASN I 137 31.67 2.39 -2.32
C ASN I 137 32.52 1.61 -3.31
N GLN I 138 33.83 1.90 -3.33
CA GLN I 138 34.76 1.19 -4.20
C GLN I 138 35.23 -0.11 -3.54
N GLN I 139 34.89 -0.30 -2.27
CA GLN I 139 35.23 -1.53 -1.54
C GLN I 139 33.96 -2.36 -1.36
N LEU I 140 32.89 -1.69 -0.94
CA LEU I 140 31.60 -2.33 -0.73
C LEU I 140 30.49 -1.47 -1.31
N ARG I 141 29.70 -2.04 -2.22
CA ARG I 141 28.63 -1.32 -2.88
C ARG I 141 27.32 -2.08 -2.75
N PHE I 142 26.24 -1.36 -2.47
CA PHE I 142 24.92 -1.97 -2.37
C PHE I 142 24.30 -2.19 -3.75
N SER I 143 24.12 -3.45 -4.11
CA SER I 143 23.58 -3.83 -5.40
C SER I 143 22.09 -3.52 -5.50
N ASP I 144 21.32 -4.00 -4.53
CA ASP I 144 19.88 -3.79 -4.52
C ASP I 144 19.34 -3.85 -3.10
N ILE I 145 18.11 -3.40 -2.92
CA ILE I 145 17.47 -3.36 -1.61
C ILE I 145 16.03 -3.85 -1.72
N GLN I 146 15.71 -4.85 -0.91
CA GLN I 146 14.34 -5.34 -0.80
C GLN I 146 13.80 -5.01 0.58
N VAL I 147 12.59 -4.49 0.63
CA VAL I 147 11.97 -4.15 1.90
C VAL I 147 10.58 -4.78 1.95
N TYR I 148 10.38 -5.63 2.95
CA TYR I 148 9.14 -6.36 3.09
C TYR I 148 8.42 -5.89 4.34
N THR I 149 7.14 -5.56 4.18
CA THR I 149 6.29 -5.07 5.26
C THR I 149 5.06 -5.97 5.38
N GLU I 150 4.40 -5.93 6.52
CA GLU I 150 3.22 -6.76 6.75
C GLU I 150 2.03 -6.17 5.99
N ASN I 151 1.12 -7.04 5.56
CA ASN I 151 -0.05 -6.68 4.76
C ASN I 151 -0.78 -5.39 5.10
N ILE I 152 -0.80 -4.46 4.14
CA ILE I 152 -1.49 -3.20 4.37
C ILE I 152 -2.99 -3.44 4.29
N ASP I 153 -3.59 -3.66 5.45
CA ASP I 153 -5.03 -3.66 5.66
C ASP I 153 -5.10 -2.28 6.24
N ASN I 154 -6.22 -1.57 6.22
CA ASN I 154 -6.13 -0.20 6.71
C ASN I 154 -7.34 0.43 7.39
N GLU I 155 -7.17 1.71 7.75
CA GLU I 155 -8.12 2.44 8.59
C GLU I 155 -8.05 1.71 9.95
N GLU I 156 -6.96 0.98 10.12
CA GLU I 156 -6.73 0.12 11.28
C GLU I 156 -6.68 0.85 12.62
N ILE I 157 -6.58 0.03 13.65
CA ILE I 157 -6.62 0.43 15.03
C ILE I 157 -5.21 0.65 15.60
N ASP I 158 -4.22 0.49 14.73
CA ASP I 158 -2.86 0.88 15.07
C ASP I 158 -2.98 2.40 14.94
N GLU I 159 -2.10 3.15 15.58
CA GLU I 159 -2.18 4.60 15.56
C GLU I 159 -1.90 5.20 14.18
N TRP I 160 -1.08 4.54 13.35
CA TRP I 160 -0.68 5.09 12.04
C TRP I 160 -1.25 4.32 10.84
N TRP I 161 -1.79 5.04 9.87
CA TRP I 161 -2.26 4.39 8.64
C TRP I 161 -1.15 4.41 7.62
N ILE I 162 -0.67 3.21 7.28
CA ILE I 162 0.39 3.01 6.31
C ILE I 162 -0.17 3.26 4.91
N ARG I 163 0.50 4.14 4.16
CA ARG I 163 0.01 4.61 2.88
C ARG I 163 0.55 3.83 1.69
N GLY I 164 1.32 2.79 1.96
CA GLY I 164 1.90 2.02 0.88
C GLY I 164 3.08 1.18 1.30
N LYS I 165 3.53 0.31 0.41
CA LYS I 165 4.68 -0.52 0.68
C LYS I 165 5.90 0.39 0.75
N ALA I 166 6.99 -0.11 1.30
CA ALA I 166 8.16 0.72 1.54
C ALA I 166 8.81 1.21 0.26
N SER I 167 9.19 2.49 0.26
CA SER I 167 9.92 3.10 -0.85
C SER I 167 11.41 3.19 -0.50
N THR I 168 12.26 2.73 -1.41
CA THR I 168 13.71 2.69 -1.20
C THR I 168 14.46 3.68 -2.08
N HIS I 169 15.72 3.94 -1.74
CA HIS I 169 16.56 4.84 -2.49
C HIS I 169 18.02 4.57 -2.14
N ILE I 170 18.72 3.91 -3.06
CA ILE I 170 20.15 3.71 -2.94
C ILE I 170 20.87 4.92 -3.53
N SER I 171 21.93 5.35 -2.87
CA SER I 171 22.67 6.53 -3.30
C SER I 171 24.12 6.47 -2.84
N ASP I 172 24.86 7.53 -3.15
CA ASP I 172 26.25 7.66 -2.74
C ASP I 172 26.43 8.93 -1.93
N ILE I 173 27.20 8.84 -0.84
CA ILE I 173 27.38 9.95 0.07
C ILE I 173 28.83 10.40 0.08
N ARG I 174 29.08 11.63 -0.38
CA ARG I 174 30.41 12.19 -0.36
C ARG I 174 30.71 12.84 0.98
N TYR I 175 31.67 12.26 1.70
CA TYR I 175 32.17 12.83 2.94
C TYR I 175 33.36 13.72 2.61
N ASP I 176 33.15 15.03 2.70
CA ASP I 176 34.16 15.99 2.30
C ASP I 176 35.45 15.82 3.10
N HIS I 177 35.32 15.81 4.44
CA HIS I 177 36.48 15.77 5.31
C HIS I 177 36.95 14.34 5.59
N LEU I 178 38.21 14.06 5.25
CA LEU I 178 38.79 12.72 5.42
C LEU I 178 40.32 12.78 5.47
N SER I 179 40.92 11.67 5.89
CA SER I 179 42.36 11.59 6.12
C SER I 179 43.13 10.84 5.03
N SER I 180 42.48 10.43 3.95
CA SER I 180 43.18 9.61 2.96
C SER I 180 43.95 10.45 1.94
N VAL I 181 44.35 9.81 0.85
CA VAL I 181 45.02 10.44 -0.27
C VAL I 181 44.41 9.84 -1.52
N GLN I 182 44.58 10.49 -2.67
CA GLN I 182 43.85 10.13 -3.88
C GLN I 182 42.37 10.18 -3.51
N PRO I 183 41.80 11.40 -3.47
CA PRO I 183 40.44 11.50 -2.91
C PRO I 183 39.36 10.85 -3.78
N ASN I 184 39.37 9.53 -3.83
CA ASN I 184 38.31 8.75 -4.47
C ASN I 184 37.86 7.67 -3.48
N GLN I 185 38.13 7.91 -2.21
CA GLN I 185 37.79 7.00 -1.13
C GLN I 185 36.82 7.67 -0.17
N ASN I 186 36.12 8.69 -0.66
CA ASN I 186 35.28 9.54 0.18
C ASN I 186 33.80 9.38 -0.12
N GLU I 187 33.44 8.30 -0.81
CA GLU I 187 32.05 8.03 -1.14
C GLU I 187 31.59 6.71 -0.54
N PHE I 188 30.38 6.70 0.01
CA PHE I 188 29.84 5.51 0.67
C PHE I 188 28.46 5.18 0.13
N SER I 189 28.23 3.89 -0.11
CA SER I 189 26.93 3.42 -0.59
C SER I 189 25.94 3.38 0.56
N ARG I 190 24.82 4.07 0.39
CA ARG I 190 23.80 4.16 1.44
C ARG I 190 22.42 3.74 0.95
N ILE I 191 21.87 2.71 1.58
CA ILE I 191 20.46 2.36 1.40
C ILE I 191 19.63 3.30 2.25
N THR I 192 18.48 3.72 1.72
CA THR I 192 17.57 4.60 2.45
C THR I 192 16.14 4.16 2.21
N VAL I 193 15.49 3.70 3.28
CA VAL I 193 14.11 3.22 3.22
C VAL I 193 13.17 4.24 3.87
N ARG I 194 11.98 4.40 3.27
CA ARG I 194 10.96 5.29 3.81
C ARG I 194 9.61 4.59 3.89
N ILE I 195 8.82 4.97 4.91
CA ILE I 195 7.47 4.44 5.08
C ILE I 195 6.55 5.57 5.53
N ASP I 196 5.78 6.10 4.58
CA ASP I 196 4.84 7.18 4.86
C ASP I 196 3.64 6.68 5.65
N ALA I 197 3.14 7.51 6.56
CA ALA I 197 2.01 7.13 7.40
C ALA I 197 1.28 8.37 7.93
N VAL I 198 0.00 8.21 8.25
CA VAL I 198 -0.81 9.29 8.79
C VAL I 198 -1.45 8.89 10.11
N ARG I 199 -1.64 9.86 11.00
CA ARG I 199 -2.20 9.58 12.32
C ARG I 199 -3.73 9.49 12.27
N ASN I 200 -4.28 8.51 12.97
CA ASN I 200 -5.72 8.35 13.10
C ASN I 200 -6.31 9.40 14.04
N PRO I 201 -6.97 10.44 13.48
CA PRO I 201 -7.38 11.55 14.35
C PRO I 201 -8.69 11.30 15.09
N SER I 202 -9.20 10.08 15.00
CA SER I 202 -10.48 9.72 15.60
C SER I 202 -10.50 10.04 17.08
N TYR I 203 -9.62 9.36 17.84
CA TYR I 203 -9.57 9.50 19.28
C TYR I 203 -9.44 10.94 19.75
N TYR I 204 -8.61 11.71 19.07
CA TYR I 204 -8.34 13.08 19.49
C TYR I 204 -9.50 14.00 19.14
N LEU I 205 -10.26 13.63 18.12
CA LEU I 205 -11.41 14.44 17.72
C LEU I 205 -12.56 14.28 18.71
N TRP I 206 -12.85 13.04 19.09
CA TRP I 206 -14.03 12.74 19.89
C TRP I 206 -13.81 12.95 21.39
N SER I 207 -12.58 12.76 21.85
CA SER I 207 -12.30 12.81 23.29
C SER I 207 -11.58 14.08 23.72
N PHE I 208 -11.15 14.91 22.77
CA PHE I 208 -10.46 16.16 23.10
C PHE I 208 -11.03 17.36 22.33
N ILE I 209 -11.05 17.28 21.01
CA ILE I 209 -11.50 18.41 20.19
C ILE I 209 -12.96 18.77 20.48
N LEU I 210 -13.82 17.74 20.50
CA LEU I 210 -15.27 17.97 20.60
C LEU I 210 -15.68 18.55 21.95
N PRO I 211 -15.27 17.91 23.07
CA PRO I 211 -15.63 18.49 24.37
C PRO I 211 -15.15 19.94 24.54
N LEU I 212 -13.97 20.25 23.99
CA LEU I 212 -13.43 21.60 24.07
C LEU I 212 -14.34 22.56 23.32
N GLY I 213 -14.92 22.09 22.22
CA GLY I 213 -15.88 22.87 21.47
C GLY I 213 -17.12 23.15 22.29
N LEU I 214 -17.66 22.10 22.90
CA LEU I 214 -18.83 22.23 23.77
C LEU I 214 -18.60 23.20 24.93
N ILE I 215 -17.42 23.12 25.53
CA ILE I 215 -17.09 23.99 26.65
C ILE I 215 -16.93 25.43 26.18
N ILE I 216 -16.23 25.63 25.06
CA ILE I 216 -16.07 26.95 24.49
C ILE I 216 -17.44 27.47 24.05
N ALA I 217 -18.27 26.56 23.55
CA ALA I 217 -19.62 26.92 23.13
C ALA I 217 -20.41 27.42 24.33
N ALA I 218 -20.41 26.62 25.40
CA ALA I 218 -21.15 26.95 26.62
C ALA I 218 -20.64 28.25 27.25
N SER I 219 -19.44 28.67 26.87
CA SER I 219 -18.88 29.92 27.39
C SER I 219 -19.68 31.11 26.86
N TRP I 220 -20.29 30.92 25.69
CA TRP I 220 -21.07 31.98 25.05
C TRP I 220 -22.43 32.16 25.71
N SER I 221 -22.91 31.12 26.41
CA SER I 221 -24.23 31.16 27.03
C SER I 221 -24.26 32.06 28.26
N VAL I 222 -23.15 32.75 28.52
CA VAL I 222 -23.08 33.72 29.61
C VAL I 222 -23.93 34.94 29.29
N PHE I 223 -24.00 35.30 28.01
CA PHE I 223 -24.69 36.51 27.59
C PHE I 223 -26.19 36.44 27.81
N TRP I 224 -26.72 35.23 27.96
CA TRP I 224 -28.16 35.05 28.13
C TRP I 224 -28.57 35.20 29.60
N LEU I 225 -27.60 35.49 30.47
CA LEU I 225 -27.90 35.80 31.85
C LEU I 225 -28.34 37.25 31.97
N GLU I 226 -29.30 37.51 32.86
CA GLU I 226 -29.94 38.82 32.94
C GLU I 226 -29.07 39.85 33.66
N SER I 227 -28.68 39.54 34.89
CA SER I 227 -27.94 40.50 35.73
C SER I 227 -26.49 40.70 35.27
N PHE I 228 -25.87 41.75 35.79
CA PHE I 228 -24.46 42.05 35.52
C PHE I 228 -23.56 41.23 36.44
N SER I 229 -23.96 41.13 37.70
CA SER I 229 -23.25 40.33 38.68
C SER I 229 -23.19 38.87 38.25
N GLU I 230 -24.29 38.38 37.69
CA GLU I 230 -24.36 37.00 37.22
C GLU I 230 -23.39 36.71 36.08
N ARG I 231 -23.30 37.65 35.14
CA ARG I 231 -22.49 37.46 33.94
C ARG I 231 -20.99 37.49 34.23
N LEU I 232 -20.57 38.41 35.08
CA LEU I 232 -19.14 38.57 35.36
C LEU I 232 -18.61 37.46 36.26
N GLN I 233 -19.38 37.12 37.29
CA GLN I 233 -18.98 36.05 38.22
C GLN I 233 -18.93 34.69 37.52
N THR I 234 -19.79 34.50 36.53
CA THR I 234 -19.85 33.25 35.80
C THR I 234 -18.61 33.07 34.91
N SER I 235 -18.11 34.18 34.38
CA SER I 235 -16.95 34.15 33.49
C SER I 235 -15.70 33.62 34.20
N PHE I 236 -15.64 33.83 35.52
CA PHE I 236 -14.48 33.36 36.30
C PHE I 236 -14.50 31.84 36.50
N THR I 237 -15.70 31.25 36.48
CA THR I 237 -15.83 29.80 36.56
C THR I 237 -15.47 29.20 35.21
N LEU I 238 -15.81 29.90 34.13
CA LEU I 238 -15.45 29.47 32.79
C LEU I 238 -13.94 29.50 32.64
N MET I 239 -13.32 30.55 33.16
CA MET I 239 -11.86 30.70 33.13
C MET I 239 -11.21 29.50 33.79
N LEU I 240 -11.73 29.11 34.95
CA LEU I 240 -11.22 27.96 35.68
C LEU I 240 -11.34 26.68 34.86
N THR I 241 -12.44 26.56 34.11
CA THR I 241 -12.71 25.36 33.33
C THR I 241 -11.70 25.21 32.19
N VAL I 242 -11.34 26.32 31.56
CA VAL I 242 -10.36 26.30 30.48
C VAL I 242 -9.00 25.91 31.02
N VAL I 243 -8.65 26.44 32.18
CA VAL I 243 -7.39 26.09 32.84
C VAL I 243 -7.39 24.61 33.18
N ALA I 244 -8.52 24.13 33.68
CA ALA I 244 -8.66 22.72 34.03
C ALA I 244 -8.50 21.84 32.80
N TYR I 245 -8.97 22.35 31.66
CA TYR I 245 -8.92 21.58 30.42
C TYR I 245 -7.53 21.64 29.77
N ALA I 246 -6.82 22.74 29.99
CA ALA I 246 -5.46 22.87 29.48
C ALA I 246 -4.55 21.88 30.19
N PHE I 247 -4.82 21.68 31.48
CA PHE I 247 -4.07 20.72 32.29
C PHE I 247 -4.46 19.31 31.89
N TYR I 248 -5.75 19.11 31.65
CA TYR I 248 -6.26 17.83 31.20
C TYR I 248 -5.63 17.38 29.90
N THR I 249 -5.61 18.27 28.91
CA THR I 249 -5.06 17.95 27.59
C THR I 249 -3.55 17.78 27.63
N SER I 250 -2.86 18.82 28.09
CA SER I 250 -1.39 18.87 28.05
C SER I 250 -0.73 17.69 28.78
N ASN I 251 -1.42 17.13 29.77
CA ASN I 251 -0.88 16.05 30.56
C ASN I 251 -0.89 14.71 29.82
N ILE I 252 -1.90 14.52 28.97
CA ILE I 252 -2.06 13.27 28.23
C ILE I 252 -1.51 13.40 26.81
N LEU I 253 -1.67 14.59 26.21
CA LEU I 253 -1.16 14.80 24.87
C LEU I 253 0.36 14.79 24.86
N PRO I 254 0.96 14.43 23.72
CA PRO I 254 2.43 14.33 23.61
C PRO I 254 3.13 15.68 23.79
N ARG I 255 4.22 15.68 24.54
CA ARG I 255 4.97 16.90 24.80
C ARG I 255 5.64 17.38 23.52
N LEU I 256 5.58 18.69 23.29
CA LEU I 256 6.14 19.29 22.09
C LEU I 256 6.78 20.64 22.42
N PRO I 257 7.63 21.16 21.52
CA PRO I 257 8.25 22.47 21.71
C PRO I 257 7.45 23.59 21.04
N TYR I 258 6.23 23.29 20.64
CA TYR I 258 5.37 24.27 19.97
C TYR I 258 3.89 23.94 20.13
N THR I 259 3.03 24.88 19.74
CA THR I 259 1.60 24.75 19.92
C THR I 259 0.97 23.93 18.80
N THR I 260 0.10 23.01 19.17
CA THR I 260 -0.65 22.20 18.21
C THR I 260 -1.96 22.88 17.85
N VAL I 261 -2.81 22.17 17.11
CA VAL I 261 -4.13 22.67 16.74
C VAL I 261 -4.96 22.78 18.02
N ILE I 262 -4.91 21.72 18.82
CA ILE I 262 -5.64 21.65 20.07
C ILE I 262 -5.20 22.75 21.02
N ASP I 263 -3.90 23.00 21.08
CA ASP I 263 -3.36 24.03 21.95
C ASP I 263 -3.94 25.40 21.59
N GLN I 264 -4.18 25.63 20.31
CA GLN I 264 -4.71 26.90 19.85
C GLN I 264 -6.19 27.07 20.24
N MET I 265 -6.94 25.98 20.15
CA MET I 265 -8.35 26.01 20.57
C MET I 265 -8.45 26.47 22.01
N ILE I 266 -7.51 26.02 22.82
CA ILE I 266 -7.48 26.38 24.24
C ILE I 266 -7.10 27.84 24.41
N ILE I 267 -6.18 28.31 23.57
CA ILE I 267 -5.79 29.72 23.60
C ILE I 267 -6.99 30.58 23.20
N ALA I 268 -7.77 30.09 22.24
CA ALA I 268 -8.98 30.79 21.81
C ALA I 268 -10.00 30.80 22.93
N GLY I 269 -10.06 29.72 23.71
CA GLY I 269 -10.94 29.63 24.85
C GLY I 269 -10.58 30.65 25.91
N TYR I 270 -9.28 30.78 26.17
CA TYR I 270 -8.77 31.77 27.10
C TYR I 270 -9.16 33.18 26.65
N GLY I 271 -9.10 33.41 25.34
CA GLY I 271 -9.39 34.71 24.77
C GLY I 271 -10.86 35.08 24.77
N SER I 272 -11.69 34.14 24.34
CA SER I 272 -13.13 34.37 24.27
C SER I 272 -13.73 34.73 25.63
N ILE I 273 -13.09 34.26 26.69
CA ILE I 273 -13.56 34.54 28.05
C ILE I 273 -13.01 35.87 28.53
N PHE I 274 -11.75 36.15 28.24
CA PHE I 274 -11.15 37.43 28.61
C PHE I 274 -11.82 38.54 27.81
N ALA I 275 -12.19 38.23 26.57
CA ALA I 275 -12.93 39.17 25.73
C ALA I 275 -14.31 39.44 26.32
N ALA I 276 -15.01 38.37 26.67
CA ALA I 276 -16.34 38.47 27.27
C ALA I 276 -16.32 39.34 28.52
N ILE I 277 -15.29 39.17 29.34
CA ILE I 277 -15.15 39.96 30.56
C ILE I 277 -14.95 41.43 30.21
N LEU I 278 -14.32 41.69 29.06
CA LEU I 278 -14.08 43.07 28.62
C LEU I 278 -15.32 43.68 27.98
N LEU I 279 -16.26 42.84 27.55
CA LEU I 279 -17.50 43.33 26.96
C LEU I 279 -18.59 43.47 28.03
N ILE I 280 -18.73 42.44 28.86
CA ILE I 280 -19.68 42.45 29.97
C ILE I 280 -19.44 43.64 30.87
N ILE I 281 -18.18 44.04 30.97
CA ILE I 281 -17.76 45.10 31.86
C ILE I 281 -17.89 46.48 31.20
N PHE I 282 -17.86 46.49 29.88
CA PHE I 282 -17.94 47.73 29.11
C PHE I 282 -19.38 48.19 29.01
N ALA I 283 -20.28 47.23 28.81
CA ALA I 283 -21.72 47.52 28.69
C ALA I 283 -22.24 48.19 29.96
N HIS I 284 -21.63 47.87 31.09
CA HIS I 284 -22.08 48.38 32.38
C HIS I 284 -21.63 49.82 32.62
N HIS I 285 -20.81 50.35 31.72
CA HIS I 285 -20.25 51.70 31.88
C HIS I 285 -20.11 52.47 30.57
N ARG I 286 -20.68 51.97 29.48
CA ARG I 286 -20.56 52.67 28.21
C ARG I 286 -21.45 53.90 28.23
N GLN I 287 -22.76 53.67 28.21
CA GLN I 287 -23.72 54.76 28.22
C GLN I 287 -23.70 55.47 29.57
N ALA I 288 -24.12 56.73 29.59
CA ALA I 288 -24.17 57.50 30.83
C ALA I 288 -25.25 56.98 31.76
N ASN I 289 -25.30 57.54 32.97
CA ASN I 289 -26.30 57.21 34.00
C ASN I 289 -26.51 55.72 34.26
N GLY I 290 -25.54 54.90 33.87
CA GLY I 290 -25.58 53.46 34.13
C GLY I 290 -26.79 52.70 33.62
N VAL I 291 -27.42 53.20 32.56
CA VAL I 291 -28.58 52.52 31.96
C VAL I 291 -28.13 51.18 31.37
N GLU I 292 -29.01 50.19 31.42
CA GLU I 292 -28.71 48.86 30.88
C GLU I 292 -28.42 48.84 29.38
N ASP I 293 -27.15 48.75 29.03
CA ASP I 293 -26.74 48.72 27.62
C ASP I 293 -27.09 47.38 26.98
N ASP I 294 -28.37 47.17 26.68
CA ASP I 294 -28.83 45.95 26.03
C ASP I 294 -28.54 45.92 24.53
N LEU I 295 -27.86 46.96 24.01
CA LEU I 295 -27.49 46.97 22.60
C LEU I 295 -26.28 46.10 22.30
N LEU I 296 -25.34 46.04 23.23
CA LEU I 296 -24.15 45.21 23.03
C LEU I 296 -24.42 43.76 23.40
N ILE I 297 -24.89 43.54 24.62
CA ILE I 297 -25.34 42.21 25.03
C ILE I 297 -26.59 41.86 24.26
N GLN I 298 -26.89 40.56 24.18
CA GLN I 298 -28.02 40.02 23.42
C GLN I 298 -27.65 39.93 21.93
N ARG I 299 -27.05 40.99 21.41
CA ARG I 299 -26.43 40.92 20.08
C ARG I 299 -25.21 40.01 20.13
N CYS I 300 -24.63 39.86 21.32
CA CYS I 300 -23.47 38.99 21.49
C CYS I 300 -23.91 37.54 21.56
N ARG I 301 -25.21 37.32 21.75
CA ARG I 301 -25.75 35.97 21.85
C ARG I 301 -25.60 35.25 20.50
N LEU I 302 -25.29 36.00 19.45
CA LEU I 302 -24.99 35.42 18.15
C LEU I 302 -23.90 36.20 17.40
N ALA I 303 -23.22 37.12 18.09
CA ALA I 303 -22.07 37.78 17.49
C ALA I 303 -20.83 36.93 17.75
N PHE I 304 -20.76 36.34 18.94
CA PHE I 304 -19.66 35.44 19.29
C PHE I 304 -19.85 34.04 18.69
N PRO I 305 -21.03 33.42 18.87
CA PRO I 305 -21.29 32.13 18.22
C PRO I 305 -21.13 32.15 16.70
N LEU I 306 -21.09 33.34 16.10
CA LEU I 306 -20.83 33.46 14.67
C LEU I 306 -19.45 34.07 14.44
N GLY I 307 -19.10 35.07 15.25
CA GLY I 307 -17.80 35.71 15.18
C GLY I 307 -16.65 34.76 15.48
N PHE I 308 -16.85 33.89 16.47
CA PHE I 308 -15.84 32.91 16.83
C PHE I 308 -15.79 31.84 15.74
N LEU I 309 -16.95 31.51 15.20
CA LEU I 309 -17.04 30.53 14.11
C LEU I 309 -16.61 31.18 12.79
N ALA I 310 -16.13 32.41 12.89
CA ALA I 310 -15.55 33.12 11.75
C ALA I 310 -14.04 33.22 11.97
N ILE I 311 -13.63 33.98 12.99
CA ILE I 311 -12.20 34.14 13.30
C ILE I 311 -11.54 32.79 13.57
N GLY I 312 -12.31 31.83 14.06
CA GLY I 312 -11.78 30.51 14.34
C GLY I 312 -11.85 29.66 13.08
N CYS I 313 -12.67 30.09 12.12
CA CYS I 313 -12.79 29.38 10.86
C CYS I 313 -11.61 29.73 9.97
N VAL I 314 -10.87 30.77 10.35
CA VAL I 314 -9.69 31.18 9.60
C VAL I 314 -8.43 30.82 10.36
N LEU I 315 -8.21 29.52 10.48
CA LEU I 315 -6.96 28.95 10.95
C LEU I 315 -6.52 28.06 9.81
N VAL I 316 -6.34 28.67 8.65
CA VAL I 316 -6.06 27.95 7.41
C VAL I 316 -4.56 27.93 7.16
N ILE I 317 -3.81 27.73 8.24
CA ILE I 317 -2.36 27.62 8.17
C ILE I 317 -1.98 26.35 7.40
N ARG J 10 15.17 -37.82 7.78
CA ARG J 10 16.29 -36.88 7.81
C ARG J 10 16.06 -35.71 8.77
N PRO J 11 14.90 -35.02 8.66
CA PRO J 11 14.71 -33.89 9.58
C PRO J 11 14.70 -34.32 11.04
N VAL J 12 15.26 -33.47 11.90
CA VAL J 12 15.36 -33.77 13.32
C VAL J 12 14.05 -33.44 14.05
N ASP J 13 13.58 -34.39 14.86
CA ASP J 13 12.37 -34.17 15.64
C ASP J 13 12.71 -33.56 17.01
N VAL J 14 12.12 -32.41 17.28
CA VAL J 14 12.36 -31.69 18.54
C VAL J 14 11.09 -31.58 19.38
N SER J 15 11.11 -32.19 20.55
CA SER J 15 9.99 -32.13 21.48
C SER J 15 10.17 -30.96 22.46
N VAL J 16 9.23 -30.02 22.43
CA VAL J 16 9.32 -28.80 23.24
C VAL J 16 8.35 -28.83 24.42
N SER J 17 8.78 -28.24 25.53
CA SER J 17 7.93 -28.07 26.71
C SER J 17 8.17 -26.70 27.34
N ILE J 18 7.11 -25.91 27.45
CA ILE J 18 7.19 -24.54 27.97
C ILE J 18 6.42 -24.37 29.28
N PHE J 19 7.17 -24.16 30.37
CA PHE J 19 6.55 -23.87 31.67
C PHE J 19 6.38 -22.36 31.81
N ILE J 20 5.16 -21.92 32.15
CA ILE J 20 4.88 -20.50 32.33
C ILE J 20 4.66 -20.20 33.82
N ASN J 21 5.50 -19.31 34.35
CA ASN J 21 5.46 -18.94 35.77
C ASN J 21 4.60 -17.72 36.05
N LYS J 22 4.65 -16.73 35.16
CA LYS J 22 4.09 -15.42 35.46
C LYS J 22 3.86 -14.60 34.18
N ILE J 23 2.64 -14.10 34.03
CA ILE J 23 2.31 -13.15 32.97
C ILE J 23 1.93 -11.81 33.61
N TYR J 24 2.58 -10.73 33.19
CA TYR J 24 2.37 -9.44 33.83
C TYR J 24 2.86 -8.28 32.96
N GLY J 25 2.71 -7.07 33.49
CA GLY J 25 3.25 -5.88 32.87
C GLY J 25 2.68 -5.58 31.49
N VAL J 26 1.35 -5.59 31.39
CA VAL J 26 0.70 -5.29 30.12
C VAL J 26 0.91 -3.82 29.74
N ASN J 27 1.48 -3.62 28.55
CA ASN J 27 1.63 -2.30 27.96
C ASN J 27 0.58 -2.10 26.88
N THR J 28 -0.37 -1.21 27.12
CA THR J 28 -1.53 -1.05 26.23
C THR J 28 -1.19 -0.39 24.89
N LEU J 29 -0.35 0.64 24.89
CA LEU J 29 -0.03 1.35 23.65
C LEU J 29 0.87 0.49 22.75
N GLU J 30 1.91 -0.09 23.33
CA GLU J 30 2.84 -0.92 22.57
C GLU J 30 2.24 -2.29 22.26
N GLN J 31 1.15 -2.61 22.96
CA GLN J 31 0.52 -3.92 22.85
C GLN J 31 1.51 -5.04 23.15
N THR J 32 2.03 -5.04 24.37
CA THR J 32 3.01 -6.04 24.80
C THR J 32 2.70 -6.53 26.21
N TYR J 33 3.46 -7.52 26.66
CA TYR J 33 3.31 -8.08 28.00
C TYR J 33 4.52 -8.95 28.34
N LYS J 34 4.85 -9.02 29.63
CA LYS J 34 6.01 -9.78 30.07
C LYS J 34 5.63 -11.18 30.49
N VAL J 35 6.50 -12.15 30.19
CA VAL J 35 6.27 -13.55 30.52
C VAL J 35 7.52 -14.18 31.10
N ASP J 36 7.42 -14.64 32.35
CA ASP J 36 8.50 -15.38 33.00
C ASP J 36 8.16 -16.85 32.96
N GLY J 37 9.16 -17.68 32.62
CA GLY J 37 8.97 -19.11 32.55
C GLY J 37 10.21 -19.84 32.06
N TYR J 38 10.09 -21.15 31.94
CA TYR J 38 11.17 -21.99 31.43
C TYR J 38 10.84 -22.49 30.04
N ILE J 39 11.88 -22.89 29.30
CA ILE J 39 11.71 -23.55 28.01
C ILE J 39 12.54 -24.82 27.98
N VAL J 40 11.94 -25.90 27.48
CA VAL J 40 12.63 -27.18 27.38
C VAL J 40 12.52 -27.72 25.96
N ALA J 41 13.66 -28.10 25.39
CA ALA J 41 13.71 -28.66 24.05
C ALA J 41 14.48 -29.98 24.08
N GLN J 42 13.87 -31.04 23.55
CA GLN J 42 14.48 -32.36 23.56
C GLN J 42 14.53 -32.96 22.16
N TRP J 43 15.72 -33.44 21.79
CA TRP J 43 15.95 -34.11 20.53
C TRP J 43 16.99 -35.20 20.72
N THR J 44 17.18 -36.05 19.71
CA THR J 44 18.14 -37.14 19.79
C THR J 44 19.17 -37.06 18.67
N GLY J 45 20.42 -37.36 19.01
CA GLY J 45 21.52 -37.30 18.07
C GLY J 45 22.51 -38.43 18.27
N LYS J 46 23.78 -38.15 17.95
CA LYS J 46 24.83 -39.15 18.02
C LYS J 46 25.03 -39.65 19.45
N PRO J 47 25.03 -40.98 19.66
CA PRO J 47 25.34 -41.52 20.99
C PRO J 47 26.67 -41.00 21.53
N ARG J 48 26.86 -41.09 22.84
CA ARG J 48 27.98 -40.42 23.50
C ARG J 48 28.45 -41.16 24.74
N LYS J 49 29.74 -41.07 25.01
CA LYS J 49 30.32 -41.66 26.21
C LYS J 49 30.15 -40.72 27.39
N THR J 50 29.40 -41.14 28.39
CA THR J 50 29.13 -40.30 29.57
C THR J 50 29.72 -40.91 30.85
N PRO J 51 30.15 -40.06 31.79
CA PRO J 51 30.64 -40.55 33.09
C PRO J 51 29.63 -41.42 33.85
N GLY J 52 30.00 -42.66 34.15
CA GLY J 52 29.12 -43.57 34.87
C GLY J 52 27.88 -44.02 34.13
N ASP J 53 27.80 -43.68 32.84
CA ASP J 53 26.67 -44.04 31.98
C ASP J 53 25.38 -43.31 32.38
N LYS J 54 25.43 -42.52 33.45
CA LYS J 54 24.32 -41.65 33.79
C LYS J 54 24.44 -40.37 32.95
N PRO J 55 23.32 -39.66 32.75
CA PRO J 55 23.37 -38.43 31.95
C PRO J 55 24.34 -37.39 32.51
N LEU J 56 25.03 -36.70 31.60
CA LEU J 56 26.00 -35.67 31.97
C LEU J 56 25.31 -34.31 31.95
N ILE J 57 25.58 -33.49 32.96
CA ILE J 57 24.97 -32.17 33.07
C ILE J 57 25.97 -31.06 32.72
N VAL J 58 25.52 -30.12 31.88
CA VAL J 58 26.33 -28.98 31.46
C VAL J 58 25.55 -27.68 31.66
N GLU J 59 26.07 -26.80 32.50
CA GLU J 59 25.37 -25.57 32.90
C GLU J 59 26.00 -24.28 32.39
N ASN J 60 25.17 -23.41 31.82
CA ASN J 60 25.55 -22.04 31.48
C ASN J 60 26.80 -21.90 30.62
N THR J 61 27.88 -21.37 31.20
CA THR J 61 29.05 -20.98 30.42
C THR J 61 29.71 -22.17 29.72
N GLN J 62 29.45 -23.38 30.22
CA GLN J 62 30.06 -24.58 29.66
C GLN J 62 29.38 -25.02 28.36
N ILE J 63 28.11 -24.66 28.18
CA ILE J 63 27.38 -25.02 26.98
C ILE J 63 28.05 -24.42 25.74
N GLU J 64 28.57 -23.22 25.89
CA GLU J 64 29.23 -22.54 24.79
C GLU J 64 30.45 -23.31 24.30
N ARG J 65 31.20 -23.86 25.24
CA ARG J 65 32.41 -24.61 24.92
C ARG J 65 32.09 -25.89 24.15
N TRP J 66 31.03 -26.59 24.56
CA TRP J 66 30.62 -27.82 23.92
C TRP J 66 30.24 -27.59 22.47
N ILE J 67 29.68 -26.41 22.18
CA ILE J 67 29.28 -26.06 20.83
C ILE J 67 30.50 -25.92 19.92
N ASN J 68 31.61 -25.45 20.48
CA ASN J 68 32.84 -25.30 19.72
C ASN J 68 33.41 -26.65 19.31
N ASN J 69 33.20 -27.66 20.16
CA ASN J 69 33.65 -29.01 19.87
C ASN J 69 32.73 -29.70 18.87
N GLY J 70 31.69 -29.00 18.43
CA GLY J 70 30.83 -29.48 17.36
C GLY J 70 29.50 -30.02 17.85
N LEU J 71 29.08 -29.62 19.05
CA LEU J 71 27.77 -30.03 19.54
C LEU J 71 26.68 -29.21 18.86
N TRP J 72 25.65 -29.90 18.39
CA TRP J 72 24.54 -29.25 17.70
C TRP J 72 23.45 -28.81 18.68
N VAL J 73 23.30 -27.49 18.84
CA VAL J 73 22.25 -26.92 19.67
C VAL J 73 21.52 -25.82 18.86
N PRO J 74 20.31 -26.12 18.37
CA PRO J 74 19.63 -25.19 17.46
C PRO J 74 19.12 -23.92 18.13
N ALA J 75 19.11 -22.84 17.36
CA ALA J 75 18.78 -21.49 17.83
C ALA J 75 17.29 -21.13 17.81
N LEU J 76 16.44 -21.89 18.52
CA LEU J 76 15.01 -21.57 18.54
C LEU J 76 14.74 -20.13 19.00
N GLU J 77 13.99 -19.40 18.17
CA GLU J 77 13.70 -17.99 18.41
C GLU J 77 12.23 -17.76 18.72
N PHE J 78 11.96 -16.89 19.69
CA PHE J 78 10.60 -16.40 19.92
C PHE J 78 10.27 -15.36 18.86
N ILE J 79 9.36 -15.71 17.95
CA ILE J 79 9.02 -14.84 16.84
C ILE J 79 8.48 -13.50 17.30
N ASN J 80 7.62 -13.52 18.30
CA ASN J 80 6.88 -12.33 18.71
C ASN J 80 7.45 -11.63 19.95
N VAL J 81 8.72 -11.90 20.27
CA VAL J 81 9.37 -11.21 21.37
C VAL J 81 9.85 -9.85 20.90
N VAL J 82 9.88 -8.89 21.82
CA VAL J 82 10.31 -7.53 21.50
C VAL J 82 11.67 -7.28 22.15
N GLY J 83 12.73 -7.42 21.36
CA GLY J 83 14.08 -7.28 21.86
C GLY J 83 14.54 -8.59 22.43
N SER J 84 15.86 -8.81 22.47
CA SER J 84 16.42 -10.05 22.98
C SER J 84 15.99 -10.28 24.42
N PRO J 85 15.39 -11.45 24.72
CA PRO J 85 14.89 -11.73 26.08
C PRO J 85 15.99 -11.99 27.10
N ASP J 86 15.68 -11.77 28.36
CA ASP J 86 16.61 -12.01 29.45
C ASP J 86 16.68 -13.50 29.79
N THR J 87 17.74 -14.15 29.33
CA THR J 87 17.93 -15.58 29.59
C THR J 87 18.66 -15.78 30.90
N GLY J 88 18.03 -16.50 31.82
CA GLY J 88 18.64 -16.79 33.11
C GLY J 88 19.65 -17.90 32.96
N ASN J 89 19.43 -19.00 33.69
CA ASN J 89 20.32 -20.15 33.63
C ASN J 89 20.06 -21.03 32.41
N LYS J 90 21.15 -21.50 31.80
CA LYS J 90 21.07 -22.45 30.69
C LYS J 90 21.53 -23.82 31.17
N ARG J 91 21.05 -24.88 30.54
CA ARG J 91 21.41 -26.24 30.93
C ARG J 91 21.29 -27.25 29.79
N LEU J 92 22.32 -28.07 29.64
CA LEU J 92 22.27 -29.23 28.75
C LEU J 92 22.35 -30.53 29.54
N MET J 93 21.37 -31.42 29.34
CA MET J 93 21.41 -32.75 29.92
C MET J 93 21.68 -33.77 28.81
N LEU J 94 22.94 -34.18 28.71
CA LEU J 94 23.39 -35.10 27.67
C LEU J 94 23.32 -36.56 28.09
N PHE J 95 22.39 -37.31 27.50
CA PHE J 95 22.28 -38.75 27.79
C PHE J 95 23.25 -39.54 26.91
N PRO J 96 23.65 -40.73 27.37
CA PRO J 96 24.58 -41.58 26.63
C PRO J 96 23.92 -42.23 25.42
N ASP J 97 22.61 -42.44 25.51
CA ASP J 97 21.87 -43.11 24.44
C ASP J 97 21.56 -42.16 23.29
N GLY J 98 22.20 -40.99 23.30
CA GLY J 98 22.14 -40.07 22.18
C GLY J 98 21.28 -38.85 22.42
N ARG J 99 20.25 -38.99 23.26
CA ARG J 99 19.28 -37.91 23.43
C ARG J 99 19.87 -36.73 24.19
N VAL J 100 19.31 -35.55 23.91
CA VAL J 100 19.80 -34.28 24.44
C VAL J 100 18.63 -33.39 24.84
N ILE J 101 18.76 -32.73 25.99
CA ILE J 101 17.71 -31.85 26.50
C ILE J 101 18.27 -30.48 26.88
N TYR J 102 17.81 -29.45 26.18
CA TYR J 102 18.17 -28.07 26.51
C TYR J 102 17.10 -27.47 27.40
N ASN J 103 17.51 -26.97 28.56
CA ASN J 103 16.59 -26.37 29.52
C ASN J 103 17.11 -25.01 29.96
N ALA J 104 16.28 -23.97 29.81
CA ALA J 104 16.68 -22.62 30.17
C ALA J 104 15.50 -21.80 30.67
N ARG J 105 15.77 -20.92 31.64
CA ARG J 105 14.75 -20.00 32.12
C ARG J 105 14.81 -18.70 31.33
N PHE J 106 13.66 -18.07 31.13
CA PHE J 106 13.59 -16.86 30.32
C PHE J 106 12.56 -15.88 30.83
N LEU J 107 12.84 -14.60 30.59
CA LEU J 107 11.88 -13.52 30.85
C LEU J 107 11.97 -12.54 29.68
N GLY J 108 10.88 -12.40 28.93
CA GLY J 108 10.88 -11.56 27.74
C GLY J 108 9.57 -10.84 27.51
N SER J 109 9.65 -9.76 26.76
CA SER J 109 8.48 -8.97 26.40
C SER J 109 7.93 -9.42 25.05
N PHE J 110 6.71 -9.95 25.05
CA PHE J 110 6.09 -10.49 23.85
C PHE J 110 5.01 -9.56 23.30
N SER J 111 4.80 -9.63 21.98
CA SER J 111 3.84 -8.77 21.29
C SER J 111 2.67 -9.55 20.70
N ASN J 112 1.50 -8.91 20.66
CA ASN J 112 0.33 -9.50 20.03
C ASN J 112 -0.73 -8.43 19.76
N ASP J 113 -1.68 -8.74 18.88
CA ASP J 113 -2.81 -7.84 18.61
C ASP J 113 -3.74 -7.83 19.82
N MET J 114 -4.06 -6.63 20.31
CA MET J 114 -4.91 -6.48 21.49
C MET J 114 -5.95 -5.38 21.34
N ASP J 115 -7.22 -5.75 21.47
CA ASP J 115 -8.34 -4.83 21.34
C ASP J 115 -8.90 -4.47 22.73
N PHE J 116 -8.69 -3.23 23.15
CA PHE J 116 -9.13 -2.78 24.47
C PHE J 116 -10.39 -1.91 24.40
N ARG J 117 -11.16 -2.05 23.34
CA ARG J 117 -12.34 -1.21 23.14
C ARG J 117 -13.46 -1.56 24.12
N LEU J 118 -13.49 -2.82 24.55
CA LEU J 118 -14.52 -3.27 25.49
C LEU J 118 -14.09 -3.08 26.94
N PHE J 119 -12.99 -2.36 27.13
CA PHE J 119 -12.48 -2.07 28.47
C PHE J 119 -13.57 -1.47 29.35
N PRO J 120 -13.62 -1.85 30.64
CA PRO J 120 -12.79 -2.82 31.35
C PRO J 120 -13.28 -4.26 31.20
N PHE J 121 -14.16 -4.49 30.23
CA PHE J 121 -14.74 -5.80 30.01
C PHE J 121 -14.13 -6.43 28.77
N ASP J 122 -12.84 -6.19 28.58
CA ASP J 122 -12.16 -6.66 27.38
C ASP J 122 -11.55 -8.03 27.64
N ARG J 123 -11.43 -8.80 26.57
CA ARG J 123 -10.81 -10.12 26.64
C ARG J 123 -9.57 -10.12 25.75
N GLN J 124 -8.49 -10.71 26.26
CA GLN J 124 -7.24 -10.80 25.52
C GLN J 124 -6.70 -12.21 25.55
N GLN J 125 -5.82 -12.53 24.62
CA GLN J 125 -5.12 -13.81 24.62
C GLN J 125 -3.62 -13.57 24.52
N PHE J 126 -2.88 -14.01 25.55
CA PHE J 126 -1.44 -13.88 25.59
C PHE J 126 -0.79 -14.99 24.77
N VAL J 127 -0.05 -14.60 23.74
CA VAL J 127 0.48 -15.53 22.74
C VAL J 127 2.00 -15.65 22.76
N LEU J 128 2.48 -16.88 22.67
CA LEU J 128 3.88 -17.18 22.42
C LEU J 128 4.04 -17.84 21.06
N GLU J 129 5.05 -17.45 20.30
CA GLU J 129 5.35 -18.06 19.01
C GLU J 129 6.82 -18.45 18.90
N LEU J 130 7.07 -19.76 18.84
CA LEU J 130 8.44 -20.29 18.82
C LEU J 130 8.74 -20.94 17.48
N GLU J 131 9.95 -20.71 16.97
CA GLU J 131 10.35 -21.21 15.65
C GLU J 131 11.87 -21.26 15.53
N PRO J 132 12.42 -22.30 14.87
CA PRO J 132 13.87 -22.32 14.68
C PRO J 132 14.32 -21.15 13.82
N PHE J 133 15.52 -20.63 14.10
CA PHE J 133 15.99 -19.41 13.47
C PHE J 133 16.62 -19.70 12.11
N SER J 134 17.24 -20.87 11.97
CA SER J 134 18.03 -21.18 10.77
C SER J 134 17.55 -22.43 10.05
N TYR J 135 17.08 -23.42 10.81
CA TYR J 135 16.77 -24.73 10.25
C TYR J 135 15.30 -24.89 9.90
N ASN J 136 15.03 -25.20 8.63
CA ASN J 136 13.66 -25.39 8.15
C ASN J 136 13.10 -26.74 8.60
N ASN J 137 11.91 -27.08 8.11
CA ASN J 137 11.22 -28.29 8.52
C ASN J 137 11.85 -29.57 7.95
N GLN J 138 12.64 -29.43 6.89
CA GLN J 138 13.34 -30.58 6.32
C GLN J 138 14.65 -30.84 7.07
N GLN J 139 15.02 -29.89 7.92
CA GLN J 139 16.22 -30.00 8.75
C GLN J 139 15.85 -30.21 10.22
N LEU J 140 14.92 -29.40 10.70
CA LEU J 140 14.47 -29.45 12.10
C LEU J 140 12.96 -29.33 12.16
N ARG J 141 12.32 -30.30 12.82
CA ARG J 141 10.87 -30.37 12.89
C ARG J 141 10.41 -30.51 14.34
N PHE J 142 9.37 -29.76 14.71
CA PHE J 142 8.78 -29.87 16.04
C PHE J 142 7.81 -31.05 16.09
N SER J 143 8.15 -32.06 16.91
CA SER J 143 7.33 -33.25 17.02
C SER J 143 6.04 -32.96 17.78
N ASP J 144 6.18 -32.39 18.97
CA ASP J 144 5.02 -32.09 19.81
C ASP J 144 5.32 -30.95 20.78
N ILE J 145 4.27 -30.39 21.37
CA ILE J 145 4.42 -29.26 22.29
C ILE J 145 3.51 -29.40 23.52
N GLN J 146 4.13 -29.30 24.70
CA GLN J 146 3.40 -29.29 25.96
C GLN J 146 3.53 -27.93 26.65
N VAL J 147 2.41 -27.41 27.15
CA VAL J 147 2.39 -26.14 27.86
C VAL J 147 1.66 -26.29 29.20
N TYR J 148 2.39 -25.98 30.28
CA TYR J 148 1.89 -26.16 31.64
C TYR J 148 1.72 -24.83 32.35
N THR J 149 0.56 -24.67 32.98
CA THR J 149 0.20 -23.43 33.68
C THR J 149 -0.06 -23.65 35.16
N GLU J 150 0.03 -22.57 35.93
CA GLU J 150 -0.17 -22.58 37.36
C GLU J 150 -1.65 -22.64 37.76
N ASN J 151 -1.87 -23.12 38.98
CA ASN J 151 -3.20 -23.33 39.55
C ASN J 151 -3.96 -22.03 39.79
N ILE J 152 -4.91 -21.71 38.92
CA ILE J 152 -5.69 -20.50 39.08
C ILE J 152 -6.56 -20.70 40.32
N ASP J 153 -6.04 -20.28 41.47
CA ASP J 153 -6.73 -20.45 42.75
C ASP J 153 -7.37 -19.17 43.28
N ASN J 154 -6.53 -18.22 43.69
CA ASN J 154 -7.00 -16.91 44.14
C ASN J 154 -6.78 -15.85 43.07
N GLU J 155 -7.58 -15.93 42.01
CA GLU J 155 -7.45 -15.01 40.89
C GLU J 155 -8.00 -13.61 41.19
N GLU J 156 -8.69 -13.47 42.32
CA GLU J 156 -9.39 -12.23 42.64
C GLU J 156 -8.41 -11.07 42.77
N ILE J 157 -7.22 -11.36 43.28
CA ILE J 157 -6.21 -10.33 43.52
C ILE J 157 -5.27 -10.10 42.33
N ASP J 158 -5.41 -10.93 41.28
CA ASP J 158 -4.64 -10.72 40.06
C ASP J 158 -5.34 -9.73 39.13
N GLU J 159 -4.56 -9.08 38.27
CA GLU J 159 -5.11 -8.11 37.33
C GLU J 159 -5.85 -8.87 36.22
N TRP J 160 -5.32 -10.01 35.83
CA TRP J 160 -5.88 -10.85 34.77
C TRP J 160 -6.27 -12.23 35.26
N TRP J 161 -7.48 -12.66 34.90
CA TRP J 161 -7.95 -14.00 35.22
C TRP J 161 -7.80 -14.93 34.02
N ILE J 162 -6.93 -15.94 34.16
CA ILE J 162 -6.71 -16.91 33.10
C ILE J 162 -7.87 -17.91 33.06
N ARG J 163 -8.56 -17.95 31.92
CA ARG J 163 -9.77 -18.76 31.77
C ARG J 163 -9.57 -20.03 30.94
N GLY J 164 -8.83 -20.98 31.49
CA GLY J 164 -8.62 -22.27 30.84
C GLY J 164 -7.16 -22.58 30.59
N LYS J 165 -6.86 -23.85 30.33
CA LYS J 165 -5.50 -24.27 30.02
C LYS J 165 -5.03 -23.78 28.65
N ALA J 166 -3.71 -23.80 28.49
CA ALA J 166 -3.07 -23.29 27.28
C ALA J 166 -3.39 -24.13 26.06
N SER J 167 -3.64 -23.44 24.94
CA SER J 167 -3.86 -24.10 23.66
C SER J 167 -2.57 -24.06 22.84
N THR J 168 -2.17 -25.22 22.33
CA THR J 168 -0.93 -25.33 21.55
C THR J 168 -1.24 -25.63 20.09
N HIS J 169 -0.29 -25.34 19.21
CA HIS J 169 -0.49 -25.56 17.78
C HIS J 169 0.81 -25.52 17.00
N ILE J 170 1.29 -26.68 16.55
CA ILE J 170 2.44 -26.72 15.65
C ILE J 170 1.95 -26.56 14.21
N SER J 171 2.69 -25.79 13.42
CA SER J 171 2.31 -25.52 12.04
C SER J 171 3.53 -25.19 11.18
N ASP J 172 3.29 -24.90 9.90
CA ASP J 172 4.36 -24.54 8.98
C ASP J 172 4.11 -23.20 8.30
N ILE J 173 5.16 -22.38 8.21
CA ILE J 173 5.05 -21.03 7.65
C ILE J 173 5.90 -20.89 6.40
N ARG J 174 5.24 -20.63 5.27
CA ARG J 174 5.91 -20.44 3.99
C ARG J 174 6.38 -18.99 3.84
N TYR J 175 7.70 -18.82 3.79
CA TYR J 175 8.29 -17.51 3.55
C TYR J 175 8.50 -17.30 2.05
N ASP J 176 7.67 -16.46 1.44
CA ASP J 176 7.70 -16.25 0.00
C ASP J 176 9.05 -15.71 -0.45
N HIS J 177 9.49 -14.64 0.19
CA HIS J 177 10.71 -13.94 -0.20
C HIS J 177 11.95 -14.57 0.44
N LEU J 178 12.90 -14.98 -0.39
CA LEU J 178 14.11 -15.65 0.08
C LEU J 178 15.24 -15.54 -0.94
N SER J 179 16.46 -15.82 -0.46
CA SER J 179 17.66 -15.67 -1.28
C SER J 179 18.28 -16.98 -1.77
N SER J 180 17.66 -18.12 -1.47
CA SER J 180 18.24 -19.40 -1.82
C SER J 180 17.82 -19.85 -3.22
N VAL J 181 17.92 -21.16 -3.46
CA VAL J 181 17.49 -21.80 -4.69
C VAL J 181 16.74 -23.06 -4.34
N GLN J 182 15.86 -23.51 -5.23
CA GLN J 182 14.94 -24.62 -4.95
C GLN J 182 14.03 -24.26 -3.78
N PRO J 183 12.83 -23.72 -4.07
CA PRO J 183 11.97 -23.19 -2.99
C PRO J 183 11.39 -24.25 -2.03
N ASN J 184 11.79 -25.51 -2.15
CA ASN J 184 11.38 -26.54 -1.19
C ASN J 184 12.34 -26.61 -0.01
N GLN J 185 13.03 -25.50 0.23
CA GLN J 185 13.95 -25.33 1.34
C GLN J 185 13.31 -24.26 2.21
N ASN J 186 12.00 -24.18 2.09
CA ASN J 186 11.19 -23.17 2.72
C ASN J 186 10.36 -23.86 3.81
N GLU J 187 9.41 -23.15 4.39
CA GLU J 187 8.55 -23.65 5.47
C GLU J 187 9.37 -23.94 6.74
N PHE J 188 8.83 -23.50 7.87
CA PHE J 188 9.49 -23.66 9.15
C PHE J 188 8.49 -24.22 10.16
N SER J 189 8.92 -25.17 10.97
CA SER J 189 8.04 -25.72 11.98
C SER J 189 7.92 -24.71 13.10
N ARG J 190 6.69 -24.30 13.40
CA ARG J 190 6.43 -23.27 14.41
C ARG J 190 5.43 -23.71 15.47
N ILE J 191 5.86 -23.68 16.72
CA ILE J 191 4.97 -23.84 17.85
C ILE J 191 4.23 -22.53 18.09
N THR J 192 2.95 -22.63 18.43
CA THR J 192 2.13 -21.45 18.71
C THR J 192 1.24 -21.70 19.92
N VAL J 193 1.52 -20.99 21.01
CA VAL J 193 0.78 -21.13 22.26
C VAL J 193 -0.15 -19.93 22.48
N ARG J 194 -1.34 -20.22 23.00
CA ARG J 194 -2.31 -19.18 23.35
C ARG J 194 -2.87 -19.38 24.75
N ILE J 195 -3.15 -18.26 25.42
CA ILE J 195 -3.74 -18.27 26.76
C ILE J 195 -4.79 -17.17 26.86
N ASP J 196 -6.05 -17.54 26.73
CA ASP J 196 -7.13 -16.57 26.83
C ASP J 196 -7.30 -16.10 28.26
N ALA J 197 -7.65 -14.83 28.42
CA ALA J 197 -7.80 -14.22 29.73
C ALA J 197 -8.73 -13.02 29.67
N VAL J 198 -9.32 -12.70 30.82
CA VAL J 198 -10.23 -11.57 30.92
C VAL J 198 -9.74 -10.60 32.00
N ARG J 199 -10.03 -9.32 31.83
CA ARG J 199 -9.57 -8.31 32.76
C ARG J 199 -10.44 -8.26 34.02
N ASN J 200 -9.79 -8.07 35.16
CA ASN J 200 -10.46 -7.92 36.44
C ASN J 200 -11.19 -6.58 36.49
N PRO J 201 -12.52 -6.58 36.29
CA PRO J 201 -13.22 -5.30 36.16
C PRO J 201 -13.63 -4.67 37.50
N SER J 202 -13.18 -5.25 38.61
CA SER J 202 -13.58 -4.79 39.94
C SER J 202 -13.25 -3.32 40.18
N TYR J 203 -11.96 -3.00 40.24
CA TYR J 203 -11.49 -1.64 40.54
C TYR J 203 -12.10 -0.62 39.57
N TYR J 204 -12.21 -1.02 38.31
CA TYR J 204 -12.66 -0.11 37.27
C TYR J 204 -14.16 0.12 37.37
N LEU J 205 -14.88 -0.85 37.91
CA LEU J 205 -16.33 -0.72 38.10
C LEU J 205 -16.71 0.17 39.27
N TRP J 206 -16.05 -0.04 40.42
CA TRP J 206 -16.41 0.63 41.66
C TRP J 206 -15.83 2.04 41.79
N SER J 207 -14.66 2.26 41.21
CA SER J 207 -13.93 3.50 41.41
C SER J 207 -14.00 4.46 40.22
N PHE J 208 -14.56 3.99 39.11
CA PHE J 208 -14.66 4.84 37.92
C PHE J 208 -16.08 4.84 37.32
N ILE J 209 -16.59 3.66 36.98
CA ILE J 209 -17.90 3.56 36.33
C ILE J 209 -19.03 4.10 37.21
N LEU J 210 -19.07 3.68 38.46
CA LEU J 210 -20.20 3.99 39.34
C LEU J 210 -20.28 5.48 39.68
N PRO J 211 -19.18 6.07 40.19
CA PRO J 211 -19.24 7.52 40.48
C PRO J 211 -19.62 8.36 39.27
N LEU J 212 -19.19 7.95 38.09
CA LEU J 212 -19.50 8.68 36.86
C LEU J 212 -21.00 8.68 36.63
N GLY J 213 -21.64 7.57 37.01
CA GLY J 213 -23.08 7.47 36.93
C GLY J 213 -23.73 8.47 37.87
N LEU J 214 -23.25 8.50 39.11
CA LEU J 214 -23.74 9.45 40.11
C LEU J 214 -23.57 10.90 39.66
N ILE J 215 -22.43 11.20 39.06
CA ILE J 215 -22.15 12.56 38.60
C ILE J 215 -23.07 12.93 37.45
N ILE J 216 -23.24 12.00 36.52
CA ILE J 216 -24.16 12.21 35.40
C ILE J 216 -25.59 12.32 35.93
N ALA J 217 -25.92 11.50 36.92
CA ALA J 217 -27.24 11.52 37.53
C ALA J 217 -27.51 12.85 38.20
N ALA J 218 -26.61 13.25 39.10
CA ALA J 218 -26.76 14.50 39.85
C ALA J 218 -26.75 15.72 38.94
N SER J 219 -26.22 15.55 37.73
CA SER J 219 -26.21 16.66 36.77
C SER J 219 -27.63 16.97 36.32
N TRP J 220 -28.49 15.95 36.34
CA TRP J 220 -29.89 16.10 35.91
C TRP J 220 -30.72 16.82 36.96
N SER J 221 -30.28 16.78 38.20
CA SER J 221 -31.03 17.40 39.30
C SER J 221 -30.94 18.91 39.25
N VAL J 222 -30.31 19.43 38.19
CA VAL J 222 -30.24 20.88 37.99
C VAL J 222 -31.62 21.42 37.68
N PHE J 223 -32.43 20.62 36.99
CA PHE J 223 -33.76 21.04 36.58
C PHE J 223 -34.71 21.25 37.76
N TRP J 224 -34.35 20.67 38.91
CA TRP J 224 -35.19 20.77 40.10
C TRP J 224 -34.94 22.07 40.85
N LEU J 225 -34.08 22.91 40.29
CA LEU J 225 -33.88 24.25 40.85
C LEU J 225 -35.01 25.16 40.38
N GLU J 226 -35.46 26.04 41.26
CA GLU J 226 -36.64 26.84 41.00
C GLU J 226 -36.38 27.97 40.01
N SER J 227 -35.41 28.83 40.33
CA SER J 227 -35.11 29.99 39.50
C SER J 227 -34.41 29.58 38.21
N PHE J 228 -34.34 30.50 37.26
CA PHE J 228 -33.62 30.25 36.00
C PHE J 228 -32.12 30.45 36.14
N SER J 229 -31.74 31.50 36.85
CA SER J 229 -30.32 31.78 37.09
C SER J 229 -29.67 30.61 37.83
N GLU J 230 -30.42 30.03 38.76
CA GLU J 230 -29.93 28.88 39.53
C GLU J 230 -29.61 27.70 38.62
N ARG J 231 -30.50 27.46 37.65
CA ARG J 231 -30.40 26.30 36.77
C ARG J 231 -29.23 26.41 35.79
N LEU J 232 -29.03 27.59 35.22
CA LEU J 232 -28.00 27.78 34.19
C LEU J 232 -26.60 27.87 34.79
N GLN J 233 -26.46 28.64 35.87
CA GLN J 233 -25.17 28.83 36.52
C GLN J 233 -24.66 27.53 37.13
N THR J 234 -25.58 26.66 37.53
CA THR J 234 -25.23 25.38 38.12
C THR J 234 -24.62 24.45 37.09
N SER J 235 -25.08 24.56 35.84
CA SER J 235 -24.60 23.70 34.78
C SER J 235 -23.11 23.88 34.52
N PHE J 236 -22.61 25.07 34.82
CA PHE J 236 -21.19 25.36 34.63
C PHE J 236 -20.35 24.67 35.70
N THR J 237 -20.95 24.45 36.87
CA THR J 237 -20.28 23.72 37.94
C THR J 237 -20.30 22.24 37.59
N LEU J 238 -21.40 21.80 36.98
CA LEU J 238 -21.51 20.43 36.51
C LEU J 238 -20.51 20.19 35.38
N MET J 239 -20.39 21.17 34.50
CA MET J 239 -19.45 21.11 33.37
C MET J 239 -18.02 20.96 33.88
N LEU J 240 -17.67 21.77 34.88
CA LEU J 240 -16.35 21.71 35.49
C LEU J 240 -16.10 20.34 36.11
N THR J 241 -17.16 19.75 36.68
CA THR J 241 -17.05 18.47 37.36
C THR J 241 -16.70 17.34 36.39
N VAL J 242 -17.28 17.38 35.21
CA VAL J 242 -17.00 16.39 34.19
C VAL J 242 -15.57 16.52 33.69
N VAL J 243 -15.12 17.76 33.51
CA VAL J 243 -13.74 18.03 33.10
C VAL J 243 -12.79 17.49 34.16
N ALA J 244 -13.14 17.71 35.42
CA ALA J 244 -12.34 17.21 36.52
C ALA J 244 -12.31 15.68 36.53
N TYR J 245 -13.43 15.08 36.14
CA TYR J 245 -13.55 13.63 36.15
C TYR J 245 -12.87 12.99 34.95
N ALA J 246 -12.84 13.71 33.83
CA ALA J 246 -12.13 13.23 32.64
C ALA J 246 -10.64 13.20 32.92
N PHE J 247 -10.19 14.19 33.68
CA PHE J 247 -8.80 14.31 34.06
C PHE J 247 -8.45 13.22 35.06
N TYR J 248 -9.40 12.96 35.97
CA TYR J 248 -9.26 11.92 36.98
C TYR J 248 -9.06 10.54 36.34
N THR J 249 -9.93 10.21 35.38
CA THR J 249 -9.89 8.91 34.73
C THR J 249 -8.66 8.73 33.84
N SER J 250 -8.48 9.65 32.90
CA SER J 250 -7.44 9.52 31.88
C SER J 250 -6.02 9.37 32.43
N ASN J 251 -5.77 9.94 33.62
CA ASN J 251 -4.44 9.87 34.20
C ASN J 251 -4.13 8.50 34.79
N ILE J 252 -5.16 7.84 35.33
CA ILE J 252 -4.99 6.53 35.96
C ILE J 252 -5.34 5.39 35.00
N LEU J 253 -6.34 5.60 34.16
CA LEU J 253 -6.72 4.58 33.18
C LEU J 253 -5.65 4.43 32.11
N PRO J 254 -5.57 3.24 31.50
CA PRO J 254 -4.54 3.01 30.48
C PRO J 254 -4.73 3.89 29.25
N ARG J 255 -3.65 4.50 28.80
CA ARG J 255 -3.69 5.38 27.64
C ARG J 255 -3.83 4.53 26.38
N LEU J 256 -4.70 4.98 25.46
CA LEU J 256 -4.98 4.25 24.24
C LEU J 256 -5.10 5.19 23.06
N PRO J 257 -5.04 4.65 21.83
CA PRO J 257 -5.21 5.45 20.62
C PRO J 257 -6.65 5.45 20.12
N TYR J 258 -7.59 5.01 20.94
CA TYR J 258 -9.00 4.97 20.53
C TYR J 258 -9.92 5.04 21.75
N THR J 259 -11.21 5.25 21.50
CA THR J 259 -12.17 5.46 22.58
C THR J 259 -12.66 4.15 23.17
N THR J 260 -12.66 4.07 24.50
CA THR J 260 -13.22 2.92 25.20
C THR J 260 -14.68 3.17 25.54
N VAL J 261 -15.27 2.28 26.32
CA VAL J 261 -16.64 2.45 26.78
C VAL J 261 -16.68 3.63 27.74
N ILE J 262 -15.72 3.66 28.66
CA ILE J 262 -15.62 4.72 29.65
C ILE J 262 -15.38 6.08 29.02
N ASP J 263 -14.53 6.12 27.99
CA ASP J 263 -14.24 7.37 27.29
C ASP J 263 -15.52 7.95 26.71
N GLN J 264 -16.41 7.07 26.28
CA GLN J 264 -17.68 7.47 25.67
C GLN J 264 -18.63 8.02 26.72
N MET J 265 -18.65 7.40 27.90
CA MET J 265 -19.47 7.88 29.00
C MET J 265 -19.14 9.33 29.32
N ILE J 266 -17.85 9.67 29.22
CA ILE J 266 -17.39 11.01 29.52
C ILE J 266 -17.88 11.98 28.46
N ILE J 267 -17.89 11.54 27.21
CA ILE J 267 -18.41 12.34 26.12
C ILE J 267 -19.91 12.59 26.31
N ALA J 268 -20.61 11.57 26.80
CA ALA J 268 -22.03 11.68 27.07
C ALA J 268 -22.31 12.70 28.17
N GLY J 269 -21.42 12.77 29.16
CA GLY J 269 -21.53 13.73 30.23
C GLY J 269 -21.43 15.16 29.73
N TYR J 270 -20.49 15.40 28.82
CA TYR J 270 -20.33 16.72 28.21
C TYR J 270 -21.60 17.12 27.47
N GLY J 271 -22.21 16.15 26.81
CA GLY J 271 -23.42 16.41 26.04
C GLY J 271 -24.64 16.62 26.90
N SER J 272 -24.84 15.73 27.88
CA SER J 272 -26.00 15.81 28.77
C SER J 272 -26.06 17.14 29.52
N ILE J 273 -24.91 17.74 29.77
CA ILE J 273 -24.83 19.02 30.47
C ILE J 273 -24.99 20.15 29.45
N PHE J 274 -24.37 19.99 28.29
CA PHE J 274 -24.49 21.00 27.23
C PHE J 274 -25.92 21.03 26.72
N ALA J 275 -26.58 19.88 26.70
CA ALA J 275 -27.98 19.80 26.32
C ALA J 275 -28.83 20.54 27.33
N ALA J 276 -28.61 20.25 28.60
CA ALA J 276 -29.32 20.91 29.69
C ALA J 276 -29.15 22.43 29.58
N ILE J 277 -27.94 22.86 29.28
CA ILE J 277 -27.66 24.28 29.12
C ILE J 277 -28.45 24.84 27.93
N LEU J 278 -28.69 24.02 26.92
CA LEU J 278 -29.45 24.47 25.76
C LEU J 278 -30.95 24.43 26.02
N LEU J 279 -31.37 23.65 27.01
CA LEU J 279 -32.78 23.56 27.37
C LEU J 279 -33.16 24.55 28.47
N ILE J 280 -32.36 24.58 29.53
CA ILE J 280 -32.55 25.52 30.64
C ILE J 280 -32.58 26.96 30.13
N ILE J 281 -31.84 27.21 29.05
CA ILE J 281 -31.67 28.54 28.48
C ILE J 281 -32.81 28.85 27.52
N PHE J 282 -33.45 27.80 27.01
CA PHE J 282 -34.53 27.92 26.05
C PHE J 282 -35.81 28.31 26.76
N ALA J 283 -36.03 27.76 27.94
CA ALA J 283 -37.23 28.04 28.73
C ALA J 283 -37.36 29.54 29.05
N HIS J 284 -36.24 30.23 29.18
CA HIS J 284 -36.28 31.64 29.57
C HIS J 284 -36.65 32.59 28.43
N HIS J 285 -36.77 32.06 27.21
CA HIS J 285 -37.05 32.90 26.04
C HIS J 285 -37.99 32.23 25.05
N ARG J 286 -38.58 31.09 25.43
CA ARG J 286 -39.48 30.37 24.54
C ARG J 286 -40.81 31.12 24.45
N GLN J 287 -41.55 31.15 25.55
CA GLN J 287 -42.85 31.85 25.55
C GLN J 287 -42.61 33.35 25.41
N ALA J 288 -43.64 34.06 24.96
CA ALA J 288 -43.53 35.51 24.77
C ALA J 288 -43.39 36.23 26.10
N ASN J 289 -43.18 37.55 26.03
CA ASN J 289 -43.01 38.39 27.22
C ASN J 289 -41.93 37.89 28.19
N GLY J 290 -41.04 37.03 27.71
CA GLY J 290 -39.92 36.55 28.49
C GLY J 290 -40.28 35.88 29.81
N VAL J 291 -41.49 35.33 29.88
CA VAL J 291 -41.96 34.66 31.08
C VAL J 291 -41.11 33.41 31.32
N GLU J 292 -40.80 33.12 32.59
CA GLU J 292 -40.07 31.91 32.91
C GLU J 292 -40.90 30.67 32.57
N ASP J 293 -40.55 30.03 31.47
CA ASP J 293 -41.29 28.87 31.01
C ASP J 293 -41.04 27.68 31.93
N ASP J 294 -41.66 27.71 33.10
CA ASP J 294 -41.57 26.60 34.05
C ASP J 294 -42.45 25.44 33.58
N LEU J 295 -43.13 25.65 32.44
CA LEU J 295 -43.94 24.61 31.82
C LEU J 295 -43.06 23.66 31.01
N LEU J 296 -41.96 24.19 30.48
CA LEU J 296 -41.02 23.40 29.68
C LEU J 296 -40.13 22.56 30.58
N ILE J 297 -39.51 23.20 31.56
CA ILE J 297 -38.80 22.52 32.61
C ILE J 297 -39.84 21.78 33.45
N GLN J 298 -39.39 20.83 34.28
CA GLN J 298 -40.27 19.93 35.03
C GLN J 298 -40.62 18.75 34.14
N ARG J 299 -40.86 19.02 32.86
CA ARG J 299 -40.95 17.94 31.89
C ARG J 299 -39.59 17.28 31.80
N CYS J 300 -38.54 18.05 32.07
CA CYS J 300 -37.16 17.58 32.02
C CYS J 300 -36.64 16.89 33.28
N ARG J 301 -37.34 17.05 34.40
CA ARG J 301 -36.84 16.54 35.67
C ARG J 301 -36.73 15.01 35.76
N LEU J 302 -37.37 14.30 34.83
CA LEU J 302 -37.22 12.84 34.75
C LEU J 302 -37.30 12.37 33.29
N ALA J 303 -37.17 13.30 32.36
CA ALA J 303 -37.08 12.98 30.93
C ALA J 303 -35.64 12.63 30.53
N PHE J 304 -34.68 13.24 31.21
CA PHE J 304 -33.27 12.97 30.94
C PHE J 304 -32.85 11.58 31.44
N PRO J 305 -33.25 11.20 32.67
CA PRO J 305 -32.98 9.85 33.15
C PRO J 305 -33.49 8.73 32.22
N LEU J 306 -34.31 9.07 31.24
CA LEU J 306 -34.81 8.11 30.25
C LEU J 306 -34.11 8.31 28.90
N GLY J 307 -33.88 9.57 28.53
CA GLY J 307 -33.19 9.88 27.29
C GLY J 307 -31.81 9.26 27.32
N PHE J 308 -31.19 9.31 28.50
CA PHE J 308 -29.90 8.67 28.75
C PHE J 308 -30.05 7.15 28.78
N LEU J 309 -31.18 6.68 29.32
CA LEU J 309 -31.48 5.25 29.40
C LEU J 309 -31.92 4.70 28.04
N ALA J 310 -31.84 5.55 27.02
CA ALA J 310 -32.18 5.16 25.65
C ALA J 310 -30.90 5.05 24.84
N ILE J 311 -30.22 6.17 24.63
CA ILE J 311 -29.00 6.20 23.83
C ILE J 311 -27.95 5.23 24.35
N GLY J 312 -27.95 4.99 25.67
CA GLY J 312 -27.00 4.08 26.27
C GLY J 312 -27.46 2.63 26.29
N CYS J 313 -28.76 2.40 26.11
CA CYS J 313 -29.28 1.04 26.13
C CYS J 313 -29.02 0.34 24.81
N VAL J 314 -28.69 1.12 23.78
CA VAL J 314 -28.38 0.57 22.46
C VAL J 314 -26.90 0.77 22.11
N LEU J 315 -26.03 0.72 23.11
CA LEU J 315 -24.60 0.70 22.87
C LEU J 315 -24.03 -0.59 23.43
N VAL J 316 -24.63 -1.68 22.98
CA VAL J 316 -24.26 -3.02 23.43
C VAL J 316 -23.42 -3.68 22.34
N ILE J 317 -22.56 -2.90 21.69
CA ILE J 317 -21.69 -3.42 20.63
C ILE J 317 -20.63 -4.41 21.16
#